data_9P8V
#
_entry.id   9P8V
#
_cell.length_a   1.00
_cell.length_b   1.00
_cell.length_c   1.00
_cell.angle_alpha   90.00
_cell.angle_beta   90.00
_cell.angle_gamma   90.00
#
_symmetry.space_group_name_H-M   'P 1'
#
loop_
_entity.id
_entity.type
_entity.pdbx_description
1 polymer 'DNTP triphosphohydrolase'
2 non-polymer "THYMIDINE-5'-TRIPHOSPHATE"
3 non-polymer "2'-DEOXYGUANOSINE-5'-TRIPHOSPHATE"
4 non-polymer 'MAGNESIUM ION'
#
_entity_poly.entity_id   1
_entity_poly.type   'polypeptide(L)'
_entity_poly.pdbx_seq_one_letter_code
;GSMHWNDLLNSNRRKPKNEKKESSQDTSKGRQQIERDYDRILFAAPTRRLADKTQVFPLDKNDSVRTRLTHSHEVANLSR
GIGMRLAFELEDDVFKDVSEDICLKRDVPALLAAIGLVHDMGNPPFGAQGAKAMSEWFTKNLPEHSDNYKDKIYGDFRHF
DGNSQTLRLVTKLQILNDTYGLNLTYATLASMIKYPRSSESDSSLWKKHGFFLSEKDVVQDIWNNTGLSEGVRHPFTYIM
EACDDIAYSVLDAEDIIKKGFASFHDLIDFIQSNQFCKEDDVAKRVIENCKKIHADYAQQKLSPAELNDMSMQMFRVYAI
AELVDAVVIAFKDNINEFLNDTCEIKDLISCSSGKNLCQALKKFDSSRGYQHRSVLKLELEGSNYIKGLMDMLWLGIKGR
ATGDTQYDTPFGRYVYGRISENYRRIFEQENNLPACYKEAQLLADAISGMTDSYLIALHDELRALHQYECR
;
_entity_poly.pdbx_strand_id   A,B,C,D,F,G,J,K
#
# COMPACT_ATOMS: atom_id res chain seq x y z
N SER A 2 -41.95 17.58 -52.98
CA SER A 2 -43.33 17.20 -53.21
C SER A 2 -43.73 16.03 -52.33
N MET A 3 -42.99 15.82 -51.24
CA MET A 3 -43.30 14.74 -50.33
C MET A 3 -44.61 15.01 -49.60
N HIS A 4 -45.34 13.94 -49.30
CA HIS A 4 -46.62 14.01 -48.63
C HIS A 4 -46.48 13.63 -47.16
N TRP A 5 -47.20 14.34 -46.29
CA TRP A 5 -47.15 14.04 -44.87
C TRP A 5 -47.76 12.69 -44.53
N ASN A 6 -48.57 12.13 -45.43
CA ASN A 6 -49.17 10.83 -45.15
C ASN A 6 -48.11 9.74 -45.04
N ASP A 7 -47.13 9.75 -45.93
CA ASP A 7 -46.06 8.77 -45.89
C ASP A 7 -44.90 9.20 -45.01
N LEU A 8 -44.69 10.50 -44.82
CA LEU A 8 -43.66 10.96 -43.90
C LEU A 8 -44.01 10.62 -42.46
N LEU A 9 -45.31 10.65 -42.13
CA LEU A 9 -45.79 10.24 -40.81
C LEU A 9 -46.34 8.81 -40.83
N ASN A 10 -45.72 7.93 -41.62
CA ASN A 10 -46.21 6.56 -41.74
C ASN A 10 -46.11 5.85 -40.40
N SER A 11 -47.25 5.36 -39.92
CA SER A 11 -47.34 4.71 -38.61
C SER A 11 -47.12 3.20 -38.68
N ASN A 12 -46.90 2.65 -39.87
CA ASN A 12 -46.67 1.22 -40.00
C ASN A 12 -45.28 0.86 -39.47
N ARG A 13 -45.09 -0.44 -39.22
CA ARG A 13 -43.84 -0.95 -38.69
C ARG A 13 -43.24 -1.96 -39.67
N ARG A 14 -41.93 -2.18 -39.52
CA ARG A 14 -41.22 -3.03 -40.46
C ARG A 14 -41.63 -4.49 -40.35
N LYS A 15 -41.84 -4.97 -39.12
CA LYS A 15 -42.18 -6.37 -38.92
C LYS A 15 -43.56 -6.65 -39.51
N PRO A 16 -43.71 -7.69 -40.33
CA PRO A 16 -45.03 -8.02 -40.89
C PRO A 16 -46.03 -8.32 -39.79
N LYS A 17 -47.25 -7.82 -39.97
CA LYS A 17 -48.31 -7.99 -38.98
C LYS A 17 -48.99 -9.35 -39.15
N THR A 27 -52.40 -5.07 -25.81
CA THR A 27 -51.65 -3.83 -25.65
C THR A 27 -52.15 -2.77 -26.61
N SER A 28 -51.43 -1.64 -26.66
CA SER A 28 -51.76 -0.51 -27.53
C SER A 28 -53.21 -0.03 -27.32
N LYS A 29 -53.61 0.06 -26.06
CA LYS A 29 -54.94 0.52 -25.70
C LYS A 29 -54.91 2.03 -25.53
N GLY A 30 -55.59 2.73 -26.43
CA GLY A 30 -55.61 4.19 -26.38
C GLY A 30 -54.26 4.83 -26.58
N ARG A 31 -53.39 4.23 -27.39
CA ARG A 31 -52.06 4.77 -27.64
C ARG A 31 -51.76 4.65 -29.14
N GLN A 32 -51.34 5.75 -29.73
CA GLN A 32 -50.88 5.70 -31.12
C GLN A 32 -49.57 4.95 -31.21
N GLN A 33 -49.30 4.39 -32.39
CA GLN A 33 -48.06 3.64 -32.60
C GLN A 33 -46.84 4.53 -32.39
N ILE A 34 -46.93 5.79 -32.83
CA ILE A 34 -45.83 6.73 -32.62
C ILE A 34 -45.60 6.95 -31.12
N GLU A 35 -46.68 7.01 -30.34
CA GLU A 35 -46.53 7.11 -28.89
C GLU A 35 -45.85 5.87 -28.33
N ARG A 36 -46.21 4.69 -28.81
CA ARG A 36 -45.57 3.46 -28.36
C ARG A 36 -44.09 3.42 -28.72
N ASP A 37 -43.69 4.11 -29.79
CA ASP A 37 -42.27 4.20 -30.11
C ASP A 37 -41.50 4.89 -28.99
N TYR A 38 -42.06 5.95 -28.42
CA TYR A 38 -41.40 6.64 -27.32
C TYR A 38 -41.25 5.72 -26.10
N ASP A 39 -42.28 4.93 -25.81
CA ASP A 39 -42.20 3.99 -24.70
C ASP A 39 -41.15 2.92 -24.97
N ARG A 40 -41.09 2.41 -26.21
CA ARG A 40 -40.07 1.42 -26.55
C ARG A 40 -38.67 1.99 -26.38
N ILE A 41 -38.46 3.23 -26.83
CA ILE A 41 -37.13 3.83 -26.72
C ILE A 41 -36.76 4.10 -25.26
N LEU A 42 -37.71 4.64 -24.49
CA LEU A 42 -37.41 5.00 -23.11
C LEU A 42 -37.12 3.77 -22.26
N PHE A 43 -37.87 2.69 -22.44
CA PHE A 43 -37.70 1.48 -21.64
C PHE A 43 -36.57 0.60 -22.13
N ALA A 44 -35.76 1.07 -23.08
CA ALA A 44 -34.65 0.29 -23.59
C ALA A 44 -33.42 0.48 -22.71
N ALA A 45 -32.63 -0.58 -22.60
CA ALA A 45 -31.41 -0.53 -21.79
C ALA A 45 -30.42 0.54 -22.24
N PRO A 46 -30.18 0.75 -23.55
CA PRO A 46 -29.25 1.82 -23.94
C PRO A 46 -29.66 3.20 -23.45
N THR A 47 -30.97 3.48 -23.37
CA THR A 47 -31.41 4.76 -22.84
C THR A 47 -30.96 4.93 -21.39
N ARG A 48 -31.10 3.89 -20.57
CA ARG A 48 -30.61 3.97 -19.20
C ARG A 48 -29.09 4.06 -19.14
N ARG A 49 -28.40 3.32 -20.01
CA ARG A 49 -26.94 3.38 -20.04
C ARG A 49 -26.43 4.74 -20.50
N LEU A 50 -27.26 5.53 -21.18
CA LEU A 50 -26.87 6.89 -21.54
C LEU A 50 -26.55 7.74 -20.32
N ALA A 51 -27.05 7.37 -19.14
CA ALA A 51 -26.79 8.12 -17.93
C ALA A 51 -25.32 8.12 -17.54
N ASP A 52 -24.52 7.19 -18.05
CA ASP A 52 -23.10 7.12 -17.74
C ASP A 52 -22.24 7.27 -18.98
N LYS A 53 -22.70 8.04 -19.96
CA LYS A 53 -21.91 8.39 -21.14
C LYS A 53 -21.69 9.90 -21.16
N THR A 54 -20.48 10.30 -21.52
CA THR A 54 -20.09 11.71 -21.43
C THR A 54 -20.69 12.53 -22.56
N GLN A 55 -21.03 13.77 -22.23
CA GLN A 55 -21.38 14.76 -23.23
C GLN A 55 -20.15 15.58 -23.60
N VAL A 56 -19.55 16.25 -22.62
CA VAL A 56 -18.36 17.05 -22.80
C VAL A 56 -17.27 16.66 -21.80
N PHE A 57 -17.62 16.62 -20.52
CA PHE A 57 -16.65 16.35 -19.48
C PHE A 57 -16.73 14.89 -19.05
N PRO A 58 -15.69 14.10 -19.28
CA PRO A 58 -15.75 12.67 -18.97
C PRO A 58 -15.49 12.38 -17.49
N LEU A 59 -16.22 11.39 -16.99
CA LEU A 59 -16.09 10.93 -15.61
C LEU A 59 -16.19 12.08 -14.62
N ASP A 60 -17.13 12.98 -14.86
CA ASP A 60 -17.23 14.19 -14.05
C ASP A 60 -17.76 13.88 -12.66
N LYS A 61 -17.15 14.49 -11.65
CA LYS A 61 -17.61 14.31 -10.28
C LYS A 61 -18.86 15.14 -10.00
N ASN A 62 -19.00 16.30 -10.63
CA ASN A 62 -20.19 17.12 -10.44
C ASN A 62 -21.41 16.42 -11.03
N ASP A 63 -22.47 16.33 -10.24
CA ASP A 63 -23.69 15.64 -10.67
C ASP A 63 -24.66 16.55 -11.41
N SER A 64 -24.43 17.86 -11.43
CA SER A 64 -25.30 18.79 -12.11
C SER A 64 -24.82 19.12 -13.52
N VAL A 65 -23.77 18.46 -13.99
CA VAL A 65 -23.26 18.64 -15.35
C VAL A 65 -23.93 17.63 -16.26
N ARG A 66 -24.34 18.08 -17.45
CA ARG A 66 -25.11 17.24 -18.35
C ARG A 66 -24.35 15.97 -18.72
N THR A 67 -25.02 14.84 -18.60
CA THR A 67 -24.56 13.59 -19.17
C THR A 67 -25.29 13.35 -20.48
N ARG A 68 -25.08 12.18 -21.07
CA ARG A 68 -25.75 11.88 -22.33
C ARG A 68 -27.25 11.71 -22.15
N LEU A 69 -27.68 11.11 -21.04
CA LEU A 69 -29.10 10.88 -20.82
C LEU A 69 -29.84 12.18 -20.56
N THR A 70 -29.27 13.04 -19.71
CA THR A 70 -29.90 14.32 -19.44
C THR A 70 -29.96 15.18 -20.70
N HIS A 71 -28.89 15.18 -21.49
CA HIS A 71 -28.91 15.91 -22.76
C HIS A 71 -29.98 15.35 -23.69
N SER A 72 -30.10 14.02 -23.76
CA SER A 72 -31.09 13.41 -24.63
C SER A 72 -32.51 13.79 -24.19
N HIS A 73 -32.78 13.76 -22.88
CA HIS A 73 -34.10 14.12 -22.39
C HIS A 73 -34.41 15.59 -22.62
N GLU A 74 -33.40 16.46 -22.46
CA GLU A 74 -33.62 17.88 -22.72
C GLU A 74 -33.86 18.15 -24.20
N VAL A 75 -33.14 17.47 -25.09
CA VAL A 75 -33.41 17.56 -26.52
C VAL A 75 -34.82 17.08 -26.83
N ALA A 76 -35.22 15.97 -26.20
CA ALA A 76 -36.56 15.43 -26.43
C ALA A 76 -37.62 16.42 -25.97
N ASN A 77 -37.40 17.08 -24.82
CA ASN A 77 -38.35 18.08 -24.34
C ASN A 77 -38.45 19.26 -25.29
N LEU A 78 -37.31 19.74 -25.79
CA LEU A 78 -37.34 20.84 -26.75
C LEU A 78 -38.07 20.44 -28.02
N SER A 79 -37.80 19.23 -28.52
CA SER A 79 -38.46 18.76 -29.73
C SER A 79 -39.96 18.59 -29.50
N ARG A 80 -40.36 18.12 -28.33
CA ARG A 80 -41.78 18.00 -28.02
C ARG A 80 -42.45 19.36 -27.94
N GLY A 81 -41.75 20.35 -27.39
CA GLY A 81 -42.29 21.70 -27.39
C GLY A 81 -42.48 22.25 -28.78
N ILE A 82 -41.50 22.01 -29.66
CA ILE A 82 -41.64 22.43 -31.05
C ILE A 82 -42.79 21.70 -31.72
N GLY A 83 -42.96 20.41 -31.42
CA GLY A 83 -44.09 19.67 -31.96
C GLY A 83 -45.43 20.20 -31.48
N MET A 84 -45.49 20.61 -30.21
CA MET A 84 -46.70 21.24 -29.69
C MET A 84 -46.98 22.54 -30.44
N ARG A 85 -45.94 23.35 -30.65
CA ARG A 85 -46.11 24.60 -31.40
C ARG A 85 -46.45 24.36 -32.87
N LEU A 86 -46.14 23.18 -33.41
CA LEU A 86 -46.42 22.88 -34.81
C LEU A 86 -47.76 22.19 -35.02
N ALA A 87 -48.28 21.49 -34.03
CA ALA A 87 -49.53 20.75 -34.17
C ALA A 87 -50.74 21.54 -33.68
N PHE A 88 -50.71 21.98 -32.43
CA PHE A 88 -51.80 22.78 -31.89
C PHE A 88 -51.84 24.19 -32.47
N GLU A 89 -50.73 24.65 -33.02
CA GLU A 89 -50.62 25.98 -33.62
C GLU A 89 -49.84 25.84 -34.91
N LEU A 90 -50.06 26.77 -35.84
CA LEU A 90 -49.42 26.76 -37.16
C LEU A 90 -49.69 25.47 -37.91
N GLU A 91 -50.77 24.78 -37.55
CA GLU A 91 -51.10 23.51 -38.19
C GLU A 91 -51.44 23.71 -39.67
N ASP A 92 -52.20 24.75 -39.99
CA ASP A 92 -52.58 25.03 -41.36
C ASP A 92 -51.43 25.57 -42.21
N ASP A 93 -50.29 25.90 -41.60
CA ASP A 93 -49.16 26.45 -42.33
C ASP A 93 -48.16 25.40 -42.78
N VAL A 94 -47.96 24.34 -41.99
CA VAL A 94 -46.99 23.30 -42.31
C VAL A 94 -47.66 21.98 -42.63
N PHE A 95 -48.77 21.67 -41.98
CA PHE A 95 -49.47 20.40 -42.18
C PHE A 95 -50.67 20.60 -43.10
N LYS A 96 -50.36 20.72 -44.40
CA LYS A 96 -51.37 20.84 -45.43
C LYS A 96 -51.50 19.53 -46.18
N ASP A 97 -52.74 19.17 -46.54
CA ASP A 97 -53.05 17.92 -47.25
C ASP A 97 -52.58 16.71 -46.44
N VAL A 98 -53.18 16.55 -45.26
CA VAL A 98 -52.89 15.44 -44.36
C VAL A 98 -54.17 14.66 -44.14
N SER A 99 -54.07 13.34 -44.24
CA SER A 99 -55.25 12.49 -44.10
C SER A 99 -55.85 12.61 -42.70
N GLU A 100 -57.17 12.47 -42.62
CA GLU A 100 -57.88 12.70 -41.36
C GLU A 100 -57.56 11.63 -40.32
N ASP A 101 -57.17 10.43 -40.76
CA ASP A 101 -56.87 9.37 -39.79
C ASP A 101 -55.65 9.70 -38.94
N ILE A 102 -54.76 10.55 -39.44
CA ILE A 102 -53.57 10.95 -38.70
C ILE A 102 -53.97 12.01 -37.68
N CYS A 103 -53.64 11.77 -36.41
CA CYS A 103 -53.91 12.72 -35.33
C CYS A 103 -52.61 13.48 -35.09
N LEU A 104 -52.49 14.65 -35.73
CA LEU A 104 -51.27 15.43 -35.63
C LEU A 104 -50.99 15.86 -34.20
N LYS A 105 -52.03 16.30 -33.48
CA LYS A 105 -51.86 16.82 -32.13
C LYS A 105 -51.25 15.79 -31.18
N ARG A 106 -51.43 14.51 -31.46
CA ARG A 106 -50.86 13.45 -30.63
C ARG A 106 -49.65 12.77 -31.27
N ASP A 107 -49.59 12.72 -32.60
CA ASP A 107 -48.50 12.02 -33.26
C ASP A 107 -47.26 12.89 -33.38
N VAL A 108 -47.41 14.13 -33.86
CA VAL A 108 -46.25 14.97 -34.15
C VAL A 108 -45.43 15.27 -32.90
N PRO A 109 -46.01 15.74 -31.79
CA PRO A 109 -45.18 15.95 -30.59
C PRO A 109 -44.54 14.68 -30.08
N ALA A 110 -45.28 13.57 -30.10
CA ALA A 110 -44.70 12.30 -29.67
C ALA A 110 -43.58 11.86 -30.59
N LEU A 111 -43.76 12.04 -31.90
CA LEU A 111 -42.71 11.67 -32.85
C LEU A 111 -41.45 12.49 -32.61
N LEU A 112 -41.60 13.80 -32.43
CA LEU A 112 -40.44 14.65 -32.20
C LEU A 112 -39.76 14.31 -30.88
N ALA A 113 -40.55 14.05 -29.83
CA ALA A 113 -39.96 13.71 -28.54
C ALA A 113 -39.19 12.40 -28.60
N ALA A 114 -39.78 11.37 -29.23
CA ALA A 114 -39.09 10.10 -29.36
C ALA A 114 -37.84 10.23 -30.22
N ILE A 115 -37.91 11.04 -31.28
CA ILE A 115 -36.77 11.21 -32.16
C ILE A 115 -35.64 11.91 -31.42
N GLY A 116 -35.96 12.94 -30.64
CA GLY A 116 -34.92 13.60 -29.85
C GLY A 116 -34.34 12.71 -28.78
N LEU A 117 -35.19 11.89 -28.14
CA LEU A 117 -34.69 10.97 -27.11
C LEU A 117 -33.77 9.92 -27.71
N VAL A 118 -34.11 9.40 -28.90
CA VAL A 118 -33.36 8.30 -29.47
C VAL A 118 -32.02 8.74 -30.05
N HIS A 119 -31.85 10.01 -30.36
CA HIS A 119 -30.57 10.50 -30.88
C HIS A 119 -29.49 10.38 -29.84
N ASP A 120 -28.25 10.16 -30.30
CA ASP A 120 -27.06 9.95 -29.48
C ASP A 120 -27.16 8.71 -28.61
N MET A 121 -28.10 7.82 -28.87
CA MET A 121 -28.18 6.57 -28.11
C MET A 121 -26.97 5.68 -28.37
N GLY A 122 -26.54 5.59 -29.62
CA GLY A 122 -25.43 4.75 -30.01
C GLY A 122 -24.06 5.40 -29.92
N ASN A 123 -23.97 6.57 -29.29
CA ASN A 123 -22.68 7.23 -29.19
C ASN A 123 -21.72 6.40 -28.33
N PRO A 124 -20.44 6.39 -28.65
CA PRO A 124 -19.48 5.60 -27.88
C PRO A 124 -19.21 6.25 -26.54
N PRO A 125 -18.61 5.54 -25.60
CA PRO A 125 -18.19 6.17 -24.34
C PRO A 125 -17.11 7.20 -24.57
N PHE A 126 -16.99 8.10 -23.59
CA PHE A 126 -16.04 9.22 -23.57
C PHE A 126 -16.35 10.25 -24.65
N GLY A 127 -17.58 10.32 -25.14
CA GLY A 127 -17.98 11.37 -26.04
C GLY A 127 -17.39 11.23 -27.43
N ALA A 128 -17.35 12.36 -28.14
CA ALA A 128 -16.86 12.36 -29.52
C ALA A 128 -15.42 11.91 -29.59
N GLN A 129 -14.58 12.37 -28.67
CA GLN A 129 -13.19 11.93 -28.64
C GLN A 129 -13.08 10.43 -28.41
N GLY A 130 -14.08 9.80 -27.81
CA GLY A 130 -14.10 8.35 -27.76
C GLY A 130 -14.23 7.74 -29.14
N ALA A 131 -15.18 8.25 -29.94
CA ALA A 131 -15.39 7.72 -31.27
C ALA A 131 -14.12 7.84 -32.11
N LYS A 132 -13.49 9.01 -32.07
CA LYS A 132 -12.20 9.18 -32.74
C LYS A 132 -11.24 8.08 -32.35
N ALA A 133 -11.12 7.82 -31.05
CA ALA A 133 -10.24 6.74 -30.60
C ALA A 133 -10.58 5.44 -31.31
N MET A 134 -11.88 5.07 -31.28
CA MET A 134 -12.30 3.86 -31.99
C MET A 134 -11.86 3.91 -33.44
N SER A 135 -12.15 5.04 -34.11
CA SER A 135 -11.76 5.18 -35.51
C SER A 135 -10.26 4.96 -35.66
N GLU A 136 -9.47 5.58 -34.79
CA GLU A 136 -8.02 5.42 -34.89
C GLU A 136 -7.64 3.95 -34.77
N TRP A 137 -8.24 3.24 -33.82
CA TRP A 137 -7.97 1.81 -33.72
C TRP A 137 -8.36 1.10 -35.00
N PHE A 138 -9.53 1.42 -35.54
CA PHE A 138 -9.96 0.77 -36.77
C PHE A 138 -9.10 1.19 -37.95
N THR A 139 -8.39 2.31 -37.82
CA THR A 139 -7.47 2.72 -38.87
C THR A 139 -6.20 1.88 -38.83
N LYS A 140 -5.81 1.41 -37.64
CA LYS A 140 -4.55 0.69 -37.52
C LYS A 140 -4.75 -0.81 -37.65
N ASN A 141 -5.76 -1.36 -36.99
CA ASN A 141 -5.96 -2.80 -36.99
C ASN A 141 -6.77 -3.29 -38.18
N LEU A 142 -7.30 -2.38 -39.00
CA LEU A 142 -7.96 -2.72 -40.26
C LEU A 142 -7.28 -1.90 -41.34
N PRO A 143 -6.07 -2.28 -41.74
CA PRO A 143 -5.31 -1.44 -42.68
C PRO A 143 -6.04 -1.30 -44.01
N GLU A 144 -5.97 -0.08 -44.56
CA GLU A 144 -6.60 0.18 -45.86
C GLU A 144 -5.83 -0.50 -46.98
N HIS A 145 -4.50 -0.55 -46.87
CA HIS A 145 -3.69 -1.21 -47.89
C HIS A 145 -3.84 -2.73 -47.84
N SER A 146 -4.25 -3.28 -46.71
CA SER A 146 -4.42 -4.73 -46.60
C SER A 146 -5.55 -5.19 -47.51
N ASP A 147 -5.37 -6.38 -48.09
CA ASP A 147 -6.34 -6.89 -49.05
C ASP A 147 -7.69 -7.15 -48.41
N ASN A 148 -7.70 -7.67 -47.17
CA ASN A 148 -8.95 -8.00 -46.51
C ASN A 148 -9.80 -6.76 -46.27
N TYR A 149 -9.18 -5.66 -45.88
CA TYR A 149 -9.90 -4.44 -45.51
C TYR A 149 -9.69 -3.31 -46.52
N LYS A 150 -9.31 -3.66 -47.75
CA LYS A 150 -9.13 -2.64 -48.78
C LYS A 150 -10.43 -2.08 -49.30
N ASP A 151 -11.54 -2.79 -49.11
CA ASP A 151 -12.82 -2.31 -49.59
C ASP A 151 -13.27 -1.09 -48.78
N LYS A 152 -13.96 -0.17 -49.46
CA LYS A 152 -14.35 1.08 -48.82
C LYS A 152 -15.48 0.91 -47.81
N ILE A 153 -16.15 -0.25 -47.79
CA ILE A 153 -17.19 -0.49 -46.79
C ILE A 153 -16.62 -0.45 -45.38
N TYR A 154 -15.36 -0.84 -45.21
CA TYR A 154 -14.71 -0.78 -43.91
C TYR A 154 -14.48 0.65 -43.45
N GLY A 155 -14.69 1.64 -44.33
CA GLY A 155 -14.75 3.02 -43.89
C GLY A 155 -15.87 3.27 -42.90
N ASP A 156 -16.83 2.35 -42.79
CA ASP A 156 -17.82 2.44 -41.73
C ASP A 156 -17.18 2.38 -40.36
N PHE A 157 -16.01 1.73 -40.24
CA PHE A 157 -15.31 1.62 -38.98
C PHE A 157 -14.12 2.57 -38.87
N ARG A 158 -13.41 2.80 -39.98
CA ARG A 158 -12.30 3.75 -39.97
C ARG A 158 -12.78 5.18 -39.80
N HIS A 159 -14.06 5.44 -40.04
CA HIS A 159 -14.70 6.74 -39.82
C HIS A 159 -15.94 6.56 -38.96
N PHE A 160 -15.77 5.82 -37.86
CA PHE A 160 -16.89 5.43 -37.01
C PHE A 160 -17.59 6.65 -36.42
N ASP A 161 -18.92 6.57 -36.35
CA ASP A 161 -19.73 7.62 -35.76
C ASP A 161 -20.95 7.00 -35.10
N GLY A 162 -21.58 7.76 -34.21
CA GLY A 162 -22.63 7.21 -33.36
C GLY A 162 -24.00 7.12 -33.99
N ASN A 163 -24.23 7.82 -35.11
CA ASN A 163 -25.56 7.79 -35.72
C ASN A 163 -25.87 6.44 -36.34
N SER A 164 -24.91 5.88 -37.07
CA SER A 164 -25.09 4.55 -37.63
C SER A 164 -25.28 3.51 -36.53
N GLN A 165 -24.54 3.66 -35.43
CA GLN A 165 -24.73 2.75 -34.31
C GLN A 165 -26.08 2.90 -33.66
N THR A 166 -26.60 4.14 -33.58
CA THR A 166 -27.95 4.33 -33.05
C THR A 166 -28.97 3.63 -33.92
N LEU A 167 -28.86 3.77 -35.24
CA LEU A 167 -29.79 3.09 -36.14
C LEU A 167 -29.66 1.58 -36.02
N ARG A 168 -28.43 1.07 -35.94
CA ARG A 168 -28.24 -0.36 -35.78
C ARG A 168 -28.83 -0.88 -34.47
N LEU A 169 -28.66 -0.11 -33.39
CA LEU A 169 -29.20 -0.50 -32.10
C LEU A 169 -30.72 -0.55 -32.14
N VAL A 170 -31.35 0.48 -32.71
CA VAL A 170 -32.81 0.50 -32.75
C VAL A 170 -33.40 -0.44 -33.78
N THR A 171 -32.60 -0.93 -34.72
CA THR A 171 -33.12 -1.82 -35.77
C THR A 171 -32.68 -3.27 -35.65
N LYS A 172 -31.46 -3.55 -35.19
CA LYS A 172 -31.00 -4.94 -35.18
C LYS A 172 -30.53 -5.39 -33.80
N LEU A 173 -29.81 -4.53 -33.08
CA LEU A 173 -29.11 -4.96 -31.88
C LEU A 173 -30.08 -5.33 -30.76
N GLN A 174 -31.18 -4.58 -30.64
CA GLN A 174 -32.17 -4.85 -29.59
C GLN A 174 -33.09 -5.99 -30.05
N ILE A 175 -32.49 -7.17 -30.14
CA ILE A 175 -33.15 -8.35 -30.67
C ILE A 175 -33.77 -9.16 -29.54
N LEU A 176 -35.02 -9.56 -29.73
CA LEU A 176 -35.68 -10.46 -28.78
C LEU A 176 -35.95 -11.81 -29.43
N ASN A 177 -36.70 -11.86 -30.54
CA ASN A 177 -36.85 -13.10 -31.29
C ASN A 177 -36.93 -12.86 -32.79
N ASP A 178 -36.79 -11.62 -33.25
CA ASP A 178 -36.90 -11.28 -34.66
C ASP A 178 -35.75 -10.36 -35.04
N THR A 179 -35.58 -10.17 -36.35
CA THR A 179 -34.51 -9.34 -36.88
C THR A 179 -34.95 -7.90 -37.09
N TYR A 180 -35.97 -7.45 -36.36
CA TYR A 180 -36.50 -6.09 -36.52
C TYR A 180 -36.21 -5.20 -35.32
N GLY A 181 -35.42 -5.67 -34.36
CA GLY A 181 -35.05 -4.83 -33.24
C GLY A 181 -36.24 -4.36 -32.43
N LEU A 182 -36.27 -3.07 -32.12
CA LEU A 182 -37.36 -2.47 -31.37
C LEU A 182 -38.64 -2.36 -32.17
N ASN A 183 -38.59 -2.56 -33.49
CA ASN A 183 -39.75 -2.50 -34.36
C ASN A 183 -40.46 -1.15 -34.25
N LEU A 184 -39.66 -0.10 -34.40
CA LEU A 184 -40.21 1.25 -34.39
C LEU A 184 -40.97 1.51 -35.69
N THR A 185 -41.82 2.55 -35.65
CA THR A 185 -42.60 2.91 -36.82
C THR A 185 -41.70 3.48 -37.91
N TYR A 186 -42.23 3.50 -39.14
CA TYR A 186 -41.45 3.99 -40.27
C TYR A 186 -41.14 5.47 -40.11
N ALA A 187 -42.05 6.24 -39.51
CA ALA A 187 -41.80 7.66 -39.31
C ALA A 187 -40.60 7.91 -38.41
N THR A 188 -40.52 7.19 -37.29
CA THR A 188 -39.39 7.36 -36.38
C THR A 188 -38.08 6.95 -37.03
N LEU A 189 -38.06 5.81 -37.72
CA LEU A 189 -36.85 5.36 -38.37
C LEU A 189 -36.41 6.32 -39.46
N ALA A 190 -37.36 6.84 -40.24
CA ALA A 190 -37.04 7.79 -41.29
C ALA A 190 -36.50 9.11 -40.73
N SER A 191 -37.11 9.61 -39.66
CA SER A 191 -36.70 10.88 -39.07
C SER A 191 -35.48 10.74 -38.17
N MET A 192 -35.04 9.50 -37.89
CA MET A 192 -33.88 9.26 -37.06
C MET A 192 -32.58 9.35 -37.84
N ILE A 193 -32.63 9.21 -39.17
CA ILE A 193 -31.45 9.18 -40.01
C ILE A 193 -30.99 10.61 -40.21
N LYS A 194 -29.92 11.00 -39.50
CA LYS A 194 -29.42 12.37 -39.59
C LYS A 194 -28.66 12.61 -40.88
N TYR A 195 -28.12 11.58 -41.50
CA TYR A 195 -27.40 11.69 -42.76
C TYR A 195 -27.82 10.57 -43.70
N PRO A 196 -28.72 10.85 -44.65
CA PRO A 196 -29.20 9.79 -45.53
C PRO A 196 -28.19 9.38 -46.59
N ARG A 197 -27.06 8.82 -46.17
CA ARG A 197 -26.06 8.33 -47.11
C ARG A 197 -25.22 7.28 -46.42
N SER A 198 -24.61 6.41 -47.22
CA SER A 198 -23.76 5.35 -46.73
C SER A 198 -22.28 5.74 -46.85
N SER A 199 -21.43 4.95 -46.21
CA SER A 199 -19.99 5.20 -46.28
C SER A 199 -19.48 5.05 -47.71
N GLU A 200 -19.95 4.03 -48.43
CA GLU A 200 -19.52 3.85 -49.81
C GLU A 200 -19.97 5.01 -50.69
N SER A 201 -21.20 5.47 -50.51
CA SER A 201 -21.71 6.57 -51.32
C SER A 201 -20.98 7.87 -50.99
N ASP A 202 -20.74 8.68 -52.01
CA ASP A 202 -20.09 9.97 -51.86
C ASP A 202 -21.10 11.08 -52.09
N SER A 203 -21.03 12.12 -51.26
CA SER A 203 -21.95 13.23 -51.35
C SER A 203 -21.31 14.46 -50.75
N SER A 204 -21.70 15.63 -51.27
CA SER A 204 -21.24 16.90 -50.73
C SER A 204 -22.21 17.50 -49.73
N LEU A 205 -23.49 17.14 -49.81
CA LEU A 205 -24.47 17.66 -48.86
C LEU A 205 -24.19 17.18 -47.45
N TRP A 206 -23.85 15.90 -47.29
CA TRP A 206 -23.61 15.31 -45.98
C TRP A 206 -22.17 14.81 -45.90
N LYS A 207 -21.47 15.23 -44.85
CA LYS A 207 -20.06 14.87 -44.68
C LYS A 207 -19.87 13.63 -43.82
N LYS A 208 -20.94 13.01 -43.33
CA LYS A 208 -20.85 11.84 -42.49
C LYS A 208 -21.85 10.79 -42.98
N HIS A 209 -21.45 9.53 -42.91
CA HIS A 209 -22.37 8.44 -43.23
C HIS A 209 -23.37 8.25 -42.09
N GLY A 210 -24.60 7.91 -42.47
CA GLY A 210 -25.66 7.81 -41.49
C GLY A 210 -26.06 6.40 -41.11
N PHE A 211 -25.57 5.41 -41.85
CA PHE A 211 -25.89 4.02 -41.54
C PHE A 211 -24.78 3.11 -42.03
N PHE A 212 -24.69 1.94 -41.41
CA PHE A 212 -23.70 0.95 -41.77
C PHE A 212 -24.13 0.20 -43.03
N LEU A 213 -23.22 -0.63 -43.55
CA LEU A 213 -23.56 -1.49 -44.68
C LEU A 213 -24.64 -2.49 -44.30
N SER A 214 -24.58 -3.03 -43.08
CA SER A 214 -25.57 -4.01 -42.63
C SER A 214 -26.98 -3.45 -42.62
N GLU A 215 -27.13 -2.13 -42.48
CA GLU A 215 -28.43 -1.49 -42.49
C GLU A 215 -28.84 -1.00 -43.88
N LYS A 216 -27.99 -1.22 -44.89
CA LYS A 216 -28.24 -0.63 -46.20
C LYS A 216 -29.59 -1.03 -46.77
N ASP A 217 -29.93 -2.32 -46.66
CA ASP A 217 -31.26 -2.74 -47.09
C ASP A 217 -32.35 -2.13 -46.22
N VAL A 218 -32.15 -2.16 -44.89
CA VAL A 218 -33.18 -1.68 -43.97
C VAL A 218 -33.53 -0.24 -44.27
N VAL A 219 -32.52 0.62 -44.37
CA VAL A 219 -32.74 2.02 -44.72
C VAL A 219 -33.51 2.11 -46.03
N GLN A 220 -33.11 1.33 -47.03
CA GLN A 220 -33.85 1.31 -48.29
C GLN A 220 -35.32 1.03 -48.05
N ASP A 221 -35.62 -0.01 -47.27
CA ASP A 221 -37.01 -0.30 -46.93
C ASP A 221 -37.69 0.92 -46.35
N ILE A 222 -37.04 1.57 -45.38
CA ILE A 222 -37.61 2.76 -44.77
C ILE A 222 -37.93 3.79 -45.83
N TRP A 223 -36.98 4.04 -46.73
CA TRP A 223 -37.22 5.01 -47.80
C TRP A 223 -38.42 4.60 -48.63
N ASN A 224 -38.51 3.32 -48.98
CA ASN A 224 -39.60 2.85 -49.83
C ASN A 224 -40.95 3.05 -49.15
N ASN A 225 -40.95 3.16 -47.83
CA ASN A 225 -42.19 3.34 -47.09
C ASN A 225 -42.41 4.76 -46.62
N THR A 226 -41.56 5.70 -47.01
CA THR A 226 -41.70 7.08 -46.55
C THR A 226 -41.57 8.11 -47.67
N GLY A 227 -41.32 7.69 -48.90
CA GLY A 227 -41.15 8.63 -49.99
C GLY A 227 -39.80 9.32 -50.01
N LEU A 228 -38.91 8.99 -49.09
CA LEU A 228 -37.58 9.57 -49.06
C LEU A 228 -36.65 8.84 -50.02
N SER A 229 -35.40 9.28 -50.08
CA SER A 229 -34.39 8.67 -50.93
C SER A 229 -33.02 9.03 -50.37
N GLU A 230 -31.98 8.57 -51.05
CA GLU A 230 -30.62 8.86 -50.62
C GLU A 230 -30.34 10.36 -50.68
N GLY A 231 -29.77 10.90 -49.62
CA GLY A 231 -29.44 12.30 -49.55
C GLY A 231 -30.60 13.22 -49.21
N VAL A 232 -31.78 12.68 -48.93
CA VAL A 232 -32.96 13.47 -48.61
C VAL A 232 -33.35 13.17 -47.18
N ARG A 233 -33.44 14.21 -46.36
CA ARG A 233 -33.75 14.07 -44.95
C ARG A 233 -35.24 14.18 -44.69
N HIS A 234 -35.72 13.46 -43.68
CA HIS A 234 -37.07 13.66 -43.21
C HIS A 234 -37.19 15.08 -42.64
N PRO A 235 -38.32 15.76 -42.85
CA PRO A 235 -38.44 17.14 -42.37
C PRO A 235 -38.20 17.29 -40.88
N PHE A 236 -38.63 16.31 -40.08
CA PHE A 236 -38.44 16.39 -38.63
C PHE A 236 -37.00 16.14 -38.20
N THR A 237 -36.17 15.56 -39.07
CA THR A 237 -34.75 15.42 -38.76
C THR A 237 -34.08 16.78 -38.60
N TYR A 238 -34.48 17.77 -39.41
CA TYR A 238 -33.95 19.11 -39.25
C TYR A 238 -34.34 19.70 -37.90
N ILE A 239 -35.58 19.48 -37.48
CA ILE A 239 -36.03 19.98 -36.18
C ILE A 239 -35.22 19.33 -35.06
N MET A 240 -35.03 18.02 -35.15
CA MET A 240 -34.26 17.31 -34.13
C MET A 240 -32.83 17.79 -34.08
N GLU A 241 -32.21 18.01 -35.25
CA GLU A 241 -30.84 18.48 -35.29
C GLU A 241 -30.73 19.89 -34.71
N ALA A 242 -31.69 20.75 -35.03
CA ALA A 242 -31.68 22.10 -34.47
C ALA A 242 -31.84 22.06 -32.95
N CYS A 243 -32.74 21.21 -32.45
CA CYS A 243 -32.90 21.09 -31.01
C CYS A 243 -31.64 20.56 -30.35
N ASP A 244 -31.00 19.57 -30.98
CA ASP A 244 -29.74 19.03 -30.48
C ASP A 244 -28.69 20.12 -30.38
N ASP A 245 -28.52 20.88 -31.47
CA ASP A 245 -27.52 21.94 -31.50
C ASP A 245 -27.79 22.98 -30.42
N ILE A 246 -29.03 23.47 -30.36
CA ILE A 246 -29.39 24.48 -29.36
C ILE A 246 -29.11 23.95 -27.96
N ALA A 247 -29.58 22.74 -27.67
CA ALA A 247 -29.46 22.18 -26.34
C ALA A 247 -28.01 22.03 -25.92
N TYR A 248 -27.18 21.38 -26.74
CA TYR A 248 -25.81 21.18 -26.28
C TYR A 248 -25.03 22.48 -26.28
N SER A 249 -25.29 23.36 -27.25
CA SER A 249 -24.56 24.63 -27.30
C SER A 249 -24.82 25.47 -26.06
N VAL A 250 -26.07 25.52 -25.59
CA VAL A 250 -26.37 26.32 -24.41
C VAL A 250 -25.96 25.61 -23.13
N LEU A 251 -26.28 24.32 -23.02
CA LEU A 251 -26.08 23.62 -21.75
C LEU A 251 -24.62 23.29 -21.50
N ASP A 252 -23.81 23.12 -22.56
CA ASP A 252 -22.38 22.97 -22.35
C ASP A 252 -21.77 24.25 -21.81
N ALA A 253 -22.23 25.42 -22.28
CA ALA A 253 -21.78 26.68 -21.70
C ALA A 253 -22.20 26.78 -20.25
N GLU A 254 -23.43 26.34 -19.94
CA GLU A 254 -23.86 26.33 -18.55
C GLU A 254 -22.96 25.46 -17.69
N ASP A 255 -22.63 24.26 -18.19
CA ASP A 255 -21.75 23.36 -17.44
C ASP A 255 -20.36 23.95 -17.29
N ILE A 256 -19.85 24.62 -18.33
CA ILE A 256 -18.53 25.24 -18.26
C ILE A 256 -18.50 26.29 -17.16
N ILE A 257 -19.50 27.17 -17.14
CA ILE A 257 -19.52 28.24 -16.15
C ILE A 257 -19.75 27.69 -14.75
N LYS A 258 -20.61 26.67 -14.63
CA LYS A 258 -20.83 26.05 -13.33
C LYS A 258 -19.56 25.39 -12.80
N LYS A 259 -18.81 24.72 -13.68
CA LYS A 259 -17.57 24.08 -13.27
C LYS A 259 -16.51 25.08 -12.83
N GLY A 260 -16.61 26.32 -13.25
CA GLY A 260 -15.61 27.33 -12.93
C GLY A 260 -14.58 27.56 -14.01
N PHE A 261 -14.70 26.92 -15.17
CA PHE A 261 -13.77 27.16 -16.27
C PHE A 261 -13.97 28.53 -16.89
N ALA A 262 -15.11 29.16 -16.67
CA ALA A 262 -15.38 30.49 -17.19
C ALA A 262 -16.46 31.13 -16.33
N SER A 263 -16.69 32.42 -16.56
CA SER A 263 -17.65 33.19 -15.80
C SER A 263 -18.78 33.66 -16.72
N PHE A 264 -19.87 34.11 -16.09
CA PHE A 264 -20.99 34.63 -16.86
C PHE A 264 -20.59 35.86 -17.65
N HIS A 265 -19.82 36.76 -17.03
CA HIS A 265 -19.32 37.92 -17.76
C HIS A 265 -18.39 37.51 -18.90
N ASP A 266 -17.66 36.41 -18.74
CA ASP A 266 -16.84 35.91 -19.83
C ASP A 266 -17.68 35.54 -21.04
N LEU A 267 -18.77 34.80 -20.82
CA LEU A 267 -19.64 34.43 -21.93
C LEU A 267 -20.32 35.66 -22.53
N ILE A 268 -20.75 36.60 -21.69
CA ILE A 268 -21.39 37.80 -22.20
C ILE A 268 -20.43 38.59 -23.07
N ASP A 269 -19.18 38.74 -22.62
CA ASP A 269 -18.19 39.47 -23.41
C ASP A 269 -17.83 38.71 -24.68
N PHE A 270 -17.81 37.38 -24.63
CA PHE A 270 -17.55 36.60 -25.83
C PHE A 270 -18.63 36.81 -26.87
N ILE A 271 -19.90 36.77 -26.44
CA ILE A 271 -21.00 36.99 -27.38
C ILE A 271 -20.98 38.42 -27.91
N GLN A 272 -20.72 39.40 -27.03
CA GLN A 272 -20.71 40.80 -27.46
C GLN A 272 -19.57 41.08 -28.43
N SER A 273 -18.39 40.51 -28.21
CA SER A 273 -17.22 40.78 -29.01
C SER A 273 -17.13 39.92 -30.26
N ASN A 274 -18.01 38.94 -30.42
CA ASN A 274 -18.02 38.13 -31.63
C ASN A 274 -18.40 38.99 -32.82
N GLN A 275 -17.63 38.87 -33.91
CA GLN A 275 -17.87 39.71 -35.08
C GLN A 275 -19.21 39.42 -35.75
N PHE A 276 -19.78 38.24 -35.53
CA PHE A 276 -21.07 37.91 -36.10
C PHE A 276 -22.23 38.26 -35.17
N CYS A 277 -22.04 38.14 -33.86
CA CYS A 277 -23.06 38.49 -32.89
C CYS A 277 -23.00 39.94 -32.45
N LYS A 278 -22.08 40.73 -33.00
CA LYS A 278 -21.98 42.13 -32.64
C LYS A 278 -23.23 42.91 -33.05
N GLU A 279 -23.82 42.54 -34.19
CA GLU A 279 -25.03 43.20 -34.68
C GLU A 279 -26.23 42.27 -34.81
N ASP A 280 -26.10 41.00 -34.40
CA ASP A 280 -27.20 40.06 -34.50
C ASP A 280 -28.30 40.43 -33.52
N ASP A 281 -29.52 40.59 -34.02
CA ASP A 281 -30.62 41.08 -33.18
C ASP A 281 -30.94 40.10 -32.06
N VAL A 282 -30.94 38.80 -32.35
CA VAL A 282 -31.25 37.80 -31.33
C VAL A 282 -30.21 37.84 -30.22
N ALA A 283 -28.93 37.89 -30.59
CA ALA A 283 -27.87 37.97 -29.59
C ALA A 283 -27.98 39.25 -28.78
N LYS A 284 -28.29 40.38 -29.43
CA LYS A 284 -28.45 41.63 -28.71
C LYS A 284 -29.60 41.55 -27.71
N ARG A 285 -30.72 40.97 -28.10
CA ARG A 285 -31.86 40.83 -27.19
C ARG A 285 -31.51 39.94 -26.01
N VAL A 286 -30.85 38.81 -26.28
CA VAL A 286 -30.48 37.90 -25.19
C VAL A 286 -29.52 38.57 -24.23
N ILE A 287 -28.52 39.27 -24.77
CA ILE A 287 -27.54 39.96 -23.92
C ILE A 287 -28.23 41.05 -23.09
N GLU A 288 -29.14 41.80 -23.70
CA GLU A 288 -29.82 42.87 -22.97
C GLU A 288 -30.66 42.31 -21.84
N ASN A 289 -31.41 41.23 -22.10
CA ASN A 289 -32.23 40.64 -21.04
C ASN A 289 -31.36 40.06 -19.93
N CYS A 290 -30.26 39.38 -20.30
CA CYS A 290 -29.38 38.81 -19.29
C CYS A 290 -28.73 39.90 -18.45
N LYS A 291 -28.31 41.00 -19.08
CA LYS A 291 -27.73 42.11 -18.34
C LYS A 291 -28.75 42.73 -17.39
N LYS A 292 -29.99 42.88 -17.85
CA LYS A 292 -31.04 43.44 -17.00
C LYS A 292 -31.29 42.56 -15.78
N ILE A 293 -31.34 41.25 -15.97
CA ILE A 293 -31.56 40.37 -14.83
C ILE A 293 -30.32 40.29 -13.94
N HIS A 294 -29.12 40.40 -14.52
CA HIS A 294 -27.90 40.30 -13.73
C HIS A 294 -27.71 41.54 -12.87
N ALA A 295 -28.15 42.71 -13.36
CA ALA A 295 -28.10 43.91 -12.54
C ALA A 295 -28.95 43.74 -11.28
N ASP A 296 -30.13 43.14 -11.41
CA ASP A 296 -30.97 42.87 -10.25
C ASP A 296 -30.36 41.81 -9.35
N TYR A 297 -29.77 40.77 -9.95
CA TYR A 297 -29.19 39.69 -9.14
C TYR A 297 -27.97 40.16 -8.35
N ALA A 298 -27.19 41.08 -8.91
CA ALA A 298 -25.96 41.52 -8.25
C ALA A 298 -26.21 42.23 -6.94
N GLN A 299 -27.41 42.80 -6.75
CA GLN A 299 -27.70 43.52 -5.52
C GLN A 299 -27.75 42.59 -4.31
N GLN A 300 -28.08 41.31 -4.54
CA GLN A 300 -28.13 40.36 -3.44
C GLN A 300 -26.73 40.03 -2.94
N LYS A 301 -26.66 39.55 -1.69
CA LYS A 301 -25.40 39.16 -1.08
C LYS A 301 -25.11 37.72 -1.48
N LEU A 302 -24.36 37.55 -2.57
CA LEU A 302 -24.03 36.25 -3.11
C LEU A 302 -22.54 36.16 -3.38
N SER A 303 -22.02 34.93 -3.30
CA SER A 303 -20.66 34.68 -3.76
C SER A 303 -20.61 34.77 -5.28
N PRO A 304 -19.43 35.02 -5.85
CA PRO A 304 -19.34 35.11 -7.32
C PRO A 304 -19.84 33.87 -8.04
N ALA A 305 -19.57 32.68 -7.51
CA ALA A 305 -20.03 31.46 -8.16
C ALA A 305 -21.55 31.39 -8.19
N GLU A 306 -22.20 31.71 -7.06
CA GLU A 306 -23.65 31.71 -7.03
C GLU A 306 -24.22 32.74 -7.98
N LEU A 307 -23.61 33.92 -8.04
CA LEU A 307 -24.08 34.95 -8.98
C LEU A 307 -23.97 34.46 -10.41
N ASN A 308 -22.86 33.78 -10.74
CA ASN A 308 -22.69 33.26 -12.10
C ASN A 308 -23.76 32.22 -12.43
N ASP A 309 -24.02 31.27 -11.52
CA ASP A 309 -25.03 30.26 -11.79
C ASP A 309 -26.42 30.88 -11.92
N MET A 310 -26.76 31.82 -11.02
CA MET A 310 -28.06 32.47 -11.10
C MET A 310 -28.23 33.24 -12.41
N SER A 311 -27.20 34.00 -12.82
CA SER A 311 -27.30 34.73 -14.07
C SER A 311 -27.41 33.79 -15.27
N MET A 312 -26.66 32.67 -15.25
CA MET A 312 -26.72 31.81 -16.41
C MET A 312 -27.96 30.94 -16.46
N GLN A 313 -28.68 30.76 -15.35
CA GLN A 313 -30.00 30.15 -15.47
C GLN A 313 -30.93 31.02 -16.30
N MET A 314 -30.93 32.33 -16.05
CA MET A 314 -31.73 33.23 -16.87
C MET A 314 -31.19 33.30 -18.29
N PHE A 315 -29.86 33.20 -18.46
CA PHE A 315 -29.30 33.11 -19.80
C PHE A 315 -29.82 31.87 -20.51
N ARG A 316 -29.88 30.72 -19.82
CA ARG A 316 -30.48 29.52 -20.38
C ARG A 316 -31.89 29.81 -20.85
N VAL A 317 -32.72 30.37 -19.97
CA VAL A 317 -34.12 30.59 -20.31
C VAL A 317 -34.24 31.46 -21.56
N TYR A 318 -33.55 32.60 -21.56
CA TYR A 318 -33.69 33.54 -22.67
C TYR A 318 -33.14 32.97 -23.97
N ALA A 319 -31.94 32.39 -23.93
CA ALA A 319 -31.32 31.87 -25.14
C ALA A 319 -32.12 30.71 -25.70
N ILE A 320 -32.58 29.79 -24.84
CA ILE A 320 -33.38 28.67 -25.32
C ILE A 320 -34.66 29.15 -25.95
N ALA A 321 -35.36 30.10 -25.30
CA ALA A 321 -36.61 30.60 -25.86
C ALA A 321 -36.38 31.26 -27.22
N GLU A 322 -35.36 32.13 -27.31
CA GLU A 322 -35.11 32.83 -28.56
C GLU A 322 -34.71 31.87 -29.68
N LEU A 323 -33.81 30.93 -29.39
CA LEU A 323 -33.36 29.99 -30.40
C LEU A 323 -34.50 29.07 -30.85
N VAL A 324 -35.33 28.60 -29.91
CA VAL A 324 -36.45 27.75 -30.29
C VAL A 324 -37.43 28.51 -31.16
N ASP A 325 -37.72 29.76 -30.80
CA ASP A 325 -38.64 30.56 -31.62
C ASP A 325 -38.08 30.77 -33.01
N ALA A 326 -36.78 31.09 -33.11
CA ALA A 326 -36.16 31.29 -34.41
C ALA A 326 -36.20 30.03 -35.25
N VAL A 327 -35.94 28.87 -34.62
CA VAL A 327 -35.97 27.60 -35.35
C VAL A 327 -37.38 27.31 -35.84
N VAL A 328 -38.39 27.55 -35.01
CA VAL A 328 -39.77 27.31 -35.43
C VAL A 328 -40.14 28.22 -36.60
N ILE A 329 -39.75 29.50 -36.52
CA ILE A 329 -40.05 30.42 -37.61
C ILE A 329 -39.37 29.98 -38.90
N ALA A 330 -38.10 29.57 -38.79
CA ALA A 330 -37.38 29.12 -39.98
C ALA A 330 -38.02 27.88 -40.59
N PHE A 331 -38.44 26.93 -39.74
CA PHE A 331 -39.10 25.74 -40.25
C PHE A 331 -40.42 26.09 -40.95
N LYS A 332 -41.21 26.98 -40.35
CA LYS A 332 -42.49 27.34 -40.95
C LYS A 332 -42.28 28.08 -42.27
N ASP A 333 -41.26 28.94 -42.34
CA ASP A 333 -41.03 29.69 -43.58
C ASP A 333 -40.55 28.79 -44.70
N ASN A 334 -39.65 27.85 -44.41
CA ASN A 334 -39.04 27.00 -45.41
C ASN A 334 -39.68 25.62 -45.47
N ILE A 335 -40.95 25.49 -45.07
CA ILE A 335 -41.59 24.19 -45.02
C ILE A 335 -41.70 23.59 -46.43
N ASN A 336 -41.96 24.43 -47.43
CA ASN A 336 -42.03 23.93 -48.80
C ASN A 336 -40.68 23.42 -49.27
N GLU A 337 -39.60 24.10 -48.89
CA GLU A 337 -38.27 23.65 -49.27
C GLU A 337 -37.94 22.31 -48.62
N PHE A 338 -38.33 22.13 -47.36
CA PHE A 338 -38.05 20.86 -46.69
C PHE A 338 -38.86 19.71 -47.27
N LEU A 339 -40.07 19.99 -47.77
CA LEU A 339 -40.91 18.96 -48.35
C LEU A 339 -40.53 18.63 -49.78
N ASN A 340 -39.58 19.36 -50.36
CA ASN A 340 -39.14 19.07 -51.72
C ASN A 340 -38.34 17.77 -51.75
N ASP A 341 -38.48 17.03 -52.85
CA ASP A 341 -37.76 15.78 -53.02
C ASP A 341 -36.25 15.98 -53.19
N THR A 342 -35.81 17.20 -53.43
CA THR A 342 -34.39 17.51 -53.64
C THR A 342 -33.95 18.64 -52.72
N CYS A 343 -34.30 18.53 -51.45
CA CYS A 343 -33.95 19.56 -50.48
C CYS A 343 -32.43 19.63 -50.30
N GLU A 344 -31.91 20.85 -50.25
CA GLU A 344 -30.48 21.08 -50.09
C GLU A 344 -30.13 21.83 -48.81
N ILE A 345 -31.07 21.98 -47.87
CA ILE A 345 -30.78 22.71 -46.65
C ILE A 345 -29.83 21.90 -45.79
N LYS A 346 -28.75 22.55 -45.35
CA LYS A 346 -27.78 21.86 -44.50
C LYS A 346 -28.31 21.69 -43.08
N ASP A 347 -28.92 22.73 -42.52
CA ASP A 347 -29.43 22.66 -41.16
C ASP A 347 -30.48 23.75 -40.97
N LEU A 348 -31.35 23.53 -39.98
CA LEU A 348 -32.41 24.49 -39.70
C LEU A 348 -31.86 25.74 -39.01
N ILE A 349 -30.81 25.60 -38.22
CA ILE A 349 -30.25 26.73 -37.48
C ILE A 349 -29.71 27.78 -38.44
N SER A 350 -29.01 27.33 -39.50
CA SER A 350 -28.41 28.28 -40.44
C SER A 350 -29.46 29.12 -41.15
N CYS A 351 -30.65 28.55 -41.38
CA CYS A 351 -31.73 29.29 -42.03
C CYS A 351 -32.51 30.17 -41.06
N SER A 352 -32.20 30.10 -39.77
CA SER A 352 -32.90 30.87 -38.76
C SER A 352 -32.09 32.11 -38.38
N SER A 353 -32.68 32.96 -37.54
CA SER A 353 -32.00 34.14 -37.05
C SER A 353 -31.09 33.86 -35.86
N GLY A 354 -31.14 32.66 -35.30
CA GLY A 354 -30.29 32.30 -34.19
C GLY A 354 -29.01 31.62 -34.63
N LYS A 355 -28.68 31.76 -35.91
CA LYS A 355 -27.47 31.13 -36.44
C LYS A 355 -26.22 31.66 -35.76
N ASN A 356 -26.07 32.98 -35.72
CA ASN A 356 -24.86 33.58 -35.17
C ASN A 356 -24.71 33.28 -33.69
N LEU A 357 -25.81 33.35 -32.93
CA LEU A 357 -25.73 33.07 -31.51
C LEU A 357 -25.32 31.62 -31.25
N CYS A 358 -25.90 30.69 -32.00
CA CYS A 358 -25.53 29.28 -31.83
C CYS A 358 -24.08 29.05 -32.20
N GLN A 359 -23.61 29.66 -33.29
CA GLN A 359 -22.20 29.49 -33.68
C GLN A 359 -21.27 30.06 -32.62
N ALA A 360 -21.61 31.22 -32.07
CA ALA A 360 -20.78 31.82 -31.02
C ALA A 360 -20.78 30.95 -29.77
N LEU A 361 -21.93 30.40 -29.41
CA LEU A 361 -21.99 29.51 -28.25
C LEU A 361 -21.14 28.27 -28.47
N LYS A 362 -21.18 27.70 -29.67
CA LYS A 362 -20.36 26.53 -29.96
C LYS A 362 -18.87 26.87 -29.91
N LYS A 363 -18.50 28.04 -30.43
CA LYS A 363 -17.10 28.46 -30.34
C LYS A 363 -16.66 28.66 -28.90
N PHE A 364 -17.54 29.24 -28.07
CA PHE A 364 -17.22 29.40 -26.66
C PHE A 364 -17.05 28.05 -25.97
N ASP A 365 -17.93 27.11 -26.27
CA ASP A 365 -17.82 25.78 -25.69
C ASP A 365 -16.55 25.08 -26.13
N SER A 366 -16.13 25.29 -27.38
CA SER A 366 -14.88 24.70 -27.84
C SER A 366 -13.68 25.34 -27.14
N SER A 367 -13.67 26.67 -27.04
CA SER A 367 -12.51 27.36 -26.50
C SER A 367 -12.35 27.12 -25.00
N ARG A 368 -13.42 27.30 -24.23
CA ARG A 368 -13.32 27.17 -22.78
C ARG A 368 -13.71 25.79 -22.27
N GLY A 369 -14.14 24.90 -23.13
CA GLY A 369 -14.60 23.58 -22.74
C GLY A 369 -13.69 22.47 -23.19
N TYR A 370 -14.04 21.88 -24.34
CA TYR A 370 -13.36 20.71 -24.91
C TYR A 370 -11.84 20.81 -24.81
N GLN A 371 -11.29 22.02 -24.95
CA GLN A 371 -9.86 22.23 -24.94
C GLN A 371 -9.31 22.58 -23.56
N HIS A 372 -10.05 22.30 -22.50
CA HIS A 372 -9.53 22.52 -21.16
C HIS A 372 -8.51 21.43 -20.81
N ARG A 373 -7.59 21.78 -19.91
CA ARG A 373 -6.50 20.85 -19.57
C ARG A 373 -7.03 19.56 -18.97
N SER A 374 -7.94 19.66 -18.00
CA SER A 374 -8.50 18.46 -17.38
C SER A 374 -9.28 17.64 -18.39
N VAL A 375 -10.04 18.31 -19.26
CA VAL A 375 -10.80 17.59 -20.28
C VAL A 375 -9.86 16.86 -21.23
N LEU A 376 -8.77 17.51 -21.65
CA LEU A 376 -7.82 16.87 -22.55
C LEU A 376 -7.14 15.67 -21.90
N LYS A 377 -6.76 15.81 -20.62
CA LYS A 377 -6.14 14.68 -19.93
C LYS A 377 -7.10 13.52 -19.78
N LEU A 378 -8.35 13.81 -19.41
CA LEU A 378 -9.36 12.75 -19.29
C LEU A 378 -9.62 12.10 -20.64
N GLU A 379 -9.60 12.89 -21.72
CA GLU A 379 -9.82 12.33 -23.05
C GLU A 379 -8.67 11.43 -23.48
N LEU A 380 -7.43 11.81 -23.14
CA LEU A 380 -6.30 10.93 -23.44
C LEU A 380 -6.39 9.64 -22.65
N GLU A 381 -6.77 9.72 -21.37
CA GLU A 381 -6.96 8.52 -20.58
C GLU A 381 -8.03 7.63 -21.17
N GLY A 382 -9.15 8.23 -21.59
CA GLY A 382 -10.22 7.47 -22.19
C GLY A 382 -9.82 6.83 -23.51
N SER A 383 -9.01 7.54 -24.30
CA SER A 383 -8.50 6.97 -25.54
C SER A 383 -7.62 5.76 -25.26
N ASN A 384 -6.73 5.87 -24.27
CA ASN A 384 -5.91 4.73 -23.90
C ASN A 384 -6.76 3.56 -23.44
N TYR A 385 -7.76 3.83 -22.59
CA TYR A 385 -8.63 2.77 -22.10
C TYR A 385 -9.38 2.10 -23.26
N ILE A 386 -9.94 2.89 -24.16
CA ILE A 386 -10.72 2.35 -25.27
C ILE A 386 -9.83 1.51 -26.17
N LYS A 387 -8.65 2.02 -26.52
CA LYS A 387 -7.77 1.28 -27.42
C LYS A 387 -7.28 -0.01 -26.78
N GLY A 388 -6.97 0.01 -25.48
CA GLY A 388 -6.59 -1.22 -24.81
C GLY A 388 -7.72 -2.24 -24.77
N LEU A 389 -8.94 -1.77 -24.49
CA LEU A 389 -10.08 -2.69 -24.46
C LEU A 389 -10.33 -3.29 -25.83
N MET A 390 -10.26 -2.48 -26.88
CA MET A 390 -10.45 -3.01 -28.23
C MET A 390 -9.35 -4.00 -28.59
N ASP A 391 -8.11 -3.72 -28.17
CA ASP A 391 -7.03 -4.65 -28.42
C ASP A 391 -7.28 -5.99 -27.74
N MET A 392 -7.77 -5.96 -26.49
CA MET A 392 -8.03 -7.21 -25.79
C MET A 392 -9.23 -7.95 -26.38
N LEU A 393 -10.26 -7.23 -26.81
CA LEU A 393 -11.43 -7.88 -27.39
C LEU A 393 -11.10 -8.49 -28.74
N TRP A 394 -10.25 -7.83 -29.53
CA TRP A 394 -9.90 -8.34 -30.86
C TRP A 394 -9.24 -9.71 -30.78
N LEU A 395 -8.58 -10.01 -29.67
CA LEU A 395 -7.98 -11.33 -29.51
C LEU A 395 -9.04 -12.43 -29.48
N GLY A 396 -10.24 -12.10 -29.00
CA GLY A 396 -11.32 -13.07 -28.95
C GLY A 396 -12.29 -12.96 -30.10
N ILE A 397 -12.27 -11.85 -30.82
CA ILE A 397 -13.19 -11.62 -31.93
C ILE A 397 -12.55 -11.96 -33.27
N LYS A 398 -11.31 -11.54 -33.50
CA LYS A 398 -10.68 -11.70 -34.80
C LYS A 398 -10.55 -13.17 -35.18
N GLY A 399 -10.93 -13.49 -36.42
CA GLY A 399 -10.82 -14.83 -36.95
C GLY A 399 -11.99 -15.74 -36.64
N ARG A 400 -12.94 -15.29 -35.82
CA ARG A 400 -14.06 -16.15 -35.47
C ARG A 400 -14.98 -16.39 -36.66
N ALA A 401 -15.17 -15.39 -37.51
CA ALA A 401 -16.05 -15.53 -38.67
C ALA A 401 -15.31 -15.99 -39.91
N THR A 402 -14.07 -15.53 -40.11
CA THR A 402 -13.30 -15.95 -41.28
C THR A 402 -12.97 -17.44 -41.21
N GLY A 403 -12.60 -17.93 -40.03
CA GLY A 403 -12.27 -19.33 -39.87
C GLY A 403 -10.94 -19.58 -39.20
N ASP A 404 -10.09 -18.56 -39.15
CA ASP A 404 -8.79 -18.70 -38.52
C ASP A 404 -8.96 -18.88 -37.01
N THR A 405 -8.37 -19.93 -36.47
CA THR A 405 -8.54 -20.28 -35.06
C THR A 405 -7.48 -19.65 -34.17
N GLN A 406 -7.31 -18.34 -34.28
CA GLN A 406 -6.45 -17.61 -33.36
C GLN A 406 -7.18 -17.19 -32.09
N TYR A 407 -8.49 -17.37 -32.04
CA TYR A 407 -9.31 -17.02 -30.88
C TYR A 407 -9.44 -18.16 -29.88
N ASP A 408 -8.86 -19.32 -30.17
CA ASP A 408 -9.08 -20.52 -29.36
C ASP A 408 -8.34 -20.49 -28.03
N THR A 409 -7.51 -19.49 -27.79
CA THR A 409 -6.83 -19.38 -26.51
C THR A 409 -7.85 -19.17 -25.39
N PRO A 410 -7.54 -19.62 -24.17
CA PRO A 410 -8.51 -19.45 -23.06
C PRO A 410 -8.91 -18.00 -22.82
N PHE A 411 -7.96 -17.07 -22.94
CA PHE A 411 -8.30 -15.66 -22.81
C PHE A 411 -9.24 -15.24 -23.91
N GLY A 412 -9.00 -15.71 -25.14
CA GLY A 412 -9.88 -15.37 -26.24
C GLY A 412 -11.30 -15.87 -26.02
N ARG A 413 -11.45 -17.13 -25.59
CA ARG A 413 -12.78 -17.67 -25.34
C ARG A 413 -13.48 -16.93 -24.21
N TYR A 414 -12.76 -16.65 -23.12
CA TYR A 414 -13.37 -15.93 -22.01
C TYR A 414 -13.78 -14.52 -22.43
N VAL A 415 -12.92 -13.82 -23.15
CA VAL A 415 -13.21 -12.44 -23.54
C VAL A 415 -14.35 -12.40 -24.56
N TYR A 416 -14.49 -13.45 -25.38
CA TYR A 416 -15.66 -13.56 -26.22
C TYR A 416 -16.91 -13.80 -25.38
N GLY A 417 -16.78 -14.55 -24.29
CA GLY A 417 -17.90 -14.74 -23.39
C GLY A 417 -18.32 -13.48 -22.65
N ARG A 418 -17.44 -12.49 -22.54
CA ARG A 418 -17.75 -11.25 -21.85
C ARG A 418 -18.47 -10.24 -22.73
N ILE A 419 -18.57 -10.50 -24.04
CA ILE A 419 -19.28 -9.59 -24.92
C ILE A 419 -20.79 -9.79 -24.75
N SER A 420 -21.55 -8.78 -25.15
CA SER A 420 -23.01 -8.83 -25.03
C SER A 420 -23.57 -10.03 -25.76
N GLU A 421 -24.53 -10.70 -25.13
CA GLU A 421 -25.11 -11.90 -25.71
C GLU A 421 -25.91 -11.59 -26.97
N ASN A 422 -26.72 -10.53 -26.94
CA ASN A 422 -27.49 -10.17 -28.13
C ASN A 422 -26.57 -9.70 -29.26
N TYR A 423 -25.50 -9.00 -28.91
CA TYR A 423 -24.53 -8.58 -29.91
C TYR A 423 -23.90 -9.80 -30.58
N ARG A 424 -23.56 -10.83 -29.79
CA ARG A 424 -23.01 -12.04 -30.37
C ARG A 424 -24.04 -12.81 -31.18
N ARG A 425 -25.31 -12.78 -30.76
CA ARG A 425 -26.36 -13.41 -31.55
C ARG A 425 -26.48 -12.75 -32.92
N ILE A 426 -26.43 -11.42 -32.96
CA ILE A 426 -26.43 -10.72 -34.24
C ILE A 426 -25.18 -11.06 -35.05
N PHE A 427 -24.03 -11.15 -34.37
CA PHE A 427 -22.79 -11.52 -35.04
C PHE A 427 -22.84 -12.94 -35.58
N GLU A 428 -23.52 -13.85 -34.88
CA GLU A 428 -23.59 -15.25 -35.29
C GLU A 428 -24.69 -15.50 -36.31
N GLN A 429 -25.45 -14.49 -36.70
CA GLN A 429 -26.49 -14.67 -37.70
C GLN A 429 -25.87 -14.94 -39.07
N GLU A 430 -26.69 -15.52 -39.95
CA GLU A 430 -26.25 -15.89 -41.30
C GLU A 430 -26.81 -14.87 -42.28
N ASN A 431 -25.96 -13.93 -42.70
CA ASN A 431 -26.32 -12.92 -43.68
C ASN A 431 -25.25 -12.88 -44.76
N ASN A 432 -25.35 -11.89 -45.65
CA ASN A 432 -24.43 -11.74 -46.77
C ASN A 432 -23.24 -10.86 -46.46
N LEU A 433 -23.11 -10.40 -45.21
CA LEU A 433 -21.98 -9.55 -44.86
C LEU A 433 -20.68 -10.34 -44.89
N PRO A 434 -19.58 -9.73 -45.34
CA PRO A 434 -18.28 -10.41 -45.28
C PRO A 434 -17.86 -10.65 -43.83
N ALA A 435 -17.09 -11.73 -43.64
CA ALA A 435 -16.75 -12.16 -42.29
C ALA A 435 -15.97 -11.11 -41.52
N CYS A 436 -14.97 -10.50 -42.17
CA CYS A 436 -14.19 -9.46 -41.51
C CYS A 436 -15.08 -8.29 -41.11
N TYR A 437 -16.01 -7.90 -41.98
CA TYR A 437 -16.96 -6.86 -41.62
C TYR A 437 -17.80 -7.28 -40.43
N LYS A 438 -18.21 -8.55 -40.37
CA LYS A 438 -19.03 -9.02 -39.27
C LYS A 438 -18.29 -8.92 -37.93
N GLU A 439 -17.02 -9.36 -37.91
CA GLU A 439 -16.29 -9.29 -36.64
C GLU A 439 -15.93 -7.86 -36.26
N ALA A 440 -15.59 -7.02 -37.25
CA ALA A 440 -15.36 -5.60 -36.94
C ALA A 440 -16.62 -4.94 -36.41
N GLN A 441 -17.78 -5.29 -36.98
CA GLN A 441 -19.04 -4.75 -36.48
C GLN A 441 -19.34 -5.23 -35.07
N LEU A 442 -19.02 -6.50 -34.78
CA LEU A 442 -19.20 -7.00 -33.42
C LEU A 442 -18.36 -6.21 -32.44
N LEU A 443 -17.10 -5.97 -32.78
CA LEU A 443 -16.24 -5.18 -31.90
C LEU A 443 -16.76 -3.76 -31.73
N ALA A 444 -17.21 -3.14 -32.83
CA ALA A 444 -17.72 -1.79 -32.76
C ALA A 444 -18.96 -1.71 -31.87
N ASP A 445 -19.88 -2.66 -32.03
CA ASP A 445 -21.07 -2.70 -31.19
C ASP A 445 -20.69 -2.87 -29.72
N ALA A 446 -19.79 -3.80 -29.44
CA ALA A 446 -19.40 -4.06 -28.05
C ALA A 446 -18.79 -2.82 -27.42
N ILE A 447 -17.88 -2.15 -28.12
CA ILE A 447 -17.21 -0.99 -27.53
C ILE A 447 -18.17 0.20 -27.42
N SER A 448 -18.96 0.47 -28.46
CA SER A 448 -19.83 1.63 -28.46
C SER A 448 -21.03 1.48 -27.53
N GLY A 449 -21.38 0.25 -27.15
CA GLY A 449 -22.46 0.05 -26.21
C GLY A 449 -22.10 0.24 -24.76
N MET A 450 -20.83 0.43 -24.44
CA MET A 450 -20.36 0.48 -23.07
C MET A 450 -20.43 1.89 -22.51
N THR A 451 -20.69 1.99 -21.21
CA THR A 451 -20.55 3.24 -20.49
C THR A 451 -19.09 3.45 -20.10
N ASP A 452 -18.79 4.65 -19.59
CA ASP A 452 -17.41 4.96 -19.20
C ASP A 452 -16.95 4.06 -18.07
N SER A 453 -17.72 4.00 -16.97
CA SER A 453 -17.32 3.21 -15.81
C SER A 453 -17.23 1.72 -16.15
N TYR A 454 -18.19 1.21 -16.93
CA TYR A 454 -18.13 -0.17 -17.37
C TYR A 454 -16.88 -0.42 -18.20
N LEU A 455 -16.53 0.52 -19.08
CA LEU A 455 -15.33 0.37 -19.88
C LEU A 455 -14.08 0.32 -19.01
N ILE A 456 -13.99 1.21 -18.01
CA ILE A 456 -12.81 1.21 -17.13
C ILE A 456 -12.72 -0.11 -16.36
N ALA A 457 -13.85 -0.55 -15.81
CA ALA A 457 -13.83 -1.78 -15.01
C ALA A 457 -13.47 -2.98 -15.87
N LEU A 458 -14.06 -3.09 -17.05
CA LEU A 458 -13.74 -4.22 -17.93
C LEU A 458 -12.30 -4.16 -18.40
N HIS A 459 -11.79 -2.96 -18.70
CA HIS A 459 -10.40 -2.84 -19.11
C HIS A 459 -9.45 -3.30 -18.01
N ASP A 460 -9.71 -2.87 -16.77
CA ASP A 460 -8.84 -3.28 -15.67
C ASP A 460 -8.93 -4.78 -15.44
N GLU A 461 -10.14 -5.34 -15.45
CA GLU A 461 -10.29 -6.78 -15.21
C GLU A 461 -9.61 -7.59 -16.30
N LEU A 462 -9.79 -7.20 -17.57
CA LEU A 462 -9.18 -7.94 -18.66
C LEU A 462 -7.67 -7.78 -18.69
N ARG A 463 -7.16 -6.61 -18.30
CA ARG A 463 -5.72 -6.43 -18.19
C ARG A 463 -5.14 -7.32 -17.09
N ALA A 464 -5.86 -7.44 -15.98
CA ALA A 464 -5.43 -8.35 -14.92
C ALA A 464 -5.44 -9.79 -15.41
N LEU A 465 -6.47 -10.18 -16.16
CA LEU A 465 -6.58 -11.55 -16.67
C LEU A 465 -5.68 -11.83 -17.85
N HIS A 466 -5.09 -10.80 -18.45
CA HIS A 466 -4.26 -10.96 -19.65
C HIS A 466 -2.78 -11.07 -19.35
N GLN A 467 -2.39 -11.12 -18.08
CA GLN A 467 -0.97 -11.06 -17.73
C GLN A 467 -0.20 -12.27 -18.26
N TYR A 468 -0.81 -13.45 -18.26
CA TYR A 468 -0.09 -14.64 -18.72
C TYR A 468 0.11 -14.64 -20.23
N GLU A 469 -0.98 -14.47 -20.98
CA GLU A 469 -0.90 -14.53 -22.44
C GLU A 469 -0.14 -13.35 -23.03
N CYS A 470 0.08 -12.28 -22.25
CA CYS A 470 0.91 -11.16 -22.65
C CYS A 470 2.34 -11.30 -22.15
N ARG A 471 2.75 -12.51 -21.75
CA ARG A 471 4.07 -12.78 -21.22
C ARG A 471 4.39 -11.90 -20.01
N GLY B 1 -70.42 19.86 -2.30
CA GLY B 1 -69.41 20.85 -2.59
C GLY B 1 -68.22 20.29 -3.37
N SER B 2 -68.53 19.61 -4.48
CA SER B 2 -67.49 19.01 -5.29
C SER B 2 -66.61 20.08 -5.92
N MET B 3 -65.30 19.82 -5.97
CA MET B 3 -64.38 20.77 -6.57
C MET B 3 -64.59 20.83 -8.08
N HIS B 4 -64.20 21.95 -8.66
CA HIS B 4 -64.36 22.18 -10.09
C HIS B 4 -63.00 22.10 -10.78
N TRP B 5 -63.02 21.64 -12.04
CA TRP B 5 -61.79 21.50 -12.79
C TRP B 5 -61.15 22.85 -13.11
N ASN B 6 -61.92 23.94 -13.07
CA ASN B 6 -61.35 25.26 -13.27
C ASN B 6 -60.34 25.61 -12.18
N ASP B 7 -60.67 25.31 -10.93
CA ASP B 7 -59.76 25.57 -9.81
C ASP B 7 -58.63 24.54 -9.74
N LEU B 8 -58.94 23.27 -10.01
CA LEU B 8 -57.93 22.22 -9.93
C LEU B 8 -56.86 22.36 -11.00
N LEU B 9 -57.20 22.92 -12.16
CA LEU B 9 -56.25 23.16 -13.24
C LEU B 9 -55.82 24.62 -13.30
N ASN B 10 -55.71 25.27 -12.14
CA ASN B 10 -55.35 26.67 -12.08
C ASN B 10 -53.92 26.85 -12.58
N SER B 11 -53.76 27.67 -13.62
CA SER B 11 -52.45 27.91 -14.23
C SER B 11 -51.76 29.14 -13.67
N ASN B 12 -52.35 29.80 -12.68
CA ASN B 12 -51.70 30.95 -12.06
C ASN B 12 -50.53 30.50 -11.20
N ARG B 13 -49.61 31.42 -10.95
CA ARG B 13 -48.41 31.15 -10.17
C ARG B 13 -48.43 31.96 -8.88
N ARG B 14 -47.68 31.48 -7.89
CA ARG B 14 -47.69 32.12 -6.58
C ARG B 14 -47.11 33.53 -6.64
N LYS B 15 -46.05 33.72 -7.40
CA LYS B 15 -45.43 35.03 -7.50
C LYS B 15 -46.39 36.01 -8.19
N PRO B 16 -46.63 37.19 -7.62
CA PRO B 16 -47.51 38.21 -8.20
C PRO B 16 -47.05 38.69 -9.57
N THR B 27 -40.28 35.51 -23.25
CA THR B 27 -40.52 34.07 -23.19
C THR B 27 -42.00 33.77 -23.33
N SER B 28 -42.39 32.54 -22.93
CA SER B 28 -43.78 32.09 -23.00
C SER B 28 -44.32 32.20 -24.43
N LYS B 29 -43.48 31.87 -25.41
CA LYS B 29 -43.84 31.99 -26.82
C LYS B 29 -44.49 30.69 -27.27
N GLY B 30 -45.81 30.65 -27.26
CA GLY B 30 -46.54 29.49 -27.73
C GLY B 30 -46.56 28.32 -26.77
N ARG B 31 -46.21 28.52 -25.51
CA ARG B 31 -46.17 27.45 -24.51
C ARG B 31 -47.13 27.79 -23.38
N GLN B 32 -47.92 26.81 -22.98
CA GLN B 32 -48.80 26.98 -21.83
C GLN B 32 -47.98 27.02 -20.55
N GLN B 33 -48.57 27.61 -19.51
CA GLN B 33 -47.87 27.74 -18.23
C GLN B 33 -47.56 26.37 -17.64
N ILE B 34 -48.54 25.45 -17.70
CA ILE B 34 -48.32 24.10 -17.17
C ILE B 34 -47.23 23.38 -17.97
N GLU B 35 -47.19 23.62 -19.28
CA GLU B 35 -46.11 23.06 -20.09
C GLU B 35 -44.77 23.62 -19.66
N ARG B 36 -44.71 24.92 -19.37
CA ARG B 36 -43.47 25.53 -18.90
C ARG B 36 -43.06 25.01 -17.54
N ASP B 37 -44.01 24.55 -16.72
CA ASP B 37 -43.65 23.93 -15.44
C ASP B 37 -42.80 22.69 -15.67
N TYR B 38 -43.14 21.89 -16.69
CA TYR B 38 -42.34 20.71 -16.99
C TYR B 38 -40.91 21.09 -17.37
N ASP B 39 -40.75 22.16 -18.16
CA ASP B 39 -39.41 22.61 -18.50
C ASP B 39 -38.65 23.09 -17.27
N ARG B 40 -39.32 23.83 -16.39
CA ARG B 40 -38.67 24.30 -15.17
C ARG B 40 -38.20 23.12 -14.32
N ILE B 41 -39.04 22.09 -14.18
CA ILE B 41 -38.68 20.93 -13.39
C ILE B 41 -37.53 20.17 -14.05
N LEU B 42 -37.60 19.96 -15.37
CA LEU B 42 -36.60 19.17 -16.06
C LEU B 42 -35.23 19.85 -16.03
N PHE B 43 -35.19 21.16 -16.21
CA PHE B 43 -33.93 21.87 -16.21
C PHE B 43 -33.39 22.17 -14.82
N ALA B 44 -34.14 21.84 -13.77
CA ALA B 44 -33.65 22.02 -12.42
C ALA B 44 -32.50 21.07 -12.12
N ALA B 45 -31.53 21.55 -11.35
CA ALA B 45 -30.37 20.72 -11.02
C ALA B 45 -30.74 19.45 -10.26
N PRO B 46 -31.63 19.45 -9.26
CA PRO B 46 -31.95 18.18 -8.58
C PRO B 46 -32.52 17.12 -9.50
N THR B 47 -33.22 17.53 -10.56
CA THR B 47 -33.78 16.55 -11.49
C THR B 47 -32.68 15.70 -12.10
N ARG B 48 -31.59 16.32 -12.53
CA ARG B 48 -30.47 15.56 -13.07
C ARG B 48 -29.53 15.04 -11.99
N ARG B 49 -29.60 15.56 -10.76
CA ARG B 49 -28.91 14.92 -9.66
C ARG B 49 -29.58 13.61 -9.26
N LEU B 50 -30.85 13.42 -9.60
CA LEU B 50 -31.53 12.16 -9.34
C LEU B 50 -30.87 10.98 -10.04
N ALA B 51 -30.06 11.24 -11.06
CA ALA B 51 -29.36 10.17 -11.78
C ALA B 51 -28.38 9.42 -10.91
N ASP B 52 -27.93 10.01 -9.80
CA ASP B 52 -27.00 9.35 -8.88
C ASP B 52 -27.62 9.15 -7.50
N LYS B 53 -28.93 8.90 -7.48
CA LYS B 53 -29.64 8.57 -6.25
C LYS B 53 -30.29 7.21 -6.41
N THR B 54 -30.14 6.35 -5.41
CA THR B 54 -30.59 4.97 -5.51
C THR B 54 -32.11 4.90 -5.52
N GLN B 55 -32.62 3.93 -6.29
CA GLN B 55 -34.03 3.58 -6.27
C GLN B 55 -34.27 2.37 -5.38
N VAL B 56 -33.56 1.27 -5.64
CA VAL B 56 -33.60 0.08 -4.81
C VAL B 56 -32.18 -0.39 -4.45
N PHE B 57 -31.34 -0.59 -5.47
CA PHE B 57 -30.00 -1.11 -5.25
C PHE B 57 -29.01 0.04 -5.15
N PRO B 58 -28.34 0.24 -4.01
CA PRO B 58 -27.45 1.40 -3.86
C PRO B 58 -26.11 1.18 -4.56
N LEU B 59 -25.65 2.21 -5.26
CA LEU B 59 -24.33 2.23 -5.88
C LEU B 59 -24.09 1.01 -6.77
N ASP B 60 -25.12 0.67 -7.54
CA ASP B 60 -25.05 -0.52 -8.38
C ASP B 60 -24.16 -0.27 -9.59
N LYS B 61 -23.30 -1.25 -9.88
CA LYS B 61 -22.41 -1.16 -11.04
C LYS B 61 -23.14 -1.41 -12.35
N ASN B 62 -24.25 -2.14 -12.33
CA ASN B 62 -25.02 -2.36 -13.55
C ASN B 62 -25.69 -1.06 -13.96
N ASP B 63 -25.41 -0.60 -15.18
CA ASP B 63 -25.91 0.66 -15.67
C ASP B 63 -27.36 0.58 -16.16
N SER B 64 -27.92 -0.62 -16.25
CA SER B 64 -29.32 -0.78 -16.64
C SER B 64 -30.28 -0.80 -15.47
N VAL B 65 -29.78 -0.97 -14.25
CA VAL B 65 -30.64 -0.94 -13.07
C VAL B 65 -31.19 0.46 -12.90
N ARG B 66 -32.49 0.55 -12.67
CA ARG B 66 -33.15 1.85 -12.58
C ARG B 66 -32.59 2.66 -11.41
N THR B 67 -32.25 3.91 -11.69
CA THR B 67 -31.93 4.88 -10.67
C THR B 67 -33.15 5.75 -10.42
N ARG B 68 -33.00 6.79 -9.60
CA ARG B 68 -34.13 7.65 -9.30
C ARG B 68 -34.54 8.49 -10.50
N LEU B 69 -33.58 8.90 -11.34
CA LEU B 69 -33.93 9.71 -12.50
C LEU B 69 -34.67 8.89 -13.55
N THR B 70 -34.19 7.67 -13.83
CA THR B 70 -34.89 6.80 -14.77
C THR B 70 -36.27 6.43 -14.24
N HIS B 71 -36.39 6.17 -12.94
CA HIS B 71 -37.69 5.91 -12.33
C HIS B 71 -38.62 7.10 -12.53
N SER B 72 -38.12 8.31 -12.28
CA SER B 72 -38.94 9.51 -12.43
C SER B 72 -39.37 9.69 -13.88
N HIS B 73 -38.47 9.45 -14.82
CA HIS B 73 -38.82 9.61 -16.23
C HIS B 73 -39.85 8.58 -16.66
N GLU B 74 -39.73 7.34 -16.19
CA GLU B 74 -40.72 6.34 -16.51
C GLU B 74 -42.09 6.68 -15.92
N VAL B 75 -42.09 7.17 -14.68
CA VAL B 75 -43.34 7.60 -14.06
C VAL B 75 -43.96 8.75 -14.84
N ALA B 76 -43.12 9.70 -15.27
CA ALA B 76 -43.62 10.82 -16.05
C ALA B 76 -44.21 10.36 -17.38
N ASN B 77 -43.56 9.40 -18.04
CA ASN B 77 -44.09 8.89 -19.30
C ASN B 77 -45.42 8.18 -19.09
N LEU B 78 -45.53 7.37 -18.04
CA LEU B 78 -46.80 6.70 -17.76
C LEU B 78 -47.91 7.70 -17.45
N SER B 79 -47.58 8.73 -16.65
CA SER B 79 -48.56 9.75 -16.32
C SER B 79 -48.98 10.53 -17.57
N ARG B 80 -48.03 10.81 -18.45
CA ARG B 80 -48.36 11.51 -19.70
C ARG B 80 -49.27 10.65 -20.57
N GLY B 81 -49.01 9.35 -20.63
CA GLY B 81 -49.89 8.48 -21.38
C GLY B 81 -51.30 8.44 -20.82
N ILE B 82 -51.41 8.37 -19.49
CA ILE B 82 -52.73 8.38 -18.86
C ILE B 82 -53.43 9.71 -19.12
N GLY B 83 -52.68 10.82 -19.07
CA GLY B 83 -53.28 12.12 -19.36
C GLY B 83 -53.72 12.24 -20.80
N MET B 84 -52.95 11.67 -21.72
CA MET B 84 -53.36 11.66 -23.13
C MET B 84 -54.65 10.87 -23.30
N ARG B 85 -54.75 9.72 -22.63
CA ARG B 85 -56.00 8.96 -22.69
C ARG B 85 -57.16 9.76 -22.09
N LEU B 86 -56.91 10.46 -20.99
CA LEU B 86 -57.97 11.23 -20.33
C LEU B 86 -58.43 12.42 -21.16
N ALA B 87 -57.51 13.09 -21.85
CA ALA B 87 -57.85 14.30 -22.58
C ALA B 87 -58.35 14.02 -23.99
N PHE B 88 -57.62 13.20 -24.75
CA PHE B 88 -57.98 12.95 -26.14
C PHE B 88 -59.16 12.01 -26.28
N GLU B 89 -59.31 11.04 -25.36
CA GLU B 89 -60.30 9.98 -25.51
C GLU B 89 -61.43 10.10 -24.50
N LEU B 90 -61.14 10.05 -23.21
CA LEU B 90 -62.17 10.09 -22.17
C LEU B 90 -62.32 11.50 -21.61
N GLU B 91 -62.71 12.43 -22.49
CA GLU B 91 -62.85 13.82 -22.08
C GLU B 91 -64.27 14.16 -21.65
N ASP B 92 -65.28 13.67 -22.36
CA ASP B 92 -66.66 14.03 -22.06
C ASP B 92 -67.17 13.42 -20.77
N ASP B 93 -66.53 12.37 -20.26
CA ASP B 93 -66.96 11.73 -19.03
C ASP B 93 -66.07 12.04 -17.83
N VAL B 94 -64.86 12.54 -18.05
CA VAL B 94 -63.97 12.90 -16.96
C VAL B 94 -63.94 14.40 -16.69
N PHE B 95 -63.88 15.23 -17.73
CA PHE B 95 -63.79 16.67 -17.59
C PHE B 95 -65.13 17.28 -17.97
N LYS B 96 -65.81 17.87 -16.99
CA LYS B 96 -67.10 18.51 -17.20
C LYS B 96 -67.09 19.89 -16.57
N ASP B 97 -67.82 20.82 -17.20
CA ASP B 97 -67.87 22.22 -16.78
C ASP B 97 -66.46 22.82 -16.73
N VAL B 98 -65.74 22.67 -17.83
CA VAL B 98 -64.38 23.17 -17.96
C VAL B 98 -64.39 24.35 -18.91
N SER B 99 -63.85 25.48 -18.46
CA SER B 99 -63.80 26.67 -19.30
C SER B 99 -62.86 26.48 -20.48
N GLU B 100 -63.14 27.21 -21.56
CA GLU B 100 -62.36 27.08 -22.78
C GLU B 100 -60.99 27.74 -22.69
N ASP B 101 -60.71 28.50 -21.63
CA ASP B 101 -59.40 29.12 -21.49
C ASP B 101 -58.30 28.08 -21.35
N ILE B 102 -58.57 27.00 -20.62
CA ILE B 102 -57.59 25.95 -20.40
C ILE B 102 -57.80 24.87 -21.46
N CYS B 103 -56.75 24.59 -22.23
CA CYS B 103 -56.78 23.54 -23.25
C CYS B 103 -56.36 22.23 -22.59
N LEU B 104 -57.32 21.31 -22.42
CA LEU B 104 -57.03 20.06 -21.75
C LEU B 104 -56.00 19.23 -22.51
N LYS B 105 -56.10 19.21 -23.84
CA LYS B 105 -55.21 18.39 -24.65
C LYS B 105 -53.75 18.72 -24.42
N ARG B 106 -53.43 19.97 -24.09
CA ARG B 106 -52.07 20.39 -23.83
C ARG B 106 -51.74 20.49 -22.35
N ASP B 107 -52.74 20.73 -21.49
CA ASP B 107 -52.45 20.95 -20.09
C ASP B 107 -52.42 19.64 -19.30
N VAL B 108 -53.43 18.78 -19.48
CA VAL B 108 -53.52 17.57 -18.68
C VAL B 108 -52.32 16.64 -18.89
N PRO B 109 -51.95 16.29 -20.13
CA PRO B 109 -50.75 15.44 -20.28
C PRO B 109 -49.49 16.09 -19.73
N ALA B 110 -49.31 17.39 -19.98
CA ALA B 110 -48.14 18.10 -19.46
C ALA B 110 -48.16 18.16 -17.94
N LEU B 111 -49.33 18.41 -17.34
CA LEU B 111 -49.42 18.45 -15.89
C LEU B 111 -49.07 17.11 -15.28
N LEU B 112 -49.63 16.02 -15.83
CA LEU B 112 -49.32 14.70 -15.28
C LEU B 112 -47.85 14.34 -15.49
N ALA B 113 -47.28 14.70 -16.65
CA ALA B 113 -45.88 14.40 -16.89
C ALA B 113 -44.98 15.16 -15.91
N ALA B 114 -45.25 16.44 -15.69
CA ALA B 114 -44.45 17.20 -14.74
C ALA B 114 -44.60 16.66 -13.33
N ILE B 115 -45.83 16.30 -12.94
CA ILE B 115 -46.06 15.77 -11.60
C ILE B 115 -45.31 14.46 -11.42
N GLY B 116 -45.34 13.59 -12.42
CA GLY B 116 -44.60 12.34 -12.32
C GLY B 116 -43.09 12.55 -12.29
N LEU B 117 -42.59 13.49 -13.08
CA LEU B 117 -41.15 13.76 -13.10
C LEU B 117 -40.68 14.36 -11.78
N VAL B 118 -41.54 15.13 -11.11
CA VAL B 118 -41.17 15.83 -9.89
C VAL B 118 -41.43 15.01 -8.63
N HIS B 119 -42.04 13.83 -8.76
CA HIS B 119 -42.57 13.13 -7.60
C HIS B 119 -41.48 12.66 -6.63
N ASP B 120 -40.24 12.51 -7.09
CA ASP B 120 -39.18 11.98 -6.24
C ASP B 120 -37.93 12.84 -6.31
N MET B 121 -38.11 14.15 -6.52
CA MET B 121 -36.97 15.05 -6.59
C MET B 121 -36.23 15.18 -5.27
N GLY B 122 -36.94 15.26 -4.15
CA GLY B 122 -36.32 15.47 -2.87
C GLY B 122 -36.01 14.22 -2.07
N ASN B 123 -36.00 13.05 -2.70
CA ASN B 123 -35.71 11.82 -1.98
C ASN B 123 -34.27 11.84 -1.47
N PRO B 124 -34.00 11.39 -0.25
CA PRO B 124 -32.64 11.40 0.27
C PRO B 124 -31.77 10.38 -0.45
N PRO B 125 -30.45 10.50 -0.33
CA PRO B 125 -29.57 9.49 -0.91
C PRO B 125 -29.74 8.14 -0.23
N PHE B 126 -29.35 7.09 -0.95
CA PHE B 126 -29.45 5.69 -0.53
C PHE B 126 -30.89 5.23 -0.37
N GLY B 127 -31.84 5.86 -1.04
CA GLY B 127 -33.20 5.38 -1.05
C GLY B 127 -33.92 5.60 0.26
N ALA B 128 -35.06 4.91 0.39
CA ALA B 128 -35.91 5.06 1.56
C ALA B 128 -35.16 4.75 2.85
N GLN B 129 -34.39 3.66 2.84
CA GLN B 129 -33.55 3.33 3.98
C GLN B 129 -32.67 4.50 4.39
N GLY B 130 -32.06 5.19 3.43
CA GLY B 130 -31.27 6.36 3.76
C GLY B 130 -32.09 7.39 4.51
N ALA B 131 -33.30 7.67 4.03
CA ALA B 131 -34.20 8.55 4.78
C ALA B 131 -34.38 8.06 6.20
N LYS B 132 -34.64 6.75 6.36
CA LYS B 132 -34.75 6.18 7.70
C LYS B 132 -33.53 6.53 8.53
N ALA B 133 -32.33 6.35 7.95
CA ALA B 133 -31.11 6.69 8.67
C ALA B 133 -31.16 8.12 9.16
N MET B 134 -31.50 9.06 8.26
CA MET B 134 -31.64 10.45 8.66
C MET B 134 -32.58 10.58 9.84
N SER B 135 -33.77 9.96 9.73
CA SER B 135 -34.72 10.01 10.82
C SER B 135 -34.10 9.52 12.12
N GLU B 136 -33.38 8.40 12.07
CA GLU B 136 -32.76 7.86 13.27
C GLU B 136 -31.82 8.89 13.88
N TRP B 137 -31.00 9.55 13.06
CA TRP B 137 -30.11 10.58 13.58
C TRP B 137 -30.93 11.70 14.22
N PHE B 138 -31.99 12.14 13.55
CA PHE B 138 -32.81 13.20 14.11
C PHE B 138 -33.52 12.74 15.37
N THR B 139 -33.67 11.42 15.55
CA THR B 139 -34.25 10.92 16.79
C THR B 139 -33.26 11.05 17.94
N LYS B 140 -31.97 10.94 17.66
CA LYS B 140 -30.98 10.96 18.74
C LYS B 140 -30.49 12.37 19.03
N ASN B 141 -30.21 13.15 17.99
CA ASN B 141 -29.65 14.48 18.17
C ASN B 141 -30.70 15.55 18.39
N LEU B 142 -31.99 15.22 18.23
CA LEU B 142 -33.10 16.12 18.56
C LEU B 142 -34.04 15.37 19.49
N PRO B 143 -33.62 15.11 20.72
CA PRO B 143 -34.43 14.26 21.62
C PRO B 143 -35.76 14.91 21.95
N GLU B 144 -36.79 14.08 22.08
CA GLU B 144 -38.13 14.57 22.41
C GLU B 144 -38.17 15.15 23.82
N HIS B 145 -37.47 14.51 24.76
CA HIS B 145 -37.50 14.97 26.14
C HIS B 145 -36.83 16.32 26.34
N SER B 146 -35.98 16.74 25.39
CA SER B 146 -35.34 18.04 25.51
C SER B 146 -36.35 19.16 25.29
N ASP B 147 -36.23 20.23 26.07
CA ASP B 147 -37.16 21.35 25.95
C ASP B 147 -37.00 22.06 24.61
N ASN B 148 -35.79 22.07 24.06
CA ASN B 148 -35.58 22.71 22.76
C ASN B 148 -36.36 22.02 21.66
N TYR B 149 -36.42 20.70 21.68
CA TYR B 149 -37.08 19.92 20.65
C TYR B 149 -38.31 19.18 21.17
N LYS B 150 -38.90 19.66 22.26
CA LYS B 150 -40.08 19.00 22.81
C LYS B 150 -41.29 19.15 21.89
N ASP B 151 -41.32 20.20 21.08
CA ASP B 151 -42.48 20.48 20.25
C ASP B 151 -42.64 19.41 19.17
N LYS B 152 -43.89 19.20 18.75
CA LYS B 152 -44.20 18.19 17.75
C LYS B 152 -43.76 18.58 16.35
N ILE B 153 -43.46 19.85 16.11
CA ILE B 153 -43.03 20.29 14.79
C ILE B 153 -41.74 19.60 14.38
N TYR B 154 -40.87 19.32 15.34
CA TYR B 154 -39.62 18.62 15.07
C TYR B 154 -39.85 17.19 14.64
N GLY B 155 -41.07 16.68 14.77
CA GLY B 155 -41.42 15.41 14.15
C GLY B 155 -41.29 15.42 12.65
N ASP B 156 -41.22 16.61 12.05
CA ASP B 156 -40.90 16.70 10.62
C ASP B 156 -39.54 16.10 10.33
N PHE B 157 -38.64 16.09 11.31
CA PHE B 157 -37.29 15.56 11.13
C PHE B 157 -37.12 14.17 11.71
N ARG B 158 -37.78 13.87 12.83
CA ARG B 158 -37.72 12.51 13.37
C ARG B 158 -38.40 11.51 12.45
N HIS B 159 -39.29 11.97 11.56
CA HIS B 159 -39.97 11.13 10.59
C HIS B 159 -39.79 11.69 9.19
N PHE B 160 -38.53 12.01 8.85
CA PHE B 160 -38.22 12.66 7.59
C PHE B 160 -38.72 11.84 6.41
N ASP B 161 -39.31 12.54 5.43
CA ASP B 161 -39.86 11.92 4.24
C ASP B 161 -39.46 12.74 3.02
N GLY B 162 -39.40 12.07 1.86
CA GLY B 162 -38.95 12.71 0.65
C GLY B 162 -39.95 13.69 0.04
N ASN B 163 -41.24 13.45 0.23
CA ASN B 163 -42.25 14.33 -0.36
C ASN B 163 -42.19 15.73 0.26
N SER B 164 -42.05 15.79 1.59
CA SER B 164 -41.94 17.08 2.25
C SER B 164 -40.73 17.86 1.76
N GLN B 165 -39.60 17.17 1.55
CA GLN B 165 -38.42 17.83 1.03
C GLN B 165 -38.61 18.25 -0.42
N THR B 166 -39.32 17.44 -1.21
CA THR B 166 -39.57 17.80 -2.62
C THR B 166 -40.39 19.07 -2.73
N LEU B 167 -41.42 19.19 -1.90
CA LEU B 167 -42.27 20.38 -1.96
C LEU B 167 -41.48 21.64 -1.62
N ARG B 168 -40.65 21.59 -0.58
CA ARG B 168 -39.85 22.74 -0.21
C ARG B 168 -38.71 22.98 -1.20
N LEU B 169 -38.27 21.94 -1.91
CA LEU B 169 -37.27 22.13 -2.96
C LEU B 169 -37.87 22.91 -4.13
N VAL B 170 -39.08 22.54 -4.54
CA VAL B 170 -39.71 23.22 -5.68
C VAL B 170 -40.33 24.55 -5.28
N THR B 171 -40.51 24.82 -3.98
CA THR B 171 -41.13 26.07 -3.56
C THR B 171 -40.17 27.06 -2.91
N LYS B 172 -39.15 26.60 -2.22
CA LYS B 172 -38.27 27.58 -1.56
C LYS B 172 -36.80 27.38 -1.86
N LEU B 173 -36.33 26.14 -2.00
CA LEU B 173 -34.89 25.90 -2.04
C LEU B 173 -34.28 26.37 -3.36
N GLN B 174 -35.01 26.24 -4.47
CA GLN B 174 -34.54 26.70 -5.78
C GLN B 174 -34.74 28.21 -5.91
N ILE B 175 -34.00 28.94 -5.08
CA ILE B 175 -34.17 30.38 -4.95
C ILE B 175 -33.16 31.09 -5.85
N LEU B 176 -33.62 32.08 -6.60
CA LEU B 176 -32.70 32.94 -7.33
C LEU B 176 -32.71 34.34 -6.73
N ASN B 177 -33.89 34.99 -6.74
CA ASN B 177 -34.04 36.27 -6.07
C ASN B 177 -35.42 36.42 -5.45
N ASP B 178 -36.24 35.38 -5.49
CA ASP B 178 -37.60 35.40 -4.97
C ASP B 178 -37.67 34.54 -3.71
N THR B 179 -38.89 34.41 -3.17
CA THR B 179 -39.17 33.43 -2.12
C THR B 179 -40.11 32.35 -2.64
N TYR B 180 -40.26 32.24 -3.96
CA TYR B 180 -41.24 31.35 -4.57
C TYR B 180 -40.59 30.17 -5.29
N GLY B 181 -39.28 30.00 -5.16
CA GLY B 181 -38.61 28.85 -5.77
C GLY B 181 -38.74 28.84 -7.27
N LEU B 182 -39.14 27.69 -7.82
CA LEU B 182 -39.30 27.54 -9.26
C LEU B 182 -40.53 28.25 -9.80
N ASN B 183 -41.41 28.73 -8.93
CA ASN B 183 -42.62 29.46 -9.32
C ASN B 183 -43.48 28.62 -10.25
N LEU B 184 -43.81 27.42 -9.79
CA LEU B 184 -44.68 26.53 -10.54
C LEU B 184 -46.13 26.98 -10.42
N THR B 185 -46.95 26.50 -11.36
CA THR B 185 -48.37 26.85 -11.34
C THR B 185 -49.06 26.23 -10.14
N TYR B 186 -50.24 26.77 -9.81
CA TYR B 186 -50.99 26.27 -8.66
C TYR B 186 -51.43 24.84 -8.86
N ALA B 187 -51.78 24.48 -10.10
CA ALA B 187 -52.17 23.10 -10.38
C ALA B 187 -51.02 22.13 -10.12
N THR B 188 -49.83 22.48 -10.58
CA THR B 188 -48.66 21.62 -10.35
C THR B 188 -48.35 21.49 -8.87
N LEU B 189 -48.39 22.60 -8.13
CA LEU B 189 -48.10 22.55 -6.71
C LEU B 189 -49.15 21.74 -5.96
N ALA B 190 -50.43 21.89 -6.33
CA ALA B 190 -51.48 21.14 -5.67
C ALA B 190 -51.39 19.65 -5.96
N SER B 191 -51.09 19.29 -7.21
CA SER B 191 -51.06 17.88 -7.59
C SER B 191 -49.86 17.14 -7.04
N MET B 192 -48.79 17.85 -6.69
CA MET B 192 -47.58 17.18 -6.20
C MET B 192 -47.65 16.83 -4.72
N ILE B 193 -48.63 17.37 -3.99
CA ILE B 193 -48.76 17.10 -2.55
C ILE B 193 -49.35 15.70 -2.41
N LYS B 194 -48.49 14.70 -2.17
CA LYS B 194 -48.95 13.33 -2.06
C LYS B 194 -49.83 13.15 -0.82
N TYR B 195 -49.42 13.72 0.31
CA TYR B 195 -50.16 13.57 1.56
C TYR B 195 -50.51 14.95 2.10
N PRO B 196 -51.73 15.42 1.89
CA PRO B 196 -52.11 16.79 2.30
C PRO B 196 -52.33 16.91 3.81
N ARG B 197 -51.25 16.77 4.57
CA ARG B 197 -51.32 16.95 6.01
C ARG B 197 -49.92 17.25 6.54
N SER B 198 -49.87 17.91 7.69
CA SER B 198 -48.62 18.23 8.36
C SER B 198 -48.34 17.22 9.47
N SER B 199 -47.12 17.29 10.00
CA SER B 199 -46.75 16.41 11.11
C SER B 199 -47.59 16.70 12.35
N GLU B 200 -47.88 17.98 12.60
CA GLU B 200 -48.71 18.34 13.74
C GLU B 200 -50.12 17.79 13.59
N SER B 201 -50.66 17.83 12.37
CA SER B 201 -52.01 17.32 12.13
C SER B 201 -52.07 15.81 12.35
N ASP B 202 -53.22 15.35 12.84
CA ASP B 202 -53.45 13.93 13.13
C ASP B 202 -54.57 13.45 12.20
N SER B 203 -54.19 12.91 11.06
CA SER B 203 -55.14 12.40 10.07
C SER B 203 -55.00 10.89 9.97
N SER B 204 -56.12 10.19 10.12
CA SER B 204 -56.13 8.73 9.97
C SER B 204 -56.08 8.31 8.51
N LEU B 205 -56.43 9.20 7.58
CA LEU B 205 -56.42 8.82 6.17
C LEU B 205 -55.00 8.71 5.64
N TRP B 206 -54.12 9.64 6.00
CA TRP B 206 -52.76 9.68 5.51
C TRP B 206 -51.80 9.40 6.67
N LYS B 207 -50.93 8.42 6.49
CA LYS B 207 -50.01 7.99 7.55
C LYS B 207 -48.73 8.80 7.59
N LYS B 208 -48.45 9.60 6.57
CA LYS B 208 -47.22 10.38 6.48
C LYS B 208 -47.55 11.84 6.23
N HIS B 209 -46.75 12.74 6.81
CA HIS B 209 -46.92 14.15 6.54
C HIS B 209 -46.36 14.51 5.17
N GLY B 210 -46.95 15.52 4.55
CA GLY B 210 -46.58 15.87 3.20
C GLY B 210 -45.81 17.18 3.06
N PHE B 211 -45.72 17.95 4.13
CA PHE B 211 -44.98 19.21 4.08
C PHE B 211 -44.48 19.55 5.47
N PHE B 212 -43.42 20.37 5.50
CA PHE B 212 -42.86 20.83 6.75
C PHE B 212 -43.70 21.98 7.33
N LEU B 213 -43.32 22.42 8.53
CA LEU B 213 -43.92 23.62 9.09
C LEU B 213 -43.59 24.85 8.26
N SER B 214 -42.38 24.88 7.67
CA SER B 214 -41.96 26.05 6.89
C SER B 214 -42.89 26.32 5.71
N GLU B 215 -43.52 25.28 5.18
CA GLU B 215 -44.44 25.44 4.06
C GLU B 215 -45.89 25.54 4.50
N LYS B 216 -46.14 25.61 5.81
CA LYS B 216 -47.51 25.63 6.32
C LYS B 216 -48.33 26.73 5.64
N ASP B 217 -47.77 27.93 5.54
CA ASP B 217 -48.48 29.00 4.83
C ASP B 217 -48.57 28.68 3.34
N VAL B 218 -47.47 28.28 2.72
CA VAL B 218 -47.42 28.12 1.26
C VAL B 218 -48.49 27.12 0.82
N VAL B 219 -48.51 25.95 1.46
CA VAL B 219 -49.52 24.95 1.13
C VAL B 219 -50.91 25.54 1.26
N GLN B 220 -51.16 26.28 2.36
CA GLN B 220 -52.44 26.94 2.54
C GLN B 220 -52.77 27.78 1.31
N ASP B 221 -51.84 28.62 0.87
CA ASP B 221 -52.06 29.43 -0.32
C ASP B 221 -52.49 28.55 -1.49
N ILE B 222 -51.77 27.45 -1.72
CA ILE B 222 -52.11 26.55 -2.81
C ILE B 222 -53.56 26.10 -2.69
N TRP B 223 -53.95 25.66 -1.49
CA TRP B 223 -55.32 25.23 -1.29
C TRP B 223 -56.30 26.35 -1.60
N ASN B 224 -55.98 27.57 -1.13
CA ASN B 224 -56.90 28.68 -1.34
C ASN B 224 -57.05 29.00 -2.81
N ASN B 225 -56.08 28.60 -3.63
CA ASN B 225 -56.15 28.86 -5.06
C ASN B 225 -56.57 27.63 -5.87
N THR B 226 -56.85 26.50 -5.22
CA THR B 226 -57.23 25.30 -5.94
C THR B 226 -58.52 24.66 -5.45
N GLY B 227 -59.20 25.28 -4.47
CA GLY B 227 -60.41 24.70 -3.94
C GLY B 227 -60.21 23.48 -3.07
N LEU B 228 -58.96 23.13 -2.76
CA LEU B 228 -58.67 21.99 -1.92
C LEU B 228 -58.63 22.41 -0.45
N SER B 229 -58.29 21.45 0.41
CA SER B 229 -58.24 21.68 1.84
C SER B 229 -57.37 20.60 2.47
N GLU B 230 -57.17 20.72 3.78
CA GLU B 230 -56.39 19.72 4.50
C GLU B 230 -57.11 18.38 4.49
N GLY B 231 -56.38 17.33 4.14
CA GLY B 231 -56.95 15.99 4.11
C GLY B 231 -57.37 15.55 2.72
N VAL B 232 -57.99 16.44 1.96
CA VAL B 232 -58.41 16.11 0.61
C VAL B 232 -57.22 16.27 -0.34
N ARG B 233 -57.20 15.44 -1.38
CA ARG B 233 -56.05 15.31 -2.26
C ARG B 233 -56.46 15.62 -3.70
N HIS B 234 -55.56 16.25 -4.44
CA HIS B 234 -55.82 16.58 -5.83
C HIS B 234 -56.05 15.30 -6.63
N PRO B 235 -57.04 15.27 -7.52
CA PRO B 235 -57.34 14.01 -8.25
C PRO B 235 -56.16 13.49 -9.06
N PHE B 236 -55.34 14.37 -9.63
CA PHE B 236 -54.20 13.89 -10.42
C PHE B 236 -53.09 13.32 -9.54
N THR B 237 -53.09 13.64 -8.24
CA THR B 237 -52.13 13.02 -7.35
C THR B 237 -52.38 11.51 -7.23
N TYR B 238 -53.64 11.09 -7.30
CA TYR B 238 -53.92 9.65 -7.32
C TYR B 238 -53.35 9.01 -8.58
N ILE B 239 -53.48 9.68 -9.73
CA ILE B 239 -52.89 9.17 -10.96
C ILE B 239 -51.38 9.04 -10.82
N MET B 240 -50.75 10.08 -10.26
CA MET B 240 -49.30 10.04 -10.07
C MET B 240 -48.90 8.91 -9.13
N GLU B 241 -49.62 8.73 -8.02
CA GLU B 241 -49.28 7.67 -7.08
C GLU B 241 -49.44 6.30 -7.71
N ALA B 242 -50.51 6.09 -8.48
CA ALA B 242 -50.69 4.83 -9.17
C ALA B 242 -49.58 4.58 -10.18
N CYS B 243 -49.21 5.61 -10.94
CA CYS B 243 -48.13 5.45 -11.91
C CYS B 243 -46.81 5.15 -11.23
N ASP B 244 -46.53 5.83 -10.11
CA ASP B 244 -45.31 5.56 -9.35
C ASP B 244 -45.30 4.13 -8.85
N ASP B 245 -46.41 3.67 -8.28
CA ASP B 245 -46.48 2.30 -7.76
C ASP B 245 -46.25 1.29 -8.86
N ILE B 246 -46.92 1.46 -10.00
CA ILE B 246 -46.77 0.53 -11.12
C ILE B 246 -45.33 0.54 -11.62
N ALA B 247 -44.78 1.73 -11.87
CA ALA B 247 -43.47 1.89 -12.48
C ALA B 247 -42.33 1.50 -11.55
N TYR B 248 -42.57 1.38 -10.25
CA TYR B 248 -41.49 0.84 -9.46
C TYR B 248 -41.74 -0.64 -9.19
N SER B 249 -43.00 -1.06 -9.03
CA SER B 249 -43.28 -2.47 -8.77
C SER B 249 -42.82 -3.36 -9.92
N VAL B 250 -43.11 -2.96 -11.16
CA VAL B 250 -42.70 -3.78 -12.30
C VAL B 250 -41.21 -3.65 -12.58
N LEU B 251 -40.69 -2.42 -12.54
CA LEU B 251 -39.32 -2.19 -12.95
C LEU B 251 -38.32 -2.71 -11.92
N ASP B 252 -38.68 -2.68 -10.63
CA ASP B 252 -37.80 -3.28 -9.62
C ASP B 252 -37.74 -4.78 -9.77
N ALA B 253 -38.85 -5.42 -10.13
CA ALA B 253 -38.83 -6.85 -10.42
C ALA B 253 -37.94 -7.13 -11.62
N GLU B 254 -38.04 -6.30 -12.67
CA GLU B 254 -37.15 -6.47 -13.81
C GLU B 254 -35.68 -6.31 -13.40
N ASP B 255 -35.38 -5.34 -12.55
CA ASP B 255 -34.01 -5.17 -12.06
C ASP B 255 -33.56 -6.37 -11.25
N ILE B 256 -34.46 -6.95 -10.45
CA ILE B 256 -34.14 -8.13 -9.68
C ILE B 256 -33.75 -9.27 -10.60
N ILE B 257 -34.53 -9.48 -11.66
CA ILE B 257 -34.23 -10.55 -12.61
C ILE B 257 -32.91 -10.27 -13.32
N LYS B 258 -32.67 -9.00 -13.70
CA LYS B 258 -31.43 -8.66 -14.40
C LYS B 258 -30.22 -8.89 -13.51
N LYS B 259 -30.31 -8.52 -12.24
CA LYS B 259 -29.19 -8.68 -11.32
C LYS B 259 -28.88 -10.15 -11.03
N GLY B 260 -29.79 -11.06 -11.34
CA GLY B 260 -29.62 -12.46 -11.05
C GLY B 260 -30.13 -12.91 -9.70
N PHE B 261 -30.81 -12.04 -8.96
CA PHE B 261 -31.36 -12.40 -7.67
C PHE B 261 -32.59 -13.29 -7.77
N ALA B 262 -33.18 -13.41 -8.96
CA ALA B 262 -34.34 -14.26 -9.19
C ALA B 262 -34.42 -14.51 -10.69
N SER B 263 -35.34 -15.39 -11.07
CA SER B 263 -35.54 -15.75 -12.46
C SER B 263 -36.96 -15.42 -12.90
N PHE B 264 -37.19 -15.46 -14.20
CA PHE B 264 -38.53 -15.21 -14.74
C PHE B 264 -39.52 -16.24 -14.21
N HIS B 265 -39.12 -17.51 -14.21
CA HIS B 265 -40.01 -18.55 -13.68
C HIS B 265 -40.25 -18.35 -12.18
N ASP B 266 -39.27 -17.78 -11.46
CA ASP B 266 -39.50 -17.47 -10.06
C ASP B 266 -40.63 -16.47 -9.89
N LEU B 267 -40.62 -15.40 -10.69
CA LEU B 267 -41.70 -14.41 -10.62
C LEU B 267 -43.03 -15.02 -11.04
N ILE B 268 -43.02 -15.84 -12.09
CA ILE B 268 -44.27 -16.46 -12.54
C ILE B 268 -44.85 -17.36 -11.45
N ASP B 269 -43.99 -18.16 -10.81
CA ASP B 269 -44.46 -19.03 -9.74
C ASP B 269 -44.93 -18.23 -8.53
N PHE B 270 -44.24 -17.13 -8.23
CA PHE B 270 -44.68 -16.28 -7.12
C PHE B 270 -46.05 -15.69 -7.38
N ILE B 271 -46.29 -15.24 -8.62
CA ILE B 271 -47.60 -14.66 -8.95
C ILE B 271 -48.68 -15.73 -8.94
N GLN B 272 -48.39 -16.90 -9.51
CA GLN B 272 -49.39 -17.97 -9.56
C GLN B 272 -49.72 -18.51 -8.17
N SER B 273 -48.72 -18.63 -7.31
CA SER B 273 -48.92 -19.17 -5.97
C SER B 273 -49.44 -18.12 -4.99
N ASN B 274 -49.51 -16.85 -5.38
CA ASN B 274 -50.02 -15.82 -4.50
C ASN B 274 -51.49 -16.08 -4.20
N GLN B 275 -51.88 -15.83 -2.94
CA GLN B 275 -53.26 -16.10 -2.53
C GLN B 275 -54.25 -15.24 -3.29
N PHE B 276 -53.94 -13.95 -3.46
CA PHE B 276 -54.88 -13.05 -4.11
C PHE B 276 -54.78 -13.10 -5.63
N CYS B 277 -53.59 -13.36 -6.16
CA CYS B 277 -53.40 -13.47 -7.60
C CYS B 277 -53.74 -14.85 -8.14
N LYS B 278 -54.14 -15.79 -7.29
CA LYS B 278 -54.50 -17.12 -7.75
C LYS B 278 -55.70 -17.08 -8.68
N GLU B 279 -56.69 -16.23 -8.36
CA GLU B 279 -57.90 -16.12 -9.16
C GLU B 279 -58.07 -14.74 -9.80
N ASP B 280 -57.05 -13.88 -9.74
CA ASP B 280 -57.15 -12.56 -10.32
C ASP B 280 -57.13 -12.65 -11.84
N ASP B 281 -58.11 -12.01 -12.49
CA ASP B 281 -58.21 -12.09 -13.94
C ASP B 281 -57.04 -11.37 -14.62
N VAL B 282 -56.66 -10.20 -14.11
CA VAL B 282 -55.54 -9.46 -14.68
C VAL B 282 -54.25 -10.27 -14.55
N ALA B 283 -54.01 -10.83 -13.36
CA ALA B 283 -52.82 -11.64 -13.15
C ALA B 283 -52.84 -12.87 -14.05
N LYS B 284 -54.00 -13.51 -14.19
CA LYS B 284 -54.10 -14.68 -15.07
C LYS B 284 -53.78 -14.30 -16.52
N ARG B 285 -54.31 -13.17 -16.99
CA ARG B 285 -54.04 -12.75 -18.36
C ARG B 285 -52.55 -12.47 -18.56
N VAL B 286 -51.93 -11.76 -17.61
CA VAL B 286 -50.51 -11.44 -17.73
C VAL B 286 -49.68 -12.72 -17.74
N ILE B 287 -49.99 -13.65 -16.83
CA ILE B 287 -49.22 -14.89 -16.75
C ILE B 287 -49.39 -15.70 -18.03
N GLU B 288 -50.61 -15.76 -18.56
CA GLU B 288 -50.85 -16.53 -19.78
C GLU B 288 -50.09 -15.93 -20.96
N ASN B 289 -50.13 -14.61 -21.12
CA ASN B 289 -49.40 -13.97 -22.21
C ASN B 289 -47.89 -14.18 -22.07
N CYS B 290 -47.37 -14.02 -20.85
CA CYS B 290 -45.94 -14.20 -20.64
C CYS B 290 -45.52 -15.63 -20.91
N LYS B 291 -46.33 -16.61 -20.49
CA LYS B 291 -46.01 -18.01 -20.77
C LYS B 291 -46.04 -18.29 -22.26
N LYS B 292 -47.02 -17.73 -22.97
CA LYS B 292 -47.10 -17.93 -24.41
C LYS B 292 -45.88 -17.36 -25.12
N ILE B 293 -45.43 -16.17 -24.72
CA ILE B 293 -44.25 -15.59 -25.33
C ILE B 293 -42.98 -16.36 -24.95
N HIS B 294 -42.90 -16.79 -23.69
CA HIS B 294 -41.71 -17.50 -23.24
C HIS B 294 -41.57 -18.87 -23.90
N ALA B 295 -42.69 -19.52 -24.22
CA ALA B 295 -42.62 -20.79 -24.94
C ALA B 295 -41.96 -20.61 -26.30
N ASP B 296 -42.32 -19.54 -27.02
CA ASP B 296 -41.67 -19.25 -28.29
C ASP B 296 -40.22 -18.84 -28.09
N TYR B 297 -39.93 -18.08 -27.03
CA TYR B 297 -38.57 -17.61 -26.80
C TYR B 297 -37.62 -18.75 -26.47
N ALA B 298 -38.10 -19.77 -25.75
CA ALA B 298 -37.22 -20.85 -25.32
C ALA B 298 -36.71 -21.70 -26.47
N GLN B 299 -37.34 -21.62 -27.65
CA GLN B 299 -36.90 -22.41 -28.79
C GLN B 299 -35.50 -22.01 -29.24
N GLN B 300 -35.21 -20.71 -29.24
CA GLN B 300 -33.93 -20.24 -29.74
C GLN B 300 -32.80 -20.62 -28.78
N LYS B 301 -31.61 -20.79 -29.34
CA LYS B 301 -30.41 -21.12 -28.57
C LYS B 301 -30.02 -19.91 -27.74
N LEU B 302 -30.29 -19.98 -26.44
CA LEU B 302 -30.12 -18.84 -25.54
C LEU B 302 -29.52 -19.30 -24.23
N SER B 303 -28.72 -18.43 -23.62
CA SER B 303 -28.27 -18.65 -22.26
C SER B 303 -29.44 -18.38 -21.30
N PRO B 304 -29.42 -19.01 -20.11
CA PRO B 304 -30.51 -18.76 -19.14
C PRO B 304 -30.68 -17.30 -18.79
N ALA B 305 -29.57 -16.56 -18.63
CA ALA B 305 -29.67 -15.15 -18.28
C ALA B 305 -30.37 -14.35 -19.37
N GLU B 306 -30.02 -14.58 -20.63
CA GLU B 306 -30.65 -13.87 -21.72
C GLU B 306 -32.13 -14.25 -21.86
N LEU B 307 -32.45 -15.53 -21.66
CA LEU B 307 -33.84 -15.95 -21.71
C LEU B 307 -34.66 -15.27 -20.62
N ASN B 308 -34.13 -15.21 -19.39
CA ASN B 308 -34.83 -14.53 -18.31
C ASN B 308 -34.99 -13.05 -18.63
N ASP B 309 -33.92 -12.42 -19.14
CA ASP B 309 -33.97 -11.00 -19.44
C ASP B 309 -35.04 -10.68 -20.47
N MET B 310 -35.04 -11.41 -21.58
CA MET B 310 -36.00 -11.09 -22.64
C MET B 310 -37.40 -11.61 -22.37
N SER B 311 -37.56 -12.55 -21.43
CA SER B 311 -38.90 -12.89 -20.97
C SER B 311 -39.46 -11.81 -20.07
N MET B 312 -38.63 -11.27 -19.18
CA MET B 312 -39.08 -10.17 -18.33
C MET B 312 -39.30 -8.91 -19.15
N GLN B 313 -38.58 -8.77 -20.26
CA GLN B 313 -38.81 -7.63 -21.14
C GLN B 313 -40.22 -7.62 -21.73
N MET B 314 -40.83 -8.79 -21.92
CA MET B 314 -42.22 -8.86 -22.36
C MET B 314 -43.19 -8.84 -21.19
N PHE B 315 -42.78 -9.43 -20.06
CA PHE B 315 -43.61 -9.34 -18.86
C PHE B 315 -43.83 -7.90 -18.46
N ARG B 316 -42.79 -7.07 -18.55
CA ARG B 316 -42.93 -5.65 -18.22
C ARG B 316 -43.95 -4.98 -19.13
N VAL B 317 -43.88 -5.25 -20.43
CA VAL B 317 -44.82 -4.63 -21.37
C VAL B 317 -46.25 -5.03 -21.03
N TYR B 318 -46.48 -6.34 -20.88
CA TYR B 318 -47.84 -6.80 -20.62
C TYR B 318 -48.37 -6.28 -19.30
N ALA B 319 -47.57 -6.38 -18.24
CA ALA B 319 -48.02 -5.94 -16.92
C ALA B 319 -48.26 -4.44 -16.88
N ILE B 320 -47.37 -3.65 -17.49
CA ILE B 320 -47.55 -2.21 -17.49
C ILE B 320 -48.80 -1.83 -18.27
N ALA B 321 -49.02 -2.45 -19.43
CA ALA B 321 -50.23 -2.14 -20.19
C ALA B 321 -51.49 -2.47 -19.39
N GLU B 322 -51.54 -3.67 -18.80
CA GLU B 322 -52.73 -4.07 -18.05
C GLU B 322 -52.95 -3.17 -16.85
N LEU B 323 -51.90 -2.87 -16.09
CA LEU B 323 -52.04 -2.05 -14.89
C LEU B 323 -52.45 -0.62 -15.25
N VAL B 324 -51.87 -0.05 -16.31
CA VAL B 324 -52.22 1.30 -16.73
C VAL B 324 -53.68 1.35 -17.18
N ASP B 325 -54.12 0.35 -17.95
CA ASP B 325 -55.51 0.33 -18.39
C ASP B 325 -56.45 0.21 -17.20
N ALA B 326 -56.11 -0.66 -16.23
CA ALA B 326 -56.94 -0.81 -15.05
C ALA B 326 -57.01 0.48 -14.25
N VAL B 327 -55.87 1.18 -14.11
CA VAL B 327 -55.83 2.43 -13.36
C VAL B 327 -56.70 3.48 -14.06
N VAL B 328 -56.61 3.57 -15.38
CA VAL B 328 -57.42 4.53 -16.12
C VAL B 328 -58.90 4.23 -15.95
N ILE B 329 -59.27 2.95 -16.03
CA ILE B 329 -60.67 2.58 -15.87
C ILE B 329 -61.16 2.92 -14.46
N ALA B 330 -60.34 2.65 -13.44
CA ALA B 330 -60.72 2.97 -12.08
C ALA B 330 -60.88 4.47 -11.88
N PHE B 331 -59.98 5.27 -12.47
CA PHE B 331 -60.09 6.71 -12.37
C PHE B 331 -61.37 7.21 -13.04
N LYS B 332 -61.68 6.68 -14.23
CA LYS B 332 -62.88 7.11 -14.93
C LYS B 332 -64.14 6.74 -14.16
N ASP B 333 -64.17 5.54 -13.59
CA ASP B 333 -65.37 5.10 -12.86
C ASP B 333 -65.59 5.92 -11.60
N ASN B 334 -64.52 6.26 -10.88
CA ASN B 334 -64.63 6.94 -9.59
C ASN B 334 -64.32 8.43 -9.68
N ILE B 335 -64.47 9.03 -10.86
CA ILE B 335 -64.10 10.43 -11.04
C ILE B 335 -64.96 11.34 -10.16
N ASN B 336 -66.24 10.99 -10.00
CA ASN B 336 -67.11 11.79 -9.15
C ASN B 336 -66.67 11.73 -7.69
N GLU B 337 -66.27 10.56 -7.22
CA GLU B 337 -65.80 10.44 -5.84
C GLU B 337 -64.48 11.19 -5.65
N PHE B 338 -63.60 11.14 -6.65
CA PHE B 338 -62.34 11.86 -6.55
C PHE B 338 -62.56 13.37 -6.53
N LEU B 339 -63.61 13.85 -7.20
CA LEU B 339 -63.93 15.26 -7.24
C LEU B 339 -64.75 15.71 -6.03
N ASN B 340 -65.08 14.80 -5.12
CA ASN B 340 -65.80 15.16 -3.91
C ASN B 340 -64.88 15.92 -2.96
N ASP B 341 -65.46 16.87 -2.23
CA ASP B 341 -64.69 17.67 -1.28
C ASP B 341 -64.17 16.85 -0.11
N THR B 342 -64.75 15.69 0.15
CA THR B 342 -64.36 14.83 1.27
C THR B 342 -64.08 13.42 0.79
N CYS B 343 -63.29 13.30 -0.27
CA CYS B 343 -62.94 11.99 -0.80
C CYS B 343 -62.11 11.21 0.22
N GLU B 344 -62.33 9.90 0.28
CA GLU B 344 -61.67 9.04 1.25
C GLU B 344 -60.93 7.89 0.59
N ILE B 345 -60.74 7.91 -0.72
CA ILE B 345 -60.05 6.83 -1.40
C ILE B 345 -58.57 6.87 -1.03
N LYS B 346 -58.05 5.73 -0.57
CA LYS B 346 -56.66 5.67 -0.16
C LYS B 346 -55.73 5.77 -1.37
N ASP B 347 -56.01 5.01 -2.42
CA ASP B 347 -55.17 5.03 -3.61
C ASP B 347 -55.97 4.51 -4.79
N LEU B 348 -55.48 4.83 -5.99
CA LEU B 348 -56.16 4.41 -7.21
C LEU B 348 -55.94 2.92 -7.48
N ILE B 349 -54.79 2.39 -7.10
CA ILE B 349 -54.48 0.98 -7.36
C ILE B 349 -55.43 0.08 -6.57
N SER B 350 -55.66 0.40 -5.30
CA SER B 350 -56.47 -0.48 -4.45
C SER B 350 -57.92 -0.54 -4.91
N CYS B 351 -58.42 0.51 -5.54
CA CYS B 351 -59.78 0.55 -6.05
C CYS B 351 -59.88 0.04 -7.48
N SER B 352 -58.79 -0.44 -8.05
CA SER B 352 -58.73 -0.91 -9.42
C SER B 352 -58.71 -2.43 -9.46
N SER B 353 -58.72 -2.97 -10.68
CA SER B 353 -58.65 -4.41 -10.86
C SER B 353 -57.22 -4.94 -10.84
N GLY B 354 -56.22 -4.06 -10.86
CA GLY B 354 -54.83 -4.44 -10.77
C GLY B 354 -54.24 -4.39 -9.38
N LYS B 355 -55.09 -4.31 -8.34
CA LYS B 355 -54.57 -4.23 -6.98
C LYS B 355 -53.78 -5.48 -6.61
N ASN B 356 -54.32 -6.67 -6.92
CA ASN B 356 -53.67 -7.90 -6.52
C ASN B 356 -52.32 -8.07 -7.19
N LEU B 357 -52.24 -7.79 -8.50
CA LEU B 357 -50.99 -7.97 -9.21
C LEU B 357 -49.92 -6.99 -8.71
N CYS B 358 -50.30 -5.74 -8.49
CA CYS B 358 -49.34 -4.76 -7.99
C CYS B 358 -48.87 -5.12 -6.59
N GLN B 359 -49.79 -5.55 -5.72
CA GLN B 359 -49.41 -5.94 -4.36
C GLN B 359 -48.49 -7.14 -4.39
N ALA B 360 -48.78 -8.13 -5.24
CA ALA B 360 -47.91 -9.29 -5.34
C ALA B 360 -46.53 -8.92 -5.86
N LEU B 361 -46.47 -8.01 -6.84
CA LEU B 361 -45.18 -7.56 -7.34
C LEU B 361 -44.39 -6.84 -6.25
N LYS B 362 -45.07 -6.02 -5.46
CA LYS B 362 -44.40 -5.33 -4.36
C LYS B 362 -43.87 -6.33 -3.33
N LYS B 363 -44.67 -7.36 -3.02
CA LYS B 363 -44.21 -8.39 -2.08
C LYS B 363 -43.01 -9.14 -2.65
N PHE B 364 -43.03 -9.44 -3.95
CA PHE B 364 -41.90 -10.12 -4.58
C PHE B 364 -40.65 -9.25 -4.53
N ASP B 365 -40.79 -7.95 -4.78
CA ASP B 365 -39.65 -7.04 -4.68
C ASP B 365 -39.12 -6.97 -3.25
N SER B 366 -40.01 -6.96 -2.26
CA SER B 366 -39.59 -6.95 -0.88
C SER B 366 -38.83 -8.22 -0.52
N SER B 367 -39.33 -9.37 -0.97
CA SER B 367 -38.72 -10.64 -0.63
C SER B 367 -37.36 -10.82 -1.31
N ARG B 368 -37.30 -10.53 -2.61
CA ARG B 368 -36.11 -10.80 -3.40
C ARG B 368 -35.21 -9.60 -3.62
N GLY B 369 -35.78 -8.42 -3.87
CA GLY B 369 -34.98 -7.24 -4.13
C GLY B 369 -34.38 -6.65 -2.87
N TYR B 370 -35.23 -6.18 -1.97
CA TYR B 370 -34.73 -5.75 -0.67
C TYR B 370 -34.55 -7.00 0.18
N GLN B 371 -34.05 -6.84 1.40
CA GLN B 371 -33.77 -7.95 2.30
C GLN B 371 -32.78 -8.93 1.68
N HIS B 372 -32.00 -8.46 0.71
CA HIS B 372 -30.95 -9.26 0.08
C HIS B 372 -29.62 -8.91 0.72
N ARG B 373 -28.71 -9.89 0.73
CA ARG B 373 -27.46 -9.74 1.46
C ARG B 373 -26.68 -8.51 1.01
N SER B 374 -26.46 -8.39 -0.30
CA SER B 374 -25.72 -7.24 -0.82
C SER B 374 -26.48 -5.95 -0.57
N VAL B 375 -27.79 -5.95 -0.77
CA VAL B 375 -28.59 -4.74 -0.56
C VAL B 375 -28.55 -4.33 0.90
N LEU B 376 -28.69 -5.30 1.82
CA LEU B 376 -28.66 -4.97 3.24
C LEU B 376 -27.30 -4.43 3.65
N LYS B 377 -26.22 -5.05 3.17
CA LYS B 377 -24.88 -4.57 3.52
C LYS B 377 -24.65 -3.16 2.99
N LEU B 378 -25.05 -2.91 1.74
CA LEU B 378 -24.89 -1.58 1.17
C LEU B 378 -25.73 -0.56 1.90
N GLU B 379 -26.93 -0.94 2.33
CA GLU B 379 -27.78 -0.01 3.09
C GLU B 379 -27.19 0.30 4.45
N LEU B 380 -26.59 -0.69 5.12
CA LEU B 380 -25.92 -0.41 6.39
C LEU B 380 -24.73 0.53 6.18
N GLU B 381 -23.96 0.30 5.12
CA GLU B 381 -22.85 1.21 4.82
C GLU B 381 -23.35 2.62 4.54
N GLY B 382 -24.43 2.74 3.79
CA GLY B 382 -24.99 4.05 3.51
C GLY B 382 -25.53 4.73 4.75
N SER B 383 -26.14 3.96 5.65
CA SER B 383 -26.60 4.52 6.92
C SER B 383 -25.43 5.04 7.75
N ASN B 384 -24.35 4.28 7.82
CA ASN B 384 -23.16 4.76 8.53
C ASN B 384 -22.61 6.03 7.89
N TYR B 385 -22.54 6.06 6.56
CA TYR B 385 -22.04 7.23 5.87
C TYR B 385 -22.90 8.45 6.15
N ILE B 386 -24.22 8.29 6.05
CA ILE B 386 -25.14 9.41 6.26
C ILE B 386 -25.06 9.91 7.69
N LYS B 387 -25.05 8.98 8.66
CA LYS B 387 -24.99 9.39 10.05
C LYS B 387 -23.68 10.10 10.37
N GLY B 388 -22.56 9.60 9.86
CA GLY B 388 -21.29 10.27 10.09
C GLY B 388 -21.24 11.65 9.46
N LEU B 389 -21.73 11.77 8.23
CA LEU B 389 -21.77 13.08 7.57
C LEU B 389 -22.65 14.06 8.34
N MET B 390 -23.80 13.60 8.84
CA MET B 390 -24.69 14.50 9.55
C MET B 390 -24.11 14.89 10.90
N ASP B 391 -23.42 13.96 11.56
CA ASP B 391 -22.71 14.31 12.79
C ASP B 391 -21.64 15.37 12.52
N MET B 392 -20.91 15.23 11.41
CA MET B 392 -19.88 16.19 11.09
C MET B 392 -20.46 17.57 10.75
N LEU B 393 -21.59 17.58 10.02
CA LEU B 393 -22.19 18.85 9.64
C LEU B 393 -22.85 19.55 10.82
N TRP B 394 -23.36 18.78 11.79
CA TRP B 394 -23.99 19.39 12.95
C TRP B 394 -23.00 20.21 13.75
N LEU B 395 -21.71 19.90 13.66
CA LEU B 395 -20.71 20.72 14.33
C LEU B 395 -20.66 22.13 13.78
N GLY B 396 -20.82 22.30 12.47
CA GLY B 396 -20.85 23.59 11.84
C GLY B 396 -22.21 24.23 11.73
N ILE B 397 -23.29 23.49 11.96
CA ILE B 397 -24.65 24.00 11.85
C ILE B 397 -25.22 24.38 13.21
N LYS B 398 -25.04 23.52 14.21
CA LYS B 398 -25.70 23.73 15.50
C LYS B 398 -25.24 25.03 16.15
N GLY B 399 -26.19 25.79 16.68
CA GLY B 399 -25.91 27.04 17.34
C GLY B 399 -25.78 28.24 16.42
N ARG B 400 -25.86 28.04 15.10
CA ARG B 400 -25.70 29.15 14.16
C ARG B 400 -26.85 30.15 14.30
N ALA B 401 -28.07 29.65 14.51
CA ALA B 401 -29.24 30.51 14.62
C ALA B 401 -29.63 30.82 16.06
N THR B 402 -29.46 29.86 16.98
CA THR B 402 -29.80 30.11 18.38
C THR B 402 -28.90 31.19 18.99
N GLY B 403 -27.60 31.14 18.70
CA GLY B 403 -26.68 32.11 19.24
C GLY B 403 -25.46 31.49 19.89
N ASP B 404 -25.54 30.21 20.23
CA ASP B 404 -24.42 29.52 20.86
C ASP B 404 -23.25 29.43 19.88
N THR B 405 -22.11 30.01 20.26
CA THR B 405 -20.95 30.06 19.38
C THR B 405 -20.07 28.82 19.53
N GLN B 406 -20.68 27.66 19.40
CA GLN B 406 -19.93 26.40 19.35
C GLN B 406 -19.51 26.03 17.93
N TYR B 407 -19.98 26.76 16.93
CA TYR B 407 -19.66 26.51 15.53
C TYR B 407 -18.43 27.26 15.07
N ASP B 408 -17.80 28.03 15.95
CA ASP B 408 -16.74 28.96 15.55
C ASP B 408 -15.39 28.28 15.39
N THR B 409 -15.29 26.98 15.64
CA THR B 409 -14.06 26.25 15.38
C THR B 409 -13.79 26.24 13.87
N PRO B 410 -12.51 26.20 13.47
CA PRO B 410 -12.19 26.26 12.04
C PRO B 410 -12.87 25.15 11.23
N PHE B 411 -12.95 23.95 11.80
CA PHE B 411 -13.67 22.87 11.13
C PHE B 411 -15.15 23.22 10.96
N GLY B 412 -15.76 23.83 11.96
CA GLY B 412 -17.15 24.22 11.83
C GLY B 412 -17.36 25.27 10.75
N ARG B 413 -16.47 26.26 10.68
CA ARG B 413 -16.59 27.29 9.65
C ARG B 413 -16.41 26.68 8.26
N TYR B 414 -15.43 25.80 8.09
CA TYR B 414 -15.23 25.15 6.80
C TYR B 414 -16.43 24.28 6.43
N VAL B 415 -16.96 23.54 7.39
CA VAL B 415 -18.13 22.70 7.13
C VAL B 415 -19.32 23.54 6.70
N TYR B 416 -19.56 24.65 7.40
CA TYR B 416 -20.65 25.55 6.99
C TYR B 416 -20.41 26.09 5.59
N GLY B 417 -19.17 26.45 5.27
CA GLY B 417 -18.85 26.90 3.92
C GLY B 417 -19.00 25.83 2.87
N ARG B 418 -18.95 24.56 3.26
CA ARG B 418 -19.12 23.46 2.33
C ARG B 418 -20.57 23.13 2.04
N ILE B 419 -21.51 23.70 2.80
CA ILE B 419 -22.93 23.48 2.56
C ILE B 419 -23.36 24.31 1.36
N SER B 420 -24.44 23.88 0.70
CA SER B 420 -24.94 24.59 -0.47
C SER B 420 -25.30 26.02 -0.12
N GLU B 421 -24.97 26.95 -1.02
CA GLU B 421 -25.23 28.35 -0.77
C GLU B 421 -26.72 28.68 -0.85
N ASN B 422 -27.47 27.94 -1.67
CA ASN B 422 -28.92 28.14 -1.70
C ASN B 422 -29.55 27.77 -0.37
N TYR B 423 -29.15 26.64 0.20
CA TYR B 423 -29.72 26.20 1.46
C TYR B 423 -29.30 27.13 2.60
N ARG B 424 -28.06 27.62 2.56
CA ARG B 424 -27.62 28.59 3.55
C ARG B 424 -28.38 29.91 3.40
N ARG B 425 -28.62 30.34 2.16
CA ARG B 425 -29.38 31.56 1.93
C ARG B 425 -30.80 31.44 2.48
N ILE B 426 -31.43 30.29 2.26
CA ILE B 426 -32.75 30.08 2.85
C ILE B 426 -32.66 30.01 4.37
N PHE B 427 -31.57 29.43 4.89
CA PHE B 427 -31.41 29.31 6.34
C PHE B 427 -31.23 30.67 7.00
N GLU B 428 -30.54 31.59 6.33
CA GLU B 428 -30.27 32.91 6.90
C GLU B 428 -31.41 33.89 6.68
N GLN B 429 -32.49 33.48 6.01
CA GLN B 429 -33.63 34.37 5.84
C GLN B 429 -34.32 34.63 7.16
N GLU B 430 -34.97 35.78 7.25
CA GLU B 430 -35.70 36.17 8.46
C GLU B 430 -37.14 35.70 8.34
N ASN B 431 -37.56 34.82 9.26
CA ASN B 431 -38.92 34.31 9.28
C ASN B 431 -39.29 34.01 10.73
N ASN B 432 -40.46 33.40 10.91
CA ASN B 432 -40.98 33.10 12.25
C ASN B 432 -40.63 31.69 12.72
N LEU B 433 -39.85 30.94 11.95
CA LEU B 433 -39.50 29.60 12.35
C LEU B 433 -38.57 29.61 13.56
N PRO B 434 -38.68 28.61 14.44
CA PRO B 434 -37.75 28.52 15.57
C PRO B 434 -36.32 28.30 15.08
N ALA B 435 -35.36 28.81 15.87
CA ALA B 435 -33.96 28.73 15.47
C ALA B 435 -33.50 27.28 15.38
N CYS B 436 -33.87 26.45 16.35
CA CYS B 436 -33.51 25.04 16.28
C CYS B 436 -34.16 24.38 15.07
N TYR B 437 -35.41 24.74 14.77
CA TYR B 437 -36.05 24.22 13.58
C TYR B 437 -35.31 24.65 12.32
N LYS B 438 -34.85 25.90 12.27
CA LYS B 438 -34.09 26.36 11.10
C LYS B 438 -32.79 25.59 10.95
N GLU B 439 -32.08 25.36 12.06
CA GLU B 439 -30.82 24.61 11.99
C GLU B 439 -31.06 23.18 11.50
N ALA B 440 -32.05 22.50 12.08
CA ALA B 440 -32.35 21.14 11.65
C ALA B 440 -32.81 21.10 10.20
N GLN B 441 -33.61 22.08 9.77
CA GLN B 441 -34.04 22.13 8.39
C GLN B 441 -32.86 22.35 7.45
N LEU B 442 -31.90 23.20 7.84
CA LEU B 442 -30.71 23.38 7.04
C LEU B 442 -29.94 22.09 6.88
N LEU B 443 -29.77 21.36 7.99
CA LEU B 443 -29.06 20.08 7.90
C LEU B 443 -29.81 19.09 7.02
N ALA B 444 -31.13 19.01 7.16
CA ALA B 444 -31.92 18.08 6.37
C ALA B 444 -31.87 18.43 4.90
N ASP B 445 -31.97 19.73 4.57
CA ASP B 445 -31.89 20.16 3.19
C ASP B 445 -30.51 19.86 2.60
N ALA B 446 -29.46 20.09 3.38
CA ALA B 446 -28.11 19.80 2.89
C ALA B 446 -27.93 18.32 2.60
N ILE B 447 -28.41 17.45 3.51
CA ILE B 447 -28.13 16.03 3.37
C ILE B 447 -29.03 15.39 2.33
N SER B 448 -30.32 15.73 2.33
CA SER B 448 -31.28 15.07 1.44
C SER B 448 -30.97 15.34 -0.03
N GLY B 449 -30.36 16.48 -0.33
CA GLY B 449 -30.06 16.82 -1.71
C GLY B 449 -28.84 16.15 -2.29
N MET B 450 -28.02 15.53 -1.45
CA MET B 450 -26.78 14.90 -1.92
C MET B 450 -27.07 13.63 -2.70
N THR B 451 -26.27 13.39 -3.73
CA THR B 451 -26.24 12.08 -4.37
C THR B 451 -25.41 11.12 -3.52
N ASP B 452 -25.45 9.84 -3.90
CA ASP B 452 -24.69 8.84 -3.14
C ASP B 452 -23.20 9.09 -3.25
N SER B 453 -22.69 9.25 -4.46
CA SER B 453 -21.26 9.45 -4.66
C SER B 453 -20.77 10.73 -4.00
N TYR B 454 -21.55 11.81 -4.15
CA TYR B 454 -21.20 13.06 -3.49
C TYR B 454 -21.18 12.90 -1.98
N LEU B 455 -22.16 12.17 -1.42
CA LEU B 455 -22.19 11.95 0.01
C LEU B 455 -20.95 11.18 0.47
N ILE B 456 -20.56 10.12 -0.25
CA ILE B 456 -19.39 9.35 0.13
C ILE B 456 -18.14 10.21 0.06
N ALA B 457 -17.98 10.97 -1.03
CA ALA B 457 -16.79 11.79 -1.19
C ALA B 457 -16.70 12.86 -0.10
N LEU B 458 -17.81 13.53 0.18
CA LEU B 458 -17.80 14.55 1.22
C LEU B 458 -17.54 13.95 2.58
N HIS B 459 -18.13 12.79 2.88
CA HIS B 459 -17.88 12.14 4.16
C HIS B 459 -16.40 11.80 4.32
N ASP B 460 -15.80 11.20 3.29
CA ASP B 460 -14.38 10.85 3.38
C ASP B 460 -13.51 12.09 3.54
N GLU B 461 -13.79 13.14 2.75
CA GLU B 461 -12.96 14.34 2.81
C GLU B 461 -13.07 15.02 4.17
N LEU B 462 -14.29 15.16 4.69
CA LEU B 462 -14.46 15.80 5.99
C LEU B 462 -13.92 14.94 7.12
N ARG B 463 -14.00 13.61 7.01
CA ARG B 463 -13.42 12.73 8.02
C ARG B 463 -11.90 12.88 8.03
N ALA B 464 -11.30 13.00 6.84
CA ALA B 464 -9.87 13.28 6.78
C ALA B 464 -9.55 14.64 7.40
N LEU B 465 -10.42 15.64 7.16
CA LEU B 465 -10.17 16.98 7.68
C LEU B 465 -10.52 17.11 9.16
N HIS B 466 -11.25 16.14 9.72
CA HIS B 466 -11.68 16.20 11.12
C HIS B 466 -10.72 15.50 12.07
N GLN B 467 -9.58 15.01 11.57
CA GLN B 467 -8.70 14.18 12.40
C GLN B 467 -8.16 14.93 13.61
N TYR B 468 -7.98 16.25 13.50
CA TYR B 468 -7.42 17.00 14.63
C TYR B 468 -8.47 17.26 15.69
N GLU B 469 -9.61 17.83 15.30
CA GLU B 469 -10.62 18.20 16.29
C GLU B 469 -11.26 16.97 16.92
N CYS B 470 -11.27 15.84 16.19
CA CYS B 470 -11.76 14.59 16.77
C CYS B 470 -10.80 14.05 17.81
N ARG B 471 -9.57 14.57 17.84
CA ARG B 471 -8.52 14.11 18.76
C ARG B 471 -8.35 12.59 18.74
N SER C 2 -18.62 -64.34 -19.71
CA SER C 2 -18.44 -65.61 -19.00
C SER C 2 -17.42 -65.46 -17.88
N MET C 3 -17.21 -64.22 -17.42
CA MET C 3 -16.28 -63.98 -16.34
C MET C 3 -16.81 -64.56 -15.03
N HIS C 4 -15.89 -65.01 -14.19
CA HIS C 4 -16.22 -65.61 -12.91
C HIS C 4 -15.96 -64.63 -11.78
N TRP C 5 -16.85 -64.62 -10.78
CA TRP C 5 -16.69 -63.73 -9.64
C TRP C 5 -15.48 -64.10 -8.79
N ASN C 6 -14.97 -65.32 -8.92
CA ASN C 6 -13.80 -65.71 -8.13
C ASN C 6 -12.58 -64.87 -8.49
N ASP C 7 -12.36 -64.63 -9.78
CA ASP C 7 -11.23 -63.82 -10.22
C ASP C 7 -11.57 -62.34 -10.29
N LEU C 8 -12.83 -61.99 -10.48
CA LEU C 8 -13.22 -60.58 -10.45
C LEU C 8 -13.07 -60.00 -9.04
N LEU C 9 -13.32 -60.82 -8.01
CA LEU C 9 -13.12 -60.43 -6.62
C LEU C 9 -11.80 -60.96 -6.08
N ASN C 10 -10.76 -61.01 -6.92
CA ASN C 10 -9.47 -61.56 -6.49
C ASN C 10 -8.88 -60.70 -5.38
N SER C 11 -8.62 -61.34 -4.24
CA SER C 11 -8.13 -60.66 -3.06
C SER C 11 -6.60 -60.62 -2.99
N ASN C 12 -5.91 -61.20 -3.96
CA ASN C 12 -4.45 -61.19 -3.96
C ASN C 12 -3.94 -59.79 -4.31
N ARG C 13 -2.67 -59.57 -4.01
CA ARG C 13 -2.01 -58.29 -4.25
C ARG C 13 -0.84 -58.47 -5.20
N ARG C 14 -0.44 -57.36 -5.83
CA ARG C 14 0.60 -57.43 -6.86
C ARG C 14 1.95 -57.77 -6.27
N LYS C 15 2.28 -57.22 -5.11
CA LYS C 15 3.59 -57.46 -4.52
C LYS C 15 3.72 -58.93 -4.12
N PRO C 16 4.80 -59.60 -4.50
CA PRO C 16 4.97 -61.01 -4.11
C PRO C 16 5.01 -61.15 -2.59
N LYS C 17 4.35 -62.20 -2.09
CA LYS C 17 4.27 -62.44 -0.65
C LYS C 17 5.52 -63.17 -0.16
N THR C 27 -0.46 -57.46 11.66
CA THR C 27 -1.59 -56.69 11.13
C THR C 27 -2.62 -57.61 10.50
N SER C 28 -3.62 -57.00 9.84
CA SER C 28 -4.69 -57.72 9.16
C SER C 28 -5.40 -58.70 10.11
N LYS C 29 -5.67 -58.24 11.33
CA LYS C 29 -6.35 -59.05 12.32
C LYS C 29 -7.86 -58.83 12.19
N GLY C 30 -8.56 -59.87 11.76
CA GLY C 30 -10.00 -59.77 11.57
C GLY C 30 -10.41 -58.78 10.51
N ARG C 31 -9.62 -58.62 9.46
CA ARG C 31 -9.92 -57.70 8.38
C ARG C 31 -9.62 -58.38 7.04
N GLN C 32 -10.58 -58.34 6.14
CA GLN C 32 -10.33 -58.82 4.78
C GLN C 32 -9.38 -57.89 4.05
N GLN C 33 -8.68 -58.43 3.06
CA GLN C 33 -7.74 -57.62 2.28
C GLN C 33 -8.46 -56.48 1.58
N ILE C 34 -9.66 -56.74 1.07
CA ILE C 34 -10.45 -55.68 0.43
C ILE C 34 -10.76 -54.57 1.44
N GLU C 35 -11.06 -54.95 2.69
CA GLU C 35 -11.28 -53.94 3.72
C GLU C 35 -10.01 -53.13 3.96
N ARG C 36 -8.85 -53.79 3.99
CA ARG C 36 -7.59 -53.08 4.17
C ARG C 36 -7.29 -52.14 3.02
N ASP C 37 -7.81 -52.43 1.82
CA ASP C 37 -7.66 -51.49 0.71
C ASP C 37 -8.32 -50.16 1.02
N TYR C 38 -9.51 -50.19 1.63
CA TYR C 38 -10.19 -48.95 1.99
C TYR C 38 -9.37 -48.16 3.01
N ASP C 39 -8.78 -48.84 3.98
CA ASP C 39 -7.95 -48.15 4.96
C ASP C 39 -6.71 -47.56 4.30
N ARG C 40 -6.09 -48.29 3.38
CA ARG C 40 -4.92 -47.76 2.67
C ARG C 40 -5.29 -46.52 1.88
N ILE C 41 -6.44 -46.54 1.19
CA ILE C 41 -6.84 -45.40 0.39
C ILE C 41 -7.19 -44.20 1.27
N LEU C 42 -7.93 -44.44 2.36
CA LEU C 42 -8.37 -43.34 3.21
C LEU C 42 -7.20 -42.67 3.90
N PHE C 43 -6.23 -43.44 4.38
CA PHE C 43 -5.09 -42.90 5.11
C PHE C 43 -4.00 -42.35 4.21
N ALA C 44 -4.26 -42.27 2.90
CA ALA C 44 -3.27 -41.74 1.96
C ALA C 44 -3.36 -40.22 1.89
N ALA C 45 -2.21 -39.60 1.69
CA ALA C 45 -2.15 -38.14 1.60
C ALA C 45 -3.02 -37.57 0.47
N PRO C 46 -3.06 -38.15 -0.73
CA PRO C 46 -3.94 -37.59 -1.77
C PRO C 46 -5.40 -37.54 -1.37
N THR C 47 -5.88 -38.50 -0.57
CA THR C 47 -7.26 -38.45 -0.11
C THR C 47 -7.49 -37.20 0.73
N ARG C 48 -6.57 -36.87 1.63
CA ARG C 48 -6.70 -35.65 2.41
C ARG C 48 -6.57 -34.40 1.53
N ARG C 49 -5.65 -34.43 0.57
CA ARG C 49 -5.49 -33.29 -0.34
C ARG C 49 -6.71 -33.08 -1.22
N LEU C 50 -7.55 -34.11 -1.40
CA LEU C 50 -8.79 -33.93 -2.14
C LEU C 50 -9.70 -32.89 -1.51
N ALA C 51 -9.52 -32.59 -0.22
CA ALA C 51 -10.34 -31.60 0.45
C ALA C 51 -10.15 -30.20 -0.11
N ASP C 52 -9.06 -29.93 -0.84
CA ASP C 52 -8.81 -28.62 -1.42
C ASP C 52 -8.72 -28.69 -2.94
N LYS C 53 -9.45 -29.60 -3.57
CA LYS C 53 -9.56 -29.68 -5.02
C LYS C 53 -11.01 -29.43 -5.42
N THR C 54 -11.19 -28.66 -6.49
CA THR C 54 -12.52 -28.21 -6.87
C THR C 54 -13.31 -29.32 -7.55
N GLN C 55 -14.62 -29.31 -7.29
CA GLN C 55 -15.56 -30.13 -8.04
C GLN C 55 -16.14 -29.33 -9.20
N VAL C 56 -16.80 -28.22 -8.89
CA VAL C 56 -17.39 -27.34 -9.88
C VAL C 56 -16.94 -25.90 -9.67
N PHE C 57 -17.08 -25.40 -8.45
CA PHE C 57 -16.76 -24.01 -8.16
C PHE C 57 -15.38 -23.90 -7.53
N PRO C 58 -14.42 -23.27 -8.20
CA PRO C 58 -13.05 -23.22 -7.67
C PRO C 58 -12.86 -22.13 -6.63
N LEU C 59 -12.05 -22.46 -5.62
CA LEU C 59 -11.71 -21.55 -4.55
C LEU C 59 -12.95 -20.95 -3.90
N ASP C 60 -13.96 -21.79 -3.67
CA ASP C 60 -15.24 -21.30 -3.19
C ASP C 60 -15.14 -20.89 -1.72
N LYS C 61 -15.74 -19.75 -1.39
CA LYS C 61 -15.77 -19.29 -0.01
C LYS C 61 -16.79 -20.05 0.82
N ASN C 62 -17.90 -20.48 0.21
CA ASN C 62 -18.90 -21.25 0.93
C ASN C 62 -18.34 -22.61 1.31
N ASP C 63 -18.49 -22.98 2.57
CA ASP C 63 -17.95 -24.25 3.08
C ASP C 63 -18.92 -25.41 2.92
N SER C 64 -20.17 -25.16 2.55
CA SER C 64 -21.16 -26.20 2.37
C SER C 64 -21.28 -26.66 0.93
N VAL C 65 -20.42 -26.16 0.04
CA VAL C 65 -20.40 -26.58 -1.36
C VAL C 65 -19.42 -27.72 -1.51
N ARG C 66 -19.81 -28.74 -2.28
CA ARG C 66 -19.02 -29.95 -2.39
C ARG C 66 -17.62 -29.65 -2.92
N THR C 67 -16.61 -30.18 -2.24
CA THR C 67 -15.26 -30.25 -2.76
C THR C 67 -15.01 -31.64 -3.31
N ARG C 68 -13.77 -31.91 -3.71
CA ARG C 68 -13.46 -33.22 -4.26
C ARG C 68 -13.54 -34.31 -3.20
N LEU C 69 -13.11 -34.01 -1.97
CA LEU C 69 -13.12 -35.01 -0.91
C LEU C 69 -14.54 -35.35 -0.48
N THR C 70 -15.37 -34.33 -0.30
CA THR C 70 -16.76 -34.58 0.08
C THR C 70 -17.49 -35.35 -1.02
N HIS C 71 -17.26 -34.98 -2.28
CA HIS C 71 -17.86 -35.73 -3.39
C HIS C 71 -17.39 -37.17 -3.39
N SER C 72 -16.09 -37.40 -3.15
CA SER C 72 -15.56 -38.75 -3.14
C SER C 72 -16.18 -39.58 -2.02
N HIS C 73 -16.31 -38.99 -0.83
CA HIS C 73 -16.91 -39.71 0.29
C HIS C 73 -18.39 -40.01 0.04
N GLU C 74 -19.11 -39.06 -0.57
CA GLU C 74 -20.51 -39.30 -0.88
C GLU C 74 -20.68 -40.38 -1.95
N VAL C 75 -19.81 -40.39 -2.97
CA VAL C 75 -19.81 -41.47 -3.95
C VAL C 75 -19.52 -42.80 -3.27
N ALA C 76 -18.54 -42.81 -2.36
CA ALA C 76 -18.20 -44.04 -1.65
C ALA C 76 -19.38 -44.54 -0.82
N ASN C 77 -20.10 -43.62 -0.16
CA ASN C 77 -21.26 -44.02 0.62
C ASN C 77 -22.36 -44.60 -0.27
N LEU C 78 -22.61 -43.97 -1.42
CA LEU C 78 -23.61 -44.51 -2.34
C LEU C 78 -23.20 -45.89 -2.84
N SER C 79 -21.92 -46.06 -3.19
CA SER C 79 -21.45 -47.35 -3.67
C SER C 79 -21.53 -48.40 -2.58
N ARG C 80 -21.23 -48.03 -1.33
CA ARG C 80 -21.36 -48.97 -0.23
C ARG C 80 -22.80 -49.37 0.00
N GLY C 81 -23.73 -48.41 -0.14
CA GLY C 81 -25.14 -48.76 -0.04
C GLY C 81 -25.57 -49.73 -1.12
N ILE C 82 -25.11 -49.50 -2.35
CA ILE C 82 -25.42 -50.43 -3.43
C ILE C 82 -24.81 -51.80 -3.15
N GLY C 83 -23.59 -51.82 -2.60
CA GLY C 83 -22.98 -53.09 -2.24
C GLY C 83 -23.75 -53.83 -1.15
N MET C 84 -24.28 -53.08 -0.18
CA MET C 84 -25.13 -53.68 0.84
C MET C 84 -26.39 -54.28 0.20
N ARG C 85 -27.00 -53.53 -0.72
CA ARG C 85 -28.18 -54.05 -1.41
C ARG C 85 -27.86 -55.22 -2.33
N LEU C 86 -26.60 -55.38 -2.74
CA LEU C 86 -26.22 -56.47 -3.62
C LEU C 86 -25.73 -57.71 -2.88
N ALA C 87 -25.20 -57.56 -1.68
CA ALA C 87 -24.65 -58.68 -0.92
C ALA C 87 -25.65 -59.29 0.05
N PHE C 88 -26.21 -58.47 0.94
CA PHE C 88 -27.20 -58.96 1.88
C PHE C 88 -28.54 -59.25 1.21
N GLU C 89 -28.78 -58.68 0.04
CA GLU C 89 -30.01 -58.87 -0.71
C GLU C 89 -29.63 -59.05 -2.17
N LEU C 90 -30.50 -59.74 -2.92
CA LEU C 90 -30.27 -60.03 -4.34
C LEU C 90 -28.96 -60.79 -4.56
N GLU C 91 -28.48 -61.46 -3.51
CA GLU C 91 -27.23 -62.20 -3.61
C GLU C 91 -27.33 -63.35 -4.61
N ASP C 92 -28.44 -64.08 -4.59
CA ASP C 92 -28.65 -65.20 -5.49
C ASP C 92 -28.92 -64.78 -6.92
N ASP C 93 -29.14 -63.49 -7.17
CA ASP C 93 -29.44 -63.01 -8.51
C ASP C 93 -28.21 -62.55 -9.29
N VAL C 94 -27.21 -61.98 -8.61
CA VAL C 94 -26.01 -61.47 -9.26
C VAL C 94 -24.78 -62.28 -8.89
N PHE C 95 -24.71 -62.78 -7.67
CA PHE C 95 -23.54 -63.53 -7.21
C PHE C 95 -23.83 -65.03 -7.25
N LYS C 96 -23.78 -65.57 -8.47
CA LYS C 96 -23.96 -66.99 -8.70
C LYS C 96 -22.61 -67.63 -9.00
N ASP C 97 -22.42 -68.85 -8.49
CA ASP C 97 -21.17 -69.61 -8.65
C ASP C 97 -19.98 -68.81 -8.10
N VAL C 98 -20.02 -68.58 -6.78
CA VAL C 98 -18.98 -67.87 -6.06
C VAL C 98 -18.41 -68.80 -5.00
N SER C 99 -17.09 -68.87 -4.91
CA SER C 99 -16.45 -69.77 -3.96
C SER C 99 -16.79 -69.37 -2.53
N GLU C 100 -16.86 -70.38 -1.66
CA GLU C 100 -17.31 -70.15 -0.28
C GLU C 100 -16.31 -69.34 0.52
N ASP C 101 -15.02 -69.37 0.15
CA ASP C 101 -14.03 -68.61 0.91
C ASP C 101 -14.25 -67.11 0.79
N ILE C 102 -14.90 -66.66 -0.27
CA ILE C 102 -15.19 -65.24 -0.46
C ILE C 102 -16.39 -64.87 0.40
N CYS C 103 -16.22 -63.85 1.25
CA CYS C 103 -17.30 -63.34 2.10
C CYS C 103 -17.87 -62.12 1.39
N LEU C 104 -18.95 -62.35 0.62
CA LEU C 104 -19.54 -61.27 -0.16
C LEU C 104 -20.05 -60.15 0.74
N LYS C 105 -20.72 -60.51 1.84
CA LYS C 105 -21.32 -59.52 2.72
C LYS C 105 -20.31 -58.52 3.28
N ARG C 106 -19.05 -58.91 3.37
CA ARG C 106 -18.00 -58.03 3.87
C ARG C 106 -17.09 -57.50 2.76
N ASP C 107 -16.90 -58.27 1.69
CA ASP C 107 -15.99 -57.85 0.64
C ASP C 107 -16.65 -56.89 -0.34
N VAL C 108 -17.85 -57.23 -0.84
CA VAL C 108 -18.47 -56.43 -1.89
C VAL C 108 -18.76 -55.01 -1.44
N PRO C 109 -19.42 -54.75 -0.31
CA PRO C 109 -19.61 -53.36 0.11
C PRO C 109 -18.31 -52.62 0.35
N ALA C 110 -17.33 -53.28 0.95
CA ALA C 110 -16.03 -52.64 1.16
C ALA C 110 -15.34 -52.34 -0.16
N LEU C 111 -15.42 -53.28 -1.11
CA LEU C 111 -14.82 -53.05 -2.42
C LEU C 111 -15.46 -51.85 -3.12
N LEU C 112 -16.78 -51.79 -3.11
CA LEU C 112 -17.47 -50.67 -3.75
C LEU C 112 -17.16 -49.35 -3.07
N ALA C 113 -17.12 -49.36 -1.73
CA ALA C 113 -16.81 -48.12 -1.01
C ALA C 113 -15.40 -47.63 -1.30
N ALA C 114 -14.42 -48.54 -1.26
CA ALA C 114 -13.05 -48.16 -1.56
C ALA C 114 -12.92 -47.69 -3.01
N ILE C 115 -13.62 -48.34 -3.93
CA ILE C 115 -13.54 -47.96 -5.34
C ILE C 115 -14.12 -46.57 -5.54
N GLY C 116 -15.26 -46.28 -4.91
CA GLY C 116 -15.83 -44.95 -5.01
C GLY C 116 -14.96 -43.89 -4.37
N LEU C 117 -14.34 -44.22 -3.23
CA LEU C 117 -13.46 -43.26 -2.56
C LEU C 117 -12.23 -42.96 -3.40
N VAL C 118 -11.66 -43.99 -4.05
CA VAL C 118 -10.40 -43.81 -4.76
C VAL C 118 -10.58 -43.08 -6.09
N HIS C 119 -11.78 -43.05 -6.64
CA HIS C 119 -12.02 -42.33 -7.89
C HIS C 119 -11.84 -40.84 -7.69
N ASP C 120 -11.39 -40.17 -8.76
CA ASP C 120 -11.09 -38.74 -8.78
C ASP C 120 -9.96 -38.35 -7.83
N MET C 121 -9.20 -39.32 -7.33
CA MET C 121 -8.06 -39.00 -6.48
C MET C 121 -6.98 -38.25 -7.25
N GLY C 122 -6.70 -38.68 -8.48
CA GLY C 122 -5.68 -38.09 -9.30
C GLY C 122 -6.12 -36.92 -10.15
N ASN C 123 -7.31 -36.38 -9.91
CA ASN C 123 -7.78 -35.26 -10.70
C ASN C 123 -6.90 -34.03 -10.46
N PRO C 124 -6.66 -33.22 -11.48
CA PRO C 124 -5.81 -32.04 -11.30
C PRO C 124 -6.54 -30.97 -10.51
N PRO C 125 -5.83 -29.96 -10.01
CA PRO C 125 -6.51 -28.83 -9.38
C PRO C 125 -7.35 -28.05 -10.37
N PHE C 126 -8.31 -27.30 -9.82
CA PHE C 126 -9.26 -26.47 -10.56
C PHE C 126 -10.23 -27.31 -11.40
N GLY C 127 -10.43 -28.57 -11.06
CA GLY C 127 -11.44 -29.37 -11.71
C GLY C 127 -11.08 -29.76 -13.13
N ALA C 128 -12.12 -30.10 -13.90
CA ALA C 128 -11.92 -30.55 -15.27
C ALA C 128 -11.25 -29.48 -16.11
N GLN C 129 -11.67 -28.22 -15.96
CA GLN C 129 -11.02 -27.13 -16.69
C GLN C 129 -9.55 -27.01 -16.33
N GLY C 130 -9.14 -27.47 -15.15
CA GLY C 130 -7.72 -27.54 -14.86
C GLY C 130 -7.01 -28.52 -15.77
N ALA C 131 -7.59 -29.73 -15.92
CA ALA C 131 -6.96 -30.74 -16.76
C ALA C 131 -6.81 -30.24 -18.19
N LYS C 132 -7.87 -29.65 -18.73
CA LYS C 132 -7.79 -29.03 -20.05
C LYS C 132 -6.60 -28.10 -20.13
N ALA C 133 -6.44 -27.22 -19.13
CA ALA C 133 -5.29 -26.33 -19.12
C ALA C 133 -4.00 -27.11 -19.26
N MET C 134 -3.82 -28.14 -18.41
CA MET C 134 -2.63 -28.98 -18.52
C MET C 134 -2.49 -29.52 -19.93
N SER C 135 -3.57 -30.08 -20.47
CA SER C 135 -3.52 -30.61 -21.83
C SER C 135 -3.06 -29.54 -22.80
N GLU C 136 -3.64 -28.34 -22.69
CA GLU C 136 -3.25 -27.27 -23.60
C GLU C 136 -1.77 -26.99 -23.49
N TRP C 137 -1.24 -26.93 -22.26
CA TRP C 137 0.20 -26.73 -22.11
C TRP C 137 0.96 -27.87 -22.77
N PHE C 138 0.52 -29.11 -22.55
CA PHE C 138 1.21 -30.25 -23.16
C PHE C 138 1.03 -30.25 -24.66
N THR C 139 0.03 -29.54 -25.17
CA THR C 139 -0.14 -29.43 -26.61
C THR C 139 0.88 -28.46 -27.20
N LYS C 140 1.28 -27.45 -26.41
CA LYS C 140 2.17 -26.42 -26.95
C LYS C 140 3.63 -26.76 -26.68
N ASN C 141 3.95 -27.18 -25.47
CA ASN C 141 5.35 -27.43 -25.11
C ASN C 141 5.81 -28.83 -25.48
N LEU C 142 4.92 -29.69 -25.96
CA LEU C 142 5.27 -31.00 -26.51
C LEU C 142 4.67 -31.08 -27.90
N PRO C 143 5.26 -30.39 -28.87
CA PRO C 143 4.64 -30.30 -30.20
C PRO C 143 4.52 -31.68 -30.84
N GLU C 144 3.38 -31.89 -31.51
CA GLU C 144 3.15 -33.16 -32.20
C GLU C 144 4.04 -33.28 -33.44
N HIS C 145 4.28 -32.16 -34.13
CA HIS C 145 5.15 -32.19 -35.30
C HIS C 145 6.62 -32.36 -34.92
N SER C 146 6.99 -32.03 -33.69
CA SER C 146 8.38 -32.19 -33.27
C SER C 146 8.75 -33.67 -33.24
N ASP C 147 10.01 -33.95 -33.60
CA ASP C 147 10.45 -35.34 -33.70
C ASP C 147 10.44 -36.03 -32.34
N ASN C 148 10.83 -35.32 -31.28
CA ASN C 148 10.91 -35.92 -29.96
C ASN C 148 9.54 -36.37 -29.48
N TYR C 149 8.51 -35.58 -29.72
CA TYR C 149 7.17 -35.84 -29.21
C TYR C 149 6.19 -36.22 -30.31
N LYS C 150 6.70 -36.70 -31.45
CA LYS C 150 5.82 -37.11 -32.54
C LYS C 150 5.12 -38.43 -32.26
N ASP C 151 5.64 -39.23 -31.33
CA ASP C 151 5.01 -40.51 -31.03
C ASP C 151 3.68 -40.29 -30.33
N LYS C 152 2.73 -41.20 -30.61
CA LYS C 152 1.38 -41.04 -30.08
C LYS C 152 1.28 -41.32 -28.59
N ILE C 153 2.32 -41.91 -27.98
CA ILE C 153 2.30 -42.14 -26.54
C ILE C 153 2.22 -40.83 -25.78
N TYR C 154 2.77 -39.75 -26.32
CA TYR C 154 2.69 -38.44 -25.70
C TYR C 154 1.27 -37.89 -25.71
N GLY C 155 0.36 -38.53 -26.44
CA GLY C 155 -1.06 -38.22 -26.28
C GLY C 155 -1.57 -38.49 -24.89
N ASP C 156 -0.81 -39.23 -24.08
CA ASP C 156 -1.15 -39.37 -22.66
C ASP C 156 -1.12 -38.03 -21.96
N PHE C 157 -0.32 -37.08 -22.45
CA PHE C 157 -0.23 -35.76 -21.86
C PHE C 157 -0.99 -34.70 -22.64
N ARG C 158 -1.01 -34.79 -23.97
CA ARG C 158 -1.78 -33.85 -24.78
C ARG C 158 -3.27 -34.04 -24.60
N HIS C 159 -3.70 -35.18 -24.07
CA HIS C 159 -5.09 -35.46 -23.73
C HIS C 159 -5.18 -35.93 -22.28
N PHE C 160 -4.53 -35.18 -21.40
CA PHE C 160 -4.40 -35.57 -20.00
C PHE C 160 -5.76 -35.69 -19.32
N ASP C 161 -5.89 -36.70 -18.46
CA ASP C 161 -7.10 -36.91 -17.69
C ASP C 161 -6.73 -37.52 -16.35
N GLY C 162 -7.66 -37.42 -15.39
CA GLY C 162 -7.36 -37.77 -14.02
C GLY C 162 -7.41 -39.24 -13.68
N ASN C 163 -8.03 -40.07 -14.54
CA ASN C 163 -8.15 -41.48 -14.23
C ASN C 163 -6.81 -42.19 -14.31
N SER C 164 -6.04 -41.91 -15.36
CA SER C 164 -4.70 -42.48 -15.47
C SER C 164 -3.82 -42.03 -14.32
N GLN C 165 -3.96 -40.76 -13.92
CA GLN C 165 -3.19 -40.28 -12.77
C GLN C 165 -3.61 -40.95 -11.48
N THR C 166 -4.91 -41.24 -11.32
CA THR C 166 -5.36 -41.97 -10.13
C THR C 166 -4.73 -43.35 -10.09
N LEU C 167 -4.73 -44.05 -11.22
CA LEU C 167 -4.12 -45.38 -11.27
C LEU C 167 -2.62 -45.30 -10.99
N ARG C 168 -1.94 -44.31 -11.58
CA ARG C 168 -0.52 -44.15 -11.33
C ARG C 168 -0.23 -43.85 -9.86
N LEU C 169 -1.06 -43.01 -9.24
CA LEU C 169 -0.88 -42.67 -7.84
C LEU C 169 -1.05 -43.91 -6.96
N VAL C 170 -2.11 -44.69 -7.20
CA VAL C 170 -2.35 -45.86 -6.37
C VAL C 170 -1.41 -47.01 -6.67
N THR C 171 -0.71 -46.99 -7.81
CA THR C 171 0.17 -48.09 -8.18
C THR C 171 1.66 -47.76 -8.11
N LYS C 172 2.08 -46.54 -8.42
CA LYS C 172 3.51 -46.25 -8.46
C LYS C 172 3.90 -45.07 -7.57
N LEU C 173 3.09 -44.00 -7.58
CA LEU C 173 3.51 -42.74 -6.97
C LEU C 173 3.61 -42.86 -5.45
N GLN C 174 2.70 -43.60 -4.83
CA GLN C 174 2.73 -43.76 -3.38
C GLN C 174 3.75 -44.84 -3.00
N ILE C 175 5.00 -44.50 -3.23
CA ILE C 175 6.12 -45.42 -3.06
C ILE C 175 6.71 -45.27 -1.67
N LEU C 176 6.94 -46.40 -1.01
CA LEU C 176 7.64 -46.40 0.28
C LEU C 176 8.98 -47.09 0.15
N ASN C 177 9.02 -48.36 -0.27
CA ASN C 177 10.29 -49.01 -0.56
C ASN C 177 10.19 -49.97 -1.73
N ASP C 178 9.03 -50.07 -2.38
CA ASP C 178 8.82 -50.99 -3.49
C ASP C 178 8.12 -50.26 -4.62
N THR C 179 8.08 -50.91 -5.79
CA THR C 179 7.48 -50.34 -6.98
C THR C 179 6.01 -50.72 -7.12
N TYR C 180 5.34 -51.06 -6.02
CA TYR C 180 3.95 -51.49 -6.06
C TYR C 180 2.99 -50.47 -5.43
N GLY C 181 3.49 -49.29 -5.06
CA GLY C 181 2.61 -48.26 -4.54
C GLY C 181 1.90 -48.68 -3.28
N LEU C 182 0.59 -48.43 -3.23
CA LEU C 182 -0.23 -48.80 -2.09
C LEU C 182 -0.46 -50.29 -1.97
N ASN C 183 -0.13 -51.07 -3.01
CA ASN C 183 -0.28 -52.51 -3.02
C ASN C 183 -1.73 -52.92 -2.73
N LEU C 184 -2.63 -52.32 -3.49
CA LEU C 184 -4.04 -52.66 -3.39
C LEU C 184 -4.29 -54.04 -4.00
N THR C 185 -5.44 -54.62 -3.64
CA THR C 185 -5.80 -55.93 -4.16
C THR C 185 -6.13 -55.85 -5.65
N TYR C 186 -6.11 -57.02 -6.30
CA TYR C 186 -6.37 -57.06 -7.73
C TYR C 186 -7.79 -56.62 -8.04
N ALA C 187 -8.74 -56.92 -7.15
CA ALA C 187 -10.13 -56.52 -7.39
C ALA C 187 -10.27 -55.00 -7.44
N THR C 188 -9.65 -54.30 -6.48
CA THR C 188 -9.74 -52.84 -6.46
C THR C 188 -9.08 -52.23 -7.69
N LEU C 189 -7.89 -52.71 -8.04
CA LEU C 189 -7.20 -52.17 -9.20
C LEU C 189 -7.98 -52.44 -10.48
N ALA C 190 -8.57 -53.63 -10.62
CA ALA C 190 -9.35 -53.95 -11.79
C ALA C 190 -10.61 -53.10 -11.89
N SER C 191 -11.31 -52.90 -10.77
CA SER C 191 -12.54 -52.13 -10.76
C SER C 191 -12.31 -50.64 -10.75
N MET C 192 -11.06 -50.20 -10.59
CA MET C 192 -10.71 -48.79 -10.59
C MET C 192 -10.54 -48.23 -11.99
N ILE C 193 -10.28 -49.09 -12.97
CA ILE C 193 -9.99 -48.67 -14.34
C ILE C 193 -11.32 -48.33 -15.00
N LYS C 194 -11.60 -47.03 -15.14
CA LYS C 194 -12.86 -46.61 -15.74
C LYS C 194 -12.87 -46.78 -17.25
N TYR C 195 -11.71 -46.80 -17.89
CA TYR C 195 -11.60 -46.99 -19.33
C TYR C 195 -10.47 -47.97 -19.63
N PRO C 196 -10.79 -49.23 -19.89
CA PRO C 196 -9.73 -50.22 -20.11
C PRO C 196 -9.08 -50.10 -21.49
N ARG C 197 -8.40 -48.98 -21.73
CA ARG C 197 -7.68 -48.79 -22.99
C ARG C 197 -6.58 -47.77 -22.77
N SER C 198 -5.56 -47.83 -23.62
CA SER C 198 -4.43 -46.93 -23.56
C SER C 198 -4.59 -45.81 -24.59
N SER C 199 -3.74 -44.80 -24.46
CA SER C 199 -3.76 -43.69 -25.42
C SER C 199 -3.40 -44.16 -26.82
N GLU C 200 -2.41 -45.03 -26.94
CA GLU C 200 -2.03 -45.55 -28.25
C GLU C 200 -3.16 -46.37 -28.87
N SER C 201 -3.81 -47.20 -28.07
CA SER C 201 -4.90 -48.03 -28.59
C SER C 201 -6.10 -47.17 -28.98
N ASP C 202 -6.76 -47.56 -30.06
CA ASP C 202 -7.94 -46.87 -30.54
C ASP C 202 -9.17 -47.74 -30.31
N SER C 203 -10.26 -47.11 -29.87
CA SER C 203 -11.48 -47.83 -29.58
C SER C 203 -12.65 -46.87 -29.69
N SER C 204 -13.81 -47.43 -30.07
CA SER C 204 -15.05 -46.65 -30.13
C SER C 204 -15.88 -46.77 -28.85
N LEU C 205 -15.70 -47.86 -28.10
CA LEU C 205 -16.45 -48.02 -26.86
C LEU C 205 -16.07 -46.96 -25.83
N TRP C 206 -14.78 -46.68 -25.70
CA TRP C 206 -14.29 -45.73 -24.71
C TRP C 206 -13.59 -44.58 -25.42
N LYS C 207 -13.99 -43.36 -25.08
CA LYS C 207 -13.44 -42.16 -25.72
C LYS C 207 -12.27 -41.56 -24.96
N LYS C 208 -11.87 -42.15 -23.83
CA LYS C 208 -10.78 -41.64 -23.02
C LYS C 208 -9.86 -42.79 -22.64
N HIS C 209 -8.56 -42.51 -22.62
CA HIS C 209 -7.60 -43.50 -22.14
C HIS C 209 -7.66 -43.61 -20.62
N GLY C 210 -7.48 -44.84 -20.13
CA GLY C 210 -7.63 -45.09 -18.71
C GLY C 210 -6.34 -45.26 -17.94
N PHE C 211 -5.23 -45.38 -18.65
CA PHE C 211 -3.94 -45.54 -17.99
C PHE C 211 -2.83 -45.00 -18.88
N PHE C 212 -1.72 -44.63 -18.25
CA PHE C 212 -0.56 -44.13 -18.96
C PHE C 212 0.23 -45.29 -19.57
N LEU C 213 1.23 -44.93 -20.38
CA LEU C 213 2.13 -45.94 -20.92
C LEU C 213 2.92 -46.64 -19.82
N SER C 214 3.35 -45.87 -18.81
CA SER C 214 4.12 -46.44 -17.70
C SER C 214 3.35 -47.52 -16.95
N GLU C 215 2.02 -47.47 -16.97
CA GLU C 215 1.19 -48.46 -16.30
C GLU C 215 0.78 -49.60 -17.24
N LYS C 216 1.22 -49.56 -18.50
CA LYS C 216 0.72 -50.51 -19.48
C LYS C 216 0.97 -51.96 -19.06
N ASP C 217 2.17 -52.24 -18.57
CA ASP C 217 2.43 -53.58 -18.04
C ASP C 217 1.58 -53.87 -16.81
N VAL C 218 1.52 -52.91 -15.88
CA VAL C 218 0.80 -53.13 -14.62
C VAL C 218 -0.64 -53.50 -14.89
N VAL C 219 -1.33 -52.71 -15.71
CA VAL C 219 -2.70 -53.00 -16.09
C VAL C 219 -2.78 -54.41 -16.67
N GLN C 220 -1.86 -54.76 -17.57
CA GLN C 220 -1.83 -56.11 -18.12
C GLN C 220 -1.80 -57.14 -17.01
N ASP C 221 -0.89 -56.96 -16.04
CA ASP C 221 -0.85 -57.88 -14.91
C ASP C 221 -2.21 -57.98 -14.24
N ILE C 222 -2.84 -56.83 -13.98
CA ILE C 222 -4.16 -56.84 -13.35
C ILE C 222 -5.12 -57.68 -14.17
N TRP C 223 -5.13 -57.46 -15.49
CA TRP C 223 -6.03 -58.24 -16.35
C TRP C 223 -5.72 -59.72 -16.22
N ASN C 224 -4.44 -60.09 -16.23
CA ASN C 224 -4.06 -61.49 -16.17
C ASN C 224 -4.53 -62.13 -14.87
N ASN C 225 -4.76 -61.32 -13.84
CA ASN C 225 -5.19 -61.84 -12.56
C ASN C 225 -6.67 -61.63 -12.29
N THR C 226 -7.44 -61.14 -13.26
CA THR C 226 -8.86 -60.89 -13.05
C THR C 226 -9.75 -61.40 -14.17
N GLY C 227 -9.17 -61.99 -15.22
CA GLY C 227 -9.97 -62.45 -16.33
C GLY C 227 -10.45 -61.36 -17.27
N LEU C 228 -10.07 -60.11 -17.03
CA LEU C 228 -10.45 -59.00 -17.88
C LEU C 228 -9.50 -58.90 -19.08
N SER C 229 -9.74 -57.92 -19.93
CA SER C 229 -8.91 -57.68 -21.10
C SER C 229 -9.11 -56.24 -21.53
N GLU C 230 -8.44 -55.85 -22.62
CA GLU C 230 -8.56 -54.50 -23.13
C GLU C 230 -9.99 -54.23 -23.59
N GLY C 231 -10.53 -53.10 -23.18
CA GLY C 231 -11.87 -52.71 -23.56
C GLY C 231 -12.97 -53.35 -22.76
N VAL C 232 -12.65 -54.15 -21.74
CA VAL C 232 -13.63 -54.84 -20.92
C VAL C 232 -13.54 -54.30 -19.51
N ARG C 233 -14.65 -53.80 -18.99
CA ARG C 233 -14.69 -53.19 -17.67
C ARG C 233 -15.05 -54.21 -16.60
N HIS C 234 -14.50 -54.01 -15.40
CA HIS C 234 -14.95 -54.78 -14.26
C HIS C 234 -16.42 -54.45 -13.98
N PRO C 235 -17.24 -55.42 -13.59
CA PRO C 235 -18.66 -55.13 -13.37
C PRO C 235 -18.91 -54.03 -12.36
N PHE C 236 -18.08 -53.94 -11.31
CA PHE C 236 -18.27 -52.90 -10.30
C PHE C 236 -17.85 -51.52 -10.77
N THR C 237 -17.07 -51.43 -11.86
CA THR C 237 -16.75 -50.13 -12.43
C THR C 237 -18.00 -49.42 -12.92
N TYR C 238 -18.96 -50.16 -13.49
CA TYR C 238 -20.21 -49.56 -13.90
C TYR C 238 -20.98 -49.01 -12.70
N ILE C 239 -21.00 -49.75 -11.60
CA ILE C 239 -21.68 -49.28 -10.40
C ILE C 239 -21.02 -48.00 -9.89
N MET C 240 -19.69 -47.99 -9.86
CA MET C 240 -18.98 -46.80 -9.38
C MET C 240 -19.23 -45.61 -10.28
N GLU C 241 -19.24 -45.82 -11.60
CA GLU C 241 -19.51 -44.73 -12.53
C GLU C 241 -20.92 -44.20 -12.37
N ALA C 242 -21.89 -45.10 -12.20
CA ALA C 242 -23.26 -44.67 -11.98
C ALA C 242 -23.40 -43.87 -10.69
N CYS C 243 -22.74 -44.33 -9.62
CA CYS C 243 -22.78 -43.59 -8.37
C CYS C 243 -22.13 -42.22 -8.51
N ASP C 244 -21.00 -42.16 -9.22
CA ASP C 244 -20.33 -40.89 -9.49
C ASP C 244 -21.26 -39.94 -10.22
N ASP C 245 -21.88 -40.42 -11.30
CA ASP C 245 -22.77 -39.58 -12.09
C ASP C 245 -23.93 -39.07 -11.26
N ILE C 246 -24.60 -39.98 -10.55
CA ILE C 246 -25.74 -39.59 -9.72
C ILE C 246 -25.32 -38.55 -8.70
N ALA C 247 -24.22 -38.82 -7.99
CA ALA C 247 -23.77 -37.96 -6.92
C ALA C 247 -23.45 -36.56 -7.43
N TYR C 248 -22.61 -36.45 -8.46
CA TYR C 248 -22.25 -35.09 -8.87
C TYR C 248 -23.41 -34.40 -9.55
N SER C 249 -24.23 -35.13 -10.31
CA SER C 249 -25.36 -34.51 -10.99
C SER C 249 -26.35 -33.91 -10.00
N VAL C 250 -26.62 -34.61 -8.90
CA VAL C 250 -27.57 -34.08 -7.92
C VAL C 250 -26.93 -33.01 -7.04
N LEU C 251 -25.72 -33.28 -6.54
CA LEU C 251 -25.12 -32.39 -5.55
C LEU C 251 -24.59 -31.11 -6.17
N ASP C 252 -24.21 -31.12 -7.45
CA ASP C 252 -23.87 -29.87 -8.12
C ASP C 252 -25.09 -28.98 -8.27
N ALA C 253 -26.26 -29.56 -8.56
CA ALA C 253 -27.49 -28.78 -8.58
C ALA C 253 -27.78 -28.22 -7.20
N GLU C 254 -27.57 -29.02 -6.16
CA GLU C 254 -27.76 -28.52 -4.80
C GLU C 254 -26.84 -27.34 -4.52
N ASP C 255 -25.57 -27.45 -4.91
CA ASP C 255 -24.62 -26.36 -4.69
C ASP C 255 -25.00 -25.13 -5.50
N ILE C 256 -25.49 -25.33 -6.73
CA ILE C 256 -25.90 -24.20 -7.56
C ILE C 256 -27.04 -23.44 -6.89
N ILE C 257 -28.06 -24.16 -6.42
CA ILE C 257 -29.21 -23.50 -5.81
C ILE C 257 -28.83 -22.87 -4.48
N LYS C 258 -27.97 -23.54 -3.70
CA LYS C 258 -27.51 -22.96 -2.45
C LYS C 258 -26.72 -21.68 -2.68
N LYS C 259 -25.87 -21.66 -3.70
CA LYS C 259 -25.09 -20.47 -4.01
C LYS C 259 -25.95 -19.30 -4.46
N GLY C 260 -27.15 -19.56 -4.94
CA GLY C 260 -28.03 -18.52 -5.45
C GLY C 260 -28.00 -18.34 -6.95
N PHE C 261 -27.27 -19.18 -7.68
CA PHE C 261 -27.26 -19.10 -9.14
C PHE C 261 -28.58 -19.56 -9.74
N ALA C 262 -29.40 -20.28 -8.99
CA ALA C 262 -30.70 -20.73 -9.46
C ALA C 262 -31.57 -21.02 -8.25
N SER C 263 -32.85 -21.26 -8.51
CA SER C 263 -33.83 -21.51 -7.47
C SER C 263 -34.37 -22.93 -7.60
N PHE C 264 -35.04 -23.38 -6.53
CA PHE C 264 -35.65 -24.70 -6.55
C PHE C 264 -36.73 -24.79 -7.62
N HIS C 265 -37.56 -23.75 -7.75
CA HIS C 265 -38.55 -23.73 -8.81
C HIS C 265 -37.90 -23.71 -10.18
N ASP C 266 -36.72 -23.11 -10.31
CA ASP C 266 -36.00 -23.15 -11.57
C ASP C 266 -35.65 -24.58 -11.96
N LEU C 267 -35.11 -25.35 -11.03
CA LEU C 267 -34.78 -26.74 -11.31
C LEU C 267 -36.02 -27.57 -11.59
N ILE C 268 -37.09 -27.33 -10.83
CA ILE C 268 -38.33 -28.08 -11.05
C ILE C 268 -38.88 -27.80 -12.44
N ASP C 269 -38.88 -26.53 -12.85
CA ASP C 269 -39.37 -26.18 -14.18
C ASP C 269 -38.45 -26.72 -15.27
N PHE C 270 -37.14 -26.75 -15.01
CA PHE C 270 -36.23 -27.33 -15.99
C PHE C 270 -36.50 -28.80 -16.19
N ILE C 271 -36.69 -29.55 -15.10
CA ILE C 271 -36.98 -30.97 -15.22
C ILE C 271 -38.34 -31.19 -15.89
N GLN C 272 -39.35 -30.39 -15.52
CA GLN C 272 -40.68 -30.56 -16.10
C GLN C 272 -40.70 -30.23 -17.58
N SER C 273 -39.97 -29.20 -18.01
CA SER C 273 -39.99 -28.74 -19.39
C SER C 273 -39.01 -29.49 -20.28
N ASN C 274 -38.16 -30.35 -19.71
CA ASN C 274 -37.26 -31.14 -20.54
C ASN C 274 -38.05 -32.12 -21.38
N GLN C 275 -37.71 -32.18 -22.67
CA GLN C 275 -38.47 -33.03 -23.60
C GLN C 275 -38.32 -34.51 -23.28
N PHE C 276 -37.26 -34.90 -22.57
CA PHE C 276 -37.08 -36.29 -22.20
C PHE C 276 -37.69 -36.62 -20.84
N CYS C 277 -37.66 -35.67 -19.90
CA CYS C 277 -38.25 -35.87 -18.59
C CYS C 277 -39.71 -35.47 -18.52
N LYS C 278 -40.30 -35.02 -19.63
CA LYS C 278 -41.70 -34.64 -19.63
C LYS C 278 -42.61 -35.83 -19.35
N GLU C 279 -42.24 -37.01 -19.83
CA GLU C 279 -43.02 -38.22 -19.60
C GLU C 279 -42.26 -39.30 -18.84
N ASP C 280 -41.04 -39.03 -18.39
CA ASP C 280 -40.27 -40.02 -17.66
C ASP C 280 -40.89 -40.27 -16.29
N ASP C 281 -41.18 -41.53 -15.99
CA ASP C 281 -41.90 -41.86 -14.76
C ASP C 281 -41.10 -41.49 -13.52
N VAL C 282 -39.79 -41.75 -13.54
CA VAL C 282 -38.95 -41.44 -12.38
C VAL C 282 -38.93 -39.94 -12.13
N ALA C 283 -38.76 -39.15 -13.19
CA ALA C 283 -38.77 -37.69 -13.04
C ALA C 283 -40.13 -37.20 -12.55
N LYS C 284 -41.22 -37.78 -13.07
CA LYS C 284 -42.54 -37.39 -12.61
C LYS C 284 -42.73 -37.68 -11.13
N ARG C 285 -42.29 -38.85 -10.68
CA ARG C 285 -42.41 -39.20 -9.26
C ARG C 285 -41.60 -38.26 -8.39
N VAL C 286 -40.36 -37.97 -8.81
CA VAL C 286 -39.51 -37.08 -8.02
C VAL C 286 -40.12 -35.69 -7.95
N ILE C 287 -40.61 -35.18 -9.08
CA ILE C 287 -41.22 -33.85 -9.11
C ILE C 287 -42.47 -33.82 -8.23
N GLU C 288 -43.29 -34.86 -8.29
CA GLU C 288 -44.51 -34.89 -7.49
C GLU C 288 -44.19 -34.90 -6.01
N ASN C 289 -43.22 -35.72 -5.59
CA ASN C 289 -42.86 -35.76 -4.17
C ASN C 289 -42.26 -34.43 -3.72
N CYS C 290 -41.40 -33.83 -4.55
CA CYS C 290 -40.80 -32.55 -4.18
C CYS C 290 -41.85 -31.46 -4.09
N LYS C 291 -42.81 -31.44 -5.01
CA LYS C 291 -43.89 -30.46 -4.96
C LYS C 291 -44.74 -30.65 -3.71
N LYS C 292 -45.03 -31.91 -3.36
CA LYS C 292 -45.82 -32.18 -2.16
C LYS C 292 -45.11 -31.69 -0.91
N ILE C 293 -43.80 -31.92 -0.81
CA ILE C 293 -43.08 -31.46 0.37
C ILE C 293 -42.90 -29.95 0.34
N HIS C 294 -42.77 -29.34 -0.84
CA HIS C 294 -42.57 -27.90 -0.93
C HIS C 294 -43.84 -27.15 -0.57
N ALA C 295 -45.00 -27.72 -0.89
CA ALA C 295 -46.26 -27.11 -0.47
C ALA C 295 -46.34 -27.02 1.05
N ASP C 296 -45.91 -28.08 1.75
CA ASP C 296 -45.88 -28.05 3.21
C ASP C 296 -44.84 -27.08 3.73
N TYR C 297 -43.67 -27.04 3.08
CA TYR C 297 -42.59 -26.17 3.55
C TYR C 297 -42.94 -24.69 3.36
N ALA C 298 -43.68 -24.35 2.31
CA ALA C 298 -43.99 -22.95 2.02
C ALA C 298 -44.85 -22.31 3.09
N GLN C 299 -45.61 -23.10 3.86
CA GLN C 299 -46.48 -22.53 4.88
C GLN C 299 -45.68 -21.90 6.01
N GLN C 300 -44.45 -22.37 6.24
CA GLN C 300 -43.62 -21.80 7.29
C GLN C 300 -43.13 -20.41 6.91
N LYS C 301 -42.78 -19.63 7.93
CA LYS C 301 -42.26 -18.28 7.73
C LYS C 301 -40.76 -18.39 7.48
N LEU C 302 -40.38 -18.47 6.20
CA LEU C 302 -38.99 -18.63 5.81
C LEU C 302 -38.66 -17.62 4.72
N SER C 303 -37.38 -17.23 4.68
CA SER C 303 -36.88 -16.46 3.55
C SER C 303 -36.82 -17.34 2.31
N PRO C 304 -36.84 -16.73 1.12
CA PRO C 304 -36.77 -17.56 -0.11
C PRO C 304 -35.56 -18.46 -0.18
N ALA C 305 -34.40 -18.00 0.28
CA ALA C 305 -33.21 -18.84 0.25
C ALA C 305 -33.36 -20.06 1.14
N GLU C 306 -33.88 -19.87 2.36
CA GLU C 306 -34.10 -21.00 3.25
C GLU C 306 -35.11 -21.96 2.66
N LEU C 307 -36.18 -21.44 2.06
CA LEU C 307 -37.17 -22.32 1.43
C LEU C 307 -36.53 -23.13 0.32
N ASN C 308 -35.67 -22.50 -0.49
CA ASN C 308 -35.00 -23.23 -1.57
C ASN C 308 -34.11 -24.34 -1.02
N ASP C 309 -33.30 -24.05 0.00
CA ASP C 309 -32.44 -25.08 0.56
C ASP C 309 -33.24 -26.22 1.18
N MET C 310 -34.30 -25.88 1.93
CA MET C 310 -35.13 -26.92 2.54
C MET C 310 -35.79 -27.80 1.48
N SER C 311 -36.34 -27.19 0.42
CA SER C 311 -36.96 -27.98 -0.63
C SER C 311 -35.94 -28.85 -1.35
N MET C 312 -34.73 -28.32 -1.59
CA MET C 312 -33.78 -29.13 -2.33
C MET C 312 -33.10 -30.20 -1.49
N GLN C 313 -33.14 -30.10 -0.16
CA GLN C 313 -32.72 -31.26 0.63
C GLN C 313 -33.64 -32.44 0.39
N MET C 314 -34.96 -32.21 0.37
CA MET C 314 -35.88 -33.28 0.05
C MET C 314 -35.74 -33.72 -1.40
N PHE C 315 -35.42 -32.78 -2.31
CA PHE C 315 -35.12 -33.16 -3.68
C PHE C 315 -33.91 -34.08 -3.73
N ARG C 316 -32.86 -33.78 -2.96
CA ARG C 316 -31.72 -34.66 -2.84
C ARG C 316 -32.16 -36.05 -2.42
N VAL C 317 -32.93 -36.14 -1.33
CA VAL C 317 -33.33 -37.43 -0.80
C VAL C 317 -34.08 -38.24 -1.86
N TYR C 318 -35.10 -37.62 -2.46
CA TYR C 318 -35.94 -38.35 -3.40
C TYR C 318 -35.18 -38.74 -4.66
N ALA C 319 -34.43 -37.80 -5.25
CA ALA C 319 -33.71 -38.09 -6.48
C ALA C 319 -32.63 -39.13 -6.25
N ILE C 320 -31.88 -39.03 -5.15
CA ILE C 320 -30.85 -40.02 -4.87
C ILE C 320 -31.46 -41.39 -4.68
N ALA C 321 -32.55 -41.49 -3.91
CA ALA C 321 -33.19 -42.79 -3.70
C ALA C 321 -33.67 -43.39 -5.01
N GLU C 322 -34.36 -42.59 -5.83
CA GLU C 322 -34.90 -43.11 -7.08
C GLU C 322 -33.79 -43.53 -8.04
N LEU C 323 -32.76 -42.70 -8.19
CA LEU C 323 -31.67 -43.03 -9.10
C LEU C 323 -30.89 -44.25 -8.63
N VAL C 324 -30.64 -44.36 -7.31
CA VAL C 324 -29.94 -45.53 -6.80
C VAL C 324 -30.75 -46.80 -7.03
N ASP C 325 -32.06 -46.73 -6.78
CA ASP C 325 -32.91 -47.90 -7.01
C ASP C 325 -32.90 -48.29 -8.48
N ALA C 326 -33.01 -47.31 -9.38
CA ALA C 326 -33.00 -47.60 -10.80
C ALA C 326 -31.67 -48.22 -11.23
N VAL C 327 -30.56 -47.70 -10.70
CA VAL C 327 -29.25 -48.25 -11.04
C VAL C 327 -29.12 -49.68 -10.55
N VAL C 328 -29.58 -49.96 -9.33
CA VAL C 328 -29.52 -51.32 -8.80
C VAL C 328 -30.36 -52.27 -9.65
N ILE C 329 -31.57 -51.84 -10.03
CA ILE C 329 -32.42 -52.68 -10.87
C ILE C 329 -31.76 -52.95 -12.22
N ALA C 330 -31.18 -51.91 -12.82
CA ALA C 330 -30.51 -52.09 -14.11
C ALA C 330 -29.33 -53.05 -14.00
N PHE C 331 -28.54 -52.92 -12.92
CA PHE C 331 -27.42 -53.83 -12.73
C PHE C 331 -27.90 -55.27 -12.56
N LYS C 332 -28.95 -55.48 -11.76
CA LYS C 332 -29.44 -56.83 -11.54
C LYS C 332 -30.01 -57.43 -12.82
N ASP C 333 -30.70 -56.61 -13.63
CA ASP C 333 -31.29 -57.14 -14.86
C ASP C 333 -30.22 -57.49 -15.89
N ASN C 334 -29.19 -56.66 -16.03
CA ASN C 334 -28.16 -56.84 -17.04
C ASN C 334 -26.89 -57.48 -16.48
N ILE C 335 -27.00 -58.24 -15.38
CA ILE C 335 -25.82 -58.80 -14.75
C ILE C 335 -25.11 -59.78 -15.69
N ASN C 336 -25.89 -60.54 -16.47
CA ASN C 336 -25.27 -61.47 -17.42
C ASN C 336 -24.53 -60.72 -18.51
N GLU C 337 -25.07 -59.59 -18.96
CA GLU C 337 -24.39 -58.80 -19.98
C GLU C 337 -23.08 -58.23 -19.44
N PHE C 338 -23.08 -57.78 -18.18
CA PHE C 338 -21.85 -57.22 -17.61
C PHE C 338 -20.79 -58.30 -17.40
N LEU C 339 -21.20 -59.53 -17.12
CA LEU C 339 -20.26 -60.62 -16.91
C LEU C 339 -19.74 -61.21 -18.20
N ASN C 340 -20.26 -60.77 -19.35
CA ASN C 340 -19.79 -61.27 -20.63
C ASN C 340 -18.38 -60.74 -20.91
N ASP C 341 -17.57 -61.56 -21.57
CA ASP C 341 -16.22 -61.17 -21.93
C ASP C 341 -16.16 -60.08 -22.99
N THR C 342 -17.28 -59.79 -23.65
CA THR C 342 -17.35 -58.78 -24.71
C THR C 342 -18.48 -57.81 -24.43
N CYS C 343 -18.55 -57.31 -23.20
CA CYS C 343 -19.60 -56.38 -22.82
C CYS C 343 -19.46 -55.07 -23.59
N GLU C 344 -20.59 -54.55 -24.06
CA GLU C 344 -20.61 -53.30 -24.83
C GLU C 344 -21.42 -52.20 -24.15
N ILE C 345 -21.80 -52.37 -22.88
CA ILE C 345 -22.58 -51.34 -22.20
C ILE C 345 -21.73 -50.11 -21.96
N LYS C 346 -22.24 -48.96 -22.36
CA LYS C 346 -21.50 -47.71 -22.16
C LYS C 346 -21.55 -47.27 -20.70
N ASP C 347 -22.71 -47.35 -20.07
CA ASP C 347 -22.85 -46.93 -18.68
C ASP C 347 -24.10 -47.58 -18.09
N LEU C 348 -24.10 -47.68 -16.75
CA LEU C 348 -25.24 -48.28 -16.07
C LEU C 348 -26.45 -47.35 -16.06
N ILE C 349 -26.22 -46.04 -16.03
CA ILE C 349 -27.33 -45.09 -15.97
C ILE C 349 -28.19 -45.18 -17.22
N SER C 350 -27.54 -45.29 -18.40
CA SER C 350 -28.30 -45.33 -19.65
C SER C 350 -29.21 -46.55 -19.73
N CYS C 351 -28.81 -47.66 -19.11
CA CYS C 351 -29.64 -48.86 -19.10
C CYS C 351 -30.71 -48.83 -18.02
N SER C 352 -30.72 -47.81 -17.17
CA SER C 352 -31.68 -47.70 -16.09
C SER C 352 -32.81 -46.74 -16.48
N SER C 353 -33.82 -46.65 -15.61
CA SER C 353 -34.92 -45.74 -15.83
C SER C 353 -34.62 -44.31 -15.39
N GLY C 354 -33.50 -44.09 -14.72
CA GLY C 354 -33.13 -42.76 -14.28
C GLY C 354 -32.22 -42.06 -15.28
N LYS C 355 -32.18 -42.57 -16.51
CA LYS C 355 -31.33 -41.98 -17.54
C LYS C 355 -31.73 -40.54 -17.84
N ASN C 356 -33.01 -40.32 -18.11
CA ASN C 356 -33.47 -38.99 -18.50
C ASN C 356 -33.29 -37.98 -17.37
N LEU C 357 -33.60 -38.38 -16.13
CA LEU C 357 -33.45 -37.47 -15.01
C LEU C 357 -31.99 -37.08 -14.81
N CYS C 358 -31.08 -38.06 -14.91
CA CYS C 358 -29.66 -37.75 -14.75
C CYS C 358 -29.17 -36.84 -15.87
N GLN C 359 -29.60 -37.10 -17.11
CA GLN C 359 -29.19 -36.24 -18.22
C GLN C 359 -29.71 -34.82 -18.04
N ALA C 360 -30.96 -34.68 -17.60
CA ALA C 360 -31.52 -33.35 -17.36
C ALA C 360 -30.78 -32.64 -16.23
N LEU C 361 -30.44 -33.36 -15.17
CA LEU C 361 -29.69 -32.76 -14.08
C LEU C 361 -28.32 -32.29 -14.54
N LYS C 362 -27.65 -33.10 -15.38
CA LYS C 362 -26.35 -32.70 -15.90
C LYS C 362 -26.46 -31.47 -16.79
N LYS C 363 -27.51 -31.42 -17.63
CA LYS C 363 -27.72 -30.23 -18.46
C LYS C 363 -27.98 -29.00 -17.61
N PHE C 364 -28.77 -29.15 -16.54
CA PHE C 364 -29.01 -28.03 -15.64
C PHE C 364 -27.72 -27.56 -14.98
N ASP C 365 -26.90 -28.50 -14.53
CA ASP C 365 -25.63 -28.13 -13.92
C ASP C 365 -24.71 -27.44 -14.91
N SER C 366 -24.74 -27.86 -16.18
CA SER C 366 -23.92 -27.18 -17.18
C SER C 366 -24.44 -25.77 -17.45
N SER C 367 -25.76 -25.62 -17.59
CA SER C 367 -26.31 -24.33 -17.97
C SER C 367 -26.19 -23.31 -16.85
N ARG C 368 -26.60 -23.67 -15.64
CA ARG C 368 -26.60 -22.72 -14.53
C ARG C 368 -25.35 -22.80 -13.67
N GLY C 369 -24.45 -23.72 -13.95
CA GLY C 369 -23.27 -23.92 -13.15
C GLY C 369 -21.99 -23.55 -13.85
N TYR C 370 -21.36 -24.56 -14.46
CA TYR C 370 -20.05 -24.45 -15.11
C TYR C 370 -19.92 -23.18 -15.95
N GLN C 371 -21.02 -22.76 -16.59
CA GLN C 371 -21.01 -21.61 -17.47
C GLN C 371 -21.40 -20.31 -16.77
N HIS C 372 -21.34 -20.26 -15.44
CA HIS C 372 -21.60 -19.02 -14.74
C HIS C 372 -20.41 -18.07 -14.89
N ARG C 373 -20.70 -16.77 -14.78
CA ARG C 373 -19.66 -15.77 -15.01
C ARG C 373 -18.52 -15.90 -14.01
N SER C 374 -18.85 -16.02 -12.72
CA SER C 374 -17.81 -16.16 -11.70
C SER C 374 -17.03 -17.44 -11.90
N VAL C 375 -17.71 -18.53 -12.24
CA VAL C 375 -17.03 -19.80 -12.47
C VAL C 375 -16.07 -19.68 -13.66
N LEU C 376 -16.52 -19.03 -14.74
CA LEU C 376 -15.66 -18.87 -15.91
C LEU C 376 -14.44 -18.01 -15.60
N LYS C 377 -14.63 -16.92 -14.84
CA LYS C 377 -13.50 -16.08 -14.48
C LYS C 377 -12.51 -16.83 -13.60
N LEU C 378 -13.02 -17.57 -12.61
CA LEU C 378 -12.14 -18.36 -11.75
C LEU C 378 -11.41 -19.43 -12.54
N GLU C 379 -12.08 -20.02 -13.54
CA GLU C 379 -11.44 -21.04 -14.36
C GLU C 379 -10.34 -20.44 -15.23
N LEU C 380 -10.56 -19.24 -15.77
CA LEU C 380 -9.50 -18.58 -16.52
C LEU C 380 -8.31 -18.26 -15.64
N GLU C 381 -8.57 -17.77 -14.41
CA GLU C 381 -7.49 -17.51 -13.48
C GLU C 381 -6.72 -18.78 -13.16
N GLY C 382 -7.44 -19.88 -12.93
CA GLY C 382 -6.79 -21.14 -12.64
C GLY C 382 -5.98 -21.66 -13.80
N SER C 383 -6.49 -21.46 -15.03
CA SER C 383 -5.73 -21.85 -16.21
C SER C 383 -4.43 -21.06 -16.32
N ASN C 384 -4.51 -19.74 -16.08
CA ASN C 384 -3.29 -18.94 -16.09
C ASN C 384 -2.32 -19.41 -15.02
N TYR C 385 -2.81 -19.66 -13.81
CA TYR C 385 -1.94 -20.12 -12.73
C TYR C 385 -1.28 -21.46 -13.08
N ILE C 386 -2.06 -22.40 -13.59
CA ILE C 386 -1.54 -23.73 -13.92
C ILE C 386 -0.49 -23.63 -15.01
N LYS C 387 -0.79 -22.88 -16.07
CA LYS C 387 0.15 -22.78 -17.18
C LYS C 387 1.44 -22.08 -16.75
N GLY C 388 1.34 -21.04 -15.92
CA GLY C 388 2.55 -20.41 -15.41
C GLY C 388 3.37 -21.34 -14.54
N LEU C 389 2.71 -22.10 -13.67
CA LEU C 389 3.44 -23.04 -12.81
C LEU C 389 4.12 -24.12 -13.64
N MET C 390 3.43 -24.65 -14.65
CA MET C 390 4.05 -25.66 -15.51
C MET C 390 5.22 -25.07 -16.29
N ASP C 391 5.09 -23.81 -16.74
CA ASP C 391 6.20 -23.17 -17.42
C ASP C 391 7.42 -23.04 -16.51
N MET C 392 7.19 -22.66 -15.25
CA MET C 392 8.32 -22.52 -14.33
C MET C 392 8.92 -23.87 -13.96
N LEU C 393 8.09 -24.90 -13.80
CA LEU C 393 8.61 -26.22 -13.46
C LEU C 393 9.40 -26.82 -14.62
N TRP C 394 8.95 -26.59 -15.85
CA TRP C 394 9.62 -27.15 -17.02
C TRP C 394 11.06 -26.67 -17.12
N LEU C 395 11.36 -25.49 -16.60
CA LEU C 395 12.73 -25.01 -16.61
C LEU C 395 13.65 -25.89 -15.77
N GLY C 396 13.10 -26.53 -14.73
CA GLY C 396 13.89 -27.41 -13.89
C GLY C 396 13.75 -28.87 -14.24
N ILE C 397 12.72 -29.23 -15.00
CA ILE C 397 12.46 -30.61 -15.37
C ILE C 397 13.01 -30.95 -16.75
N LYS C 398 12.81 -30.08 -17.73
CA LYS C 398 13.19 -30.39 -19.11
C LYS C 398 14.69 -30.61 -19.23
N GLY C 399 15.06 -31.68 -19.93
CA GLY C 399 16.45 -31.99 -20.19
C GLY C 399 17.13 -32.79 -19.10
N ARG C 400 16.48 -33.02 -17.96
CA ARG C 400 17.12 -33.74 -16.88
C ARG C 400 17.33 -35.21 -17.23
N ALA C 401 16.40 -35.82 -17.95
CA ALA C 401 16.51 -37.22 -18.32
C ALA C 401 17.20 -37.43 -19.67
N THR C 402 16.94 -36.54 -20.63
CA THR C 402 17.58 -36.67 -21.94
C THR C 402 19.09 -36.46 -21.84
N GLY C 403 19.52 -35.48 -21.05
CA GLY C 403 20.94 -35.21 -20.89
C GLY C 403 21.32 -33.76 -21.10
N ASP C 404 20.43 -33.00 -21.74
CA ASP C 404 20.71 -31.59 -21.99
C ASP C 404 20.72 -30.82 -20.67
N THR C 405 21.79 -30.09 -20.42
CA THR C 405 21.98 -29.39 -19.15
C THR C 405 21.44 -27.97 -19.19
N GLN C 406 20.18 -27.82 -19.59
CA GLN C 406 19.51 -26.53 -19.50
C GLN C 406 18.86 -26.31 -18.14
N TYR C 407 18.83 -27.32 -17.29
CA TYR C 407 18.26 -27.24 -15.95
C TYR C 407 19.27 -26.81 -14.90
N ASP C 408 20.53 -26.60 -15.27
CA ASP C 408 21.59 -26.36 -14.30
C ASP C 408 21.56 -24.96 -13.71
N THR C 409 20.66 -24.09 -14.17
CA THR C 409 20.54 -22.76 -13.59
C THR C 409 20.08 -22.88 -12.13
N PRO C 410 20.45 -21.92 -11.28
CA PRO C 410 20.03 -21.99 -9.87
C PRO C 410 18.53 -22.07 -9.68
N PHE C 411 17.77 -21.33 -10.49
CA PHE C 411 16.31 -21.44 -10.42
C PHE C 411 15.86 -22.83 -10.80
N GLY C 412 16.48 -23.42 -11.83
CA GLY C 412 16.12 -24.77 -12.23
C GLY C 412 16.37 -25.78 -11.13
N ARG C 413 17.54 -25.72 -10.49
CA ARG C 413 17.86 -26.65 -9.41
C ARG C 413 16.91 -26.46 -8.23
N TYR C 414 16.64 -25.22 -7.85
CA TYR C 414 15.74 -24.98 -6.73
C TYR C 414 14.33 -25.47 -7.05
N VAL C 415 13.84 -25.19 -8.25
CA VAL C 415 12.47 -25.57 -8.61
C VAL C 415 12.36 -27.09 -8.75
N TYR C 416 13.45 -27.76 -9.14
CA TYR C 416 13.46 -29.21 -9.08
C TYR C 416 13.43 -29.70 -7.64
N GLY C 417 14.08 -28.97 -6.74
CA GLY C 417 14.01 -29.32 -5.33
C GLY C 417 12.65 -29.12 -4.71
N ARG C 418 11.79 -28.30 -5.31
CA ARG C 418 10.46 -28.05 -4.78
C ARG C 418 9.44 -29.09 -5.22
N ILE C 419 9.80 -29.98 -6.14
CA ILE C 419 8.89 -31.03 -6.57
C ILE C 419 8.84 -32.13 -5.50
N SER C 420 7.77 -32.91 -5.54
CA SER C 420 7.59 -33.99 -4.57
C SER C 420 8.75 -34.96 -4.61
N GLU C 421 9.21 -35.37 -3.43
CA GLU C 421 10.36 -36.26 -3.34
C GLU C 421 10.05 -37.64 -3.90
N ASN C 422 8.88 -38.20 -3.58
CA ASN C 422 8.52 -39.51 -4.13
C ASN C 422 8.31 -39.44 -5.64
N TYR C 423 7.75 -38.33 -6.11
CA TYR C 423 7.57 -38.15 -7.55
C TYR C 423 8.93 -38.14 -8.25
N ARG C 424 9.92 -37.46 -7.65
CA ARG C 424 11.25 -37.45 -8.24
C ARG C 424 11.92 -38.81 -8.13
N ARG C 425 11.67 -39.55 -7.06
CA ARG C 425 12.20 -40.91 -6.95
C ARG C 425 11.67 -41.79 -8.06
N ILE C 426 10.37 -41.69 -8.35
CA ILE C 426 9.80 -42.43 -9.47
C ILE C 426 10.40 -41.95 -10.79
N PHE C 427 10.60 -40.64 -10.92
CA PHE C 427 11.21 -40.09 -12.13
C PHE C 427 12.65 -40.54 -12.29
N GLU C 428 13.37 -40.71 -11.18
CA GLU C 428 14.78 -41.11 -11.23
C GLU C 428 14.97 -42.61 -11.34
N GLN C 429 13.89 -43.39 -11.36
CA GLN C 429 14.00 -44.84 -11.50
C GLN C 429 14.49 -45.19 -12.90
N GLU C 430 15.02 -46.41 -13.01
CA GLU C 430 15.58 -46.91 -14.27
C GLU C 430 14.58 -47.89 -14.88
N ASN C 431 13.82 -47.41 -15.87
CA ASN C 431 12.87 -48.23 -16.60
C ASN C 431 13.09 -48.04 -18.10
N ASN C 432 12.19 -48.61 -18.90
CA ASN C 432 12.29 -48.55 -20.35
C ASN C 432 11.57 -47.36 -20.96
N LEU C 433 11.02 -46.47 -20.13
CA LEU C 433 10.32 -45.31 -20.67
C LEU C 433 11.29 -44.36 -21.33
N PRO C 434 10.90 -43.72 -22.44
CA PRO C 434 11.76 -42.70 -23.05
C PRO C 434 11.92 -41.50 -22.12
N ALA C 435 13.08 -40.84 -22.25
CA ALA C 435 13.44 -39.78 -21.31
C ALA C 435 12.44 -38.62 -21.35
N CYS C 436 12.06 -38.19 -22.55
CA CYS C 436 11.08 -37.11 -22.68
C CYS C 436 9.76 -37.49 -22.03
N TYR C 437 9.32 -38.73 -22.22
CA TYR C 437 8.12 -39.20 -21.54
C TYR C 437 8.30 -39.17 -20.03
N LYS C 438 9.48 -39.53 -19.54
CA LYS C 438 9.71 -39.54 -18.10
C LYS C 438 9.60 -38.13 -17.51
N GLU C 439 10.22 -37.14 -18.17
CA GLU C 439 10.15 -35.79 -17.62
C GLU C 439 8.76 -35.19 -17.78
N ALA C 440 8.07 -35.47 -18.89
CA ALA C 440 6.69 -35.01 -19.02
C ALA C 440 5.79 -35.64 -17.96
N GLN C 441 6.01 -36.92 -17.66
CA GLN C 441 5.25 -37.58 -16.62
C GLN C 441 5.54 -36.98 -15.25
N LEU C 442 6.81 -36.64 -14.99
CA LEU C 442 7.15 -35.98 -13.73
C LEU C 442 6.41 -34.67 -13.59
N LEU C 443 6.39 -33.86 -14.65
CA LEU C 443 5.66 -32.60 -14.61
C LEU C 443 4.16 -32.82 -14.40
N ALA C 444 3.60 -33.81 -15.10
CA ALA C 444 2.18 -34.09 -14.96
C ALA C 444 1.84 -34.52 -13.54
N ASP C 445 2.65 -35.40 -12.96
CA ASP C 445 2.42 -35.83 -11.58
C ASP C 445 2.51 -34.65 -10.63
N ALA C 446 3.54 -33.82 -10.78
CA ALA C 446 3.72 -32.69 -9.88
C ALA C 446 2.53 -31.74 -9.95
N ILE C 447 2.07 -31.41 -11.15
CA ILE C 447 0.98 -30.45 -11.28
C ILE C 447 -0.34 -31.06 -10.82
N SER C 448 -0.64 -32.30 -11.22
CA SER C 448 -1.91 -32.92 -10.89
C SER C 448 -2.03 -33.31 -9.42
N GLY C 449 -0.91 -33.43 -8.71
CA GLY C 449 -0.96 -33.73 -7.29
C GLY C 449 -1.23 -32.55 -6.40
N MET C 450 -1.26 -31.33 -6.94
CA MET C 450 -1.37 -30.12 -6.14
C MET C 450 -2.81 -29.75 -5.90
N THR C 451 -3.07 -29.16 -4.74
CA THR C 451 -4.35 -28.53 -4.46
C THR C 451 -4.38 -27.13 -5.06
N ASP C 452 -5.56 -26.50 -5.03
CA ASP C 452 -5.69 -25.15 -5.59
C ASP C 452 -4.84 -24.15 -4.83
N SER C 453 -5.00 -24.10 -3.50
CA SER C 453 -4.27 -23.13 -2.69
C SER C 453 -2.77 -23.35 -2.77
N TYR C 454 -2.34 -24.62 -2.72
CA TYR C 454 -0.92 -24.92 -2.87
C TYR C 454 -0.41 -24.46 -4.23
N LEU C 455 -1.20 -24.67 -5.29
CA LEU C 455 -0.79 -24.21 -6.60
C LEU C 455 -0.65 -22.69 -6.65
N ILE C 456 -1.60 -21.95 -6.07
CA ILE C 456 -1.50 -20.49 -6.08
C ILE C 456 -0.27 -20.04 -5.30
N ALA C 457 -0.05 -20.61 -4.12
CA ALA C 457 1.08 -20.19 -3.31
C ALA C 457 2.40 -20.50 -3.99
N LEU C 458 2.54 -21.70 -4.56
CA LEU C 458 3.77 -22.05 -5.25
C LEU C 458 3.98 -21.19 -6.48
N HIS C 459 2.91 -20.90 -7.22
CA HIS C 459 3.03 -20.05 -8.39
C HIS C 459 3.53 -18.66 -8.01
N ASP C 460 2.94 -18.08 -6.96
CA ASP C 460 3.37 -16.74 -6.53
C ASP C 460 4.82 -16.76 -6.05
N GLU C 461 5.19 -17.77 -5.25
CA GLU C 461 6.56 -17.83 -4.73
C GLU C 461 7.56 -18.01 -5.86
N LEU C 462 7.27 -18.90 -6.82
CA LEU C 462 8.19 -19.13 -7.91
C LEU C 462 8.26 -17.94 -8.86
N ARG C 463 7.15 -17.23 -9.05
CA ARG C 463 7.19 -16.02 -9.85
C ARG C 463 8.04 -14.94 -9.18
N ALA C 464 7.94 -14.83 -7.86
CA ALA C 464 8.81 -13.91 -7.13
C ALA C 464 10.27 -14.31 -7.27
N LEU C 465 10.57 -15.60 -7.18
CA LEU C 465 11.95 -16.08 -7.29
C LEU C 465 12.47 -16.11 -8.71
N HIS C 466 11.60 -15.94 -9.71
CA HIS C 466 12.00 -16.03 -11.11
C HIS C 466 12.30 -14.68 -11.74
N GLN C 467 12.29 -13.60 -10.96
CA GLN C 467 12.41 -12.26 -11.54
C GLN C 467 13.76 -12.06 -12.22
N TYR C 468 14.84 -12.61 -11.66
CA TYR C 468 16.16 -12.40 -12.25
C TYR C 468 16.33 -13.16 -13.56
N GLU C 469 16.07 -14.47 -13.53
CA GLU C 469 16.27 -15.30 -14.71
C GLU C 469 15.28 -14.98 -15.82
N CYS C 470 14.20 -14.27 -15.52
CA CYS C 470 13.26 -13.79 -16.51
C CYS C 470 13.56 -12.36 -16.95
N ARG C 471 14.77 -11.87 -16.67
CA ARG C 471 15.19 -10.51 -17.00
C ARG C 471 14.26 -9.48 -16.38
N GLY D 1 -29.92 -55.81 36.71
CA GLY D 1 -30.72 -55.13 35.72
C GLY D 1 -29.92 -54.70 34.50
N SER D 2 -29.18 -55.66 33.93
CA SER D 2 -28.37 -55.37 32.76
C SER D 2 -29.23 -55.00 31.57
N MET D 3 -28.77 -54.01 30.80
CA MET D 3 -29.50 -53.59 29.62
C MET D 3 -29.45 -54.66 28.55
N HIS D 4 -30.44 -54.64 27.67
CA HIS D 4 -30.56 -55.62 26.60
C HIS D 4 -30.21 -54.98 25.26
N TRP D 5 -29.64 -55.78 24.36
CA TRP D 5 -29.25 -55.28 23.06
C TRP D 5 -30.45 -54.89 22.21
N ASN D 6 -31.65 -55.41 22.52
CA ASN D 6 -32.83 -54.99 21.80
C ASN D 6 -33.13 -53.51 22.00
N ASP D 7 -33.01 -53.03 23.23
CA ASP D 7 -33.23 -51.61 23.52
C ASP D 7 -32.05 -50.74 23.08
N LEU D 8 -30.82 -51.23 23.26
CA LEU D 8 -29.65 -50.45 22.90
C LEU D 8 -29.52 -50.25 21.40
N LEU D 9 -30.02 -51.18 20.60
CA LEU D 9 -30.01 -51.08 19.15
C LEU D 9 -31.38 -50.68 18.59
N ASN D 10 -32.10 -49.85 19.34
CA ASN D 10 -33.43 -49.44 18.93
C ASN D 10 -33.35 -48.60 17.66
N SER D 11 -34.03 -49.06 16.61
CA SER D 11 -34.01 -48.39 15.32
C SER D 11 -35.18 -47.42 15.14
N ASN D 12 -36.01 -47.24 16.16
CA ASN D 12 -37.10 -46.27 16.08
C ASN D 12 -36.56 -44.85 16.13
N ARG D 13 -37.35 -43.92 15.63
CA ARG D 13 -36.98 -42.51 15.58
C ARG D 13 -37.90 -41.69 16.47
N ARG D 14 -37.41 -40.53 16.88
CA ARG D 14 -38.16 -39.69 17.82
C ARG D 14 -39.46 -39.19 17.19
N LYS D 15 -39.41 -38.80 15.93
CA LYS D 15 -40.60 -38.29 15.26
C LYS D 15 -41.64 -39.40 15.12
N PRO D 16 -42.90 -39.17 15.52
CA PRO D 16 -43.98 -40.15 15.42
C PRO D 16 -44.25 -40.60 13.98
N THR D 27 -38.82 -43.79 -0.28
CA THR D 27 -37.44 -44.03 0.16
C THR D 27 -37.35 -45.31 0.98
N SER D 28 -36.24 -45.44 1.72
CA SER D 28 -35.99 -46.62 2.57
C SER D 28 -36.06 -47.91 1.74
N LYS D 29 -35.52 -47.86 0.54
CA LYS D 29 -35.55 -49.00 -0.39
C LYS D 29 -34.32 -49.86 -0.14
N GLY D 30 -34.49 -50.91 0.66
CA GLY D 30 -33.41 -51.84 0.92
C GLY D 30 -32.35 -51.34 1.89
N ARG D 31 -32.62 -50.28 2.63
CA ARG D 31 -31.65 -49.71 3.57
C ARG D 31 -32.24 -49.76 4.97
N GLN D 32 -31.43 -50.21 5.93
CA GLN D 32 -31.83 -50.19 7.32
C GLN D 32 -31.87 -48.75 7.84
N GLN D 33 -32.64 -48.55 8.91
CA GLN D 33 -32.78 -47.21 9.47
C GLN D 33 -31.44 -46.69 9.99
N ILE D 34 -30.68 -47.56 10.67
CA ILE D 34 -29.37 -47.14 11.18
C ILE D 34 -28.42 -46.82 10.03
N GLU D 35 -28.52 -47.57 8.93
CA GLU D 35 -27.73 -47.25 7.74
C GLU D 35 -28.13 -45.89 7.19
N ARG D 36 -29.42 -45.58 7.17
CA ARG D 36 -29.89 -44.28 6.70
C ARG D 36 -29.43 -43.15 7.62
N ASP D 37 -29.21 -43.43 8.90
CA ASP D 37 -28.66 -42.42 9.80
C ASP D 37 -27.29 -41.96 9.32
N TYR D 38 -26.46 -42.90 8.85
CA TYR D 38 -25.15 -42.52 8.33
C TYR D 38 -25.28 -41.60 7.13
N ASP D 39 -26.22 -41.89 6.23
CA ASP D 39 -26.44 -41.01 5.09
C ASP D 39 -26.91 -39.63 5.53
N ARG D 40 -27.82 -39.58 6.49
CA ARG D 40 -28.30 -38.29 6.99
C ARG D 40 -27.15 -37.48 7.58
N ILE D 41 -26.28 -38.12 8.36
CA ILE D 41 -25.15 -37.42 8.96
C ILE D 41 -24.17 -36.96 7.88
N LEU D 42 -23.85 -37.83 6.92
CA LEU D 42 -22.86 -37.51 5.92
C LEU D 42 -23.32 -36.37 5.01
N PHE D 43 -24.59 -36.37 4.63
CA PHE D 43 -25.10 -35.33 3.76
C PHE D 43 -25.44 -34.03 4.48
N ALA D 44 -25.33 -34.01 5.81
CA ALA D 44 -25.57 -32.79 6.56
C ALA D 44 -24.48 -31.76 6.27
N ALA D 45 -24.88 -30.49 6.21
CA ALA D 45 -23.92 -29.43 5.92
C ALA D 45 -22.79 -29.33 6.95
N PRO D 46 -23.02 -29.42 8.27
CA PRO D 46 -21.88 -29.34 9.20
C PRO D 46 -20.84 -30.43 8.99
N THR D 47 -21.25 -31.60 8.51
CA THR D 47 -20.28 -32.67 8.27
C THR D 47 -19.22 -32.22 7.28
N ARG D 48 -19.64 -31.58 6.20
CA ARG D 48 -18.67 -31.08 5.23
C ARG D 48 -18.11 -29.71 5.60
N ARG D 49 -18.75 -28.99 6.53
CA ARG D 49 -18.12 -27.80 7.09
C ARG D 49 -16.97 -28.17 8.02
N LEU D 50 -16.95 -29.39 8.54
CA LEU D 50 -15.83 -29.85 9.36
C LEU D 50 -14.51 -29.83 8.61
N ALA D 51 -14.54 -29.80 7.28
CA ALA D 51 -13.32 -29.75 6.48
C ALA D 51 -12.51 -28.49 6.70
N ASP D 52 -13.13 -27.42 7.21
CA ASP D 52 -12.43 -26.17 7.50
C ASP D 52 -12.45 -25.83 8.98
N LYS D 53 -12.41 -26.86 9.82
CA LYS D 53 -12.30 -26.70 11.26
C LYS D 53 -11.04 -27.40 11.75
N THR D 54 -10.28 -26.72 12.59
CA THR D 54 -8.98 -27.22 13.01
C THR D 54 -9.13 -28.44 13.92
N GLN D 55 -8.19 -29.37 13.77
CA GLN D 55 -8.05 -30.49 14.68
C GLN D 55 -6.98 -30.22 15.73
N VAL D 56 -5.77 -29.88 15.28
CA VAL D 56 -4.67 -29.48 16.16
C VAL D 56 -4.03 -28.17 15.67
N PHE D 57 -3.62 -28.13 14.41
CA PHE D 57 -2.92 -26.98 13.87
C PHE D 57 -3.92 -26.06 13.17
N PRO D 58 -4.12 -24.83 13.63
CA PRO D 58 -5.15 -23.96 13.03
C PRO D 58 -4.66 -23.34 11.73
N LEU D 59 -5.53 -23.34 10.73
CA LEU D 59 -5.31 -22.67 9.45
C LEU D 59 -3.98 -23.10 8.81
N ASP D 60 -3.72 -24.40 8.88
CA ASP D 60 -2.47 -24.94 8.37
C ASP D 60 -2.46 -24.95 6.84
N LYS D 61 -1.35 -24.51 6.27
CA LYS D 61 -1.19 -24.51 4.82
C LYS D 61 -0.92 -25.90 4.25
N ASN D 62 -0.38 -26.81 5.05
CA ASN D 62 -0.17 -28.18 4.58
C ASN D 62 -1.50 -28.88 4.45
N ASP D 63 -1.80 -29.37 3.25
CA ASP D 63 -3.07 -29.99 2.95
C ASP D 63 -3.16 -31.43 3.44
N SER D 64 -2.06 -32.01 3.90
CA SER D 64 -2.08 -33.36 4.44
C SER D 64 -2.31 -33.40 5.94
N VAL D 65 -2.18 -32.28 6.63
CA VAL D 65 -2.45 -32.24 8.07
C VAL D 65 -3.93 -32.48 8.30
N ARG D 66 -4.24 -33.37 9.24
CA ARG D 66 -5.62 -33.75 9.48
C ARG D 66 -6.45 -32.54 9.93
N THR D 67 -7.60 -32.37 9.30
CA THR D 67 -8.60 -31.43 9.76
C THR D 67 -9.67 -32.19 10.54
N ARG D 68 -10.74 -31.50 10.92
CA ARG D 68 -11.79 -32.16 11.68
C ARG D 68 -12.56 -33.17 10.84
N LEU D 69 -12.75 -32.89 9.54
CA LEU D 69 -13.48 -33.83 8.70
C LEU D 69 -12.68 -35.10 8.46
N THR D 70 -11.39 -34.97 8.15
CA THR D 70 -10.55 -36.15 7.97
C THR D 70 -10.44 -36.94 9.27
N HIS D 71 -10.33 -36.26 10.40
CA HIS D 71 -10.32 -36.93 11.70
C HIS D 71 -11.62 -37.72 11.90
N SER D 72 -12.76 -37.09 11.60
CA SER D 72 -14.04 -37.75 11.77
C SER D 72 -14.15 -38.97 10.85
N HIS D 73 -13.69 -38.85 9.61
CA HIS D 73 -13.77 -39.97 8.69
C HIS D 73 -12.87 -41.11 9.13
N GLU D 74 -11.68 -40.81 9.64
CA GLU D 74 -10.81 -41.85 10.14
C GLU D 74 -11.40 -42.55 11.36
N VAL D 75 -12.01 -41.76 12.26
CA VAL D 75 -12.67 -42.35 13.42
C VAL D 75 -13.83 -43.24 12.98
N ALA D 76 -14.59 -42.78 11.98
CA ALA D 76 -15.70 -43.58 11.48
C ALA D 76 -15.21 -44.89 10.86
N ASN D 77 -14.10 -44.83 10.12
CA ASN D 77 -13.56 -46.05 9.52
C ASN D 77 -13.09 -47.02 10.60
N LEU D 78 -12.41 -46.52 11.62
CA LEU D 78 -11.96 -47.40 12.71
C LEU D 78 -13.15 -48.01 13.45
N SER D 79 -14.18 -47.20 13.70
CA SER D 79 -15.36 -47.72 14.38
C SER D 79 -16.07 -48.76 13.52
N ARG D 80 -16.13 -48.53 12.21
CA ARG D 80 -16.75 -49.51 11.31
C ARG D 80 -15.96 -50.81 11.30
N GLY D 81 -14.63 -50.72 11.32
CA GLY D 81 -13.83 -51.93 11.40
C GLY D 81 -14.07 -52.70 12.69
N ILE D 82 -14.14 -51.99 13.80
CA ILE D 82 -14.40 -52.65 15.08
C ILE D 82 -15.80 -53.27 15.08
N GLY D 83 -16.78 -52.58 14.49
CA GLY D 83 -18.12 -53.15 14.40
C GLY D 83 -18.17 -54.36 13.50
N MET D 84 -17.40 -54.36 12.41
CA MET D 84 -17.32 -55.54 11.56
C MET D 84 -16.72 -56.71 12.32
N ARG D 85 -15.67 -56.46 13.10
CA ARG D 85 -15.11 -57.53 13.92
C ARG D 85 -16.12 -58.03 14.95
N LEU D 86 -16.88 -57.12 15.55
CA LEU D 86 -17.85 -57.51 16.57
C LEU D 86 -19.02 -58.30 15.99
N ALA D 87 -19.47 -57.95 14.79
CA ALA D 87 -20.65 -58.59 14.22
C ALA D 87 -20.31 -59.86 13.45
N PHE D 88 -19.33 -59.79 12.55
CA PHE D 88 -19.01 -60.95 11.71
C PHE D 88 -18.24 -62.02 12.46
N GLU D 89 -17.40 -61.64 13.43
CA GLU D 89 -16.49 -62.58 14.08
C GLU D 89 -16.87 -62.85 15.53
N LEU D 90 -16.90 -61.83 16.38
CA LEU D 90 -17.19 -62.02 17.80
C LEU D 90 -18.66 -61.71 18.10
N GLU D 91 -19.54 -62.49 17.49
CA GLU D 91 -20.97 -62.27 17.66
C GLU D 91 -21.57 -63.10 18.78
N ASP D 92 -21.17 -64.37 18.91
CA ASP D 92 -21.76 -65.25 19.90
C ASP D 92 -21.35 -64.90 21.32
N ASP D 93 -20.28 -64.15 21.51
CA ASP D 93 -19.83 -63.78 22.85
C ASP D 93 -20.11 -62.33 23.21
N VAL D 94 -20.39 -61.47 22.24
CA VAL D 94 -20.72 -60.08 22.51
C VAL D 94 -22.22 -59.81 22.45
N PHE D 95 -22.93 -60.34 21.46
CA PHE D 95 -24.35 -60.09 21.27
C PHE D 95 -25.11 -61.34 21.67
N LYS D 96 -25.89 -61.25 22.75
CA LYS D 96 -26.69 -62.36 23.24
C LYS D 96 -28.11 -61.87 23.50
N ASP D 97 -29.07 -62.78 23.29
CA ASP D 97 -30.49 -62.47 23.42
C ASP D 97 -30.88 -61.29 22.52
N VAL D 98 -30.52 -61.41 21.25
CA VAL D 98 -30.79 -60.38 20.25
C VAL D 98 -31.87 -60.89 19.31
N SER D 99 -32.94 -60.12 19.16
CA SER D 99 -34.03 -60.51 18.28
C SER D 99 -33.58 -60.51 16.82
N GLU D 100 -34.24 -61.34 16.01
CA GLU D 100 -33.88 -61.48 14.61
C GLU D 100 -34.34 -60.30 13.76
N ASP D 101 -35.14 -59.39 14.30
CA ASP D 101 -35.57 -58.22 13.53
C ASP D 101 -34.40 -57.33 13.16
N ILE D 102 -33.44 -57.17 14.07
CA ILE D 102 -32.28 -56.33 13.84
C ILE D 102 -31.15 -57.21 13.30
N CYS D 103 -30.64 -56.86 12.12
CA CYS D 103 -29.52 -57.57 11.52
C CYS D 103 -28.23 -56.92 12.00
N LEU D 104 -27.49 -57.63 12.86
CA LEU D 104 -26.27 -57.07 13.43
C LEU D 104 -25.23 -56.77 12.35
N LYS D 105 -25.10 -57.66 11.37
CA LYS D 105 -24.08 -57.51 10.34
C LYS D 105 -24.21 -56.19 9.60
N ARG D 106 -25.42 -55.67 9.46
CA ARG D 106 -25.66 -54.40 8.78
C ARG D 106 -25.84 -53.23 9.74
N ASP D 107 -26.31 -53.48 10.97
CA ASP D 107 -26.62 -52.39 11.87
C ASP D 107 -25.40 -51.96 12.68
N VAL D 108 -24.68 -52.93 13.28
CA VAL D 108 -23.58 -52.58 14.17
C VAL D 108 -22.47 -51.83 13.44
N PRO D 109 -21.95 -52.30 12.31
CA PRO D 109 -20.92 -51.50 11.62
C PRO D 109 -21.42 -50.13 11.19
N ALA D 110 -22.65 -50.06 10.67
CA ALA D 110 -23.22 -48.77 10.27
C ALA D 110 -23.42 -47.86 11.47
N LEU D 111 -23.90 -48.41 12.60
CA LEU D 111 -24.09 -47.59 13.78
C LEU D 111 -22.78 -47.02 14.28
N LEU D 112 -21.74 -47.86 14.36
CA LEU D 112 -20.44 -47.37 14.82
C LEU D 112 -19.85 -46.36 13.85
N ALA D 113 -20.01 -46.60 12.55
CA ALA D 113 -19.48 -45.65 11.57
C ALA D 113 -20.18 -44.29 11.68
N ALA D 114 -21.51 -44.30 11.80
CA ALA D 114 -22.23 -43.04 11.94
C ALA D 114 -21.85 -42.33 13.23
N ILE D 115 -21.72 -43.08 14.33
CA ILE D 115 -21.35 -42.49 15.61
C ILE D 115 -19.97 -41.87 15.53
N GLY D 116 -19.03 -42.55 14.89
CA GLY D 116 -17.69 -41.99 14.74
C GLY D 116 -17.67 -40.76 13.84
N LEU D 117 -18.45 -40.79 12.76
CA LEU D 117 -18.50 -39.64 11.85
C LEU D 117 -19.14 -38.43 12.50
N VAL D 118 -20.09 -38.66 13.41
CA VAL D 118 -20.84 -37.57 14.04
C VAL D 118 -20.19 -37.07 15.32
N HIS D 119 -19.11 -37.70 15.78
CA HIS D 119 -18.61 -37.45 17.12
C HIS D 119 -18.08 -36.04 17.32
N ASP D 120 -17.70 -35.34 16.24
CA ASP D 120 -17.09 -34.02 16.37
C ASP D 120 -17.75 -33.02 15.43
N MET D 121 -19.05 -33.21 15.15
CA MET D 121 -19.75 -32.30 14.27
C MET D 121 -19.90 -30.89 14.85
N GLY D 122 -20.18 -30.77 16.14
CA GLY D 122 -20.42 -29.48 16.75
C GLY D 122 -19.21 -28.83 17.40
N ASN D 123 -18.01 -29.28 17.09
CA ASN D 123 -16.82 -28.69 17.69
C ASN D 123 -16.67 -27.24 17.23
N PRO D 124 -16.30 -26.32 18.11
CA PRO D 124 -16.15 -24.92 17.71
C PRO D 124 -14.96 -24.73 16.79
N PRO D 125 -14.89 -23.61 16.08
CA PRO D 125 -13.70 -23.33 15.27
C PRO D 125 -12.46 -23.14 16.13
N PHE D 126 -11.30 -23.33 15.51
CA PHE D 126 -9.98 -23.24 16.13
C PHE D 126 -9.76 -24.31 17.19
N GLY D 127 -10.46 -25.43 17.12
CA GLY D 127 -10.19 -26.54 18.00
C GLY D 127 -10.64 -26.30 19.43
N ALA D 128 -10.14 -27.16 20.32
CA ALA D 128 -10.53 -27.11 21.72
C ALA D 128 -10.23 -25.75 22.34
N GLN D 129 -9.04 -25.22 22.05
CA GLN D 129 -8.70 -23.87 22.51
C GLN D 129 -9.75 -22.86 22.12
N GLY D 130 -10.25 -22.92 20.88
CA GLY D 130 -11.32 -22.02 20.48
C GLY D 130 -12.53 -22.15 21.38
N ALA D 131 -12.94 -23.38 21.68
CA ALA D 131 -14.01 -23.58 22.65
C ALA D 131 -13.69 -22.89 23.96
N LYS D 132 -12.46 -23.07 24.46
CA LYS D 132 -12.03 -22.39 25.67
C LYS D 132 -12.27 -20.89 25.54
N ALA D 133 -11.86 -20.31 24.41
CA ALA D 133 -12.08 -18.88 24.19
C ALA D 133 -13.55 -18.54 24.37
N MET D 134 -14.43 -19.30 23.71
CA MET D 134 -15.86 -19.07 23.88
C MET D 134 -16.24 -19.09 25.34
N SER D 135 -15.80 -20.13 26.06
CA SER D 135 -16.09 -20.21 27.48
C SER D 135 -15.64 -18.96 28.21
N GLU D 136 -14.42 -18.50 27.93
CA GLU D 136 -13.92 -17.31 28.59
C GLU D 136 -14.85 -16.13 28.35
N TRP D 137 -15.29 -15.94 27.11
CA TRP D 137 -16.22 -14.86 26.82
C TRP D 137 -17.51 -15.04 27.61
N PHE D 138 -18.04 -16.26 27.65
CA PHE D 138 -19.25 -16.50 28.40
C PHE D 138 -19.03 -16.32 29.89
N THR D 139 -17.77 -16.41 30.34
CA THR D 139 -17.48 -16.14 31.75
C THR D 139 -17.57 -14.66 32.04
N LYS D 140 -17.24 -13.82 31.07
CA LYS D 140 -17.21 -12.38 31.33
C LYS D 140 -18.55 -11.72 31.03
N ASN D 141 -19.18 -12.09 29.91
CA ASN D 141 -20.42 -11.45 29.51
C ASN D 141 -21.66 -12.08 30.13
N LEU D 142 -21.51 -13.22 30.82
CA LEU D 142 -22.59 -13.84 31.59
C LEU D 142 -22.08 -14.06 33.00
N PRO D 143 -21.88 -13.00 33.77
CA PRO D 143 -21.26 -13.14 35.10
C PRO D 143 -22.13 -13.95 36.04
N GLU D 144 -21.47 -14.74 36.90
CA GLU D 144 -22.19 -15.56 37.87
C GLU D 144 -22.89 -14.70 38.90
N HIS D 145 -22.25 -13.61 39.34
CA HIS D 145 -22.84 -12.76 40.37
C HIS D 145 -24.08 -12.03 39.90
N SER D 146 -24.28 -11.91 38.58
CA SER D 146 -25.48 -11.25 38.07
C SER D 146 -26.70 -12.12 38.31
N ASP D 147 -27.82 -11.47 38.68
CA ASP D 147 -29.04 -12.22 38.95
C ASP D 147 -29.59 -12.86 37.69
N ASN D 148 -29.37 -12.24 36.53
CA ASN D 148 -29.85 -12.82 35.28
C ASN D 148 -29.19 -14.16 34.99
N TYR D 149 -27.89 -14.27 35.25
CA TYR D 149 -27.13 -15.48 34.97
C TYR D 149 -26.64 -16.17 36.23
N LYS D 150 -27.29 -15.94 37.36
CA LYS D 150 -26.87 -16.59 38.61
C LYS D 150 -27.12 -18.09 38.57
N ASP D 151 -28.08 -18.54 37.78
CA ASP D 151 -28.45 -19.94 37.77
C ASP D 151 -27.32 -20.80 37.20
N LYS D 152 -27.26 -22.06 37.64
CA LYS D 152 -26.23 -22.98 37.21
C LYS D 152 -26.41 -23.46 35.78
N ILE D 153 -27.60 -23.28 35.20
CA ILE D 153 -27.84 -23.73 33.83
C ILE D 153 -26.92 -22.99 32.85
N TYR D 154 -26.61 -21.74 33.14
CA TYR D 154 -25.70 -20.96 32.30
C TYR D 154 -24.29 -21.49 32.34
N GLY D 155 -23.98 -22.41 33.25
CA GLY D 155 -22.73 -23.14 33.18
C GLY D 155 -22.58 -23.96 31.92
N ASP D 156 -23.69 -24.20 31.21
CA ASP D 156 -23.59 -24.80 29.88
C ASP D 156 -22.77 -23.95 28.94
N PHE D 157 -22.71 -22.64 29.18
CA PHE D 157 -21.97 -21.71 28.33
C PHE D 157 -20.63 -21.31 28.91
N ARG D 158 -20.54 -21.17 30.24
CA ARG D 158 -19.25 -20.88 30.85
C ARG D 158 -18.28 -22.04 30.70
N HIS D 159 -18.78 -23.25 30.44
CA HIS D 159 -17.96 -24.44 30.23
C HIS D 159 -18.36 -25.11 28.93
N PHE D 160 -18.45 -24.30 27.86
CA PHE D 160 -18.93 -24.79 26.57
C PHE D 160 -18.08 -25.95 26.07
N ASP D 161 -18.76 -26.97 25.54
CA ASP D 161 -18.13 -28.17 25.03
C ASP D 161 -18.76 -28.54 23.70
N GLY D 162 -17.98 -29.25 22.87
CA GLY D 162 -18.43 -29.59 21.54
C GLY D 162 -19.48 -30.69 21.49
N ASN D 163 -19.46 -31.61 22.44
CA ASN D 163 -20.43 -32.71 22.43
C ASN D 163 -21.85 -32.20 22.66
N SER D 164 -22.02 -31.27 23.60
CA SER D 164 -23.33 -30.70 23.84
C SER D 164 -23.87 -30.00 22.61
N GLN D 165 -23.01 -29.28 21.89
CA GLN D 165 -23.43 -28.62 20.67
C GLN D 165 -23.73 -29.63 19.57
N THR D 166 -22.97 -30.72 19.50
CA THR D 166 -23.22 -31.75 18.48
C THR D 166 -24.59 -32.39 18.67
N LEU D 167 -24.94 -32.69 19.92
CA LEU D 167 -26.23 -33.33 20.18
C LEU D 167 -27.38 -32.42 19.77
N ARG D 168 -27.31 -31.13 20.11
CA ARG D 168 -28.36 -30.20 19.72
C ARG D 168 -28.33 -29.89 18.23
N LEU D 169 -27.17 -30.03 17.58
CA LEU D 169 -27.11 -29.88 16.13
C LEU D 169 -27.85 -31.01 15.44
N VAL D 170 -27.63 -32.25 15.89
CA VAL D 170 -28.29 -33.39 15.26
C VAL D 170 -29.73 -33.56 15.72
N THR D 171 -30.15 -32.89 16.80
CA THR D 171 -31.51 -33.04 17.30
C THR D 171 -32.40 -31.83 17.08
N LYS D 172 -31.86 -30.63 17.08
CA LYS D 172 -32.75 -29.47 16.92
C LYS D 172 -32.31 -28.51 15.84
N LEU D 173 -31.01 -28.30 15.66
CA LEU D 173 -30.55 -27.20 14.81
C LEU D 173 -30.79 -27.50 13.33
N GLN D 174 -30.67 -28.76 12.92
CA GLN D 174 -30.93 -29.15 11.53
C GLN D 174 -32.43 -29.29 11.30
N ILE D 175 -33.12 -28.16 11.39
CA ILE D 175 -34.57 -28.13 11.35
C ILE D 175 -35.03 -27.83 9.92
N LEU D 176 -36.01 -28.59 9.44
CA LEU D 176 -36.65 -28.25 8.18
C LEU D 176 -38.08 -27.81 8.43
N ASN D 177 -38.89 -28.70 9.01
CA ASN D 177 -40.24 -28.33 9.41
C ASN D 177 -40.66 -29.04 10.70
N ASP D 178 -39.75 -29.78 11.33
CA ASP D 178 -40.02 -30.54 12.54
C ASP D 178 -39.31 -29.88 13.72
N THR D 179 -39.41 -30.51 14.89
CA THR D 179 -38.59 -30.16 16.04
C THR D 179 -37.62 -31.29 16.38
N TYR D 180 -37.41 -32.22 15.44
CA TYR D 180 -36.62 -33.42 15.69
C TYR D 180 -35.30 -33.42 14.94
N GLY D 181 -34.94 -32.31 14.28
CA GLY D 181 -33.66 -32.23 13.60
C GLY D 181 -33.53 -33.25 12.50
N LEU D 182 -32.40 -33.97 12.49
CA LEU D 182 -32.14 -34.98 11.48
C LEU D 182 -32.98 -36.24 11.67
N ASN D 183 -33.66 -36.38 12.80
CA ASN D 183 -34.53 -37.52 13.08
C ASN D 183 -33.74 -38.82 13.00
N LEU D 184 -32.65 -38.87 13.76
CA LEU D 184 -31.83 -40.07 13.84
C LEU D 184 -32.51 -41.13 14.72
N THR D 185 -32.08 -42.37 14.55
CA THR D 185 -32.63 -43.46 15.34
C THR D 185 -32.24 -43.32 16.81
N TYR D 186 -32.98 -44.01 17.67
CA TYR D 186 -32.71 -43.93 19.11
C TYR D 186 -31.34 -44.49 19.45
N ALA D 187 -30.93 -45.55 18.74
CA ALA D 187 -29.60 -46.12 18.99
C ALA D 187 -28.50 -45.10 18.66
N THR D 188 -28.62 -44.42 17.54
CA THR D 188 -27.63 -43.41 17.16
C THR D 188 -27.59 -42.27 18.16
N LEU D 189 -28.75 -41.79 18.59
CA LEU D 189 -28.80 -40.69 19.55
C LEU D 189 -28.23 -41.12 20.89
N ALA D 190 -28.53 -42.35 21.33
CA ALA D 190 -28.02 -42.82 22.60
C ALA D 190 -26.51 -43.02 22.56
N SER D 191 -25.99 -43.56 21.47
CA SER D 191 -24.56 -43.86 21.39
C SER D 191 -23.70 -42.62 21.23
N MET D 192 -24.27 -41.52 20.75
CA MET D 192 -23.49 -40.31 20.53
C MET D 192 -23.29 -39.48 21.79
N ILE D 193 -24.03 -39.77 22.86
CA ILE D 193 -23.92 -39.02 24.11
C ILE D 193 -22.65 -39.49 24.81
N LYS D 194 -21.56 -38.72 24.65
CA LYS D 194 -20.28 -39.11 25.24
C LYS D 194 -20.36 -39.06 26.77
N TYR D 195 -20.96 -38.01 27.32
CA TYR D 195 -21.04 -37.84 28.77
C TYR D 195 -22.51 -37.70 29.17
N PRO D 196 -23.14 -38.77 29.65
CA PRO D 196 -24.58 -38.73 29.98
C PRO D 196 -24.88 -37.98 31.27
N ARG D 197 -24.65 -36.67 31.25
CA ARG D 197 -24.97 -35.83 32.40
C ARG D 197 -25.10 -34.39 31.93
N SER D 198 -25.85 -33.61 32.70
CA SER D 198 -26.04 -32.19 32.43
C SER D 198 -25.11 -31.35 33.30
N SER D 199 -25.05 -30.06 32.99
CA SER D 199 -24.23 -29.15 33.79
C SER D 199 -24.76 -29.03 35.21
N GLU D 200 -26.09 -29.03 35.37
CA GLU D 200 -26.67 -28.97 36.71
C GLU D 200 -26.32 -30.22 37.51
N SER D 201 -26.33 -31.38 36.87
CA SER D 201 -26.01 -32.62 37.56
C SER D 201 -24.56 -32.64 38.02
N ASP D 202 -24.32 -33.27 39.17
CA ASP D 202 -22.99 -33.37 39.77
C ASP D 202 -22.60 -34.85 39.78
N SER D 203 -21.89 -35.28 38.74
CA SER D 203 -21.45 -36.66 38.62
C SER D 203 -19.93 -36.71 38.71
N SER D 204 -19.42 -37.55 39.61
CA SER D 204 -17.98 -37.73 39.74
C SER D 204 -17.41 -38.61 38.63
N LEU D 205 -18.25 -39.40 37.96
CA LEU D 205 -17.75 -40.27 36.90
C LEU D 205 -17.38 -39.48 35.66
N TRP D 206 -18.20 -38.51 35.27
CA TRP D 206 -17.98 -37.73 34.07
C TRP D 206 -17.67 -36.28 34.46
N LYS D 207 -16.56 -35.76 33.96
CA LYS D 207 -16.10 -34.42 34.32
C LYS D 207 -16.70 -33.33 33.46
N LYS D 208 -17.36 -33.69 32.36
CA LYS D 208 -17.93 -32.72 31.43
C LYS D 208 -19.39 -33.04 31.18
N HIS D 209 -20.21 -32.00 31.02
CA HIS D 209 -21.60 -32.20 30.67
C HIS D 209 -21.74 -32.58 29.19
N GLY D 210 -22.77 -33.36 28.90
CA GLY D 210 -22.93 -33.87 27.55
C GLY D 210 -24.08 -33.27 26.76
N PHE D 211 -24.93 -32.49 27.42
CA PHE D 211 -26.06 -31.86 26.74
C PHE D 211 -26.45 -30.59 27.48
N PHE D 212 -27.10 -29.69 26.74
CA PHE D 212 -27.59 -28.45 27.31
C PHE D 212 -28.89 -28.69 28.07
N LEU D 213 -29.38 -27.64 28.72
CA LEU D 213 -30.71 -27.70 29.32
C LEU D 213 -31.79 -27.86 28.26
N SER D 214 -31.58 -27.27 27.08
CA SER D 214 -32.59 -27.33 26.02
C SER D 214 -32.90 -28.76 25.60
N GLU D 215 -31.92 -29.66 25.73
CA GLU D 215 -32.10 -31.06 25.36
C GLU D 215 -32.46 -31.93 26.55
N LYS D 216 -32.70 -31.32 27.72
CA LYS D 216 -32.97 -32.09 28.94
C LYS D 216 -34.11 -33.09 28.71
N ASP D 217 -35.19 -32.63 28.10
CA ASP D 217 -36.29 -33.56 27.78
C ASP D 217 -35.85 -34.56 26.72
N VAL D 218 -35.23 -34.09 25.64
CA VAL D 218 -34.92 -34.95 24.49
C VAL D 218 -34.06 -36.13 24.94
N VAL D 219 -32.97 -35.83 25.65
CA VAL D 219 -32.11 -36.89 26.15
C VAL D 219 -32.91 -37.87 26.99
N GLN D 220 -33.78 -37.35 27.88
CA GLN D 220 -34.64 -38.21 28.67
C GLN D 220 -35.40 -39.17 27.76
N ASP D 221 -36.04 -38.65 26.72
CA ASP D 221 -36.76 -39.50 25.78
C ASP D 221 -35.85 -40.61 25.26
N ILE D 222 -34.64 -40.25 24.83
CA ILE D 222 -33.70 -41.24 24.33
C ILE D 222 -33.49 -42.34 25.36
N TRP D 223 -33.23 -41.94 26.61
CA TRP D 223 -33.03 -42.93 27.66
C TRP D 223 -34.25 -43.82 27.80
N ASN D 224 -35.45 -43.21 27.78
CA ASN D 224 -36.66 -43.99 27.98
C ASN D 224 -36.86 -44.98 26.85
N ASN D 225 -36.24 -44.74 25.70
CA ASN D 225 -36.37 -45.66 24.58
C ASN D 225 -35.15 -46.55 24.39
N THR D 226 -34.14 -46.46 25.26
CA THR D 226 -32.94 -47.26 25.12
C THR D 226 -32.56 -48.03 26.38
N GLY D 227 -33.36 -47.93 27.44
CA GLY D 227 -33.02 -48.59 28.68
C GLY D 227 -31.88 -47.99 29.45
N LEU D 228 -31.37 -46.83 29.01
CA LEU D 228 -30.28 -46.16 29.69
C LEU D 228 -30.83 -45.21 30.75
N SER D 229 -29.92 -44.48 31.38
CA SER D 229 -30.27 -43.55 32.44
C SER D 229 -29.14 -42.55 32.60
N GLU D 230 -29.35 -41.58 33.50
CA GLU D 230 -28.32 -40.59 33.76
C GLU D 230 -27.11 -41.25 34.41
N GLY D 231 -25.93 -40.95 33.87
CA GLY D 231 -24.69 -41.50 34.41
C GLY D 231 -24.19 -42.71 33.64
N VAL D 232 -25.09 -43.60 33.26
CA VAL D 232 -24.70 -44.78 32.50
C VAL D 232 -24.58 -44.41 31.02
N ARG D 233 -23.67 -45.08 30.33
CA ARG D 233 -23.29 -44.71 28.97
C ARG D 233 -23.52 -45.90 28.03
N HIS D 234 -23.93 -45.59 26.81
CA HIS D 234 -24.17 -46.63 25.81
C HIS D 234 -22.87 -47.38 25.53
N PRO D 235 -22.90 -48.71 25.43
CA PRO D 235 -21.64 -49.46 25.23
C PRO D 235 -20.87 -49.06 23.99
N PHE D 236 -21.56 -48.70 22.90
CA PHE D 236 -20.84 -48.32 21.69
C PHE D 236 -20.20 -46.94 21.82
N THR D 237 -20.63 -46.12 22.78
CA THR D 237 -19.96 -44.87 23.02
C THR D 237 -18.53 -45.08 23.51
N TYR D 238 -18.29 -46.14 24.27
CA TYR D 238 -16.92 -46.47 24.66
C TYR D 238 -16.08 -46.83 23.44
N ILE D 239 -16.65 -47.59 22.50
CA ILE D 239 -15.95 -47.91 21.26
C ILE D 239 -15.61 -46.64 20.50
N MET D 240 -16.59 -45.73 20.39
CA MET D 240 -16.35 -44.47 19.69
C MET D 240 -15.27 -43.65 20.38
N GLU D 241 -15.30 -43.56 21.71
CA GLU D 241 -14.30 -42.78 22.42
C GLU D 241 -12.91 -43.38 22.25
N ALA D 242 -12.80 -44.71 22.32
CA ALA D 242 -11.51 -45.35 22.09
C ALA D 242 -11.00 -45.11 20.68
N CYS D 243 -11.89 -45.21 19.69
CA CYS D 243 -11.48 -44.96 18.31
C CYS D 243 -11.05 -43.51 18.11
N ASP D 244 -11.78 -42.57 18.71
CA ASP D 244 -11.41 -41.16 18.63
C ASP D 244 -10.04 -40.93 19.26
N ASP D 245 -9.81 -41.50 20.44
CA ASP D 245 -8.53 -41.32 21.12
C ASP D 245 -7.39 -41.88 20.29
N ILE D 246 -7.56 -43.09 19.76
CA ILE D 246 -6.51 -43.70 18.94
C ILE D 246 -6.25 -42.87 17.68
N ALA D 247 -7.32 -42.52 16.97
CA ALA D 247 -7.22 -41.84 15.69
C ALA D 247 -6.76 -40.40 15.81
N TYR D 248 -6.80 -39.81 16.99
CA TYR D 248 -6.17 -38.50 17.06
C TYR D 248 -4.78 -38.63 17.67
N SER D 249 -4.58 -39.56 18.61
CA SER D 249 -3.26 -39.70 19.22
C SER D 249 -2.20 -40.10 18.19
N VAL D 250 -2.52 -41.05 17.32
CA VAL D 250 -1.55 -41.48 16.32
C VAL D 250 -1.42 -40.46 15.18
N LEU D 251 -2.56 -39.96 14.70
CA LEU D 251 -2.54 -39.10 13.52
C LEU D 251 -1.98 -37.72 13.83
N ASP D 252 -2.18 -37.21 15.05
CA ASP D 252 -1.56 -35.94 15.43
C ASP D 252 -0.05 -36.08 15.52
N ALA D 253 0.44 -37.21 16.01
CA ALA D 253 1.88 -37.47 16.00
C ALA D 253 2.41 -37.51 14.57
N GLU D 254 1.67 -38.17 13.67
CA GLU D 254 2.08 -38.18 12.27
C GLU D 254 2.11 -36.76 11.69
N ASP D 255 1.11 -35.94 12.02
CA ASP D 255 1.11 -34.55 11.57
C ASP D 255 2.28 -33.77 12.14
N ILE D 256 2.64 -34.04 13.40
CA ILE D 256 3.78 -33.39 14.01
C ILE D 256 5.05 -33.71 13.25
N ILE D 257 5.23 -34.99 12.91
CA ILE D 257 6.42 -35.40 12.16
C ILE D 257 6.41 -34.77 10.77
N LYS D 258 5.24 -34.73 10.12
CA LYS D 258 5.15 -34.16 8.78
C LYS D 258 5.48 -32.67 8.79
N LYS D 259 4.98 -31.94 9.79
CA LYS D 259 5.22 -30.51 9.87
C LYS D 259 6.68 -30.18 10.16
N GLY D 260 7.47 -31.15 10.61
CA GLY D 260 8.84 -30.92 10.97
C GLY D 260 9.08 -30.53 12.40
N PHE D 261 8.06 -30.57 13.25
CA PHE D 261 8.21 -30.23 14.65
C PHE D 261 8.91 -31.32 15.45
N ALA D 262 9.05 -32.52 14.88
CA ALA D 262 9.73 -33.63 15.53
C ALA D 262 10.11 -34.62 14.44
N SER D 263 10.87 -35.63 14.83
CA SER D 263 11.33 -36.66 13.92
C SER D 263 10.83 -38.04 14.37
N PHE D 264 10.96 -39.02 13.48
CA PHE D 264 10.56 -40.38 13.81
C PHE D 264 11.37 -40.91 14.98
N HIS D 265 12.69 -40.67 14.96
CA HIS D 265 13.52 -41.11 16.08
C HIS D 265 13.15 -40.38 17.37
N ASP D 266 12.67 -39.13 17.26
CA ASP D 266 12.20 -38.44 18.45
C ASP D 266 11.02 -39.17 19.09
N LEU D 267 10.05 -39.58 18.27
CA LEU D 267 8.91 -40.33 18.81
C LEU D 267 9.34 -41.68 19.36
N ILE D 268 10.25 -42.36 18.67
CA ILE D 268 10.72 -43.65 19.16
C ILE D 268 11.41 -43.51 20.51
N ASP D 269 12.27 -42.49 20.65
CA ASP D 269 12.96 -42.26 21.91
C ASP D 269 11.98 -41.85 23.00
N PHE D 270 10.98 -41.04 22.65
CA PHE D 270 9.97 -40.67 23.64
C PHE D 270 9.21 -41.88 24.15
N ILE D 271 8.84 -42.79 23.25
CA ILE D 271 8.11 -43.98 23.67
C ILE D 271 9.00 -44.90 24.50
N GLN D 272 10.25 -45.09 24.07
CA GLN D 272 11.15 -45.98 24.79
C GLN D 272 11.51 -45.43 26.18
N SER D 273 11.69 -44.12 26.28
CA SER D 273 12.06 -43.49 27.55
C SER D 273 10.87 -43.24 28.45
N ASN D 274 9.65 -43.45 27.98
CA ASN D 274 8.47 -43.26 28.80
C ASN D 274 8.47 -44.26 29.95
N GLN D 275 8.05 -43.78 31.14
CA GLN D 275 8.07 -44.63 32.32
C GLN D 275 7.14 -45.83 32.17
N PHE D 276 5.94 -45.61 31.64
CA PHE D 276 4.97 -46.69 31.53
C PHE D 276 5.18 -47.53 30.28
N CYS D 277 5.66 -46.94 29.20
CA CYS D 277 5.94 -47.68 27.97
C CYS D 277 7.30 -48.36 27.98
N LYS D 278 8.08 -48.21 29.05
CA LYS D 278 9.38 -48.86 29.12
C LYS D 278 9.25 -50.38 29.10
N GLU D 279 8.24 -50.91 29.79
CA GLU D 279 8.01 -52.35 29.86
C GLU D 279 6.69 -52.78 29.22
N ASP D 280 6.00 -51.89 28.53
CA ASP D 280 4.73 -52.24 27.91
C ASP D 280 4.97 -53.16 26.72
N ASP D 281 4.25 -54.29 26.69
CA ASP D 281 4.45 -55.25 25.61
C ASP D 281 3.98 -54.70 24.26
N VAL D 282 2.85 -54.01 24.25
CA VAL D 282 2.34 -53.43 23.01
C VAL D 282 3.31 -52.39 22.48
N ALA D 283 3.79 -51.51 23.37
CA ALA D 283 4.74 -50.49 22.96
C ALA D 283 6.04 -51.13 22.46
N LYS D 284 6.51 -52.17 23.15
CA LYS D 284 7.73 -52.86 22.71
C LYS D 284 7.54 -53.47 21.32
N ARG D 285 6.39 -54.10 21.08
CA ARG D 285 6.14 -54.69 19.77
C ARG D 285 6.12 -53.62 18.68
N VAL D 286 5.42 -52.51 18.94
CA VAL D 286 5.33 -51.44 17.95
C VAL D 286 6.72 -50.87 17.66
N ILE D 287 7.49 -50.61 18.72
CA ILE D 287 8.83 -50.04 18.53
C ILE D 287 9.72 -51.00 17.76
N GLU D 288 9.65 -52.29 18.08
CA GLU D 288 10.48 -53.27 17.38
C GLU D 288 10.12 -53.36 15.90
N ASN D 289 8.82 -53.40 15.59
CA ASN D 289 8.41 -53.45 14.18
C ASN D 289 8.83 -52.19 13.43
N CYS D 290 8.63 -51.02 14.05
CA CYS D 290 9.01 -49.78 13.41
C CYS D 290 10.51 -49.69 13.18
N LYS D 291 11.30 -50.14 14.15
CA LYS D 291 12.76 -50.14 13.98
C LYS D 291 13.17 -51.09 12.87
N LYS D 292 12.54 -52.27 12.80
CA LYS D 292 12.86 -53.23 11.74
C LYS D 292 12.55 -52.65 10.37
N ILE D 293 11.41 -51.97 10.22
CA ILE D 293 11.07 -51.39 8.93
C ILE D 293 11.98 -50.20 8.61
N HIS D 294 12.30 -49.39 9.62
CA HIS D 294 13.14 -48.22 9.40
C HIS D 294 14.57 -48.60 9.01
N ALA D 295 15.07 -49.72 9.54
CA ALA D 295 16.39 -50.18 9.14
C ALA D 295 16.44 -50.48 7.65
N ASP D 296 15.41 -51.14 7.12
CA ASP D 296 15.34 -51.38 5.68
C ASP D 296 15.14 -50.08 4.91
N TYR D 297 14.33 -49.16 5.45
CA TYR D 297 14.05 -47.92 4.74
C TYR D 297 15.29 -47.04 4.63
N ALA D 298 16.15 -47.05 5.65
CA ALA D 298 17.31 -46.15 5.64
C ALA D 298 18.32 -46.51 4.58
N GLN D 299 18.26 -47.71 4.01
CA GLN D 299 19.22 -48.11 2.98
C GLN D 299 19.08 -47.25 1.73
N GLN D 300 17.84 -46.94 1.34
CA GLN D 300 17.61 -46.20 0.11
C GLN D 300 18.07 -44.75 0.26
N LYS D 301 18.47 -44.16 -0.87
CA LYS D 301 18.90 -42.77 -0.91
C LYS D 301 17.69 -41.88 -0.69
N LEU D 302 17.60 -41.30 0.50
CA LEU D 302 16.42 -40.55 0.92
C LEU D 302 16.84 -39.30 1.67
N SER D 303 16.04 -38.24 1.53
CA SER D 303 16.20 -37.08 2.38
C SER D 303 15.68 -37.39 3.78
N PRO D 304 16.17 -36.70 4.81
CA PRO D 304 15.68 -36.95 6.17
C PRO D 304 14.18 -36.78 6.31
N ALA D 305 13.61 -35.76 5.65
CA ALA D 305 12.17 -35.54 5.75
C ALA D 305 11.38 -36.71 5.18
N GLU D 306 11.77 -37.21 4.02
CA GLU D 306 11.08 -38.33 3.41
C GLU D 306 11.25 -39.60 4.25
N LEU D 307 12.44 -39.81 4.81
CA LEU D 307 12.65 -40.97 5.67
C LEU D 307 11.75 -40.91 6.89
N ASN D 308 11.66 -39.74 7.54
CA ASN D 308 10.78 -39.60 8.69
C ASN D 308 9.34 -39.82 8.29
N ASP D 309 8.92 -39.25 7.15
CA ASP D 309 7.54 -39.38 6.70
C ASP D 309 7.17 -40.83 6.48
N MET D 310 7.99 -41.56 5.72
CA MET D 310 7.63 -42.94 5.40
C MET D 310 7.91 -43.91 6.54
N SER D 311 8.72 -43.53 7.53
CA SER D 311 8.81 -44.33 8.74
C SER D 311 7.58 -44.16 9.61
N MET D 312 7.08 -42.92 9.72
CA MET D 312 5.86 -42.70 10.47
C MET D 312 4.66 -43.29 9.75
N GLN D 313 4.73 -43.39 8.43
CA GLN D 313 3.66 -44.04 7.68
C GLN D 313 3.49 -45.51 8.06
N MET D 314 4.57 -46.18 8.46
CA MET D 314 4.47 -47.55 8.95
C MET D 314 4.20 -47.60 10.44
N PHE D 315 4.73 -46.63 11.19
CA PHE D 315 4.41 -46.54 12.62
C PHE D 315 2.92 -46.38 12.82
N ARG D 316 2.27 -45.56 11.99
CA ARG D 316 0.82 -45.39 12.10
C ARG D 316 0.09 -46.70 11.88
N VAL D 317 0.49 -47.46 10.86
CA VAL D 317 -0.17 -48.73 10.57
C VAL D 317 -0.03 -49.68 11.75
N TYR D 318 1.21 -49.86 12.23
CA TYR D 318 1.44 -50.81 13.32
C TYR D 318 0.72 -50.38 14.59
N ALA D 319 0.84 -49.11 14.97
CA ALA D 319 0.22 -48.63 16.20
C ALA D 319 -1.30 -48.71 16.12
N ILE D 320 -1.89 -48.32 14.97
CA ILE D 320 -3.33 -48.38 14.84
C ILE D 320 -3.82 -49.81 14.91
N ALA D 321 -3.13 -50.74 14.23
CA ALA D 321 -3.54 -52.14 14.30
C ALA D 321 -3.49 -52.66 15.73
N GLU D 322 -2.37 -52.42 16.43
CA GLU D 322 -2.23 -52.92 17.79
C GLU D 322 -3.26 -52.31 18.72
N LEU D 323 -3.47 -51.00 18.64
CA LEU D 323 -4.41 -50.34 19.53
C LEU D 323 -5.84 -50.78 19.26
N VAL D 324 -6.21 -50.94 17.98
CA VAL D 324 -7.56 -51.38 17.64
C VAL D 324 -7.78 -52.81 18.14
N ASP D 325 -6.79 -53.69 17.96
CA ASP D 325 -6.94 -55.06 18.45
C ASP D 325 -7.08 -55.08 19.96
N ALA D 326 -6.27 -54.28 20.66
CA ALA D 326 -6.36 -54.23 22.11
C ALA D 326 -7.71 -53.70 22.57
N VAL D 327 -8.24 -52.68 21.89
CA VAL D 327 -9.53 -52.12 22.25
C VAL D 327 -10.63 -53.16 22.04
N VAL D 328 -10.58 -53.89 20.93
CA VAL D 328 -11.57 -54.92 20.67
C VAL D 328 -11.52 -56.01 21.73
N ILE D 329 -10.31 -56.43 22.10
CA ILE D 329 -10.17 -57.46 23.12
C ILE D 329 -10.72 -56.96 24.46
N ALA D 330 -10.42 -55.71 24.82
CA ALA D 330 -10.92 -55.16 26.07
C ALA D 330 -12.44 -55.07 26.07
N PHE D 331 -13.03 -54.67 24.94
CA PHE D 331 -14.48 -54.61 24.84
C PHE D 331 -15.09 -56.00 24.99
N LYS D 332 -14.51 -57.00 24.33
CA LYS D 332 -15.05 -58.35 24.42
C LYS D 332 -14.95 -58.90 25.84
N ASP D 333 -13.83 -58.65 26.50
CA ASP D 333 -13.64 -59.18 27.86
C ASP D 333 -14.60 -58.53 28.85
N ASN D 334 -14.84 -57.23 28.73
CA ASN D 334 -15.65 -56.49 29.69
C ASN D 334 -17.06 -56.21 29.19
N ILE D 335 -17.57 -57.01 28.25
CA ILE D 335 -18.87 -56.73 27.66
C ILE D 335 -19.97 -56.82 28.70
N ASN D 336 -19.84 -57.76 29.65
CA ASN D 336 -20.84 -57.87 30.70
C ASN D 336 -20.85 -56.64 31.60
N GLU D 337 -19.68 -56.11 31.93
CA GLU D 337 -19.62 -54.91 32.76
C GLU D 337 -20.18 -53.70 31.99
N PHE D 338 -19.91 -53.62 30.69
CA PHE D 338 -20.44 -52.52 29.90
C PHE D 338 -21.95 -52.59 29.80
N LEU D 339 -22.52 -53.79 29.81
CA LEU D 339 -23.96 -53.98 29.74
C LEU D 339 -24.63 -53.87 31.11
N ASN D 340 -23.87 -53.62 32.17
CA ASN D 340 -24.45 -53.44 33.49
C ASN D 340 -25.15 -52.09 33.57
N ASP D 341 -26.24 -52.04 34.33
CA ASP D 341 -27.00 -50.80 34.48
C ASP D 341 -26.23 -49.72 35.23
N THR D 342 -25.19 -50.10 35.98
CA THR D 342 -24.40 -49.16 36.77
C THR D 342 -22.92 -49.32 36.46
N CYS D 343 -22.59 -49.35 35.17
CA CYS D 343 -21.19 -49.47 34.77
C CYS D 343 -20.40 -48.25 35.21
N GLU D 344 -19.14 -48.47 35.60
CA GLU D 344 -18.29 -47.41 36.12
C GLU D 344 -16.98 -47.30 35.35
N ILE D 345 -16.86 -47.95 34.20
CA ILE D 345 -15.62 -47.88 33.43
C ILE D 345 -15.48 -46.49 32.84
N LYS D 346 -14.32 -45.87 33.08
CA LYS D 346 -14.09 -44.52 32.59
C LYS D 346 -13.93 -44.51 31.06
N ASP D 347 -13.13 -45.42 30.53
CA ASP D 347 -12.91 -45.49 29.09
C ASP D 347 -12.41 -46.87 28.73
N LEU D 348 -12.54 -47.20 27.44
CA LEU D 348 -12.11 -48.50 26.96
C LEU D 348 -10.59 -48.59 26.86
N ILE D 349 -9.93 -47.47 26.56
CA ILE D 349 -8.47 -47.48 26.41
C ILE D 349 -7.80 -47.80 27.74
N SER D 350 -8.27 -47.19 28.83
CA SER D 350 -7.60 -47.37 30.12
C SER D 350 -7.72 -48.80 30.63
N CYS D 351 -8.77 -49.51 30.25
CA CYS D 351 -8.96 -50.89 30.66
C CYS D 351 -8.34 -51.88 29.68
N SER D 352 -7.65 -51.39 28.66
CA SER D 352 -7.05 -52.21 27.62
C SER D 352 -5.55 -52.32 27.83
N SER D 353 -4.90 -53.10 26.97
CA SER D 353 -3.46 -53.25 27.02
C SER D 353 -2.72 -52.13 26.28
N GLY D 354 -3.44 -51.30 25.53
CA GLY D 354 -2.86 -50.17 24.83
C GLY D 354 -2.95 -48.86 25.57
N LYS D 355 -3.26 -48.89 26.87
CA LYS D 355 -3.39 -47.64 27.63
C LYS D 355 -2.08 -46.87 27.66
N ASN D 356 -0.96 -47.56 27.92
CA ASN D 356 0.32 -46.88 28.07
C ASN D 356 0.75 -46.23 26.76
N LEU D 357 0.61 -46.95 25.64
CA LEU D 357 1.04 -46.41 24.36
C LEU D 357 0.19 -45.20 23.96
N CYS D 358 -1.12 -45.29 24.15
CA CYS D 358 -1.99 -44.16 23.81
C CYS D 358 -1.69 -42.95 24.69
N GLN D 359 -1.49 -43.18 25.99
CA GLN D 359 -1.18 -42.07 26.90
C GLN D 359 0.15 -41.44 26.54
N ALA D 360 1.15 -42.25 26.20
CA ALA D 360 2.44 -41.70 25.80
C ALA D 360 2.33 -40.90 24.51
N LEU D 361 1.54 -41.39 23.55
CA LEU D 361 1.33 -40.65 22.31
C LEU D 361 0.64 -39.32 22.58
N LYS D 362 -0.35 -39.32 23.47
CA LYS D 362 -1.02 -38.08 23.83
C LYS D 362 -0.05 -37.09 24.49
N LYS D 363 0.81 -37.60 25.39
CA LYS D 363 1.81 -36.73 26.02
C LYS D 363 2.77 -36.17 24.98
N PHE D 364 3.19 -37.00 24.02
CA PHE D 364 4.08 -36.53 22.96
C PHE D 364 3.41 -35.46 22.12
N ASP D 365 2.14 -35.64 21.78
CA ASP D 365 1.40 -34.62 21.04
C ASP D 365 1.28 -33.33 21.84
N SER D 366 1.05 -33.44 23.14
CA SER D 366 0.97 -32.25 23.98
C SER D 366 2.30 -31.51 24.02
N SER D 367 3.40 -32.26 24.15
CA SER D 367 4.71 -31.64 24.27
C SER D 367 5.15 -31.00 22.96
N ARG D 368 4.99 -31.73 21.85
CA ARG D 368 5.52 -31.28 20.57
C ARG D 368 4.49 -30.63 19.66
N GLY D 369 3.27 -31.16 19.61
CA GLY D 369 2.26 -30.61 18.73
C GLY D 369 1.65 -29.33 19.26
N TYR D 370 0.97 -29.43 20.40
CA TYR D 370 0.49 -28.22 21.06
C TYR D 370 1.67 -27.63 21.83
N GLN D 371 1.47 -26.48 22.46
CA GLN D 371 2.53 -25.79 23.19
C GLN D 371 3.70 -25.44 22.28
N HIS D 372 3.45 -25.38 20.98
CA HIS D 372 4.44 -24.99 19.98
C HIS D 372 4.24 -23.52 19.64
N ARG D 373 5.34 -22.86 19.27
CA ARG D 373 5.32 -21.42 19.08
C ARG D 373 4.27 -21.00 18.06
N SER D 374 4.30 -21.62 16.87
CA SER D 374 3.33 -21.28 15.84
C SER D 374 1.92 -21.64 16.27
N VAL D 375 1.74 -22.80 16.89
CA VAL D 375 0.42 -23.23 17.33
C VAL D 375 -0.12 -22.28 18.39
N LEU D 376 0.73 -21.90 19.36
CA LEU D 376 0.28 -20.98 20.40
C LEU D 376 -0.09 -19.62 19.83
N LYS D 377 0.73 -19.10 18.91
CA LYS D 377 0.42 -17.81 18.31
C LYS D 377 -0.88 -17.86 17.52
N LEU D 378 -1.07 -18.92 16.73
CA LEU D 378 -2.30 -19.06 15.96
C LEU D 378 -3.50 -19.21 16.88
N GLU D 379 -3.35 -19.92 17.99
CA GLU D 379 -4.46 -20.07 18.93
C GLU D 379 -4.80 -18.76 19.61
N LEU D 380 -3.80 -17.94 19.94
CA LEU D 380 -4.10 -16.61 20.50
C LEU D 380 -4.82 -15.74 19.47
N GLU D 381 -4.38 -15.80 18.21
CA GLU D 381 -5.08 -15.04 17.17
C GLU D 381 -6.51 -15.52 17.01
N GLY D 382 -6.73 -16.83 17.04
CA GLY D 382 -8.08 -17.35 16.93
C GLY D 382 -8.94 -16.98 18.12
N SER D 383 -8.36 -16.96 19.32
CA SER D 383 -9.10 -16.52 20.49
C SER D 383 -9.52 -15.06 20.37
N ASN D 384 -8.61 -14.21 19.91
CA ASN D 384 -8.97 -12.81 19.68
C ASN D 384 -10.08 -12.68 18.65
N TYR D 385 -9.97 -13.44 17.55
CA TYR D 385 -10.99 -13.39 16.51
C TYR D 385 -12.34 -13.82 17.04
N ILE D 386 -12.37 -14.94 17.77
CA ILE D 386 -13.63 -15.46 18.29
C ILE D 386 -14.25 -14.49 19.29
N LYS D 387 -13.42 -13.96 20.20
CA LYS D 387 -13.95 -13.04 21.20
C LYS D 387 -14.48 -11.76 20.55
N GLY D 388 -13.77 -11.22 19.56
CA GLY D 388 -14.26 -10.03 18.88
C GLY D 388 -15.55 -10.29 18.12
N LEU D 389 -15.63 -11.42 17.43
CA LEU D 389 -16.86 -11.77 16.72
C LEU D 389 -18.03 -11.94 17.68
N MET D 390 -17.79 -12.57 18.83
CA MET D 390 -18.88 -12.79 19.77
C MET D 390 -19.31 -11.48 20.42
N ASP D 391 -18.35 -10.59 20.69
CA ASP D 391 -18.70 -9.26 21.18
C ASP D 391 -19.56 -8.51 20.16
N MET D 392 -19.21 -8.62 18.87
CA MET D 392 -19.97 -7.94 17.84
C MET D 392 -21.38 -8.52 17.70
N LEU D 393 -21.49 -9.86 17.78
CA LEU D 393 -22.80 -10.48 17.64
C LEU D 393 -23.70 -10.24 18.84
N TRP D 394 -23.10 -10.10 20.03
CA TRP D 394 -23.91 -9.86 21.22
C TRP D 394 -24.65 -8.54 21.13
N LEU D 395 -24.14 -7.59 20.34
CA LEU D 395 -24.86 -6.34 20.13
C LEU D 395 -26.19 -6.55 19.44
N GLY D 396 -26.25 -7.46 18.48
CA GLY D 396 -27.47 -7.79 17.79
C GLY D 396 -28.29 -8.89 18.40
N ILE D 397 -27.74 -9.65 19.34
CA ILE D 397 -28.44 -10.75 19.98
C ILE D 397 -29.03 -10.36 21.33
N LYS D 398 -28.26 -9.66 22.15
CA LYS D 398 -28.68 -9.38 23.52
C LYS D 398 -29.95 -8.54 23.54
N GLY D 399 -30.89 -8.92 24.40
CA GLY D 399 -32.14 -8.22 24.55
C GLY D 399 -33.22 -8.60 23.54
N ARG D 400 -32.91 -9.49 22.59
CA ARG D 400 -33.89 -9.86 21.57
C ARG D 400 -35.05 -10.62 22.19
N ALA D 401 -34.77 -11.49 23.17
CA ALA D 401 -35.80 -12.29 23.81
C ALA D 401 -36.30 -11.70 25.12
N THR D 402 -35.42 -11.06 25.90
CA THR D 402 -35.85 -10.46 27.17
C THR D 402 -36.83 -9.32 26.93
N GLY D 403 -36.56 -8.47 25.94
CA GLY D 403 -37.42 -7.35 25.66
C GLY D 403 -36.70 -6.03 25.55
N ASP D 404 -35.48 -5.97 26.07
CA ASP D 404 -34.69 -4.74 26.02
C ASP D 404 -34.33 -4.42 24.57
N THR D 405 -34.77 -3.25 24.09
CA THR D 405 -34.56 -2.87 22.70
C THR D 405 -33.23 -2.16 22.50
N GLN D 406 -32.16 -2.79 22.96
CA GLN D 406 -30.80 -2.31 22.68
C GLN D 406 -30.24 -2.87 21.38
N TYR D 407 -30.93 -3.80 20.75
CA TYR D 407 -30.51 -4.42 19.50
C TYR D 407 -31.02 -3.67 18.28
N ASP D 408 -31.77 -2.59 18.47
CA ASP D 408 -32.48 -1.94 17.37
C ASP D 408 -31.60 -1.01 16.55
N THR D 409 -30.33 -0.86 16.91
CA THR D 409 -29.40 -0.10 16.10
C THR D 409 -29.20 -0.80 14.75
N PRO D 410 -28.94 -0.04 13.68
CA PRO D 410 -28.81 -0.66 12.36
C PRO D 410 -27.75 -1.75 12.30
N PHE D 411 -26.63 -1.55 12.99
CA PHE D 411 -25.62 -2.60 13.08
C PHE D 411 -26.16 -3.84 13.77
N GLY D 412 -26.95 -3.67 14.82
CA GLY D 412 -27.53 -4.83 15.48
C GLY D 412 -28.49 -5.59 14.57
N ARG D 413 -29.33 -4.86 13.83
CA ARG D 413 -30.26 -5.53 12.91
C ARG D 413 -29.50 -6.27 11.82
N TYR D 414 -28.47 -5.65 11.25
CA TYR D 414 -27.68 -6.32 10.22
C TYR D 414 -26.97 -7.55 10.78
N VAL D 415 -26.42 -7.43 11.98
CA VAL D 415 -25.74 -8.57 12.61
C VAL D 415 -26.71 -9.72 12.84
N TYR D 416 -27.90 -9.41 13.35
CA TYR D 416 -28.91 -10.46 13.52
C TYR D 416 -29.27 -11.09 12.18
N GLY D 417 -29.41 -10.28 11.14
CA GLY D 417 -29.68 -10.83 9.81
C GLY D 417 -28.55 -11.65 9.25
N ARG D 418 -27.33 -11.45 9.74
CA ARG D 418 -26.18 -12.23 9.29
C ARG D 418 -26.05 -13.57 9.98
N ILE D 419 -26.82 -13.82 11.05
CA ILE D 419 -26.80 -15.09 11.73
C ILE D 419 -27.57 -16.12 10.91
N SER D 420 -27.24 -17.40 11.09
CA SER D 420 -27.91 -18.46 10.36
C SER D 420 -29.40 -18.44 10.61
N GLU D 421 -30.18 -18.67 9.55
CA GLU D 421 -31.63 -18.64 9.67
C GLU D 421 -32.16 -19.84 10.43
N ASN D 422 -31.47 -20.98 10.35
CA ASN D 422 -31.89 -22.14 11.17
C ASN D 422 -31.74 -21.84 12.64
N TYR D 423 -30.62 -21.25 13.05
CA TYR D 423 -30.39 -20.96 14.45
C TYR D 423 -31.35 -19.87 14.94
N ARG D 424 -31.64 -18.89 14.09
CA ARG D 424 -32.63 -17.88 14.45
C ARG D 424 -34.03 -18.49 14.57
N ARG D 425 -34.37 -19.41 13.66
CA ARG D 425 -35.66 -20.07 13.72
C ARG D 425 -35.81 -20.86 15.02
N ILE D 426 -34.76 -21.57 15.42
CA ILE D 426 -34.79 -22.27 16.70
C ILE D 426 -34.86 -21.28 17.85
N PHE D 427 -34.18 -20.13 17.71
CA PHE D 427 -34.17 -19.13 18.78
C PHE D 427 -35.54 -18.50 18.96
N GLU D 428 -36.28 -18.31 17.87
CA GLU D 428 -37.59 -17.66 17.94
C GLU D 428 -38.71 -18.63 18.29
N GLN D 429 -38.41 -19.92 18.46
CA GLN D 429 -39.43 -20.88 18.86
C GLN D 429 -39.91 -20.60 20.27
N GLU D 430 -41.16 -20.98 20.54
CA GLU D 430 -41.76 -20.80 21.86
C GLU D 430 -41.51 -22.04 22.70
N ASN D 431 -40.79 -21.86 23.81
CA ASN D 431 -40.50 -22.96 24.72
C ASN D 431 -40.40 -22.39 26.14
N ASN D 432 -39.99 -23.24 27.07
CA ASN D 432 -39.90 -22.85 28.48
C ASN D 432 -38.50 -22.38 28.88
N LEU D 433 -37.57 -22.28 27.94
CA LEU D 433 -36.23 -21.84 28.26
C LEU D 433 -36.22 -20.37 28.66
N PRO D 434 -35.34 -19.98 29.58
CA PRO D 434 -35.21 -18.56 29.94
C PRO D 434 -34.74 -17.74 28.74
N ALA D 435 -35.17 -16.47 28.70
CA ALA D 435 -34.84 -15.61 27.58
C ALA D 435 -33.34 -15.39 27.47
N CYS D 436 -32.67 -15.15 28.59
CA CYS D 436 -31.22 -15.00 28.56
C CYS D 436 -30.55 -16.29 28.10
N TYR D 437 -31.06 -17.44 28.55
CA TYR D 437 -30.54 -18.70 28.08
C TYR D 437 -30.73 -18.85 26.57
N LYS D 438 -31.88 -18.45 26.05
CA LYS D 438 -32.11 -18.53 24.61
C LYS D 438 -31.15 -17.64 23.85
N GLU D 439 -30.91 -16.41 24.34
CA GLU D 439 -29.98 -15.51 23.66
C GLU D 439 -28.57 -16.09 23.65
N ALA D 440 -28.10 -16.56 24.81
CA ALA D 440 -26.77 -17.14 24.88
C ALA D 440 -26.66 -18.39 24.02
N GLN D 441 -27.71 -19.22 23.98
CA GLN D 441 -27.69 -20.40 23.14
C GLN D 441 -27.64 -20.03 21.67
N LEU D 442 -28.37 -18.98 21.27
CA LEU D 442 -28.30 -18.52 19.90
C LEU D 442 -26.89 -18.08 19.53
N LEU D 443 -26.25 -17.32 20.42
CA LEU D 443 -24.87 -16.89 20.15
C LEU D 443 -23.93 -18.09 20.06
N ALA D 444 -24.07 -19.05 20.97
CA ALA D 444 -23.20 -20.21 20.97
C ALA D 444 -23.40 -21.05 19.72
N ASP D 445 -24.65 -21.25 19.31
CA ASP D 445 -24.93 -22.00 18.10
C ASP D 445 -24.38 -21.29 16.87
N ALA D 446 -24.52 -19.97 16.82
CA ALA D 446 -23.99 -19.22 15.68
C ALA D 446 -22.48 -19.34 15.59
N ILE D 447 -21.78 -19.22 16.73
CA ILE D 447 -20.33 -19.17 16.70
C ILE D 447 -19.73 -20.57 16.52
N SER D 448 -20.26 -21.56 17.23
CA SER D 448 -19.67 -22.90 17.21
C SER D 448 -19.76 -23.54 15.82
N GLY D 449 -20.76 -23.17 15.04
CA GLY D 449 -20.92 -23.74 13.72
C GLY D 449 -20.02 -23.18 12.64
N MET D 450 -19.36 -22.06 12.92
CA MET D 450 -18.52 -21.40 11.92
C MET D 450 -17.23 -22.19 11.69
N THR D 451 -16.77 -22.20 10.44
CA THR D 451 -15.43 -22.65 10.14
C THR D 451 -14.44 -21.54 10.47
N ASP D 452 -13.15 -21.87 10.41
CA ASP D 452 -12.12 -20.88 10.73
C ASP D 452 -12.13 -19.74 9.71
N SER D 453 -12.09 -20.08 8.43
CA SER D 453 -12.06 -19.05 7.39
C SER D 453 -13.31 -18.19 7.41
N TYR D 454 -14.48 -18.82 7.57
CA TYR D 454 -15.71 -18.06 7.68
C TYR D 454 -15.69 -17.14 8.88
N LEU D 455 -15.18 -17.62 10.02
CA LEU D 455 -15.10 -16.78 11.20
C LEU D 455 -14.20 -15.57 10.96
N ILE D 456 -13.03 -15.77 10.33
CA ILE D 456 -12.13 -14.66 10.07
C ILE D 456 -12.78 -13.66 9.13
N ALA D 457 -13.40 -14.15 8.05
CA ALA D 457 -14.02 -13.26 7.08
C ALA D 457 -15.16 -12.45 7.70
N LEU D 458 -16.01 -13.12 8.47
CA LEU D 458 -17.11 -12.42 9.11
C LEU D 458 -16.61 -11.41 10.13
N HIS D 459 -15.58 -11.77 10.91
CA HIS D 459 -15.03 -10.83 11.88
C HIS D 459 -14.48 -9.59 11.18
N ASP D 460 -13.71 -9.78 10.12
CA ASP D 460 -13.16 -8.63 9.40
C ASP D 460 -14.26 -7.77 8.80
N GLU D 461 -15.26 -8.40 8.17
CA GLU D 461 -16.32 -7.63 7.53
C GLU D 461 -17.14 -6.85 8.55
N LEU D 462 -17.51 -7.49 9.66
CA LEU D 462 -18.29 -6.79 10.68
C LEU D 462 -17.47 -5.72 11.39
N ARG D 463 -16.16 -5.94 11.57
CA ARG D 463 -15.31 -4.92 12.17
C ARG D 463 -15.23 -3.71 11.25
N ALA D 464 -15.14 -3.94 9.94
CA ALA D 464 -15.19 -2.83 8.99
C ALA D 464 -16.54 -2.12 9.07
N LEU D 465 -17.63 -2.89 9.23
CA LEU D 465 -18.96 -2.30 9.26
C LEU D 465 -19.28 -1.67 10.61
N HIS D 466 -18.50 -1.96 11.65
CA HIS D 466 -18.75 -1.44 13.00
C HIS D 466 -18.01 -0.14 13.29
N GLN D 467 -17.31 0.42 12.30
CA GLN D 467 -16.43 1.57 12.57
C GLN D 467 -17.21 2.78 13.08
N TYR D 468 -18.46 2.93 12.67
CA TYR D 468 -19.22 4.11 13.09
C TYR D 468 -19.74 3.95 14.51
N GLU D 469 -20.44 2.85 14.79
CA GLU D 469 -21.04 2.67 16.11
C GLU D 469 -19.99 2.47 17.19
N CYS D 470 -18.81 1.95 16.80
CA CYS D 470 -17.71 1.84 17.76
C CYS D 470 -17.12 3.20 18.10
N ARG D 471 -17.46 4.22 17.31
CA ARG D 471 -16.94 5.58 17.48
C ARG D 471 -15.41 5.61 17.62
N SER E 2 62.38 -30.74 6.24
CA SER E 2 63.58 -30.25 6.90
C SER E 2 63.48 -28.75 7.16
N MET E 3 62.26 -28.24 7.19
CA MET E 3 62.05 -26.82 7.44
C MET E 3 62.42 -26.48 8.88
N HIS E 4 62.93 -25.26 9.08
CA HIS E 4 63.35 -24.79 10.38
C HIS E 4 62.31 -23.83 10.95
N TRP E 5 62.08 -23.92 12.26
CA TRP E 5 61.12 -23.05 12.91
C TRP E 5 61.58 -21.59 12.93
N ASN E 6 62.87 -21.34 12.73
CA ASN E 6 63.35 -19.96 12.72
C ASN E 6 62.74 -19.17 11.57
N ASP E 7 62.66 -19.76 10.39
CA ASP E 7 62.08 -19.09 9.23
C ASP E 7 60.58 -19.30 9.13
N LEU E 8 60.06 -20.40 9.68
CA LEU E 8 58.61 -20.60 9.70
C LEU E 8 57.93 -19.59 10.61
N LEU E 9 58.60 -19.21 11.71
CA LEU E 9 58.12 -18.18 12.62
C LEU E 9 58.79 -16.83 12.35
N ASN E 10 59.07 -16.53 11.09
CA ASN E 10 59.76 -15.29 10.75
C ASN E 10 58.91 -14.09 11.13
N SER E 11 59.47 -13.23 11.97
CA SER E 11 58.76 -12.07 12.50
C SER E 11 58.94 -10.82 11.64
N ASN E 12 59.72 -10.91 10.56
CA ASN E 12 59.92 -9.76 9.69
C ASN E 12 58.66 -9.47 8.88
N ARG E 13 58.60 -8.27 8.33
CA ARG E 13 57.46 -7.82 7.53
C ARG E 13 57.91 -7.49 6.12
N ARG E 14 56.94 -7.48 5.20
CA ARG E 14 57.26 -7.30 3.79
C ARG E 14 57.74 -5.89 3.50
N LYS E 15 57.14 -4.88 4.13
CA LYS E 15 57.51 -3.50 3.86
C LYS E 15 58.94 -3.25 4.34
N PRO E 16 59.80 -2.68 3.51
CA PRO E 16 61.18 -2.39 3.95
C PRO E 16 61.18 -1.43 5.15
N LYS E 17 62.06 -1.72 6.10
CA LYS E 17 62.15 -0.92 7.32
C LYS E 17 63.01 0.32 7.09
N THR E 27 55.38 3.16 19.00
CA THR E 27 54.51 1.99 19.12
C THR E 27 55.31 0.73 19.39
N SER E 28 54.62 -0.42 19.37
CA SER E 28 55.24 -1.72 19.59
C SER E 28 56.01 -1.77 20.92
N LYS E 29 55.40 -1.21 21.96
CA LYS E 29 56.00 -1.20 23.29
C LYS E 29 55.56 -2.45 24.04
N GLY E 30 56.53 -3.33 24.29
CA GLY E 30 56.22 -4.58 24.98
C GLY E 30 55.29 -5.50 24.22
N ARG E 31 55.35 -5.50 22.90
CA ARG E 31 54.50 -6.34 22.07
C ARG E 31 55.34 -6.95 20.96
N GLN E 32 55.24 -8.26 20.81
CA GLN E 32 55.88 -8.92 19.68
C GLN E 32 55.18 -8.56 18.39
N GLN E 33 55.91 -8.65 17.28
CA GLN E 33 55.33 -8.33 15.97
C GLN E 33 54.16 -9.25 15.65
N ILE E 34 54.28 -10.53 16.01
CA ILE E 34 53.18 -11.47 15.80
C ILE E 34 51.95 -11.04 16.59
N GLU E 35 52.16 -10.53 17.81
CA GLU E 35 51.04 -10.01 18.59
C GLU E 35 50.41 -8.81 17.89
N ARG E 36 51.23 -7.92 17.34
CA ARG E 36 50.70 -6.77 16.61
C ARG E 36 49.93 -7.18 15.37
N ASP E 37 50.25 -8.34 14.78
CA ASP E 37 49.46 -8.83 13.66
C ASP E 37 48.01 -9.09 14.08
N TYR E 38 47.80 -9.66 15.27
CA TYR E 38 46.45 -9.90 15.75
C TYR E 38 45.70 -8.58 15.94
N ASP E 39 46.37 -7.56 16.46
CA ASP E 39 45.73 -6.26 16.63
C ASP E 39 45.39 -5.65 15.27
N ARG E 40 46.29 -5.76 14.30
CA ARG E 40 46.01 -5.25 12.96
C ARG E 40 44.81 -5.94 12.35
N ILE E 41 44.72 -7.27 12.49
CA ILE E 41 43.61 -8.00 11.91
C ILE E 41 42.29 -7.67 12.61
N LEU E 42 42.32 -7.60 13.95
CA LEU E 42 41.09 -7.37 14.70
C LEU E 42 40.54 -5.97 14.44
N PHE E 43 41.40 -4.97 14.37
CA PHE E 43 40.97 -3.59 14.18
C PHE E 43 40.68 -3.24 12.73
N ALA E 44 40.68 -4.24 11.83
CA ALA E 44 40.40 -4.00 10.43
C ALA E 44 38.90 -4.02 10.17
N ALA E 45 38.48 -3.19 9.22
CA ALA E 45 37.06 -3.11 8.87
C ALA E 45 36.47 -4.44 8.41
N PRO E 46 37.16 -5.25 7.58
CA PRO E 46 36.57 -6.54 7.19
C PRO E 46 36.26 -7.45 8.37
N THR E 47 37.06 -7.40 9.44
CA THR E 47 36.75 -8.20 10.61
C THR E 47 35.41 -7.80 11.21
N ARG E 48 35.15 -6.50 11.31
CA ARG E 48 33.85 -6.05 11.80
C ARG E 48 32.72 -6.40 10.82
N ARG E 49 32.98 -6.27 9.53
CA ARG E 49 31.97 -6.63 8.53
C ARG E 49 31.66 -8.11 8.52
N LEU E 50 32.56 -8.95 9.05
CA LEU E 50 32.27 -10.37 9.18
C LEU E 50 31.05 -10.64 10.04
N ALA E 51 30.66 -9.69 10.89
CA ALA E 51 29.50 -9.87 11.74
C ALA E 51 28.20 -9.98 10.96
N ASP E 52 28.17 -9.54 9.70
CA ASP E 52 26.98 -9.62 8.87
C ASP E 52 27.20 -10.47 7.63
N LYS E 53 28.05 -11.49 7.72
CA LYS E 53 28.24 -12.46 6.66
C LYS E 53 27.81 -13.84 7.17
N THR E 54 27.13 -14.59 6.30
CA THR E 54 26.53 -15.85 6.72
C THR E 54 27.56 -16.95 6.84
N GLN E 55 27.33 -17.83 7.82
CA GLN E 55 28.07 -19.08 7.92
C GLN E 55 27.31 -20.20 7.22
N VAL E 56 26.09 -20.46 7.68
CA VAL E 56 25.22 -21.47 7.10
C VAL E 56 23.85 -20.90 6.77
N PHE E 57 23.22 -20.23 7.72
CA PHE E 57 21.87 -19.72 7.52
C PHE E 57 21.91 -18.24 7.18
N PRO E 58 21.50 -17.85 5.98
CA PRO E 58 21.61 -16.44 5.57
C PRO E 58 20.47 -15.59 6.10
N LEU E 59 20.82 -14.36 6.47
CA LEU E 59 19.88 -13.37 6.96
C LEU E 59 19.04 -13.92 8.11
N ASP E 60 19.69 -14.63 9.02
CA ASP E 60 18.97 -15.31 10.08
C ASP E 60 18.44 -14.32 11.11
N LYS E 61 17.20 -14.52 11.54
CA LYS E 61 16.61 -13.67 12.57
C LYS E 61 17.13 -14.02 13.95
N ASN E 62 17.44 -15.29 14.20
CA ASN E 62 17.97 -15.69 15.49
C ASN E 62 19.37 -15.11 15.68
N ASP E 63 19.60 -14.48 16.83
CA ASP E 63 20.87 -13.82 17.11
C ASP E 63 21.88 -14.76 17.76
N SER E 64 21.48 -15.96 18.17
CA SER E 64 22.38 -16.92 18.79
C SER E 64 22.95 -17.91 17.80
N VAL E 65 22.66 -17.75 16.51
CA VAL E 65 23.21 -18.61 15.46
C VAL E 65 24.50 -18.00 14.95
N ARG E 66 25.52 -18.84 14.75
CA ARG E 66 26.84 -18.36 14.39
C ARG E 66 26.81 -17.56 13.09
N THR E 67 27.42 -16.38 13.12
CA THR E 67 27.73 -15.63 11.92
C THR E 67 29.19 -15.86 11.57
N ARG E 68 29.68 -15.13 10.57
CA ARG E 68 31.07 -15.31 10.16
C ARG E 68 32.03 -14.79 11.23
N LEU E 69 31.68 -13.68 11.89
CA LEU E 69 32.57 -13.11 12.89
C LEU E 69 32.65 -13.99 14.14
N THR E 70 31.50 -14.47 14.60
CA THR E 70 31.50 -15.36 15.77
C THR E 70 32.25 -16.65 15.47
N HIS E 71 32.04 -17.21 14.27
CA HIS E 71 32.79 -18.41 13.88
C HIS E 71 34.29 -18.13 13.84
N SER E 72 34.68 -16.97 13.29
CA SER E 72 36.09 -16.63 13.20
C SER E 72 36.70 -16.49 14.59
N HIS E 73 36.00 -15.83 15.52
CA HIS E 73 36.52 -15.67 16.86
C HIS E 73 36.60 -17.00 17.60
N GLU E 74 35.62 -17.89 17.39
CA GLU E 74 35.68 -19.20 18.02
C GLU E 74 36.81 -20.05 17.46
N VAL E 75 37.05 -19.99 16.15
CA VAL E 75 38.20 -20.65 15.55
C VAL E 75 39.49 -20.09 16.13
N ALA E 76 39.56 -18.76 16.27
CA ALA E 76 40.76 -18.14 16.83
C ALA E 76 40.99 -18.59 18.27
N ASN E 77 39.92 -18.70 19.06
CA ASN E 77 40.06 -19.17 20.44
C ASN E 77 40.55 -20.61 20.48
N LEU E 78 40.00 -21.47 19.63
CA LEU E 78 40.47 -22.86 19.59
C LEU E 78 41.94 -22.93 19.17
N SER E 79 42.33 -22.15 18.16
CA SER E 79 43.71 -22.14 17.72
C SER E 79 44.64 -21.61 18.80
N ARG E 80 44.19 -20.59 19.54
CA ARG E 80 45.01 -20.08 20.64
C ARG E 80 45.15 -21.10 21.75
N GLY E 81 44.09 -21.86 22.03
CA GLY E 81 44.21 -22.94 23.00
C GLY E 81 45.19 -24.00 22.57
N ILE E 82 45.16 -24.37 21.29
CA ILE E 82 46.13 -25.33 20.78
C ILE E 82 47.54 -24.76 20.86
N GLY E 83 47.70 -23.47 20.58
CA GLY E 83 49.00 -22.84 20.71
C GLY E 83 49.51 -22.83 22.15
N MET E 84 48.60 -22.61 23.10
CA MET E 84 48.97 -22.70 24.51
C MET E 84 49.43 -24.12 24.85
N ARG E 85 48.69 -25.12 24.37
CA ARG E 85 49.09 -26.51 24.61
C ARG E 85 50.37 -26.89 23.89
N LEU E 86 50.75 -26.15 22.85
CA LEU E 86 51.97 -26.46 22.11
C LEU E 86 53.19 -25.69 22.60
N ALA E 87 53.01 -24.53 23.21
CA ALA E 87 54.12 -23.70 23.67
C ALA E 87 54.48 -23.94 25.13
N PHE E 88 53.51 -23.79 26.03
CA PHE E 88 53.75 -24.03 27.44
C PHE E 88 53.90 -25.52 27.75
N GLU E 89 53.41 -26.38 26.88
CA GLU E 89 53.49 -27.83 27.05
C GLU E 89 53.86 -28.43 25.71
N LEU E 90 54.48 -29.62 25.75
CA LEU E 90 54.93 -30.32 24.54
C LEU E 90 55.89 -29.46 23.72
N GLU E 91 56.53 -28.49 24.37
CA GLU E 91 57.46 -27.60 23.66
C GLU E 91 58.67 -28.36 23.14
N ASP E 92 59.22 -29.27 23.93
CA ASP E 92 60.37 -30.06 23.53
C ASP E 92 60.05 -31.12 22.50
N ASP E 93 58.77 -31.36 22.21
CA ASP E 93 58.38 -32.39 21.26
C ASP E 93 58.19 -31.86 19.84
N VAL E 94 57.71 -30.62 19.69
CA VAL E 94 57.45 -30.04 18.38
C VAL E 94 58.40 -28.89 18.07
N PHE E 95 58.79 -28.12 19.07
CA PHE E 95 59.66 -26.96 18.87
C PHE E 95 61.10 -27.32 19.25
N LYS E 96 61.75 -28.05 18.35
CA LYS E 96 63.14 -28.42 18.51
C LYS E 96 64.00 -27.58 17.58
N ASP E 97 65.18 -27.19 18.08
CA ASP E 97 66.13 -26.35 17.33
C ASP E 97 65.48 -25.02 16.93
N VAL E 98 65.12 -24.24 17.95
CA VAL E 98 64.51 -22.93 17.78
C VAL E 98 65.41 -21.90 18.43
N SER E 99 65.66 -20.80 17.73
CA SER E 99 66.56 -19.77 18.25
C SER E 99 65.98 -19.15 19.51
N GLU E 100 66.88 -18.73 20.40
CA GLU E 100 66.46 -18.24 21.72
C GLU E 100 65.74 -16.90 21.62
N ASP E 101 66.00 -16.11 20.57
CA ASP E 101 65.32 -14.82 20.45
C ASP E 101 63.83 -14.97 20.24
N ILE E 102 63.38 -16.11 19.72
CA ILE E 102 61.96 -16.36 19.50
C ILE E 102 61.34 -16.76 20.83
N CYS E 103 60.28 -16.05 21.23
CA CYS E 103 59.54 -16.35 22.45
C CYS E 103 58.32 -17.16 22.03
N LEU E 104 58.45 -18.49 22.11
CA LEU E 104 57.37 -19.37 21.67
C LEU E 104 56.11 -19.15 22.49
N LYS E 105 56.26 -19.03 23.81
CA LYS E 105 55.11 -18.91 24.70
C LYS E 105 54.23 -17.71 24.37
N ARG E 106 54.79 -16.67 23.76
CA ARG E 106 54.03 -15.49 23.38
C ARG E 106 53.76 -15.41 21.88
N ASP E 107 54.64 -15.97 21.05
CA ASP E 107 54.46 -15.86 19.61
C ASP E 107 53.51 -16.92 19.08
N VAL E 108 53.71 -18.19 19.45
CA VAL E 108 52.94 -19.27 18.86
C VAL E 108 51.44 -19.15 19.15
N PRO E 109 50.99 -18.96 20.39
CA PRO E 109 49.55 -18.77 20.60
C PRO E 109 48.99 -17.55 19.89
N ALA E 110 49.74 -16.44 19.90
CA ALA E 110 49.29 -15.25 19.18
C ALA E 110 49.22 -15.49 17.69
N LEU E 111 50.21 -16.20 17.14
CA LEU E 111 50.20 -16.50 15.71
C LEU E 111 49.00 -17.35 15.34
N LEU E 112 48.73 -18.39 16.13
CA LEU E 112 47.60 -19.26 15.84
C LEU E 112 46.28 -18.51 15.98
N ALA E 113 46.16 -17.66 17.01
CA ALA E 113 44.92 -16.91 17.19
C ALA E 113 44.68 -15.93 16.04
N ALA E 114 45.72 -15.20 15.64
CA ALA E 114 45.58 -14.28 14.52
C ALA E 114 45.27 -15.02 13.24
N ILE E 115 45.90 -16.18 13.03
CA ILE E 115 45.67 -16.95 11.81
C ILE E 115 44.23 -17.45 11.76
N GLY E 116 43.71 -17.94 12.89
CA GLY E 116 42.32 -18.37 12.93
C GLY E 116 41.35 -17.22 12.75
N LEU E 117 41.66 -16.06 13.33
CA LEU E 117 40.79 -14.91 13.17
C LEU E 117 40.76 -14.42 11.73
N VAL E 118 41.91 -14.44 11.05
CA VAL E 118 41.99 -13.87 9.71
C VAL E 118 41.37 -14.76 8.65
N HIS E 119 41.21 -16.06 8.93
CA HIS E 119 40.60 -16.95 7.96
C HIS E 119 39.13 -16.60 7.76
N ASP E 120 38.65 -16.84 6.55
CA ASP E 120 37.28 -16.53 6.11
C ASP E 120 36.98 -15.04 6.12
N MET E 121 38.00 -14.19 6.23
CA MET E 121 37.78 -12.76 6.17
C MET E 121 37.28 -12.32 4.79
N GLY E 122 37.85 -12.88 3.73
CA GLY E 122 37.51 -12.53 2.38
C GLY E 122 36.37 -13.33 1.78
N ASN E 123 35.64 -14.09 2.59
CA ASN E 123 34.54 -14.87 2.06
C ASN E 123 33.44 -13.95 1.52
N PRO E 124 32.77 -14.33 0.44
CA PRO E 124 31.72 -13.49 -0.12
C PRO E 124 30.48 -13.51 0.76
N PRO E 125 29.55 -12.59 0.56
CA PRO E 125 28.28 -12.66 1.28
C PRO E 125 27.47 -13.88 0.86
N PHE E 126 26.54 -14.26 1.75
CA PHE E 126 25.65 -15.41 1.59
C PHE E 126 26.41 -16.73 1.64
N GLY E 127 27.59 -16.77 2.24
CA GLY E 127 28.29 -18.01 2.46
C GLY E 127 28.86 -18.62 1.19
N ALA E 128 29.10 -19.93 1.26
CA ALA E 128 29.71 -20.63 0.14
C ALA E 128 28.84 -20.55 -1.10
N GLN E 129 27.53 -20.72 -0.94
CA GLN E 129 26.62 -20.58 -2.08
C GLN E 129 26.68 -19.19 -2.69
N GLY E 130 27.09 -18.18 -1.93
CA GLY E 130 27.34 -16.88 -2.53
C GLY E 130 28.50 -16.94 -3.51
N ALA E 131 29.62 -17.55 -3.08
CA ALA E 131 30.79 -17.64 -3.95
C ALA E 131 30.45 -18.36 -5.24
N LYS E 132 29.76 -19.49 -5.14
CA LYS E 132 29.29 -20.19 -6.33
C LYS E 132 28.56 -19.24 -7.25
N ALA E 133 27.62 -18.46 -6.71
CA ALA E 133 26.91 -17.48 -7.53
C ALA E 133 27.89 -16.59 -8.28
N MET E 134 28.85 -16.00 -7.54
CA MET E 134 29.87 -15.18 -8.20
C MET E 134 30.55 -15.95 -9.30
N SER E 135 30.99 -17.18 -8.99
CA SER E 135 31.66 -18.00 -10.00
C SER E 135 30.76 -18.16 -11.22
N GLU E 136 29.48 -18.48 -10.99
CA GLU E 136 28.57 -18.65 -12.11
C GLU E 136 28.51 -17.40 -12.95
N TRP E 137 28.41 -16.23 -12.31
CA TRP E 137 28.42 -14.99 -13.07
C TRP E 137 29.72 -14.87 -13.86
N PHE E 138 30.85 -15.15 -13.22
CA PHE E 138 32.12 -15.04 -13.92
C PHE E 138 32.25 -16.10 -15.00
N THR E 139 31.45 -17.16 -14.92
CA THR E 139 31.45 -18.17 -15.97
C THR E 139 30.70 -17.66 -17.20
N LYS E 140 29.70 -16.80 -16.99
CA LYS E 140 28.87 -16.36 -18.11
C LYS E 140 29.39 -15.06 -18.72
N ASN E 141 29.74 -14.10 -17.88
CA ASN E 141 30.17 -12.80 -18.38
C ASN E 141 31.65 -12.74 -18.72
N LEU E 142 32.41 -13.80 -18.42
CA LEU E 142 33.80 -13.93 -18.84
C LEU E 142 33.91 -15.26 -19.57
N PRO E 143 33.42 -15.34 -20.80
CA PRO E 143 33.37 -16.64 -21.49
C PRO E 143 34.76 -17.21 -21.69
N GLU E 144 34.86 -18.53 -21.51
CA GLU E 144 36.14 -19.21 -21.71
C GLU E 144 36.51 -19.27 -23.19
N HIS E 145 35.51 -19.43 -24.06
CA HIS E 145 35.78 -19.46 -25.50
C HIS E 145 36.14 -18.08 -26.04
N SER E 146 35.75 -17.02 -25.35
CA SER E 146 36.08 -15.67 -25.81
C SER E 146 37.58 -15.45 -25.77
N ASP E 147 38.09 -14.70 -26.75
CA ASP E 147 39.52 -14.49 -26.86
C ASP E 147 40.08 -13.71 -25.67
N ASN E 148 39.33 -12.71 -25.19
CA ASN E 148 39.81 -11.89 -24.09
C ASN E 148 40.00 -12.70 -22.82
N TYR E 149 39.09 -13.61 -22.54
CA TYR E 149 39.10 -14.38 -21.29
C TYR E 149 39.43 -15.85 -21.51
N LYS E 150 40.08 -16.17 -22.63
CA LYS E 150 40.47 -17.55 -22.90
C LYS E 150 41.63 -18.02 -22.05
N ASP E 151 42.41 -17.09 -21.49
CA ASP E 151 43.54 -17.48 -20.67
C ASP E 151 43.06 -18.10 -19.36
N LYS E 152 43.84 -19.07 -18.87
CA LYS E 152 43.43 -19.81 -17.68
C LYS E 152 43.55 -18.99 -16.40
N ILE E 153 44.23 -17.84 -16.44
CA ILE E 153 44.32 -16.99 -15.25
C ILE E 153 42.94 -16.51 -14.82
N TYR E 154 42.02 -16.33 -15.76
CA TYR E 154 40.66 -15.94 -15.44
C TYR E 154 39.90 -17.03 -14.70
N GLY E 155 40.46 -18.24 -14.62
CA GLY E 155 39.93 -19.25 -13.71
C GLY E 155 39.99 -18.81 -12.26
N ASP E 156 40.76 -17.77 -11.95
CA ASP E 156 40.71 -17.19 -10.61
C ASP E 156 39.33 -16.65 -10.30
N PHE E 157 38.56 -16.26 -11.32
CA PHE E 157 37.22 -15.74 -11.13
C PHE E 157 36.13 -16.75 -11.46
N ARG E 158 36.35 -17.58 -12.49
CA ARG E 158 35.38 -18.62 -12.82
C ARG E 158 35.32 -19.71 -11.76
N HIS E 159 36.33 -19.79 -10.90
CA HIS E 159 36.37 -20.71 -9.76
C HIS E 159 36.68 -19.92 -8.49
N PHE E 160 35.95 -18.82 -8.31
CA PHE E 160 36.23 -17.89 -7.22
C PHE E 160 36.08 -18.56 -5.86
N ASP E 161 36.97 -18.20 -4.94
CA ASP E 161 36.93 -18.70 -3.58
C ASP E 161 37.45 -17.63 -2.63
N GLY E 162 37.13 -17.77 -1.35
CA GLY E 162 37.38 -16.72 -0.39
C GLY E 162 38.79 -16.65 0.16
N ASN E 163 39.59 -17.71 -0.02
CA ASN E 163 40.94 -17.70 0.53
C ASN E 163 41.85 -16.74 -0.21
N SER E 164 41.79 -16.75 -1.54
CA SER E 164 42.56 -15.80 -2.33
C SER E 164 42.14 -14.37 -2.02
N GLN E 165 40.83 -14.16 -1.83
CA GLN E 165 40.37 -12.83 -1.46
C GLN E 165 40.84 -12.41 -0.09
N THR E 166 40.91 -13.35 0.86
CA THR E 166 41.45 -13.03 2.18
C THR E 166 42.91 -12.59 2.07
N LEU E 167 43.70 -13.33 1.30
CA LEU E 167 45.10 -12.96 1.12
C LEU E 167 45.23 -11.60 0.43
N ARG E 168 44.40 -11.35 -0.59
CA ARG E 168 44.44 -10.07 -1.27
C ARG E 168 44.05 -8.93 -0.34
N LEU E 169 43.04 -9.16 0.50
CA LEU E 169 42.60 -8.14 1.44
C LEU E 169 43.71 -7.81 2.44
N VAL E 170 44.34 -8.84 3.01
CA VAL E 170 45.38 -8.60 4.00
C VAL E 170 46.69 -8.12 3.40
N THR E 171 46.87 -8.26 2.09
CA THR E 171 48.12 -7.85 1.45
C THR E 171 48.01 -6.61 0.57
N LYS E 172 46.90 -6.40 -0.13
CA LYS E 172 46.84 -5.27 -1.05
C LYS E 172 45.64 -4.35 -0.79
N LEU E 173 44.48 -4.93 -0.49
CA LEU E 173 43.25 -4.15 -0.47
C LEU E 173 43.23 -3.14 0.68
N GLN E 174 43.77 -3.53 1.84
CA GLN E 174 43.80 -2.64 3.00
C GLN E 174 44.97 -1.67 2.86
N ILE E 175 44.85 -0.79 1.88
CA ILE E 175 45.91 0.13 1.51
C ILE E 175 45.71 1.46 2.22
N LEU E 176 46.80 1.97 2.80
CA LEU E 176 46.79 3.30 3.40
C LEU E 176 47.68 4.25 2.61
N ASN E 177 48.97 3.95 2.46
CA ASN E 177 49.83 4.73 1.59
C ASN E 177 50.88 3.87 0.88
N ASP E 178 50.85 2.55 1.08
CA ASP E 178 51.83 1.64 0.49
C ASP E 178 51.12 0.44 -0.09
N THR E 179 51.85 -0.32 -0.91
CA THR E 179 51.33 -1.49 -1.58
C THR E 179 51.49 -2.76 -0.75
N TYR E 180 51.62 -2.63 0.58
CA TYR E 180 51.83 -3.78 1.44
C TYR E 180 50.64 -4.08 2.34
N GLY E 181 49.51 -3.41 2.14
CA GLY E 181 48.31 -3.71 2.89
C GLY E 181 48.50 -3.53 4.38
N LEU E 182 48.06 -4.53 5.14
CA LEU E 182 48.18 -4.50 6.60
C LEU E 182 49.61 -4.71 7.08
N ASN E 183 50.52 -5.12 6.19
CA ASN E 183 51.92 -5.34 6.52
C ASN E 183 52.07 -6.33 7.67
N LEU E 184 51.42 -7.47 7.50
CA LEU E 184 51.54 -8.55 8.48
C LEU E 184 52.91 -9.20 8.39
N THR E 185 53.27 -9.93 9.44
CA THR E 185 54.56 -10.60 9.46
C THR E 185 54.57 -11.77 8.47
N TYR E 186 55.79 -12.23 8.14
CA TYR E 186 55.92 -13.31 7.18
C TYR E 186 55.30 -14.60 7.71
N ALA E 187 55.38 -14.82 9.02
CA ALA E 187 54.79 -16.04 9.58
C ALA E 187 53.29 -16.08 9.38
N THR E 188 52.60 -14.97 9.65
CA THR E 188 51.16 -14.93 9.48
C THR E 188 50.76 -15.12 8.02
N LEU E 189 51.45 -14.43 7.11
CA LEU E 189 51.13 -14.56 5.69
C LEU E 189 51.39 -15.97 5.20
N ALA E 190 52.49 -16.59 5.64
CA ALA E 190 52.80 -17.95 5.24
C ALA E 190 51.78 -18.95 5.77
N SER E 191 51.37 -18.81 7.03
CA SER E 191 50.43 -19.73 7.65
C SER E 191 48.99 -19.44 7.26
N MET E 192 48.74 -18.33 6.58
CA MET E 192 47.40 -17.97 6.14
C MET E 192 47.01 -18.65 4.84
N ILE E 193 47.98 -19.10 4.05
CA ILE E 193 47.75 -19.68 2.74
C ILE E 193 47.28 -21.11 2.94
N LYS E 194 45.97 -21.34 2.79
CA LYS E 194 45.42 -22.67 3.00
C LYS E 194 45.73 -23.61 1.85
N TYR E 195 45.98 -23.08 0.66
CA TYR E 195 46.32 -23.88 -0.51
C TYR E 195 47.48 -23.24 -1.26
N PRO E 196 48.70 -23.73 -1.06
CA PRO E 196 49.85 -23.09 -1.71
C PRO E 196 49.96 -23.41 -3.19
N ARG E 197 48.99 -22.94 -3.97
CA ARG E 197 49.03 -23.13 -5.43
C ARG E 197 48.17 -22.06 -6.08
N SER E 198 48.46 -21.78 -7.34
CA SER E 198 47.74 -20.80 -8.11
C SER E 198 46.71 -21.48 -9.02
N SER E 199 45.83 -20.66 -9.59
CA SER E 199 44.82 -21.19 -10.51
C SER E 199 45.47 -21.80 -11.75
N GLU E 200 46.50 -21.13 -12.29
CA GLU E 200 47.18 -21.67 -13.46
C GLU E 200 47.88 -22.99 -13.15
N SER E 201 48.52 -23.07 -11.99
CA SER E 201 49.22 -24.30 -11.61
C SER E 201 48.23 -25.42 -11.35
N ASP E 202 48.62 -26.64 -11.74
CA ASP E 202 47.81 -27.82 -11.54
C ASP E 202 48.45 -28.70 -10.47
N SER E 203 47.63 -29.25 -9.59
CA SER E 203 48.12 -30.09 -8.52
C SER E 203 47.02 -31.03 -8.07
N SER E 204 47.43 -32.21 -7.58
CA SER E 204 46.49 -33.17 -7.02
C SER E 204 46.36 -33.06 -5.51
N LEU E 205 47.39 -32.53 -4.84
CA LEU E 205 47.32 -32.37 -3.39
C LEU E 205 46.23 -31.38 -2.98
N TRP E 206 46.13 -30.26 -3.69
CA TRP E 206 45.18 -29.21 -3.36
C TRP E 206 44.22 -29.02 -4.53
N LYS E 207 42.93 -29.05 -4.23
CA LYS E 207 41.89 -28.94 -5.25
C LYS E 207 41.41 -27.50 -5.45
N LYS E 208 41.94 -26.54 -4.70
CA LYS E 208 41.52 -25.16 -4.80
C LYS E 208 42.76 -24.27 -4.86
N HIS E 209 42.68 -23.21 -5.65
CA HIS E 209 43.76 -22.22 -5.69
C HIS E 209 43.71 -21.35 -4.43
N GLY E 210 44.89 -20.98 -3.95
CA GLY E 210 44.99 -20.26 -2.70
C GLY E 210 45.27 -18.78 -2.84
N PHE E 211 45.63 -18.33 -4.03
CA PHE E 211 45.91 -16.92 -4.25
C PHE E 211 45.64 -16.55 -5.70
N PHE E 212 45.38 -15.27 -5.93
CA PHE E 212 45.13 -14.76 -7.25
C PHE E 212 46.45 -14.58 -8.01
N LEU E 213 46.33 -14.26 -9.31
CA LEU E 213 47.50 -13.94 -10.10
C LEU E 213 48.20 -12.69 -9.58
N SER E 214 47.42 -11.68 -9.17
CA SER E 214 47.99 -10.44 -8.66
C SER E 214 48.86 -10.65 -7.43
N GLU E 215 48.62 -11.71 -6.66
CA GLU E 215 49.41 -12.02 -5.49
C GLU E 215 50.56 -12.99 -5.79
N LYS E 216 50.70 -13.41 -7.05
CA LYS E 216 51.66 -14.46 -7.37
C LYS E 216 53.07 -14.10 -6.94
N ASP E 217 53.49 -12.86 -7.22
CA ASP E 217 54.80 -12.42 -6.74
C ASP E 217 54.84 -12.36 -5.22
N VAL E 218 53.79 -11.78 -4.61
CA VAL E 218 53.79 -11.60 -3.15
C VAL E 218 53.96 -12.92 -2.45
N VAL E 219 53.15 -13.92 -2.82
CA VAL E 219 53.27 -15.25 -2.25
C VAL E 219 54.70 -15.76 -2.43
N GLN E 220 55.26 -15.59 -3.63
CA GLN E 220 56.65 -16.00 -3.85
C GLN E 220 57.56 -15.36 -2.82
N ASP E 221 57.44 -14.04 -2.63
CA ASP E 221 58.23 -13.37 -1.61
C ASP E 221 58.07 -14.04 -0.26
N ILE E 222 56.82 -14.32 0.13
CA ILE E 222 56.57 -14.97 1.41
C ILE E 222 57.33 -16.29 1.47
N TRP E 223 57.23 -17.09 0.41
CA TRP E 223 57.94 -18.37 0.39
C TRP E 223 59.44 -18.14 0.56
N ASN E 224 59.99 -17.16 -0.15
CA ASN E 224 61.42 -16.91 -0.09
C ASN E 224 61.86 -16.53 1.31
N ASN E 225 60.93 -16.03 2.12
CA ASN E 225 61.26 -15.62 3.48
C ASN E 225 60.80 -16.61 4.54
N THR E 226 60.30 -17.78 4.14
CA THR E 226 59.82 -18.76 5.11
C THR E 226 60.29 -20.17 4.85
N GLY E 227 61.06 -20.41 3.78
CA GLY E 227 61.50 -21.75 3.45
C GLY E 227 60.44 -22.63 2.82
N LEU E 228 59.25 -22.08 2.56
CA LEU E 228 58.18 -22.84 1.92
C LEU E 228 58.34 -22.80 0.42
N SER E 229 57.42 -23.47 -0.28
CA SER E 229 57.41 -23.49 -1.74
C SER E 229 56.00 -23.84 -2.20
N GLU E 230 55.83 -23.94 -3.51
CA GLU E 230 54.52 -24.27 -4.06
C GLU E 230 54.09 -25.66 -3.63
N GLY E 231 52.84 -25.77 -3.17
CA GLY E 231 52.30 -27.03 -2.74
C GLY E 231 52.70 -27.45 -1.34
N VAL E 232 53.44 -26.63 -0.60
CA VAL E 232 53.89 -26.95 0.74
C VAL E 232 53.24 -25.98 1.70
N ARG E 233 52.53 -26.51 2.69
CA ARG E 233 51.80 -25.70 3.66
C ARG E 233 52.65 -25.40 4.88
N HIS E 234 52.43 -24.22 5.46
CA HIS E 234 53.01 -23.93 6.76
C HIS E 234 52.43 -24.89 7.80
N PRO E 235 53.23 -25.36 8.75
CA PRO E 235 52.71 -26.34 9.72
C PRO E 235 51.49 -25.85 10.49
N PHE E 236 51.42 -24.55 10.80
CA PHE E 236 50.28 -24.02 11.54
C PHE E 236 49.03 -23.89 10.68
N THR E 237 49.16 -23.93 9.36
CA THR E 237 47.98 -23.95 8.50
C THR E 237 47.14 -25.19 8.74
N TYR E 238 47.78 -26.34 8.98
CA TYR E 238 47.04 -27.54 9.30
C TYR E 238 46.27 -27.39 10.61
N ILE E 239 46.89 -26.77 11.61
CA ILE E 239 46.21 -26.54 12.88
C ILE E 239 45.01 -25.64 12.67
N MET E 240 45.19 -24.56 11.91
CA MET E 240 44.09 -23.64 11.66
C MET E 240 42.96 -24.32 10.91
N GLU E 241 43.29 -25.14 9.91
CA GLU E 241 42.27 -25.85 9.16
C GLU E 241 41.52 -26.84 10.03
N ALA E 242 42.24 -27.55 10.90
CA ALA E 242 41.59 -28.48 11.81
C ALA E 242 40.66 -27.75 12.78
N CYS E 243 41.11 -26.61 13.31
CA CYS E 243 40.26 -25.83 14.19
C CYS E 243 39.02 -25.32 13.46
N ASP E 244 39.20 -24.85 12.22
CA ASP E 244 38.08 -24.40 11.41
C ASP E 244 37.07 -25.52 11.22
N ASP E 245 37.55 -26.70 10.82
CA ASP E 245 36.66 -27.83 10.58
C ASP E 245 35.91 -28.22 11.85
N ILE E 246 36.63 -28.37 12.95
CA ILE E 246 36.00 -28.74 14.22
C ILE E 246 34.95 -27.72 14.60
N ALA E 247 35.31 -26.44 14.55
CA ALA E 247 34.43 -25.37 14.99
C ALA E 247 33.15 -25.34 14.16
N TYR E 248 33.26 -25.30 12.83
CA TYR E 248 32.02 -25.18 12.07
C TYR E 248 31.23 -26.47 12.10
N SER E 249 31.90 -27.62 12.11
CA SER E 249 31.18 -28.90 12.15
C SER E 249 30.35 -29.04 13.41
N VAL E 250 30.89 -28.63 14.56
CA VAL E 250 30.14 -28.74 15.81
C VAL E 250 29.10 -27.63 15.93
N LEU E 251 29.50 -26.39 15.66
CA LEU E 251 28.62 -25.26 15.93
C LEU E 251 27.50 -25.14 14.92
N ASP E 252 27.69 -25.62 13.69
CA ASP E 252 26.57 -25.67 12.75
C ASP E 252 25.53 -26.68 13.21
N ALA E 253 25.95 -27.82 13.76
CA ALA E 253 25.00 -28.75 14.35
C ALA E 253 24.27 -28.11 15.53
N GLU E 254 24.99 -27.35 16.36
CA GLU E 254 24.34 -26.64 17.45
C GLU E 254 23.29 -25.68 16.93
N ASP E 255 23.63 -24.91 15.89
CA ASP E 255 22.68 -23.96 15.31
C ASP E 255 21.49 -24.68 14.70
N ILE E 256 21.72 -25.83 14.06
CA ILE E 256 20.63 -26.59 13.46
C ILE E 256 19.65 -27.03 14.54
N ILE E 257 20.16 -27.60 15.62
CA ILE E 257 19.29 -28.09 16.67
C ILE E 257 18.60 -26.94 17.40
N LYS E 258 19.31 -25.83 17.61
CA LYS E 258 18.69 -24.67 18.23
C LYS E 258 17.56 -24.10 17.37
N LYS E 259 17.77 -24.05 16.06
CA LYS E 259 16.75 -23.55 15.15
C LYS E 259 15.51 -24.43 15.12
N GLY E 260 15.63 -25.69 15.49
CA GLY E 260 14.52 -26.62 15.44
C GLY E 260 14.49 -27.51 14.21
N PHE E 261 15.50 -27.43 13.34
CA PHE E 261 15.56 -28.31 12.17
C PHE E 261 15.86 -29.74 12.56
N ALA E 262 16.38 -29.98 13.76
CA ALA E 262 16.68 -31.32 14.23
C ALA E 262 16.71 -31.29 15.75
N SER E 263 16.78 -32.48 16.35
CA SER E 263 16.78 -32.63 17.79
C SER E 263 18.11 -33.23 18.25
N PHE E 264 18.36 -33.13 19.56
CA PHE E 264 19.56 -33.71 20.12
C PHE E 264 19.59 -35.22 19.94
N HIS E 265 18.45 -35.88 20.16
CA HIS E 265 18.38 -37.31 19.91
C HIS E 265 18.60 -37.64 18.44
N ASP E 266 18.19 -36.75 17.54
CA ASP E 266 18.46 -36.95 16.12
C ASP E 266 19.95 -37.00 15.84
N LEU E 267 20.71 -36.05 16.39
CA LEU E 267 22.15 -36.05 16.20
C LEU E 267 22.80 -37.25 16.86
N ILE E 268 22.34 -37.62 18.05
CA ILE E 268 22.91 -38.78 18.74
C ILE E 268 22.68 -40.04 17.92
N ASP E 269 21.47 -40.21 17.39
CA ASP E 269 21.18 -41.39 16.58
C ASP E 269 21.95 -41.37 15.26
N PHE E 270 22.16 -40.18 14.69
CA PHE E 270 22.95 -40.08 13.48
C PHE E 270 24.38 -40.51 13.72
N ILE E 271 24.98 -40.05 14.82
CA ILE E 271 26.35 -40.44 15.13
C ILE E 271 26.43 -41.93 15.45
N GLN E 272 25.45 -42.45 16.21
CA GLN E 272 25.47 -43.86 16.57
C GLN E 272 25.29 -44.77 15.36
N SER E 273 24.42 -44.39 14.42
CA SER E 273 24.10 -45.22 13.27
C SER E 273 25.06 -45.03 12.11
N ASN E 274 25.98 -44.07 12.20
CA ASN E 274 26.98 -43.91 11.14
C ASN E 274 27.90 -45.11 11.11
N GLN E 275 28.14 -45.63 9.90
CA GLN E 275 28.94 -46.85 9.76
C GLN E 275 30.39 -46.63 10.17
N PHE E 276 30.87 -45.38 10.17
CA PHE E 276 32.23 -45.10 10.59
C PHE E 276 32.33 -44.77 12.07
N CYS E 277 31.31 -44.12 12.64
CA CYS E 277 31.30 -43.80 14.05
C CYS E 277 30.67 -44.89 14.91
N LYS E 278 30.25 -46.00 14.30
CA LYS E 278 29.66 -47.08 15.07
C LYS E 278 30.67 -47.70 16.04
N GLU E 279 31.94 -47.78 15.63
CA GLU E 279 32.99 -48.33 16.47
C GLU E 279 34.10 -47.34 16.80
N ASP E 280 33.97 -46.08 16.39
CA ASP E 280 34.99 -45.08 16.67
C ASP E 280 35.01 -44.76 18.15
N ASP E 281 36.19 -44.89 18.78
CA ASP E 281 36.28 -44.72 20.23
C ASP E 281 35.92 -43.31 20.67
N VAL E 282 36.37 -42.30 19.92
CA VAL E 282 36.08 -40.91 20.28
C VAL E 282 34.59 -40.66 20.22
N ALA E 283 33.94 -41.11 19.15
CA ALA E 283 32.49 -40.94 19.03
C ALA E 283 31.75 -41.68 20.14
N LYS E 284 32.21 -42.90 20.47
CA LYS E 284 31.58 -43.64 21.56
C LYS E 284 31.71 -42.91 22.88
N ARG E 285 32.88 -42.36 23.17
CA ARG E 285 33.07 -41.61 24.42
C ARG E 285 32.18 -40.37 24.46
N VAL E 286 32.13 -39.64 23.35
CA VAL E 286 31.30 -38.43 23.32
C VAL E 286 29.84 -38.78 23.51
N ILE E 287 29.37 -39.82 22.82
CA ILE E 287 27.97 -40.24 22.94
C ILE E 287 27.67 -40.69 24.37
N GLU E 288 28.58 -41.44 24.98
CA GLU E 288 28.35 -41.92 26.34
C GLU E 288 28.26 -40.76 27.32
N ASN E 289 29.18 -39.79 27.21
CA ASN E 289 29.14 -38.64 28.12
C ASN E 289 27.88 -37.81 27.90
N CYS E 290 27.49 -37.60 26.64
CA CYS E 290 26.29 -36.82 26.35
C CYS E 290 25.05 -37.53 26.86
N LYS E 291 24.97 -38.85 26.71
CA LYS E 291 23.84 -39.61 27.23
C LYS E 291 23.79 -39.53 28.75
N LYS E 292 24.94 -39.63 29.41
CA LYS E 292 24.98 -39.54 30.86
C LYS E 292 24.48 -38.18 31.34
N ILE E 293 24.90 -37.10 30.68
CA ILE E 293 24.45 -35.78 31.10
C ILE E 293 22.98 -35.56 30.73
N HIS E 294 22.52 -36.15 29.62
CA HIS E 294 21.14 -35.95 29.19
C HIS E 294 20.18 -36.69 30.10
N ALA E 295 20.60 -37.84 30.64
CA ALA E 295 19.77 -38.53 31.61
C ALA E 295 19.52 -37.67 32.84
N ASP E 296 20.56 -36.97 33.31
CA ASP E 296 20.40 -36.06 34.44
C ASP E 296 19.55 -34.85 34.07
N TYR E 297 19.75 -34.32 32.85
CA TYR E 297 19.00 -33.13 32.45
C TYR E 297 17.52 -33.42 32.26
N ALA E 298 17.17 -34.63 31.81
CA ALA E 298 15.78 -34.96 31.53
C ALA E 298 14.92 -34.96 32.78
N GLN E 299 15.51 -35.13 33.97
CA GLN E 299 14.72 -35.16 35.19
C GLN E 299 14.11 -33.80 35.51
N GLN E 300 14.74 -32.72 35.04
CA GLN E 300 14.21 -31.39 35.28
C GLN E 300 12.95 -31.15 34.45
N LYS E 301 12.14 -30.20 34.91
CA LYS E 301 10.91 -29.82 34.23
C LYS E 301 11.26 -28.80 33.16
N LEU E 302 11.52 -29.28 31.94
CA LEU E 302 11.92 -28.44 30.83
C LEU E 302 11.08 -28.77 29.61
N SER E 303 10.89 -27.77 28.75
CA SER E 303 10.31 -28.01 27.44
C SER E 303 11.30 -28.77 26.57
N PRO E 304 10.82 -29.47 25.54
CA PRO E 304 11.76 -30.22 24.68
C PRO E 304 12.84 -29.36 24.05
N ALA E 305 12.51 -28.13 23.64
CA ALA E 305 13.52 -27.27 23.05
C ALA E 305 14.62 -26.92 24.05
N GLU E 306 14.23 -26.57 25.28
CA GLU E 306 15.23 -26.28 26.30
C GLU E 306 16.08 -27.50 26.60
N LEU E 307 15.47 -28.67 26.67
CA LEU E 307 16.24 -29.89 26.92
C LEU E 307 17.24 -30.12 25.80
N ASN E 308 16.82 -29.89 24.54
CA ASN E 308 17.74 -30.07 23.42
C ASN E 308 18.92 -29.10 23.50
N ASP E 309 18.66 -27.82 23.77
CA ASP E 309 19.75 -26.86 23.88
C ASP E 309 20.69 -27.19 25.03
N MET E 310 20.13 -27.54 26.19
CA MET E 310 20.97 -27.90 27.34
C MET E 310 21.83 -29.12 27.05
N SER E 311 21.25 -30.16 26.43
CA SER E 311 22.04 -31.34 26.11
C SER E 311 23.12 -31.02 25.08
N MET E 312 22.80 -30.18 24.08
CA MET E 312 23.81 -29.94 23.07
C MET E 312 24.87 -28.96 23.51
N GLN E 313 24.65 -28.17 24.56
CA GLN E 313 25.78 -27.43 25.13
C GLN E 313 26.83 -28.37 25.68
N MET E 314 26.40 -29.41 26.41
CA MET E 314 27.35 -30.41 26.88
C MET E 314 27.94 -31.20 25.73
N PHE E 315 27.14 -31.45 24.67
CA PHE E 315 27.70 -32.07 23.48
C PHE E 315 28.79 -31.20 22.88
N ARG E 316 28.57 -29.88 22.80
CA ARG E 316 29.61 -28.96 22.37
C ARG E 316 30.87 -29.14 23.19
N VAL E 317 30.73 -29.09 24.52
CA VAL E 317 31.90 -29.16 25.39
C VAL E 317 32.68 -30.45 25.13
N TYR E 318 31.97 -31.59 25.16
CA TYR E 318 32.65 -32.87 25.05
C TYR E 318 33.27 -33.06 23.67
N ALA E 319 32.52 -32.77 22.60
CA ALA E 319 33.02 -32.97 21.26
C ALA E 319 34.19 -32.04 20.97
N ILE E 320 34.10 -30.77 21.37
CA ILE E 320 35.20 -29.85 21.15
C ILE E 320 36.44 -30.30 21.89
N ALA E 321 36.30 -30.70 23.15
CA ALA E 321 37.46 -31.15 23.91
C ALA E 321 38.10 -32.38 23.27
N GLU E 322 37.29 -33.37 22.90
CA GLU E 322 37.84 -34.59 22.32
C GLU E 322 38.52 -34.32 20.97
N LEU E 323 37.86 -33.54 20.11
CA LEU E 323 38.44 -33.26 18.80
C LEU E 323 39.72 -32.43 18.91
N VAL E 324 39.74 -31.45 19.82
CA VAL E 324 40.95 -30.65 20.00
C VAL E 324 42.09 -31.51 20.51
N ASP E 325 41.80 -32.39 21.47
CA ASP E 325 42.85 -33.27 21.99
C ASP E 325 43.38 -34.19 20.90
N ALA E 326 42.47 -34.76 20.09
CA ALA E 326 42.90 -35.63 19.01
C ALA E 326 43.75 -34.89 17.99
N VAL E 327 43.36 -33.65 17.66
CA VAL E 327 44.13 -32.86 16.70
C VAL E 327 45.51 -32.54 17.25
N VAL E 328 45.60 -32.19 18.53
CA VAL E 328 46.89 -31.90 19.14
C VAL E 328 47.78 -33.14 19.12
N ILE E 329 47.21 -34.30 19.47
CA ILE E 329 47.99 -35.54 19.46
C ILE E 329 48.48 -35.86 18.05
N ALA E 330 47.60 -35.69 17.06
CA ALA E 330 48.00 -35.96 15.68
C ALA E 330 49.10 -35.02 15.22
N PHE E 331 49.01 -33.74 15.58
CA PHE E 331 50.05 -32.79 15.21
C PHE E 331 51.38 -33.15 15.87
N LYS E 332 51.35 -33.51 17.16
CA LYS E 332 52.59 -33.85 17.85
C LYS E 332 53.21 -35.12 17.27
N ASP E 333 52.38 -36.10 16.92
CA ASP E 333 52.92 -37.35 16.38
C ASP E 333 53.53 -37.16 15.00
N ASN E 334 52.88 -36.38 14.14
CA ASN E 334 53.31 -36.19 12.76
C ASN E 334 54.07 -34.89 12.56
N ILE E 335 54.70 -34.35 13.61
CA ILE E 335 55.37 -33.07 13.49
C ILE E 335 56.53 -33.15 12.50
N ASN E 336 57.24 -34.28 12.47
CA ASN E 336 58.33 -34.43 11.52
C ASN E 336 57.81 -34.45 10.09
N GLU E 337 56.66 -35.09 9.87
CA GLU E 337 56.08 -35.13 8.53
C GLU E 337 55.66 -33.73 8.08
N PHE E 338 55.10 -32.93 9.00
CA PHE E 338 54.69 -31.58 8.63
C PHE E 338 55.88 -30.67 8.34
N LEU E 339 57.01 -30.91 9.01
CA LEU E 339 58.20 -30.10 8.80
C LEU E 339 58.98 -30.52 7.57
N ASN E 340 58.58 -31.60 6.91
CA ASN E 340 59.27 -32.04 5.70
C ASN E 340 58.98 -31.07 4.55
N ASP E 341 59.97 -30.88 3.69
CA ASP E 341 59.83 -30.00 2.54
C ASP E 341 58.86 -30.54 1.49
N THR E 342 58.47 -31.80 1.59
CA THR E 342 57.57 -32.44 0.63
C THR E 342 56.41 -33.11 1.36
N CYS E 343 55.80 -32.38 2.28
CA CYS E 343 54.68 -32.92 3.05
C CYS E 343 53.49 -33.20 2.14
N GLU E 344 52.85 -34.34 2.36
CA GLU E 344 51.69 -34.75 1.56
C GLU E 344 50.42 -34.90 2.39
N ILE E 345 50.41 -34.44 3.64
CA ILE E 345 49.23 -34.60 4.48
C ILE E 345 48.12 -33.69 3.95
N LYS E 346 46.94 -34.27 3.74
CA LYS E 346 45.81 -33.48 3.26
C LYS E 346 45.23 -32.60 4.36
N ASP E 347 45.07 -33.14 5.56
CA ASP E 347 44.51 -32.37 6.67
C ASP E 347 44.90 -33.04 7.98
N LEU E 348 44.87 -32.24 9.05
CA LEU E 348 45.23 -32.75 10.37
C LEU E 348 44.14 -33.65 10.94
N ILE E 349 42.88 -33.36 10.60
CA ILE E 349 41.77 -34.15 11.15
C ILE E 349 41.84 -35.59 10.69
N SER E 350 42.16 -35.81 9.41
CA SER E 350 42.21 -37.17 8.87
C SER E 350 43.27 -38.01 9.56
N CYS E 351 44.37 -37.40 9.99
CA CYS E 351 45.43 -38.11 10.69
C CYS E 351 45.14 -38.30 12.17
N SER E 352 44.04 -37.73 12.68
CA SER E 352 43.69 -37.83 14.08
C SER E 352 42.62 -38.90 14.29
N SER E 353 42.29 -39.15 15.55
CA SER E 353 41.25 -40.11 15.89
C SER E 353 39.85 -39.51 15.82
N GLY E 354 39.73 -38.20 15.64
CA GLY E 354 38.45 -37.55 15.54
C GLY E 354 37.98 -37.40 14.10
N LYS E 355 38.61 -38.15 13.20
CA LYS E 355 38.25 -38.07 11.78
C LYS E 355 36.81 -38.48 11.55
N ASN E 356 36.42 -39.65 12.06
CA ASN E 356 35.08 -40.17 11.81
C ASN E 356 34.01 -39.27 12.41
N LEU E 357 34.24 -38.79 13.64
CA LEU E 357 33.26 -37.92 14.28
C LEU E 357 33.08 -36.62 13.51
N CYS E 358 34.18 -36.02 13.05
CA CYS E 358 34.08 -34.79 12.28
C CYS E 358 33.36 -35.03 10.96
N GLN E 359 33.67 -36.14 10.28
CA GLN E 359 32.99 -36.44 9.02
C GLN E 359 31.49 -36.65 9.24
N ALA E 360 31.13 -37.36 10.30
CA ALA E 360 29.71 -37.57 10.60
C ALA E 360 29.02 -36.26 10.93
N LEU E 361 29.68 -35.39 11.69
CA LEU E 361 29.09 -34.09 12.00
C LEU E 361 28.89 -33.26 10.74
N LYS E 362 29.86 -33.29 9.82
CA LYS E 362 29.71 -32.56 8.57
C LYS E 362 28.57 -33.12 7.73
N LYS E 363 28.44 -34.44 7.69
CA LYS E 363 27.32 -35.05 6.96
C LYS E 363 26.00 -34.66 7.58
N PHE E 364 25.92 -34.63 8.91
CA PHE E 364 24.69 -34.21 9.58
C PHE E 364 24.35 -32.77 9.27
N ASP E 365 25.36 -31.89 9.29
CA ASP E 365 25.14 -30.49 8.94
C ASP E 365 24.68 -30.34 7.50
N SER E 366 25.23 -31.14 6.58
CA SER E 366 24.79 -31.07 5.20
C SER E 366 23.34 -31.55 5.06
N SER E 367 23.00 -32.66 5.72
CA SER E 367 21.68 -33.26 5.54
C SER E 367 20.58 -32.42 6.17
N ARG E 368 20.76 -32.02 7.42
CA ARG E 368 19.72 -31.30 8.14
C ARG E 368 19.91 -29.78 8.10
N GLY E 369 20.98 -29.30 7.50
CA GLY E 369 21.28 -27.88 7.45
C GLY E 369 21.17 -27.29 6.07
N TYR E 370 22.32 -27.21 5.38
CA TYR E 370 22.47 -26.58 4.08
C TYR E 370 21.32 -26.92 3.13
N GLN E 371 20.80 -28.14 3.21
CA GLN E 371 19.74 -28.60 2.32
C GLN E 371 18.34 -28.41 2.89
N HIS E 372 18.19 -27.54 3.89
CA HIS E 372 16.86 -27.24 4.39
C HIS E 372 16.12 -26.33 3.41
N ARG E 373 14.78 -26.41 3.44
CA ARG E 373 13.97 -25.66 2.48
C ARG E 373 14.18 -24.17 2.62
N SER E 374 14.13 -23.65 3.84
CA SER E 374 14.33 -22.22 4.06
C SER E 374 15.73 -21.80 3.65
N VAL E 375 16.73 -22.62 3.97
CA VAL E 375 18.10 -22.29 3.59
C VAL E 375 18.24 -22.26 2.07
N LEU E 376 17.64 -23.23 1.37
CA LEU E 376 17.71 -23.25 -0.09
C LEU E 376 17.02 -22.04 -0.70
N LYS E 377 15.85 -21.66 -0.18
CA LYS E 377 15.16 -20.50 -0.71
C LYS E 377 15.95 -19.22 -0.47
N LEU E 378 16.52 -19.07 0.73
CA LEU E 378 17.35 -17.90 1.02
C LEU E 378 18.59 -17.88 0.13
N GLU E 379 19.16 -19.05 -0.15
CA GLU E 379 20.34 -19.11 -1.01
C GLU E 379 20.00 -18.73 -2.45
N LEU E 380 18.83 -19.16 -2.94
CA LEU E 380 18.41 -18.74 -4.28
C LEU E 380 18.19 -17.24 -4.33
N GLU E 381 17.55 -16.67 -3.30
CA GLU E 381 17.37 -15.23 -3.25
C GLU E 381 18.71 -14.51 -3.24
N GLY E 382 19.66 -15.00 -2.45
CA GLY E 382 20.97 -14.39 -2.40
C GLY E 382 21.72 -14.50 -3.71
N SER E 383 21.56 -15.63 -4.41
CA SER E 383 22.17 -15.78 -5.72
C SER E 383 21.60 -14.76 -6.71
N ASN E 384 20.27 -14.59 -6.70
CA ASN E 384 19.66 -13.59 -7.56
C ASN E 384 20.16 -12.20 -7.22
N TYR E 385 20.23 -11.86 -5.94
CA TYR E 385 20.71 -10.55 -5.52
C TYR E 385 22.16 -10.32 -5.97
N ILE E 386 23.02 -11.32 -5.75
CA ILE E 386 24.43 -11.18 -6.10
C ILE E 386 24.60 -11.02 -7.59
N LYS E 387 23.91 -11.85 -8.38
CA LYS E 387 24.05 -11.77 -9.82
C LYS E 387 23.53 -10.45 -10.37
N GLY E 388 22.41 -9.96 -9.83
CA GLY E 388 21.92 -8.65 -10.25
C GLY E 388 22.87 -7.53 -9.90
N LEU E 389 23.44 -7.57 -8.69
CA LEU E 389 24.40 -6.53 -8.30
C LEU E 389 25.64 -6.57 -9.18
N MET E 390 26.15 -7.76 -9.47
CA MET E 390 27.32 -7.85 -10.35
C MET E 390 26.99 -7.37 -11.75
N ASP E 391 25.78 -7.67 -12.25
CA ASP E 391 25.37 -7.16 -13.54
C ASP E 391 25.34 -5.64 -13.57
N MET E 392 24.82 -5.03 -12.51
CA MET E 392 24.76 -3.57 -12.48
C MET E 392 26.14 -2.95 -12.32
N LEU E 393 27.02 -3.57 -11.54
CA LEU E 393 28.37 -3.04 -11.36
C LEU E 393 29.19 -3.16 -12.63
N TRP E 394 29.01 -4.25 -13.37
CA TRP E 394 29.77 -4.47 -14.60
C TRP E 394 29.53 -3.36 -15.62
N LEU E 395 28.36 -2.74 -15.57
CA LEU E 395 28.09 -1.62 -16.48
C LEU E 395 29.02 -0.44 -16.21
N GLY E 396 29.47 -0.28 -14.97
CA GLY E 396 30.37 0.80 -14.63
C GLY E 396 31.82 0.38 -14.57
N ILE E 397 32.09 -0.91 -14.51
CA ILE E 397 33.45 -1.43 -14.41
C ILE E 397 34.00 -1.86 -15.77
N LYS E 398 33.20 -2.56 -16.57
CA LYS E 398 33.69 -3.12 -17.82
C LYS E 398 34.14 -2.03 -18.78
N GLY E 399 35.32 -2.23 -19.37
CA GLY E 399 35.86 -1.31 -20.35
C GLY E 399 36.65 -0.15 -19.77
N ARG E 400 36.67 0.01 -18.44
CA ARG E 400 37.37 1.13 -17.85
C ARG E 400 38.88 0.99 -18.01
N ALA E 401 39.41 -0.22 -17.92
CA ALA E 401 40.84 -0.44 -18.04
C ALA E 401 41.27 -0.73 -19.47
N THR E 402 40.46 -1.47 -20.23
CA THR E 402 40.80 -1.77 -21.62
C THR E 402 40.81 -0.50 -22.47
N GLY E 403 39.83 0.38 -22.27
CA GLY E 403 39.77 1.62 -23.03
C GLY E 403 38.42 1.87 -23.66
N ASP E 404 37.59 0.83 -23.77
CA ASP E 404 36.28 0.99 -24.36
C ASP E 404 35.39 1.85 -23.46
N THR E 405 34.81 2.89 -24.02
CA THR E 405 34.03 3.86 -23.25
C THR E 405 32.56 3.50 -23.19
N GLN E 406 32.26 2.27 -22.78
CA GLN E 406 30.89 1.87 -22.53
C GLN E 406 30.43 2.21 -21.11
N TYR E 407 31.35 2.65 -20.26
CA TYR E 407 31.06 3.01 -18.87
C TYR E 407 30.69 4.47 -18.71
N ASP E 408 30.71 5.25 -19.79
CA ASP E 408 30.53 6.70 -19.70
C ASP E 408 29.09 7.12 -19.45
N THR E 409 28.16 6.19 -19.43
CA THR E 409 26.77 6.53 -19.11
C THR E 409 26.68 7.04 -17.67
N PRO E 410 25.71 7.91 -17.38
CA PRO E 410 25.59 8.44 -16.01
C PRO E 410 25.42 7.36 -14.96
N PHE E 411 24.66 6.31 -15.27
CA PHE E 411 24.53 5.20 -14.33
C PHE E 411 25.88 4.52 -14.13
N GLY E 412 26.64 4.35 -15.21
CA GLY E 412 27.95 3.74 -15.08
C GLY E 412 28.88 4.54 -14.20
N ARG E 413 28.94 5.86 -14.40
CA ARG E 413 29.80 6.71 -13.59
C ARG E 413 29.36 6.69 -12.13
N TYR E 414 28.06 6.79 -11.87
CA TYR E 414 27.58 6.78 -10.50
C TYR E 414 27.89 5.43 -9.83
N VAL E 415 27.65 4.33 -10.53
CA VAL E 415 27.85 3.01 -9.94
C VAL E 415 29.34 2.74 -9.73
N TYR E 416 30.20 3.33 -10.57
CA TYR E 416 31.63 3.27 -10.29
C TYR E 416 31.97 4.10 -9.06
N GLY E 417 31.27 5.21 -8.85
CA GLY E 417 31.47 5.99 -7.65
C GLY E 417 31.01 5.31 -6.38
N ARG E 418 30.13 4.31 -6.48
CA ARG E 418 29.62 3.60 -5.32
C ARG E 418 30.54 2.46 -4.88
N ILE E 419 31.56 2.13 -5.68
CA ILE E 419 32.49 1.08 -5.29
C ILE E 419 33.47 1.63 -4.24
N SER E 420 34.08 0.71 -3.50
CA SER E 420 35.02 1.09 -2.45
C SER E 420 36.15 1.92 -3.02
N GLU E 421 36.52 2.98 -2.29
CA GLU E 421 37.56 3.89 -2.75
C GLU E 421 38.92 3.21 -2.79
N ASN E 422 39.27 2.44 -1.76
CA ASN E 422 40.55 1.75 -1.74
C ASN E 422 40.60 0.67 -2.82
N TYR E 423 39.47 0.00 -3.05
CA TYR E 423 39.40 -1.00 -4.11
C TYR E 423 39.66 -0.36 -5.47
N ARG E 424 39.08 0.83 -5.69
CA ARG E 424 39.32 1.54 -6.95
C ARG E 424 40.75 2.04 -7.04
N ARG E 425 41.34 2.45 -5.91
CA ARG E 425 42.75 2.85 -5.92
C ARG E 425 43.64 1.70 -6.33
N ILE E 426 43.38 0.50 -5.81
CA ILE E 426 44.12 -0.68 -6.23
C ILE E 426 43.87 -0.98 -7.70
N PHE E 427 42.62 -0.82 -8.14
CA PHE E 427 42.28 -1.04 -9.54
C PHE E 427 42.96 -0.02 -10.45
N GLU E 428 43.13 1.21 -9.98
CA GLU E 428 43.74 2.27 -10.79
C GLU E 428 45.25 2.26 -10.73
N GLN E 429 45.86 1.34 -9.98
CA GLN E 429 47.31 1.25 -9.92
C GLN E 429 47.87 0.77 -11.25
N GLU E 430 49.16 1.04 -11.45
CA GLU E 430 49.85 0.68 -12.69
C GLU E 430 50.73 -0.54 -12.42
N ASN E 431 50.24 -1.71 -12.82
CA ASN E 431 50.96 -2.96 -12.69
C ASN E 431 50.96 -3.68 -14.04
N ASN E 432 51.45 -4.93 -14.04
CA ASN E 432 51.55 -5.73 -15.24
C ASN E 432 50.33 -6.59 -15.50
N LEU E 433 49.29 -6.46 -14.67
CA LEU E 433 48.09 -7.27 -14.86
C LEU E 433 47.36 -6.85 -16.13
N PRO E 434 46.78 -7.79 -16.87
CA PRO E 434 45.96 -7.42 -18.03
C PRO E 434 44.72 -6.65 -17.60
N ALA E 435 44.26 -5.77 -18.50
CA ALA E 435 43.17 -4.86 -18.15
C ALA E 435 41.89 -5.59 -17.78
N CYS E 436 41.53 -6.60 -18.57
CA CYS E 436 40.32 -7.38 -18.26
C CYS E 436 40.44 -8.05 -16.91
N TYR E 437 41.61 -8.60 -16.59
CA TYR E 437 41.83 -9.16 -15.27
C TYR E 437 41.68 -8.10 -14.19
N LYS E 438 42.17 -6.89 -14.44
CA LYS E 438 42.08 -5.83 -13.45
C LYS E 438 40.62 -5.47 -13.15
N GLU E 439 39.80 -5.32 -14.19
CA GLU E 439 38.41 -4.95 -13.95
C GLU E 439 37.62 -6.11 -13.35
N ALA E 440 37.90 -7.35 -13.77
CA ALA E 440 37.25 -8.50 -13.13
C ALA E 440 37.64 -8.60 -11.66
N GLN E 441 38.91 -8.32 -11.34
CA GLN E 441 39.34 -8.33 -9.95
C GLN E 441 38.67 -7.23 -9.15
N LEU E 442 38.50 -6.04 -9.76
CA LEU E 442 37.78 -4.97 -9.08
C LEU E 442 36.36 -5.39 -8.74
N LEU E 443 35.67 -6.00 -9.70
CA LEU E 443 34.31 -6.47 -9.44
C LEU E 443 34.29 -7.53 -8.35
N ALA E 444 35.24 -8.47 -8.40
CA ALA E 444 35.28 -9.53 -7.41
C ALA E 444 35.53 -8.96 -6.01
N ASP E 445 36.46 -8.02 -5.89
CA ASP E 445 36.71 -7.38 -4.60
C ASP E 445 35.48 -6.66 -4.10
N ALA E 446 34.83 -5.90 -4.97
CA ALA E 446 33.66 -5.14 -4.55
C ALA E 446 32.55 -6.05 -4.06
N ILE E 447 32.27 -7.12 -4.79
CA ILE E 447 31.18 -8.02 -4.40
C ILE E 447 31.53 -8.81 -3.15
N SER E 448 32.75 -9.36 -3.10
CA SER E 448 33.13 -10.20 -1.97
C SER E 448 33.36 -9.43 -0.69
N GLY E 449 33.58 -8.11 -0.76
CA GLY E 449 33.74 -7.32 0.43
C GLY E 449 32.45 -6.91 1.10
N MET E 450 31.30 -7.18 0.49
CA MET E 450 30.02 -6.71 0.98
C MET E 450 29.41 -7.68 1.97
N THR E 451 28.68 -7.14 2.94
CA THR E 451 27.84 -7.94 3.82
C THR E 451 26.51 -8.24 3.13
N ASP E 452 25.71 -9.10 3.74
CA ASP E 452 24.42 -9.47 3.16
C ASP E 452 23.49 -8.27 3.09
N SER E 453 23.30 -7.59 4.22
CA SER E 453 22.37 -6.46 4.26
C SER E 453 22.83 -5.33 3.35
N TYR E 454 24.13 -5.04 3.34
CA TYR E 454 24.66 -4.03 2.43
C TYR E 454 24.41 -4.43 0.98
N LEU E 455 24.59 -5.71 0.65
CA LEU E 455 24.33 -6.16 -0.70
C LEU E 455 22.86 -5.98 -1.08
N ILE E 456 21.94 -6.33 -0.18
CA ILE E 456 20.52 -6.17 -0.48
C ILE E 456 20.18 -4.70 -0.69
N ALA E 457 20.67 -3.84 0.21
CA ALA E 457 20.35 -2.42 0.11
C ALA E 457 20.92 -1.81 -1.16
N LEU E 458 22.17 -2.13 -1.49
CA LEU E 458 22.76 -1.59 -2.71
C LEU E 458 22.06 -2.13 -3.94
N HIS E 459 21.69 -3.41 -3.94
CA HIS E 459 20.97 -3.97 -5.07
C HIS E 459 19.65 -3.26 -5.30
N ASP E 460 18.89 -3.05 -4.22
CA ASP E 460 17.60 -2.36 -4.36
C ASP E 460 17.79 -0.93 -4.84
N GLU E 461 18.76 -0.21 -4.26
CA GLU E 461 18.98 1.18 -4.66
C GLU E 461 19.41 1.28 -6.11
N LEU E 462 20.33 0.41 -6.54
CA LEU E 462 20.80 0.45 -7.92
C LEU E 462 19.73 0.00 -8.90
N ARG E 463 18.88 -0.95 -8.51
CA ARG E 463 17.77 -1.33 -9.36
C ARG E 463 16.78 -0.18 -9.52
N ALA E 464 16.53 0.56 -8.44
CA ALA E 464 15.68 1.74 -8.53
C ALA E 464 16.31 2.79 -9.45
N LEU E 465 17.62 3.00 -9.34
CA LEU E 465 18.31 3.99 -10.16
C LEU E 465 18.55 3.54 -11.59
N HIS E 466 18.35 2.26 -11.89
CA HIS E 466 18.63 1.70 -13.21
C HIS E 466 17.41 1.65 -14.11
N GLN E 467 16.27 2.18 -13.67
CA GLN E 467 15.02 2.01 -14.42
C GLN E 467 15.09 2.68 -15.79
N TYR E 468 15.75 3.83 -15.89
CA TYR E 468 15.78 4.53 -17.18
C TYR E 468 16.69 3.82 -18.18
N GLU E 469 17.93 3.55 -17.79
CA GLU E 469 18.89 2.94 -18.71
C GLU E 469 18.53 1.50 -19.04
N CYS E 470 17.64 0.87 -18.27
CA CYS E 470 17.12 -0.45 -18.58
C CYS E 470 15.80 -0.39 -19.34
N ARG E 471 15.48 0.77 -19.93
CA ARG E 471 14.23 0.98 -20.65
C ARG E 471 13.01 0.69 -19.79
N GLY F 1 46.96 -4.75 55.94
CA GLY F 1 46.27 -5.94 55.53
C GLY F 1 46.08 -6.03 54.02
N SER F 2 47.19 -5.86 53.29
CA SER F 2 47.14 -5.90 51.84
C SER F 2 46.75 -7.29 51.35
N MET F 3 45.92 -7.33 50.31
CA MET F 3 45.51 -8.61 49.75
C MET F 3 46.67 -9.29 49.05
N HIS F 4 46.59 -10.60 48.94
CA HIS F 4 47.64 -11.41 48.33
C HIS F 4 47.18 -11.91 46.96
N TRP F 5 48.14 -12.06 46.05
CA TRP F 5 47.83 -12.51 44.71
C TRP F 5 47.34 -13.95 44.69
N ASN F 6 47.64 -14.73 45.73
CA ASN F 6 47.13 -16.09 45.80
C ASN F 6 45.60 -16.11 45.89
N ASP F 7 45.03 -15.23 46.70
CA ASP F 7 43.57 -15.14 46.83
C ASP F 7 42.94 -14.43 45.64
N LEU F 8 43.59 -13.37 45.13
CA LEU F 8 43.03 -12.62 44.02
C LEU F 8 42.99 -13.42 42.73
N LEU F 9 43.91 -14.36 42.55
CA LEU F 9 43.95 -15.23 41.38
C LEU F 9 43.40 -16.63 41.69
N ASN F 10 42.41 -16.69 42.57
CA ASN F 10 41.84 -17.97 42.98
C ASN F 10 41.15 -18.62 41.79
N SER F 11 41.59 -19.83 41.44
CA SER F 11 41.06 -20.56 40.30
C SER F 11 39.94 -21.53 40.70
N ASN F 12 39.55 -21.56 41.96
CA ASN F 12 38.44 -22.40 42.38
C ASN F 12 37.12 -21.86 41.86
N ARG F 13 36.13 -22.74 41.79
CA ARG F 13 34.81 -22.38 41.29
C ARG F 13 33.78 -22.51 42.40
N ARG F 14 32.66 -21.80 42.24
CA ARG F 14 31.64 -21.78 43.29
C ARG F 14 31.01 -23.15 43.48
N LYS F 15 30.76 -23.86 42.40
CA LYS F 15 30.14 -25.18 42.50
C LYS F 15 31.09 -26.15 43.19
N PRO F 16 30.64 -26.88 44.21
CA PRO F 16 31.45 -27.87 44.93
C PRO F 16 31.99 -28.98 44.04
N THR F 27 37.28 -33.58 30.12
CA THR F 27 37.68 -32.24 29.68
C THR F 27 38.88 -31.75 30.48
N SER F 28 39.11 -30.43 30.44
CA SER F 28 40.22 -29.79 31.15
C SER F 28 41.56 -30.42 30.75
N LYS F 29 41.71 -30.73 29.47
CA LYS F 29 42.91 -31.39 28.95
C LYS F 29 43.92 -30.32 28.57
N GLY F 30 44.85 -30.03 29.46
CA GLY F 30 45.90 -29.08 29.19
C GLY F 30 45.49 -27.63 29.24
N ARG F 31 44.33 -27.31 29.80
CA ARG F 31 43.83 -25.94 29.87
C ARG F 31 43.65 -25.54 31.33
N GLN F 32 44.12 -24.35 31.67
CA GLN F 32 43.91 -23.83 33.01
C GLN F 32 42.44 -23.45 33.20
N GLN F 33 42.03 -23.40 34.47
CA GLN F 33 40.64 -23.08 34.77
C GLN F 33 40.28 -21.67 34.30
N ILE F 34 41.18 -20.71 34.52
CA ILE F 34 40.92 -19.34 34.08
C ILE F 34 40.86 -19.27 32.56
N GLU F 35 41.69 -20.07 31.88
CA GLU F 35 41.60 -20.15 30.42
C GLU F 35 40.25 -20.71 29.99
N ARG F 36 39.76 -21.73 30.69
CA ARG F 36 38.45 -22.30 30.38
C ARG F 36 37.32 -21.31 30.65
N ASP F 37 37.51 -20.37 31.57
CA ASP F 37 36.51 -19.33 31.79
C ASP F 37 36.31 -18.50 30.52
N TYR F 38 37.40 -18.19 29.82
CA TYR F 38 37.28 -17.45 28.56
C TYR F 38 36.47 -18.23 27.54
N ASP F 39 36.69 -19.54 27.44
CA ASP F 39 35.90 -20.35 26.53
C ASP F 39 34.43 -20.37 26.92
N ARG F 40 34.15 -20.50 28.21
CA ARG F 40 32.76 -20.49 28.68
C ARG F 40 32.08 -19.18 28.32
N ILE F 41 32.77 -18.06 28.52
CA ILE F 41 32.20 -16.75 28.21
C ILE F 41 31.99 -16.61 26.70
N LEU F 42 32.99 -16.99 25.91
CA LEU F 42 32.92 -16.80 24.47
C LEU F 42 31.82 -17.65 23.84
N PHE F 43 31.65 -18.88 24.30
CA PHE F 43 30.64 -19.75 23.74
C PHE F 43 29.24 -19.50 24.30
N ALA F 44 29.11 -18.60 25.27
CA ALA F 44 27.80 -18.26 25.80
C ALA F 44 26.98 -17.51 24.75
N ALA F 45 25.68 -17.78 24.73
CA ALA F 45 24.80 -17.13 23.76
C ALA F 45 24.78 -15.61 23.89
N PRO F 46 24.71 -14.99 25.07
CA PRO F 46 24.72 -13.52 25.12
C PRO F 46 25.96 -12.89 24.52
N THR F 47 27.09 -13.58 24.58
CA THR F 47 28.32 -13.03 23.99
C THR F 47 28.14 -12.77 22.50
N ARG F 48 27.54 -13.71 21.79
CA ARG F 48 27.28 -13.51 20.37
C ARG F 48 25.98 -12.75 20.10
N ARG F 49 25.09 -12.65 21.09
CA ARG F 49 23.97 -11.73 20.96
C ARG F 49 24.40 -10.28 21.07
N LEU F 50 25.58 -10.03 21.66
CA LEU F 50 26.11 -8.67 21.73
C LEU F 50 26.36 -8.08 20.35
N ALA F 51 26.45 -8.92 19.32
CA ALA F 51 26.66 -8.43 17.95
C ALA F 51 25.52 -7.58 17.44
N ASP F 52 24.34 -7.68 18.03
CA ASP F 52 23.18 -6.88 17.63
C ASP F 52 22.70 -5.99 18.76
N LYS F 53 23.64 -5.50 19.56
CA LYS F 53 23.36 -4.52 20.61
C LYS F 53 24.19 -3.28 20.36
N THR F 54 23.56 -2.12 20.46
CA THR F 54 24.21 -0.86 20.10
C THR F 54 25.30 -0.51 21.10
N GLN F 55 26.37 0.09 20.58
CA GLN F 55 27.41 0.69 21.41
C GLN F 55 27.21 2.19 21.55
N VAL F 56 27.10 2.89 20.42
CA VAL F 56 26.78 4.31 20.39
C VAL F 56 25.64 4.61 19.41
N PHE F 57 25.78 4.16 18.17
CA PHE F 57 24.80 4.46 17.14
C PHE F 57 23.82 3.30 17.02
N PRO F 58 22.53 3.51 17.31
CA PRO F 58 21.58 2.38 17.30
C PRO F 58 21.16 2.01 15.88
N LEU F 59 21.13 0.71 15.61
CA LEU F 59 20.62 0.16 14.36
C LEU F 59 21.31 0.78 13.14
N ASP F 60 22.62 0.94 13.25
CA ASP F 60 23.38 1.59 12.20
C ASP F 60 23.54 0.67 11.00
N LYS F 61 23.33 1.23 9.81
CA LYS F 61 23.49 0.47 8.57
C LYS F 61 24.95 0.25 8.20
N ASN F 62 25.85 1.11 8.66
CA ASN F 62 27.27 0.90 8.39
C ASN F 62 27.78 -0.28 9.19
N ASP F 63 28.33 -1.28 8.51
CA ASP F 63 28.78 -2.50 9.13
C ASP F 63 30.13 -2.37 9.81
N SER F 64 30.82 -1.25 9.61
CA SER F 64 32.10 -1.02 10.28
C SER F 64 31.97 -0.29 11.60
N VAL F 65 30.81 0.30 11.88
CA VAL F 65 30.60 0.97 13.16
C VAL F 65 30.59 -0.07 14.26
N ARG F 66 31.33 0.20 15.33
CA ARG F 66 31.47 -0.77 16.41
C ARG F 66 30.12 -1.07 17.06
N THR F 67 29.84 -2.36 17.21
CA THR F 67 28.71 -2.81 18.01
C THR F 67 29.24 -3.23 19.38
N ARG F 68 28.36 -3.80 20.21
CA ARG F 68 28.78 -4.20 21.54
C ARG F 68 29.73 -5.39 21.51
N LEU F 69 29.56 -6.32 20.55
CA LEU F 69 30.44 -7.46 20.47
C LEU F 69 31.84 -7.06 20.02
N THR F 70 31.94 -6.21 18.99
CA THR F 70 33.24 -5.73 18.55
C THR F 70 33.91 -4.91 19.64
N HIS F 71 33.15 -4.08 20.35
CA HIS F 71 33.69 -3.33 21.47
C HIS F 71 34.25 -4.28 22.54
N SER F 72 33.49 -5.33 22.87
CA SER F 72 33.93 -6.28 23.88
C SER F 72 35.20 -7.00 23.43
N HIS F 73 35.27 -7.39 22.15
CA HIS F 73 36.45 -8.08 21.66
C HIS F 73 37.66 -7.17 21.67
N GLU F 74 37.49 -5.90 21.30
CA GLU F 74 38.61 -4.97 21.36
C GLU F 74 39.08 -4.74 22.79
N VAL F 75 38.14 -4.63 23.73
CA VAL F 75 38.50 -4.48 25.13
C VAL F 75 39.25 -5.72 25.61
N ALA F 76 38.78 -6.90 25.21
CA ALA F 76 39.45 -8.13 25.60
C ALA F 76 40.86 -8.20 25.05
N ASN F 77 41.05 -7.78 23.79
CA ASN F 77 42.38 -7.79 23.20
C ASN F 77 43.31 -6.82 23.93
N LEU F 78 42.82 -5.62 24.25
CA LEU F 78 43.65 -4.66 24.98
C LEU F 78 44.01 -5.19 26.37
N SER F 79 43.03 -5.80 27.05
CA SER F 79 43.29 -6.35 28.37
C SER F 79 44.29 -7.50 28.30
N ARG F 80 44.18 -8.33 27.26
CA ARG F 80 45.14 -9.43 27.08
C ARG F 80 46.53 -8.89 26.82
N GLY F 81 46.65 -7.83 26.03
CA GLY F 81 47.95 -7.23 25.82
C GLY F 81 48.56 -6.67 27.10
N ILE F 82 47.73 -6.01 27.90
CA ILE F 82 48.22 -5.47 29.17
C ILE F 82 48.63 -6.62 30.10
N GLY F 83 47.86 -7.71 30.11
CA GLY F 83 48.22 -8.86 30.93
C GLY F 83 49.50 -9.52 30.46
N MET F 84 49.71 -9.58 29.14
CA MET F 84 50.96 -10.11 28.61
C MET F 84 52.14 -9.25 29.05
N ARG F 85 51.97 -7.93 29.00
CA ARG F 85 53.03 -7.05 29.49
C ARG F 85 53.28 -7.25 30.98
N LEU F 86 52.21 -7.43 31.76
CA LEU F 86 52.35 -7.60 33.20
C LEU F 86 53.01 -8.92 33.57
N ALA F 87 52.71 -9.99 32.84
CA ALA F 87 53.21 -11.31 33.19
C ALA F 87 54.58 -11.59 32.60
N PHE F 88 54.75 -11.36 31.30
CA PHE F 88 56.02 -11.69 30.64
C PHE F 88 57.12 -10.69 30.95
N GLU F 89 56.78 -9.41 31.15
CA GLU F 89 57.78 -8.36 31.28
C GLU F 89 57.86 -7.79 32.69
N LEU F 90 56.77 -7.23 33.20
CA LEU F 90 56.77 -6.61 34.53
C LEU F 90 56.22 -7.57 35.58
N GLU F 91 56.91 -8.69 35.76
CA GLU F 91 56.46 -9.70 36.70
C GLU F 91 57.09 -9.54 38.08
N ASP F 92 58.38 -9.22 38.15
CA ASP F 92 59.07 -9.14 39.43
C ASP F 92 58.65 -7.93 40.25
N ASP F 93 58.05 -6.92 39.64
CA ASP F 93 57.63 -5.72 40.36
C ASP F 93 56.13 -5.63 40.58
N VAL F 94 55.33 -6.40 39.84
CA VAL F 94 53.89 -6.41 40.01
C VAL F 94 53.40 -7.61 40.81
N PHE F 95 53.91 -8.81 40.54
CA PHE F 95 53.47 -10.03 41.19
C PHE F 95 54.55 -10.46 42.17
N LYS F 96 54.23 -10.42 43.46
CA LYS F 96 55.16 -10.82 44.51
C LYS F 96 54.45 -11.75 45.48
N ASP F 97 55.21 -12.70 46.03
CA ASP F 97 54.69 -13.72 46.93
C ASP F 97 53.55 -14.50 46.25
N VAL F 98 53.84 -15.00 45.05
CA VAL F 98 52.88 -15.76 44.26
C VAL F 98 53.31 -17.21 44.25
N SER F 99 52.40 -18.11 44.64
CA SER F 99 52.71 -19.53 44.65
C SER F 99 52.91 -20.06 43.25
N GLU F 100 53.70 -21.13 43.14
CA GLU F 100 54.03 -21.71 41.84
C GLU F 100 52.88 -22.51 41.25
N ASP F 101 51.81 -22.76 42.00
CA ASP F 101 50.67 -23.50 41.45
C ASP F 101 50.01 -22.74 40.32
N ILE F 102 49.90 -21.42 40.44
CA ILE F 102 49.28 -20.59 39.43
C ILE F 102 50.36 -20.08 38.48
N CYS F 103 50.21 -20.37 37.19
CA CYS F 103 51.13 -19.90 36.17
C CYS F 103 50.64 -18.55 35.67
N LEU F 104 51.37 -17.48 36.03
CA LEU F 104 50.95 -16.14 35.66
C LEU F 104 50.91 -15.96 34.15
N LYS F 105 51.90 -16.51 33.44
CA LYS F 105 52.00 -16.32 32.00
C LYS F 105 50.75 -16.79 31.27
N ARG F 106 50.07 -17.80 31.80
CA ARG F 106 48.85 -18.32 31.19
C ARG F 106 47.58 -17.81 31.86
N ASP F 107 47.64 -17.45 33.15
CA ASP F 107 46.43 -17.07 33.86
C ASP F 107 46.12 -15.59 33.71
N VAL F 108 47.12 -14.72 33.91
CA VAL F 108 46.86 -13.28 33.90
C VAL F 108 46.36 -12.80 32.54
N PRO F 109 47.01 -13.11 31.42
CA PRO F 109 46.44 -12.67 30.13
C PRO F 109 45.06 -13.24 29.87
N ALA F 110 44.85 -14.52 30.17
CA ALA F 110 43.54 -15.13 29.98
C ALA F 110 42.49 -14.51 30.89
N LEU F 111 42.85 -14.23 32.16
CA LEU F 111 41.91 -13.61 33.07
C LEU F 111 41.50 -12.24 32.58
N LEU F 112 42.48 -11.41 32.17
CA LEU F 112 42.15 -10.08 31.68
C LEU F 112 41.34 -10.14 30.40
N ALA F 113 41.67 -11.08 29.50
CA ALA F 113 40.90 -11.20 28.26
C ALA F 113 39.45 -11.60 28.54
N ALA F 114 39.25 -12.57 29.42
CA ALA F 114 37.89 -12.97 29.76
C ALA F 114 37.12 -11.85 30.43
N ILE F 115 37.78 -11.12 31.34
CA ILE F 115 37.13 -10.01 32.03
C ILE F 115 36.73 -8.93 31.04
N GLY F 116 37.61 -8.61 30.10
CA GLY F 116 37.27 -7.62 29.09
C GLY F 116 36.15 -8.07 28.17
N LEU F 117 36.16 -9.35 27.78
CA LEU F 117 35.12 -9.87 26.90
C LEU F 117 33.77 -9.91 27.60
N VAL F 118 33.76 -10.11 28.91
CA VAL F 118 32.52 -10.26 29.67
C VAL F 118 32.00 -8.93 30.21
N HIS F 119 32.74 -7.84 30.04
CA HIS F 119 32.45 -6.61 30.76
C HIS F 119 31.11 -5.98 30.36
N ASP F 120 30.59 -6.29 29.17
CA ASP F 120 29.37 -5.65 28.69
C ASP F 120 28.38 -6.68 28.18
N MET F 121 28.39 -7.89 28.76
CA MET F 121 27.47 -8.93 28.33
C MET F 121 26.01 -8.60 28.64
N GLY F 122 25.73 -8.03 29.81
CA GLY F 122 24.37 -7.77 30.21
C GLY F 122 23.84 -6.38 29.90
N ASN F 123 24.49 -5.64 29.01
CA ASN F 123 24.03 -4.30 28.68
C ASN F 123 22.68 -4.37 27.99
N PRO F 124 21.74 -3.48 28.31
CA PRO F 124 20.42 -3.53 27.68
C PRO F 124 20.51 -3.13 26.21
N PRO F 125 19.48 -3.44 25.42
CA PRO F 125 19.46 -2.97 24.03
C PRO F 125 19.38 -1.46 23.94
N PHE F 126 19.80 -0.94 22.79
CA PHE F 126 19.85 0.49 22.49
C PHE F 126 20.84 1.25 23.37
N GLY F 127 21.84 0.58 23.92
CA GLY F 127 22.89 1.26 24.63
C GLY F 127 22.45 1.80 25.98
N ALA F 128 23.29 2.67 26.53
CA ALA F 128 23.05 3.22 27.86
C ALA F 128 21.70 3.93 27.94
N GLN F 129 21.38 4.73 26.92
CA GLN F 129 20.06 5.35 26.86
C GLN F 129 18.95 4.34 27.00
N GLY F 130 19.05 3.19 26.33
CA GLY F 130 18.04 2.16 26.50
C GLY F 130 17.90 1.75 27.95
N ALA F 131 19.02 1.53 28.64
CA ALA F 131 18.96 1.26 30.07
C ALA F 131 18.21 2.36 30.80
N LYS F 132 18.53 3.63 30.49
CA LYS F 132 17.80 4.74 31.08
C LYS F 132 16.31 4.57 30.87
N ALA F 133 15.90 4.24 29.63
CA ALA F 133 14.48 4.02 29.36
C ALA F 133 13.91 2.99 30.31
N MET F 134 14.59 1.84 30.44
CA MET F 134 14.13 0.83 31.39
C MET F 134 13.96 1.42 32.77
N SER F 135 14.98 2.14 33.25
CA SER F 135 14.88 2.77 34.55
C SER F 135 13.65 3.65 34.65
N GLU F 136 13.40 4.47 33.62
CA GLU F 136 12.25 5.35 33.65
C GLU F 136 10.97 4.54 33.81
N TRP F 137 10.83 3.45 33.07
CA TRP F 137 9.65 2.60 33.21
C TRP F 137 9.57 2.06 34.64
N PHE F 138 10.68 1.59 35.18
CA PHE F 138 10.66 1.06 36.53
C PHE F 138 10.39 2.17 37.54
N THR F 139 10.62 3.43 37.17
CA THR F 139 10.27 4.53 38.05
C THR F 139 8.76 4.73 38.10
N LYS F 140 8.07 4.45 36.99
CA LYS F 140 6.64 4.72 36.94
C LYS F 140 5.82 3.52 37.40
N ASN F 141 6.19 2.32 36.95
CA ASN F 141 5.41 1.13 37.26
C ASN F 141 5.79 0.50 38.59
N LEU F 142 6.87 0.96 39.23
CA LEU F 142 7.24 0.54 40.58
C LEU F 142 7.41 1.79 41.43
N PRO F 143 6.32 2.49 41.74
CA PRO F 143 6.43 3.78 42.44
C PRO F 143 7.01 3.61 43.83
N GLU F 144 7.79 4.60 44.25
CA GLU F 144 8.41 4.58 45.57
C GLU F 144 7.35 4.71 46.66
N HIS F 145 6.34 5.54 46.44
CA HIS F 145 5.32 5.76 47.46
C HIS F 145 4.45 4.54 47.71
N SER F 146 4.43 3.58 46.77
CA SER F 146 3.65 2.37 46.97
C SER F 146 4.31 1.50 48.03
N ASP F 147 3.46 0.88 48.88
CA ASP F 147 3.98 0.03 49.94
C ASP F 147 4.65 -1.22 49.38
N ASN F 148 4.19 -1.71 48.23
CA ASN F 148 4.80 -2.89 47.63
C ASN F 148 6.25 -2.62 47.23
N TYR F 149 6.53 -1.44 46.69
CA TYR F 149 7.85 -1.09 46.21
C TYR F 149 8.50 0.02 47.02
N LYS F 150 8.06 0.21 48.27
CA LYS F 150 8.64 1.26 49.11
C LYS F 150 10.09 0.96 49.48
N ASP F 151 10.46 -0.32 49.50
CA ASP F 151 11.79 -0.70 49.94
C ASP F 151 12.85 -0.21 48.96
N LYS F 152 14.06 0.02 49.49
CA LYS F 152 15.16 0.52 48.68
C LYS F 152 15.74 -0.52 47.74
N ILE F 153 15.44 -1.81 47.96
CA ILE F 153 15.98 -2.86 47.11
C ILE F 153 15.48 -2.68 45.67
N TYR F 154 14.26 -2.18 45.50
CA TYR F 154 13.72 -1.93 44.18
C TYR F 154 14.45 -0.82 43.45
N GLY F 155 15.32 -0.08 44.14
CA GLY F 155 16.23 0.82 43.46
C GLY F 155 17.17 0.12 42.52
N ASP F 156 17.31 -1.21 42.66
CA ASP F 156 18.04 -1.98 41.65
C ASP F 156 17.42 -1.85 40.28
N PHE F 157 16.11 -1.58 40.22
CA PHE F 157 15.39 -1.45 38.96
C PHE F 157 15.14 -0.01 38.56
N ARG F 158 14.89 0.88 39.52
CA ARG F 158 14.75 2.29 39.19
C ARG F 158 16.05 2.90 38.69
N HIS F 159 17.19 2.27 38.98
CA HIS F 159 18.50 2.71 38.53
C HIS F 159 19.22 1.56 37.85
N PHE F 160 18.52 0.89 36.93
CA PHE F 160 19.04 -0.31 36.28
C PHE F 160 20.36 -0.02 35.58
N ASP F 161 21.31 -0.94 35.73
CA ASP F 161 22.64 -0.83 35.15
C ASP F 161 23.03 -2.16 34.54
N GLY F 162 23.92 -2.10 33.54
CA GLY F 162 24.32 -3.29 32.82
C GLY F 162 25.24 -4.22 33.58
N ASN F 163 26.07 -3.67 34.48
CA ASN F 163 27.00 -4.51 35.23
C ASN F 163 26.27 -5.47 36.17
N SER F 164 25.24 -4.97 36.85
CA SER F 164 24.46 -5.82 37.73
C SER F 164 23.80 -6.96 36.96
N GLN F 165 23.29 -6.66 35.76
CA GLN F 165 22.70 -7.70 34.94
C GLN F 165 23.75 -8.67 34.42
N THR F 166 24.94 -8.18 34.10
CA THR F 166 26.01 -9.07 33.62
C THR F 166 26.41 -10.07 34.70
N LEU F 167 26.54 -9.60 35.94
CA LEU F 167 26.95 -10.51 37.01
C LEU F 167 25.92 -11.61 37.22
N ARG F 168 24.63 -11.27 37.22
CA ARG F 168 23.60 -12.27 37.39
C ARG F 168 23.44 -13.14 36.14
N LEU F 169 23.81 -12.63 34.97
CA LEU F 169 23.81 -13.45 33.77
C LEU F 169 24.87 -14.53 33.85
N VAL F 170 26.08 -14.16 34.28
CA VAL F 170 27.17 -15.14 34.37
C VAL F 170 27.08 -16.01 35.61
N THR F 171 26.25 -15.64 36.60
CA THR F 171 26.15 -16.42 37.82
C THR F 171 24.85 -17.18 37.98
N LYS F 172 23.74 -16.68 37.46
CA LYS F 172 22.48 -17.41 37.67
C LYS F 172 21.70 -17.65 36.40
N LEU F 173 21.71 -16.72 35.45
CA LEU F 173 20.78 -16.81 34.32
C LEU F 173 21.17 -17.92 33.35
N GLN F 174 22.47 -18.16 33.16
CA GLN F 174 22.95 -19.23 32.29
C GLN F 174 22.88 -20.57 33.02
N ILE F 175 21.66 -20.99 33.31
CA ILE F 175 21.40 -22.16 34.14
C ILE F 175 21.18 -23.37 33.25
N LEU F 176 21.83 -24.49 33.58
CA LEU F 176 21.52 -25.74 32.90
C LEU F 176 20.85 -26.70 33.88
N ASN F 177 21.54 -27.03 34.97
CA ASN F 177 20.94 -27.83 36.02
C ASN F 177 21.46 -27.43 37.40
N ASP F 178 22.26 -26.37 37.48
CA ASP F 178 22.85 -25.89 38.72
C ASP F 178 22.21 -24.57 39.10
N THR F 179 22.70 -23.98 40.19
CA THR F 179 22.37 -22.60 40.56
C THR F 179 23.59 -21.70 40.44
N TYR F 180 24.62 -22.16 39.73
CA TYR F 180 25.89 -21.46 39.66
C TYR F 180 26.17 -20.87 38.28
N GLY F 181 25.19 -20.93 37.37
CA GLY F 181 25.36 -20.32 36.07
C GLY F 181 26.50 -20.96 35.28
N LEU F 182 27.37 -20.11 34.73
CA LEU F 182 28.51 -20.59 33.94
C LEU F 182 29.60 -21.21 34.80
N ASN F 183 29.53 -21.07 36.11
CA ASN F 183 30.50 -21.65 37.04
C ASN F 183 31.91 -21.16 36.73
N LEU F 184 32.05 -19.84 36.69
CA LEU F 184 33.34 -19.22 36.46
C LEU F 184 34.19 -19.29 37.73
N THR F 185 35.50 -19.13 37.55
CA THR F 185 36.41 -19.15 38.68
C THR F 185 36.19 -17.93 39.58
N TYR F 186 36.69 -18.04 40.81
CA TYR F 186 36.51 -16.95 41.77
C TYR F 186 37.24 -15.70 41.32
N ALA F 187 38.40 -15.86 40.69
CA ALA F 187 39.14 -14.70 40.19
C ALA F 187 38.34 -13.96 39.11
N THR F 188 37.76 -14.71 38.19
CA THR F 188 36.95 -14.08 37.13
C THR F 188 35.74 -13.37 37.71
N LEU F 189 35.05 -14.00 38.65
CA LEU F 189 33.87 -13.38 39.25
C LEU F 189 34.25 -12.14 40.05
N ALA F 190 35.37 -12.19 40.78
CA ALA F 190 35.79 -11.03 41.56
C ALA F 190 36.21 -9.88 40.65
N SER F 191 36.95 -10.17 39.58
CA SER F 191 37.46 -9.12 38.72
C SER F 191 36.38 -8.45 37.88
N MET F 192 35.25 -9.12 37.65
CA MET F 192 34.20 -8.57 36.81
C MET F 192 33.30 -7.59 37.55
N ILE F 193 33.37 -7.54 38.88
CA ILE F 193 32.53 -6.64 39.67
C ILE F 193 33.12 -5.24 39.55
N LYS F 194 32.54 -4.43 38.65
CA LYS F 194 33.06 -3.09 38.42
C LYS F 194 32.86 -2.21 39.65
N TYR F 195 31.68 -2.29 40.27
CA TYR F 195 31.36 -1.46 41.43
C TYR F 195 30.97 -2.36 42.60
N PRO F 196 31.88 -2.63 43.52
CA PRO F 196 31.59 -3.57 44.63
C PRO F 196 30.69 -2.97 45.70
N ARG F 197 29.43 -2.72 45.33
CA ARG F 197 28.46 -2.22 46.28
C ARG F 197 27.06 -2.52 45.76
N SER F 198 26.10 -2.59 46.68
CA SER F 198 24.70 -2.82 46.35
C SER F 198 23.94 -1.50 46.34
N SER F 199 22.70 -1.56 45.84
CA SER F 199 21.86 -0.37 45.83
C SER F 199 21.53 0.08 47.25
N GLU F 200 21.32 -0.87 48.16
CA GLU F 200 21.04 -0.51 49.55
C GLU F 200 22.24 0.18 50.18
N SER F 201 23.45 -0.29 49.88
CA SER F 201 24.65 0.30 50.44
C SER F 201 24.84 1.73 49.94
N ASP F 202 25.39 2.58 50.81
CA ASP F 202 25.63 3.99 50.50
C ASP F 202 27.15 4.22 50.53
N SER F 203 27.77 4.11 49.36
CA SER F 203 29.22 4.30 49.23
C SER F 203 29.48 5.55 48.41
N SER F 204 30.30 6.45 48.95
CA SER F 204 30.68 7.66 48.23
C SER F 204 31.74 7.38 47.17
N LEU F 205 32.45 6.25 47.27
CA LEU F 205 33.49 5.95 46.28
C LEU F 205 32.88 5.54 44.95
N TRP F 206 31.84 4.71 44.98
CA TRP F 206 31.21 4.20 43.77
C TRP F 206 29.80 4.78 43.65
N LYS F 207 29.51 5.38 42.51
CA LYS F 207 28.22 6.05 42.30
C LYS F 207 27.14 5.11 41.79
N LYS F 208 27.49 3.90 41.38
CA LYS F 208 26.54 2.95 40.82
C LYS F 208 26.66 1.62 41.56
N HIS F 209 25.53 0.94 41.74
CA HIS F 209 25.55 -0.39 42.32
C HIS F 209 26.04 -1.42 41.31
N GLY F 210 26.68 -2.46 41.81
CA GLY F 210 27.29 -3.44 40.93
C GLY F 210 26.59 -4.80 40.90
N PHE F 211 25.64 -5.02 41.79
CA PHE F 211 24.91 -6.28 41.82
C PHE F 211 23.54 -6.06 42.42
N PHE F 212 22.62 -6.97 42.08
CA PHE F 212 21.28 -6.93 42.61
C PHE F 212 21.25 -7.51 44.03
N LEU F 213 20.07 -7.44 44.65
CA LEU F 213 19.88 -8.12 45.92
C LEU F 213 19.97 -9.63 45.76
N SER F 214 19.53 -10.16 44.61
CA SER F 214 19.54 -11.60 44.39
C SER F 214 20.95 -12.19 44.47
N GLU F 215 21.96 -11.40 44.13
CA GLU F 215 23.34 -11.85 44.19
C GLU F 215 24.04 -11.46 45.49
N LYS F 216 23.29 -10.90 46.45
CA LYS F 216 23.90 -10.42 47.69
C LYS F 216 24.73 -11.52 48.36
N ASP F 217 24.17 -12.72 48.44
CA ASP F 217 24.95 -13.84 48.99
C ASP F 217 26.10 -14.20 48.07
N VAL F 218 25.83 -14.34 46.77
CA VAL F 218 26.84 -14.85 45.83
C VAL F 218 28.08 -13.97 45.87
N VAL F 219 27.88 -12.66 45.73
CA VAL F 219 29.01 -11.74 45.79
C VAL F 219 29.77 -11.92 47.09
N GLN F 220 29.05 -12.03 48.21
CA GLN F 220 29.70 -12.29 49.49
C GLN F 220 30.61 -13.50 49.39
N ASP F 221 30.09 -14.61 48.87
CA ASP F 221 30.91 -15.80 48.69
C ASP F 221 32.19 -15.47 47.93
N ILE F 222 32.06 -14.75 46.81
CA ILE F 222 33.22 -14.38 46.02
C ILE F 222 34.23 -13.65 46.89
N TRP F 223 33.77 -12.66 47.66
CA TRP F 223 34.67 -11.92 48.52
C TRP F 223 35.35 -12.86 49.51
N ASN F 224 34.57 -13.77 50.11
CA ASN F 224 35.13 -14.67 51.11
C ASN F 224 36.20 -15.57 50.51
N ASN F 225 36.16 -15.77 49.19
CA ASN F 225 37.16 -16.61 48.54
C ASN F 225 38.23 -15.82 47.81
N THR F 226 38.20 -14.49 47.88
CA THR F 226 39.20 -13.67 47.20
C THR F 226 39.88 -12.65 48.09
N GLY F 227 39.57 -12.63 49.38
CA GLY F 227 40.16 -11.65 50.26
C GLY F 227 39.65 -10.24 50.09
N LEU F 228 38.64 -10.03 49.25
CA LEU F 228 38.07 -8.72 49.03
C LEU F 228 36.96 -8.44 50.03
N SER F 229 36.31 -7.29 49.86
CA SER F 229 35.24 -6.87 50.75
C SER F 229 34.42 -5.81 50.04
N GLU F 230 33.35 -5.37 50.71
CA GLU F 230 32.51 -4.33 50.14
C GLU F 230 33.28 -3.02 50.04
N GLY F 231 33.21 -2.40 48.87
CA GLY F 231 33.89 -1.13 48.65
C GLY F 231 35.22 -1.28 47.94
N VAL F 232 36.00 -2.28 48.33
CA VAL F 232 37.29 -2.51 47.69
C VAL F 232 37.08 -3.29 46.40
N ARG F 233 37.94 -3.03 45.42
CA ARG F 233 37.78 -3.53 44.07
C ARG F 233 38.99 -4.37 43.66
N HIS F 234 38.74 -5.42 42.89
CA HIS F 234 39.82 -6.27 42.42
C HIS F 234 40.78 -5.46 41.55
N PRO F 235 42.09 -5.63 41.71
CA PRO F 235 43.05 -4.81 40.94
C PRO F 235 42.88 -4.93 39.44
N PHE F 236 42.53 -6.11 38.93
CA PHE F 236 42.37 -6.27 37.48
C PHE F 236 41.10 -5.60 36.97
N THR F 237 40.14 -5.30 37.85
CA THR F 237 38.98 -4.54 37.43
C THR F 237 39.36 -3.13 37.00
N TYR F 238 40.37 -2.54 37.64
CA TYR F 238 40.87 -1.24 37.19
C TYR F 238 41.46 -1.34 35.78
N ILE F 239 42.21 -2.42 35.51
CA ILE F 239 42.74 -2.63 34.17
C ILE F 239 41.62 -2.75 33.16
N MET F 240 40.59 -3.53 33.51
CA MET F 240 39.45 -3.69 32.60
C MET F 240 38.74 -2.37 32.36
N GLU F 241 38.52 -1.58 33.42
CA GLU F 241 37.84 -0.30 33.25
C GLU F 241 38.65 0.66 32.39
N ALA F 242 39.97 0.70 32.60
CA ALA F 242 40.81 1.54 31.76
C ALA F 242 40.79 1.09 30.31
N CYS F 243 40.85 -0.22 30.07
CA CYS F 243 40.79 -0.72 28.70
C CYS F 243 39.45 -0.41 28.05
N ASP F 244 38.36 -0.56 28.80
CA ASP F 244 37.04 -0.23 28.28
C ASP F 244 36.96 1.24 27.92
N ASP F 245 37.43 2.12 28.81
CA ASP F 245 37.39 3.55 28.56
C ASP F 245 38.19 3.91 27.32
N ILE F 246 39.40 3.38 27.20
CA ILE F 246 40.24 3.67 26.04
C ILE F 246 39.58 3.16 24.76
N ALA F 247 39.14 1.91 24.77
CA ALA F 247 38.61 1.24 23.59
C ALA F 247 37.25 1.77 23.17
N TYR F 248 36.55 2.49 24.02
CA TYR F 248 35.35 3.12 23.49
C TYR F 248 35.63 4.58 23.17
N SER F 249 36.49 5.26 23.94
CA SER F 249 36.77 6.66 23.66
C SER F 249 37.42 6.84 22.29
N VAL F 250 38.39 6.00 21.95
CA VAL F 250 39.05 6.13 20.66
C VAL F 250 38.17 5.60 19.52
N LEU F 251 37.55 4.44 19.73
CA LEU F 251 36.83 3.80 18.65
C LEU F 251 35.52 4.51 18.33
N ASP F 252 34.87 5.13 19.33
CA ASP F 252 33.69 5.93 19.04
C ASP F 252 34.03 7.17 18.24
N ALA F 253 35.18 7.78 18.52
CA ALA F 253 35.65 8.90 17.70
C ALA F 253 35.91 8.44 16.27
N GLU F 254 36.53 7.27 16.11
CA GLU F 254 36.72 6.74 14.77
C GLU F 254 35.40 6.50 14.06
N ASP F 255 34.41 5.96 14.77
CA ASP F 255 33.08 5.77 14.19
C ASP F 255 32.44 7.09 13.81
N ILE F 256 32.63 8.13 14.64
CA ILE F 256 32.11 9.44 14.33
C ILE F 256 32.69 9.96 13.03
N ILE F 257 34.01 9.82 12.87
CA ILE F 257 34.66 10.28 11.64
C ILE F 257 34.16 9.46 10.45
N LYS F 258 34.01 8.14 10.63
CA LYS F 258 33.57 7.29 9.52
C LYS F 258 32.15 7.65 9.10
N LYS F 259 31.26 7.90 10.06
CA LYS F 259 29.88 8.24 9.74
C LYS F 259 29.75 9.59 9.04
N GLY F 260 30.78 10.42 9.09
CA GLY F 260 30.73 11.74 8.52
C GLY F 260 30.24 12.83 9.44
N PHE F 261 30.05 12.53 10.72
CA PHE F 261 29.60 13.53 11.68
C PHE F 261 30.71 14.50 12.07
N ALA F 262 31.96 14.19 11.75
CA ALA F 262 33.10 15.06 12.03
C ALA F 262 34.23 14.63 11.12
N SER F 263 35.30 15.41 11.14
CA SER F 263 36.47 15.15 10.32
C SER F 263 37.71 14.95 11.20
N PHE F 264 38.78 14.44 10.59
CA PHE F 264 40.02 14.24 11.31
C PHE F 264 40.56 15.57 11.84
N HIS F 265 40.53 16.61 11.00
CA HIS F 265 40.98 17.92 11.46
C HIS F 265 40.08 18.46 12.57
N ASP F 266 38.79 18.10 12.56
CA ASP F 266 37.92 18.49 13.66
C ASP F 266 38.41 17.90 14.98
N LEU F 267 38.75 16.61 14.99
CA LEU F 267 39.26 15.99 16.21
C LEU F 267 40.60 16.59 16.62
N ILE F 268 41.47 16.84 15.64
CA ILE F 268 42.77 17.42 15.97
C ILE F 268 42.60 18.81 16.60
N ASP F 269 41.71 19.63 16.02
CA ASP F 269 41.47 20.95 16.57
C ASP F 269 40.82 20.88 17.94
N PHE F 270 39.91 19.92 18.13
CA PHE F 270 39.29 19.75 19.44
C PHE F 270 40.32 19.39 20.50
N ILE F 271 41.25 18.49 20.15
CA ILE F 271 42.28 18.09 21.12
C ILE F 271 43.23 19.24 21.39
N GLN F 272 43.65 19.96 20.35
CA GLN F 272 44.59 21.06 20.53
C GLN F 272 43.98 22.22 21.32
N SER F 273 42.70 22.50 21.08
CA SER F 273 42.02 23.61 21.74
C SER F 273 41.51 23.23 23.13
N ASN F 274 41.58 21.96 23.51
CA ASN F 274 41.13 21.55 24.83
C ASN F 274 42.01 22.19 25.90
N GLN F 275 41.36 22.60 27.00
CA GLN F 275 42.09 23.29 28.06
C GLN F 275 43.14 22.39 28.70
N PHE F 276 42.80 21.13 28.96
CA PHE F 276 43.73 20.23 29.63
C PHE F 276 44.71 19.58 28.66
N CYS F 277 44.29 19.35 27.42
CA CYS F 277 45.18 18.77 26.41
C CYS F 277 46.05 19.80 25.73
N LYS F 278 45.92 21.08 26.08
CA LYS F 278 46.75 22.11 25.47
C LYS F 278 48.23 21.90 25.78
N GLU F 279 48.53 21.49 27.01
CA GLU F 279 49.91 21.27 27.44
C GLU F 279 50.20 19.81 27.80
N ASP F 280 49.28 18.89 27.52
CA ASP F 280 49.50 17.49 27.84
C ASP F 280 50.55 16.90 26.91
N ASP F 281 51.55 16.24 27.50
CA ASP F 281 52.63 15.68 26.70
C ASP F 281 52.15 14.52 25.82
N VAL F 282 51.29 13.66 26.37
CA VAL F 282 50.76 12.54 25.60
C VAL F 282 49.93 13.05 24.43
N ALA F 283 49.06 14.02 24.70
CA ALA F 283 48.24 14.59 23.64
C ALA F 283 49.11 15.28 22.59
N LYS F 284 50.14 16.00 23.03
CA LYS F 284 51.04 16.65 22.07
C LYS F 284 51.74 15.62 21.19
N ARG F 285 52.21 14.52 21.78
CA ARG F 285 52.88 13.49 21.00
C ARG F 285 51.93 12.88 19.99
N VAL F 286 50.71 12.55 20.42
CA VAL F 286 49.73 11.94 19.51
C VAL F 286 49.41 12.90 18.36
N ILE F 287 49.17 14.17 18.69
CA ILE F 287 48.83 15.15 17.66
C ILE F 287 49.98 15.32 16.68
N GLU F 288 51.21 15.38 17.19
CA GLU F 288 52.37 15.55 16.31
C GLU F 288 52.53 14.36 15.37
N ASN F 289 52.41 13.14 15.90
CA ASN F 289 52.53 11.95 15.05
C ASN F 289 51.42 11.91 14.00
N CYS F 290 50.18 12.21 14.41
CA CYS F 290 49.08 12.19 13.47
C CYS F 290 49.24 13.24 12.39
N LYS F 291 49.72 14.43 12.76
CA LYS F 291 49.95 15.47 11.76
C LYS F 291 51.05 15.06 10.80
N LYS F 292 52.12 14.44 11.31
CA LYS F 292 53.21 14.00 10.45
C LYS F 292 52.73 12.95 9.45
N ILE F 293 51.90 12.00 9.90
CA ILE F 293 51.39 10.99 8.99
C ILE F 293 50.39 11.59 8.00
N HIS F 294 49.55 12.50 8.47
CA HIS F 294 48.55 13.10 7.60
C HIS F 294 49.17 13.97 6.52
N ALA F 295 50.30 14.62 6.82
CA ALA F 295 50.99 15.39 5.80
C ALA F 295 51.43 14.50 4.64
N ASP F 296 51.97 13.33 4.95
CA ASP F 296 52.34 12.38 3.90
C ASP F 296 51.10 11.83 3.20
N TYR F 297 50.02 11.58 3.95
CA TYR F 297 48.83 11.00 3.35
C TYR F 297 48.15 11.96 2.38
N ALA F 298 48.19 13.26 2.67
CA ALA F 298 47.49 14.24 1.83
C ALA F 298 48.09 14.37 0.45
N GLN F 299 49.32 13.90 0.24
CA GLN F 299 49.96 14.00 -1.07
C GLN F 299 49.21 13.18 -2.12
N GLN F 300 48.75 12.00 -1.74
CA GLN F 300 48.10 11.09 -2.70
C GLN F 300 46.74 11.64 -3.10
N LYS F 301 46.32 11.30 -4.32
CA LYS F 301 45.02 11.71 -4.84
C LYS F 301 43.94 10.95 -4.09
N LEU F 302 43.25 11.64 -3.19
CA LEU F 302 42.28 11.00 -2.30
C LEU F 302 41.05 11.87 -2.16
N SER F 303 39.91 11.22 -1.97
CA SER F 303 38.70 11.94 -1.59
C SER F 303 38.80 12.36 -0.12
N PRO F 304 38.09 13.42 0.27
CA PRO F 304 38.14 13.85 1.69
C PRO F 304 37.73 12.76 2.66
N ALA F 305 36.71 11.96 2.31
CA ALA F 305 36.26 10.91 3.21
C ALA F 305 37.35 9.86 3.42
N GLU F 306 38.01 9.43 2.35
CA GLU F 306 39.07 8.45 2.47
C GLU F 306 40.26 9.01 3.24
N LEU F 307 40.60 10.28 3.01
CA LEU F 307 41.69 10.90 3.75
C LEU F 307 41.38 10.93 5.24
N ASN F 308 40.16 11.33 5.61
CA ASN F 308 39.76 11.34 7.01
C ASN F 308 39.81 9.94 7.59
N ASP F 309 39.30 8.96 6.85
CA ASP F 309 39.26 7.59 7.34
C ASP F 309 40.65 7.06 7.62
N MET F 310 41.56 7.21 6.66
CA MET F 310 42.91 6.64 6.85
C MET F 310 43.79 7.49 7.75
N SER F 311 43.44 8.76 7.98
CA SER F 311 44.13 9.52 9.02
C SER F 311 43.69 9.09 10.40
N MET F 312 42.39 8.86 10.58
CA MET F 312 41.91 8.36 11.86
C MET F 312 42.38 6.93 12.10
N GLN F 313 42.63 6.18 11.04
CA GLN F 313 43.17 4.83 11.19
C GLN F 313 44.55 4.83 11.83
N MET F 314 45.34 5.89 11.61
CA MET F 314 46.62 6.02 12.29
C MET F 314 46.49 6.72 13.63
N PHE F 315 45.55 7.65 13.75
CA PHE F 315 45.28 8.27 15.04
C PHE F 315 44.88 7.22 16.07
N ARG F 316 44.05 6.25 15.66
CA ARG F 316 43.65 5.19 16.57
C ARG F 316 44.85 4.40 17.05
N VAL F 317 45.76 4.04 16.14
CA VAL F 317 46.93 3.27 16.52
C VAL F 317 47.78 4.04 17.52
N TYR F 318 48.10 5.30 17.19
CA TYR F 318 48.96 6.08 18.07
C TYR F 318 48.31 6.32 19.42
N ALA F 319 47.05 6.72 19.44
CA ALA F 319 46.37 7.01 20.70
C ALA F 319 46.22 5.75 21.55
N ILE F 320 45.86 4.62 20.94
CA ILE F 320 45.71 3.39 21.69
C ILE F 320 47.04 2.96 22.28
N ALA F 321 48.12 3.02 21.50
CA ALA F 321 49.43 2.66 22.02
C ALA F 321 49.82 3.55 23.21
N GLU F 322 49.68 4.87 23.05
CA GLU F 322 50.07 5.78 24.12
C GLU F 322 49.23 5.56 25.37
N LEU F 323 47.91 5.44 25.21
CA LEU F 323 47.03 5.28 26.36
C LEU F 323 47.28 3.95 27.07
N VAL F 324 47.50 2.87 26.31
CA VAL F 324 47.77 1.57 26.91
C VAL F 324 49.09 1.61 27.68
N ASP F 325 50.12 2.23 27.09
CA ASP F 325 51.40 2.33 27.79
C ASP F 325 51.26 3.14 29.07
N ALA F 326 50.52 4.26 29.01
CA ALA F 326 50.32 5.07 30.20
C ALA F 326 49.56 4.31 31.27
N VAL F 327 48.54 3.55 30.88
CA VAL F 327 47.76 2.77 31.83
C VAL F 327 48.63 1.71 32.50
N VAL F 328 49.46 1.03 31.71
CA VAL F 328 50.35 0.02 32.27
C VAL F 328 51.34 0.64 33.25
N ILE F 329 51.90 1.80 32.89
CA ILE F 329 52.83 2.47 33.79
C ILE F 329 52.14 2.88 35.08
N ALA F 330 50.92 3.42 34.99
CA ALA F 330 50.18 3.81 36.17
C ALA F 330 49.87 2.62 37.06
N PHE F 331 49.49 1.49 36.46
CA PHE F 331 49.22 0.29 37.23
C PHE F 331 50.48 -0.19 37.94
N LYS F 332 51.62 -0.20 37.24
CA LYS F 332 52.86 -0.65 37.86
C LYS F 332 53.28 0.26 39.00
N ASP F 333 53.14 1.58 38.82
CA ASP F 333 53.56 2.51 39.86
C ASP F 333 52.69 2.39 41.11
N ASN F 334 51.38 2.20 40.94
CA ASN F 334 50.44 2.20 42.05
C ASN F 334 50.00 0.80 42.44
N ILE F 335 50.80 -0.22 42.14
CA ILE F 335 50.38 -1.60 42.41
C ILE F 335 50.21 -1.84 43.90
N ASN F 336 51.06 -1.21 44.72
CA ASN F 336 50.93 -1.36 46.16
C ASN F 336 49.63 -0.75 46.67
N GLU F 337 49.25 0.41 46.15
CA GLU F 337 48.00 1.03 46.56
C GLU F 337 46.80 0.20 46.09
N PHE F 338 46.88 -0.37 44.89
CA PHE F 338 45.79 -1.20 44.40
C PHE F 338 45.64 -2.47 45.23
N LEU F 339 46.74 -2.98 45.78
CA LEU F 339 46.72 -4.17 46.61
C LEU F 339 46.37 -3.87 48.07
N ASN F 340 46.15 -2.60 48.41
CA ASN F 340 45.76 -2.25 49.76
C ASN F 340 44.31 -2.67 50.02
N ASP F 341 44.02 -3.06 51.26
CA ASP F 341 42.68 -3.49 51.62
C ASP F 341 41.67 -2.36 51.57
N THR F 342 42.12 -1.11 51.61
CA THR F 342 41.24 0.06 51.60
C THR F 342 41.66 1.03 50.51
N CYS F 343 41.85 0.51 49.30
CA CYS F 343 42.22 1.35 48.17
C CYS F 343 41.09 2.33 47.85
N GLU F 344 41.47 3.55 47.45
CA GLU F 344 40.50 4.60 47.17
C GLU F 344 40.66 5.17 45.77
N ILE F 345 41.43 4.53 44.90
CA ILE F 345 41.62 5.04 43.55
C ILE F 345 40.33 4.89 42.77
N LYS F 346 39.87 5.98 42.17
CA LYS F 346 38.62 5.95 41.41
C LYS F 346 38.78 5.15 40.13
N ASP F 347 39.85 5.40 39.38
CA ASP F 347 40.08 4.69 38.13
C ASP F 347 41.55 4.78 37.77
N LEU F 348 41.98 3.87 36.89
CA LEU F 348 43.37 3.83 36.47
C LEU F 348 43.69 4.97 35.50
N ILE F 349 42.72 5.38 34.69
CA ILE F 349 42.96 6.44 33.71
C ILE F 349 43.26 7.76 34.41
N SER F 350 42.48 8.09 35.44
CA SER F 350 42.64 9.39 36.09
C SER F 350 43.98 9.52 36.80
N CYS F 351 44.55 8.42 37.25
CA CYS F 351 45.85 8.43 37.92
C CYS F 351 47.00 8.26 36.94
N SER F 352 46.72 8.22 35.64
CA SER F 352 47.72 8.00 34.60
C SER F 352 48.03 9.32 33.90
N SER F 353 48.98 9.25 32.97
CA SER F 353 49.33 10.42 32.17
C SER F 353 48.42 10.61 30.96
N GLY F 354 47.57 9.64 30.66
CA GLY F 354 46.60 9.74 29.58
C GLY F 354 45.23 10.20 30.00
N LYS F 355 45.09 10.75 31.21
CA LYS F 355 43.77 11.19 31.68
C LYS F 355 43.21 12.29 30.79
N ASN F 356 44.03 13.29 30.45
CA ASN F 356 43.54 14.43 29.69
C ASN F 356 43.08 14.02 28.30
N LEU F 357 43.88 13.18 27.62
CA LEU F 357 43.53 12.77 26.27
C LEU F 357 42.25 11.94 26.26
N CYS F 358 42.12 11.00 27.20
CA CYS F 358 40.91 10.19 27.26
C CYS F 358 39.69 11.03 27.58
N GLN F 359 39.82 11.97 28.52
CA GLN F 359 38.69 12.84 28.87
C GLN F 359 38.30 13.71 27.68
N ALA F 360 39.28 14.24 26.96
CA ALA F 360 38.97 15.05 25.79
C ALA F 360 38.29 14.23 24.71
N LEU F 361 38.75 12.99 24.50
CA LEU F 361 38.10 12.12 23.53
C LEU F 361 36.66 11.82 23.93
N LYS F 362 36.43 11.58 25.21
CA LYS F 362 35.07 11.34 25.69
C LYS F 362 34.19 12.57 25.47
N LYS F 363 34.73 13.77 25.75
CA LYS F 363 33.97 14.99 25.51
C LYS F 363 33.66 15.16 24.03
N PHE F 364 34.63 14.85 23.17
CA PHE F 364 34.40 14.94 21.72
C PHE F 364 33.33 13.97 21.28
N ASP F 365 33.35 12.74 21.80
CA ASP F 365 32.30 11.77 21.48
C ASP F 365 30.94 12.25 21.97
N SER F 366 30.88 12.85 23.15
CA SER F 366 29.63 13.37 23.66
C SER F 366 29.10 14.49 22.78
N SER F 367 29.98 15.39 22.35
CA SER F 367 29.56 16.54 21.57
C SER F 367 29.12 16.13 20.17
N ARG F 368 29.91 15.29 19.50
CA ARG F 368 29.67 14.95 18.11
C ARG F 368 28.96 13.62 17.90
N GLY F 369 29.31 12.59 18.67
CA GLY F 369 28.70 11.29 18.49
C GLY F 369 27.30 11.21 19.06
N TYR F 370 27.18 11.37 20.37
CA TYR F 370 25.86 11.46 20.97
C TYR F 370 25.39 12.90 20.78
N GLN F 371 24.16 13.20 21.21
CA GLN F 371 23.57 14.53 21.03
C GLN F 371 23.50 14.92 19.56
N HIS F 372 23.52 13.92 18.68
CA HIS F 372 23.38 14.13 17.24
C HIS F 372 21.94 13.86 16.85
N ARG F 373 21.49 14.54 15.79
CA ARG F 373 20.08 14.50 15.42
C ARG F 373 19.61 13.07 15.17
N SER F 374 20.33 12.33 14.32
CA SER F 374 19.95 10.95 14.02
C SER F 374 20.05 10.08 15.26
N VAL F 375 21.11 10.25 16.05
CA VAL F 375 21.29 9.45 17.26
C VAL F 375 20.18 9.73 18.24
N LEU F 376 19.84 11.01 18.44
CA LEU F 376 18.77 11.34 19.38
C LEU F 376 17.43 10.79 18.92
N LYS F 377 17.12 10.91 17.63
CA LYS F 377 15.86 10.39 17.12
C LYS F 377 15.79 8.87 17.28
N LEU F 378 16.88 8.17 16.95
CA LEU F 378 16.90 6.73 17.10
C LEU F 378 16.79 6.32 18.56
N GLU F 379 17.41 7.07 19.46
CA GLU F 379 17.30 6.76 20.89
C GLU F 379 15.89 6.99 21.40
N LEU F 380 15.20 8.03 20.93
CA LEU F 380 13.80 8.22 21.33
C LEU F 380 12.93 7.07 20.81
N GLU F 381 13.17 6.65 19.56
CA GLU F 381 12.42 5.51 19.03
C GLU F 381 12.69 4.25 19.84
N GLY F 382 13.94 4.02 20.21
CA GLY F 382 14.27 2.86 21.01
C GLY F 382 13.66 2.92 22.40
N SER F 383 13.62 4.11 22.99
CA SER F 383 12.96 4.27 24.28
C SER F 383 11.47 3.95 24.19
N ASN F 384 10.81 4.45 23.14
CA ASN F 384 9.40 4.11 22.95
C ASN F 384 9.21 2.61 22.77
N TYR F 385 10.07 1.98 21.97
CA TYR F 385 9.97 0.54 21.74
C TYR F 385 10.14 -0.23 23.04
N ILE F 386 11.16 0.12 23.82
CA ILE F 386 11.44 -0.59 25.06
C ILE F 386 10.30 -0.41 26.06
N LYS F 387 9.81 0.83 26.19
CA LYS F 387 8.73 1.09 27.14
C LYS F 387 7.46 0.35 26.73
N GLY F 388 7.13 0.35 25.44
CA GLY F 388 5.95 -0.39 25.00
C GLY F 388 6.08 -1.89 25.22
N LEU F 389 7.25 -2.44 24.90
CA LEU F 389 7.47 -3.87 25.13
C LEU F 389 7.37 -4.22 26.60
N MET F 390 7.92 -3.37 27.48
CA MET F 390 7.88 -3.67 28.90
C MET F 390 6.47 -3.53 29.45
N ASP F 391 5.71 -2.55 28.95
CA ASP F 391 4.30 -2.45 29.32
C ASP F 391 3.53 -3.70 28.90
N MET F 392 3.81 -4.21 27.70
CA MET F 392 3.13 -5.40 27.23
C MET F 392 3.51 -6.64 28.04
N LEU F 393 4.79 -6.76 28.40
CA LEU F 393 5.22 -7.92 29.17
C LEU F 393 4.74 -7.88 30.60
N TRP F 394 4.58 -6.68 31.17
CA TRP F 394 4.10 -6.57 32.55
C TRP F 394 2.70 -7.13 32.69
N LEU F 395 1.92 -7.16 31.61
CA LEU F 395 0.60 -7.77 31.67
C LEU F 395 0.68 -9.26 31.95
N GLY F 396 1.65 -9.95 31.38
CA GLY F 396 1.85 -11.36 31.61
C GLY F 396 2.76 -11.70 32.77
N ILE F 397 3.50 -10.74 33.31
CA ILE F 397 4.42 -10.97 34.41
C ILE F 397 3.82 -10.59 35.75
N LYS F 398 3.17 -9.43 35.83
CA LYS F 398 2.70 -8.91 37.11
C LYS F 398 1.68 -9.85 37.74
N GLY F 399 1.84 -10.09 39.04
CA GLY F 399 0.95 -10.96 39.77
C GLY F 399 1.25 -12.44 39.69
N ARG F 400 2.26 -12.83 38.90
CA ARG F 400 2.57 -14.25 38.75
C ARG F 400 3.09 -14.84 40.05
N ALA F 401 3.89 -14.08 40.80
CA ALA F 401 4.47 -14.54 42.05
C ALA F 401 3.68 -14.11 43.28
N THR F 402 3.12 -12.90 43.26
CA THR F 402 2.34 -12.42 44.41
C THR F 402 1.09 -13.27 44.62
N GLY F 403 0.39 -13.60 43.54
CA GLY F 403 -0.81 -14.39 43.65
C GLY F 403 -2.00 -13.80 42.91
N ASP F 404 -1.92 -12.52 42.59
CA ASP F 404 -3.00 -11.85 41.87
C ASP F 404 -3.13 -12.43 40.47
N THR F 405 -4.30 -12.99 40.16
CA THR F 405 -4.52 -13.65 38.88
C THR F 405 -5.00 -12.68 37.80
N GLN F 406 -4.25 -11.59 37.63
CA GLN F 406 -4.50 -10.66 36.53
C GLN F 406 -3.74 -11.04 35.27
N TYR F 407 -2.87 -12.03 35.34
CA TYR F 407 -2.08 -12.50 34.21
C TYR F 407 -2.78 -13.61 33.42
N ASP F 408 -3.97 -14.01 33.84
CA ASP F 408 -4.61 -15.20 33.29
C ASP F 408 -5.32 -14.94 31.97
N THR F 409 -5.31 -13.71 31.47
CA THR F 409 -5.84 -13.43 30.15
C THR F 409 -5.00 -14.14 29.09
N PRO F 410 -5.61 -14.53 27.96
CA PRO F 410 -4.85 -15.28 26.95
C PRO F 410 -3.61 -14.54 26.46
N PHE F 411 -3.71 -13.22 26.30
CA PHE F 411 -2.53 -12.43 25.94
C PHE F 411 -1.45 -12.52 27.01
N GLY F 412 -1.83 -12.49 28.28
CA GLY F 412 -0.84 -12.63 29.34
C GLY F 412 -0.16 -13.98 29.32
N ARG F 413 -0.93 -15.05 29.12
CA ARG F 413 -0.33 -16.39 29.06
C ARG F 413 0.62 -16.50 27.87
N TYR F 414 0.21 -16.00 26.70
CA TYR F 414 1.09 -16.04 25.53
C TYR F 414 2.35 -15.22 25.76
N VAL F 415 2.21 -14.04 26.36
CA VAL F 415 3.37 -13.19 26.64
C VAL F 415 4.34 -13.88 27.58
N TYR F 416 3.81 -14.50 28.64
CA TYR F 416 4.67 -15.26 29.55
C TYR F 416 5.37 -16.40 28.82
N GLY F 417 4.64 -17.10 27.95
CA GLY F 417 5.27 -18.15 27.15
C GLY F 417 6.30 -17.65 26.18
N ARG F 418 6.24 -16.37 25.80
CA ARG F 418 7.22 -15.79 24.90
C ARG F 418 8.50 -15.35 25.59
N ILE F 419 8.52 -15.33 26.92
CA ILE F 419 9.72 -14.97 27.66
C ILE F 419 10.69 -16.14 27.64
N SER F 420 11.98 -15.85 27.80
CA SER F 420 13.00 -16.89 27.80
C SER F 420 12.72 -17.92 28.88
N GLU F 421 12.94 -19.19 28.55
CA GLU F 421 12.67 -20.26 29.50
C GLU F 421 13.71 -20.30 30.61
N ASN F 422 14.94 -19.87 30.33
CA ASN F 422 15.94 -19.77 31.41
C ASN F 422 15.53 -18.74 32.44
N TYR F 423 15.08 -17.57 31.99
CA TYR F 423 14.69 -16.52 32.91
C TYR F 423 13.43 -16.91 33.69
N ARG F 424 12.50 -17.59 33.02
CA ARG F 424 11.32 -18.09 33.73
C ARG F 424 11.70 -19.17 34.75
N ARG F 425 12.64 -20.04 34.39
CA ARG F 425 13.09 -21.07 35.32
C ARG F 425 13.73 -20.45 36.56
N ILE F 426 14.54 -19.41 36.37
CA ILE F 426 15.10 -18.70 37.52
C ILE F 426 14.01 -18.00 38.29
N PHE F 427 13.00 -17.47 37.59
CA PHE F 427 11.92 -16.75 38.25
C PHE F 427 11.07 -17.68 39.10
N GLU F 428 10.87 -18.92 38.66
CA GLU F 428 10.04 -19.87 39.38
C GLU F 428 10.79 -20.61 40.48
N GLN F 429 12.08 -20.34 40.66
CA GLN F 429 12.84 -20.97 41.74
C GLN F 429 12.35 -20.47 43.09
N GLU F 430 12.52 -21.31 44.11
CA GLU F 430 12.13 -20.98 45.47
C GLU F 430 13.30 -20.34 46.18
N ASN F 431 13.14 -19.09 46.60
CA ASN F 431 14.17 -18.37 47.33
C ASN F 431 13.49 -17.39 48.29
N ASN F 432 14.30 -16.55 48.92
CA ASN F 432 13.80 -15.60 49.91
C ASN F 432 13.51 -14.22 49.32
N LEU F 433 13.64 -14.05 48.01
CA LEU F 433 13.38 -12.77 47.40
C LEU F 433 11.89 -12.43 47.46
N PRO F 434 11.56 -11.14 47.60
CA PRO F 434 10.14 -10.74 47.57
C PRO F 434 9.52 -11.04 46.20
N ALA F 435 8.22 -11.32 46.22
CA ALA F 435 7.52 -11.70 45.00
C ALA F 435 7.55 -10.56 43.98
N CYS F 436 7.30 -9.33 44.43
CA CYS F 436 7.37 -8.20 43.52
C CYS F 436 8.78 -8.03 42.97
N TYR F 437 9.80 -8.23 43.82
CA TYR F 437 11.17 -8.19 43.35
C TYR F 437 11.43 -9.27 42.30
N LYS F 438 10.90 -10.47 42.51
CA LYS F 438 11.08 -11.53 41.53
C LYS F 438 10.43 -11.18 40.21
N GLU F 439 9.21 -10.62 40.25
CA GLU F 439 8.53 -10.24 39.01
C GLU F 439 9.31 -9.17 38.26
N ALA F 440 9.73 -8.12 38.97
CA ALA F 440 10.50 -7.06 38.33
C ALA F 440 11.83 -7.58 37.80
N GLN F 441 12.49 -8.48 38.53
CA GLN F 441 13.73 -9.05 38.05
C GLN F 441 13.51 -9.89 36.80
N LEU F 442 12.41 -10.64 36.75
CA LEU F 442 12.09 -11.39 35.55
C LEU F 442 11.91 -10.47 34.35
N LEU F 443 11.17 -9.38 34.54
CA LEU F 443 10.98 -8.43 33.44
C LEU F 443 12.31 -7.82 33.01
N ALA F 444 13.15 -7.43 33.97
CA ALA F 444 14.42 -6.81 33.64
C ALA F 444 15.34 -7.78 32.92
N ASP F 445 15.38 -9.04 33.37
CA ASP F 445 16.19 -10.05 32.71
C ASP F 445 15.70 -10.31 31.30
N ALA F 446 14.37 -10.36 31.12
CA ALA F 446 13.83 -10.60 29.78
C ALA F 446 14.18 -9.46 28.84
N ILE F 447 14.06 -8.21 29.30
CA ILE F 447 14.24 -7.08 28.41
C ILE F 447 15.71 -6.81 28.14
N SER F 448 16.55 -6.86 29.18
CA SER F 448 17.96 -6.49 29.03
C SER F 448 18.70 -7.44 28.10
N GLY F 449 18.26 -8.68 28.01
CA GLY F 449 18.94 -9.65 27.17
C GLY F 449 18.60 -9.56 25.69
N MET F 450 17.58 -8.80 25.33
CA MET F 450 17.16 -8.70 23.94
C MET F 450 18.14 -7.88 23.13
N THR F 451 18.34 -8.28 21.87
CA THR F 451 19.01 -7.42 20.91
C THR F 451 18.04 -6.37 20.40
N ASP F 452 18.57 -5.41 19.64
CA ASP F 452 17.71 -4.34 19.11
C ASP F 452 16.69 -4.90 18.13
N SER F 453 17.14 -5.67 17.15
CA SER F 453 16.24 -6.21 16.14
C SER F 453 15.20 -7.14 16.76
N TYR F 454 15.63 -8.00 17.69
CA TYR F 454 14.69 -8.86 18.38
C TYR F 454 13.67 -8.06 19.16
N LEU F 455 14.11 -6.99 19.83
CA LEU F 455 13.19 -6.15 20.57
C LEU F 455 12.16 -5.51 19.65
N ILE F 456 12.59 -4.99 18.50
CA ILE F 456 11.65 -4.36 17.56
C ILE F 456 10.65 -5.40 17.04
N ALA F 457 11.15 -6.57 16.64
CA ALA F 457 10.27 -7.59 16.10
C ALA F 457 9.25 -8.06 17.14
N LEU F 458 9.70 -8.31 18.36
CA LEU F 458 8.79 -8.74 19.40
C LEU F 458 7.78 -7.67 19.74
N HIS F 459 8.21 -6.40 19.80
CA HIS F 459 7.28 -5.32 20.08
C HIS F 459 6.20 -5.23 19.01
N ASP F 460 6.60 -5.29 17.73
CA ASP F 460 5.63 -5.20 16.65
C ASP F 460 4.67 -6.39 16.69
N GLU F 461 5.20 -7.60 16.89
CA GLU F 461 4.35 -8.79 16.89
C GLU F 461 3.35 -8.77 18.05
N LEU F 462 3.83 -8.41 19.25
CA LEU F 462 2.93 -8.36 20.40
C LEU F 462 1.94 -7.22 20.28
N ARG F 463 2.33 -6.09 19.70
CA ARG F 463 1.39 -4.99 19.49
C ARG F 463 0.30 -5.41 18.51
N ALA F 464 0.67 -6.15 17.47
CA ALA F 464 -0.35 -6.71 16.57
C ALA F 464 -1.26 -7.68 17.32
N LEU F 465 -0.68 -8.49 18.21
CA LEU F 465 -1.47 -9.48 18.94
C LEU F 465 -2.26 -8.87 20.09
N HIS F 466 -1.96 -7.64 20.48
CA HIS F 466 -2.63 -6.98 21.60
C HIS F 466 -3.81 -6.13 21.18
N GLN F 467 -4.18 -6.15 19.89
CA GLN F 467 -5.20 -5.22 19.40
C GLN F 467 -6.55 -5.45 20.05
N TYR F 468 -6.86 -6.69 20.45
CA TYR F 468 -8.17 -6.95 21.04
C TYR F 468 -8.23 -6.51 22.49
N GLU F 469 -7.27 -6.96 23.31
CA GLU F 469 -7.31 -6.64 24.73
C GLU F 469 -7.06 -5.16 24.99
N CYS F 470 -6.33 -4.50 24.08
CA CYS F 470 -6.15 -3.05 24.20
C CYS F 470 -7.43 -2.29 23.89
N ARG F 471 -8.41 -2.98 23.29
CA ARG F 471 -9.69 -2.38 22.89
C ARG F 471 -9.50 -1.09 22.09
N SER G 2 39.05 51.18 -27.03
CA SER G 2 38.68 52.56 -27.31
C SER G 2 37.17 52.73 -27.30
N MET G 3 36.47 51.82 -26.63
CA MET G 3 35.03 51.90 -26.54
C MET G 3 34.61 53.09 -25.69
N HIS G 4 33.48 53.68 -26.04
CA HIS G 4 32.95 54.84 -25.34
C HIS G 4 31.79 54.43 -24.43
N TRP G 5 31.73 55.04 -23.25
CA TRP G 5 30.66 54.73 -22.31
C TRP G 5 29.30 55.20 -22.81
N ASN G 6 29.26 56.11 -23.78
CA ASN G 6 27.98 56.57 -24.30
C ASN G 6 27.21 55.44 -24.97
N ASP G 7 27.90 54.62 -25.76
CA ASP G 7 27.26 53.50 -26.44
C ASP G 7 27.25 52.24 -25.59
N LEU G 8 28.20 52.09 -24.67
CA LEU G 8 28.17 50.94 -23.76
C LEU G 8 26.99 51.03 -22.80
N LEU G 9 26.62 52.25 -22.40
CA LEU G 9 25.44 52.48 -21.57
C LEU G 9 24.25 52.94 -22.40
N ASN G 10 24.11 52.41 -23.62
CA ASN G 10 23.03 52.83 -24.50
C ASN G 10 21.68 52.46 -23.89
N SER G 11 20.84 53.47 -23.70
CA SER G 11 19.54 53.30 -23.06
C SER G 11 18.42 53.00 -24.05
N ASN G 12 18.72 52.95 -25.35
CA ASN G 12 17.70 52.65 -26.34
C ASN G 12 17.31 51.18 -26.28
N ARG G 13 16.17 50.86 -26.89
CA ARG G 13 15.63 49.51 -26.90
C ARG G 13 15.51 49.02 -28.34
N ARG G 14 15.44 47.70 -28.48
CA ARG G 14 15.44 47.10 -29.82
C ARG G 14 14.15 47.39 -30.57
N LYS G 15 13.01 47.37 -29.88
CA LYS G 15 11.74 47.58 -30.54
C LYS G 15 11.66 49.02 -31.05
N PRO G 16 11.30 49.23 -32.31
CA PRO G 16 11.18 50.62 -32.84
C PRO G 16 10.13 51.40 -32.06
N LYS G 17 10.46 52.66 -31.78
CA LYS G 17 9.57 53.52 -31.00
C LYS G 17 8.49 54.13 -31.90
N THR G 27 3.44 55.54 -18.47
CA THR G 27 4.43 54.85 -17.66
C THR G 27 5.77 55.57 -17.72
N SER G 28 6.80 54.94 -17.13
CA SER G 28 8.16 55.48 -17.11
C SER G 28 8.19 56.89 -16.51
N LYS G 29 7.46 57.09 -15.42
CA LYS G 29 7.41 58.37 -14.73
C LYS G 29 8.51 58.41 -13.68
N GLY G 30 9.50 59.27 -13.90
CA GLY G 30 10.61 59.37 -12.97
C GLY G 30 11.45 58.12 -12.86
N ARG G 31 11.58 57.37 -13.95
CA ARG G 31 12.35 56.14 -13.95
C ARG G 31 13.19 56.07 -15.22
N GLN G 32 14.48 55.82 -15.06
CA GLN G 32 15.33 55.60 -16.22
C GLN G 32 14.99 54.28 -16.88
N GLN G 33 15.29 54.17 -18.18
CA GLN G 33 15.01 52.94 -18.91
C GLN G 33 15.77 51.77 -18.31
N ILE G 34 17.02 52.00 -17.89
CA ILE G 34 17.80 50.94 -17.25
C ILE G 34 17.12 50.48 -15.97
N GLU G 35 16.54 51.42 -15.21
CA GLU G 35 15.78 51.04 -14.02
C GLU G 35 14.57 50.19 -14.39
N ARG G 36 13.87 50.55 -15.47
CA ARG G 36 12.72 49.77 -15.92
C ARG G 36 13.12 48.38 -16.36
N ASP G 37 14.37 48.20 -16.83
CA ASP G 37 14.85 46.86 -17.16
C ASP G 37 14.84 45.96 -15.92
N TYR G 38 15.26 46.48 -14.77
CA TYR G 38 15.24 45.70 -13.54
C TYR G 38 13.82 45.29 -13.17
N ASP G 39 12.87 46.21 -13.33
CA ASP G 39 11.48 45.88 -13.03
C ASP G 39 10.95 44.83 -14.00
N ARG G 40 11.29 44.94 -15.28
CA ARG G 40 10.87 43.93 -16.26
C ARG G 40 11.42 42.57 -15.91
N ILE G 41 12.70 42.51 -15.52
CA ILE G 41 13.32 41.21 -15.20
C ILE G 41 12.72 40.63 -13.92
N LEU G 42 12.54 41.47 -12.90
CA LEU G 42 12.05 40.97 -11.62
C LEU G 42 10.62 40.46 -11.72
N PHE G 43 9.76 41.16 -12.45
CA PHE G 43 8.35 40.79 -12.58
C PHE G 43 8.11 39.70 -13.61
N ALA G 44 9.17 39.09 -14.15
CA ALA G 44 9.03 38.04 -15.13
C ALA G 44 8.85 36.69 -14.43
N ALA G 45 8.05 35.83 -15.07
CA ALA G 45 7.80 34.50 -14.51
C ALA G 45 9.06 33.68 -14.31
N PRO G 46 10.04 33.66 -15.23
CA PRO G 46 11.26 32.88 -14.98
C PRO G 46 11.99 33.29 -13.71
N THR G 47 11.97 34.58 -13.35
CA THR G 47 12.60 35.00 -12.11
C THR G 47 11.95 34.33 -10.92
N ARG G 48 10.61 34.27 -10.89
CA ARG G 48 9.94 33.56 -9.81
C ARG G 48 10.20 32.07 -9.86
N ARG G 49 10.24 31.48 -11.05
CA ARG G 49 10.53 30.05 -11.18
C ARG G 49 11.94 29.71 -10.75
N LEU G 50 12.85 30.69 -10.73
CA LEU G 50 14.20 30.45 -10.23
C LEU G 50 14.20 29.99 -8.78
N ALA G 51 13.12 30.27 -8.03
CA ALA G 51 13.04 29.85 -6.64
C ALA G 51 13.03 28.34 -6.47
N ASP G 52 12.71 27.58 -7.52
CA ASP G 52 12.69 26.13 -7.45
C ASP G 52 13.68 25.49 -8.41
N LYS G 53 14.80 26.16 -8.67
CA LYS G 53 15.89 25.60 -9.46
C LYS G 53 17.13 25.48 -8.58
N THR G 54 17.84 24.37 -8.73
CA THR G 54 18.95 24.07 -7.84
C THR G 54 20.19 24.89 -8.17
N GLN G 55 20.92 25.25 -7.12
CA GLN G 55 22.25 25.82 -7.27
C GLN G 55 23.30 24.72 -7.18
N VAL G 56 23.33 24.03 -6.06
CA VAL G 56 24.25 22.92 -5.83
C VAL G 56 23.52 21.67 -5.38
N PHE G 57 22.68 21.79 -4.36
CA PHE G 57 21.99 20.64 -3.79
C PHE G 57 20.57 20.55 -4.34
N PRO G 58 20.24 19.52 -5.10
CA PRO G 58 18.91 19.45 -5.72
C PRO G 58 17.84 18.92 -4.76
N LEU G 59 16.65 19.50 -4.90
CA LEU G 59 15.49 19.11 -4.11
C LEU G 59 15.80 19.12 -2.61
N ASP G 60 16.51 20.14 -2.16
CA ASP G 60 16.97 20.18 -0.79
C ASP G 60 15.82 20.45 0.18
N LYS G 61 15.79 19.72 1.28
CA LYS G 61 14.77 19.93 2.30
C LYS G 61 15.06 21.17 3.14
N ASN G 62 16.34 21.48 3.36
CA ASN G 62 16.69 22.67 4.13
C ASN G 62 16.31 23.92 3.35
N ASP G 63 15.61 24.84 4.01
CA ASP G 63 15.13 26.06 3.37
C ASP G 63 16.14 27.20 3.43
N SER G 64 17.23 27.06 4.19
CA SER G 64 18.24 28.08 4.30
C SER G 64 19.41 27.87 3.35
N VAL G 65 19.32 26.87 2.48
CA VAL G 65 20.35 26.61 1.47
C VAL G 65 19.99 27.35 0.20
N ARG G 66 20.99 27.98 -0.42
CA ARG G 66 20.75 28.84 -1.56
C ARG G 66 20.08 28.07 -2.70
N THR G 67 19.01 28.64 -3.24
CA THR G 67 18.43 28.21 -4.50
C THR G 67 18.90 29.14 -5.60
N ARG G 68 18.36 28.95 -6.80
CA ARG G 68 18.78 29.79 -7.91
C ARG G 68 18.32 31.23 -7.73
N LEU G 69 17.11 31.43 -7.19
CA LEU G 69 16.59 32.78 -7.02
C LEU G 69 17.34 33.55 -5.94
N THR G 70 17.61 32.89 -4.81
CA THR G 70 18.37 33.55 -3.75
C THR G 70 19.78 33.87 -4.22
N HIS G 71 20.42 32.95 -4.94
CA HIS G 71 21.74 33.22 -5.50
C HIS G 71 21.69 34.40 -6.46
N SER G 72 20.67 34.45 -7.32
CA SER G 72 20.55 35.53 -8.28
C SER G 72 20.38 36.87 -7.57
N HIS G 73 19.53 36.92 -6.54
CA HIS G 73 19.33 38.16 -5.81
C HIS G 73 20.58 38.59 -5.06
N GLU G 74 21.33 37.63 -4.50
CA GLU G 74 22.57 37.98 -3.82
C GLU G 74 23.63 38.48 -4.79
N VAL G 75 23.72 37.87 -5.98
CA VAL G 75 24.61 38.38 -7.02
C VAL G 75 24.19 39.79 -7.42
N ALA G 76 22.89 40.01 -7.57
CA ALA G 76 22.39 41.34 -7.94
C ALA G 76 22.74 42.37 -6.88
N ASN G 77 22.62 42.00 -5.60
CA ASN G 77 22.97 42.92 -4.52
C ASN G 77 24.46 43.24 -4.54
N LEU G 78 25.30 42.24 -4.74
CA LEU G 78 26.74 42.50 -4.82
C LEU G 78 27.07 43.39 -6.01
N SER G 79 26.45 43.14 -7.16
CA SER G 79 26.70 43.96 -8.34
C SER G 79 26.21 45.39 -8.12
N ARG G 80 25.07 45.55 -7.45
CA ARG G 80 24.59 46.90 -7.15
C ARG G 80 25.51 47.62 -6.19
N GLY G 81 26.07 46.90 -5.22
CA GLY G 81 27.06 47.53 -4.34
C GLY G 81 28.29 47.98 -5.09
N ILE G 82 28.77 47.14 -6.02
CA ILE G 82 29.91 47.54 -6.84
C ILE G 82 29.55 48.74 -7.71
N GLY G 83 28.33 48.77 -8.24
CA GLY G 83 27.90 49.93 -9.01
C GLY G 83 27.83 51.19 -8.18
N MET G 84 27.38 51.08 -6.92
CA MET G 84 27.40 52.21 -6.02
C MET G 84 28.83 52.70 -5.79
N ARG G 85 29.75 51.76 -5.56
CA ARG G 85 31.15 52.14 -5.38
C ARG G 85 31.79 52.69 -6.65
N LEU G 86 31.22 52.40 -7.82
CA LEU G 86 31.77 52.90 -9.08
C LEU G 86 31.16 54.21 -9.54
N ALA G 87 29.93 54.51 -9.14
CA ALA G 87 29.24 55.72 -9.58
C ALA G 87 29.39 56.88 -8.60
N PHE G 88 29.01 56.67 -7.35
CA PHE G 88 29.15 57.70 -6.34
C PHE G 88 30.61 57.92 -5.93
N GLU G 89 31.47 56.95 -6.18
CA GLU G 89 32.88 57.02 -5.85
C GLU G 89 33.66 56.46 -7.04
N LEU G 90 34.91 56.91 -7.18
CA LEU G 90 35.79 56.48 -8.28
C LEU G 90 35.17 56.79 -9.64
N GLU G 91 34.25 57.75 -9.67
CA GLU G 91 33.58 58.11 -10.92
C GLU G 91 34.56 58.70 -11.93
N ASP G 92 35.46 59.56 -11.47
CA ASP G 92 36.44 60.18 -12.34
C ASP G 92 37.54 59.22 -12.79
N ASP G 93 37.61 58.02 -12.22
CA ASP G 93 38.65 57.06 -12.57
C ASP G 93 38.24 56.09 -13.66
N VAL G 94 36.96 55.69 -13.69
CA VAL G 94 36.48 54.73 -14.67
C VAL G 94 35.52 55.36 -15.66
N PHE G 95 34.72 56.33 -15.24
CA PHE G 95 33.73 56.97 -16.11
C PHE G 95 34.26 58.31 -16.59
N LYS G 96 35.17 58.23 -17.57
CA LYS G 96 35.72 59.42 -18.22
C LYS G 96 35.11 59.57 -19.60
N ASP G 97 34.86 60.83 -19.97
CA ASP G 97 34.25 61.18 -21.26
C ASP G 97 32.88 60.50 -21.41
N VAL G 98 31.96 60.89 -20.52
CA VAL G 98 30.60 60.38 -20.52
C VAL G 98 29.65 61.56 -20.71
N SER G 99 28.68 61.40 -21.59
CA SER G 99 27.75 62.48 -21.89
C SER G 99 26.93 62.84 -20.66
N GLU G 100 26.57 64.12 -20.56
CA GLU G 100 25.90 64.62 -19.36
C GLU G 100 24.48 64.07 -19.22
N ASP G 101 23.85 63.68 -20.34
CA ASP G 101 22.49 63.16 -20.24
C ASP G 101 22.43 61.84 -19.49
N ILE G 102 23.53 61.10 -19.46
CA ILE G 102 23.58 59.83 -18.74
C ILE G 102 23.76 60.12 -17.25
N CYS G 103 22.86 59.58 -16.43
CA CYS G 103 22.93 59.72 -14.98
C CYS G 103 23.58 58.45 -14.45
N LEU G 104 24.91 58.51 -14.25
CA LEU G 104 25.65 57.34 -13.81
C LEU G 104 25.16 56.85 -12.45
N LYS G 105 24.95 57.79 -11.51
CA LYS G 105 24.57 57.43 -10.15
C LYS G 105 23.29 56.60 -10.09
N ARG G 106 22.41 56.74 -11.07
CA ARG G 106 21.17 55.98 -11.12
C ARG G 106 21.19 54.86 -12.15
N ASP G 107 21.95 55.01 -13.24
CA ASP G 107 21.95 54.01 -14.28
C ASP G 107 22.90 52.86 -13.96
N VAL G 108 24.15 53.17 -13.57
CA VAL G 108 25.16 52.13 -13.40
C VAL G 108 24.78 51.13 -12.30
N PRO G 109 24.41 51.54 -11.09
CA PRO G 109 23.98 50.54 -10.10
C PRO G 109 22.76 49.76 -10.53
N ALA G 110 21.78 50.41 -11.16
CA ALA G 110 20.61 49.70 -11.64
C ALA G 110 20.98 48.71 -12.73
N LEU G 111 21.87 49.11 -13.65
CA LEU G 111 22.30 48.21 -14.70
C LEU G 111 22.99 46.99 -14.13
N LEU G 112 23.91 47.19 -13.18
CA LEU G 112 24.62 46.05 -12.60
C LEU G 112 23.67 45.15 -11.81
N ALA G 113 22.73 45.74 -11.07
CA ALA G 113 21.79 44.92 -10.31
C ALA G 113 20.90 44.10 -11.23
N ALA G 114 20.36 44.71 -12.28
CA ALA G 114 19.52 43.97 -13.22
C ALA G 114 20.31 42.90 -13.94
N ILE G 115 21.56 43.20 -14.28
CA ILE G 115 22.39 42.23 -14.99
C ILE G 115 22.69 41.03 -14.10
N GLY G 116 23.01 41.29 -12.83
CA GLY G 116 23.23 40.19 -11.90
C GLY G 116 21.97 39.38 -11.65
N LEU G 117 20.82 40.05 -11.59
CA LEU G 117 19.56 39.33 -11.40
C LEU G 117 19.22 38.46 -12.60
N VAL G 118 19.48 38.95 -13.80
CA VAL G 118 19.05 38.23 -15.00
C VAL G 118 19.95 37.04 -15.32
N HIS G 119 21.17 37.01 -14.79
CA HIS G 119 22.04 35.87 -15.04
C HIS G 119 21.49 34.62 -14.37
N ASP G 120 21.77 33.47 -15.00
CA ASP G 120 21.30 32.15 -14.57
C ASP G 120 19.79 32.01 -14.64
N MET G 121 19.10 32.94 -15.30
CA MET G 121 17.64 32.81 -15.46
C MET G 121 17.28 31.61 -16.32
N GLY G 122 18.02 31.39 -17.40
CA GLY G 122 17.75 30.31 -18.32
C GLY G 122 18.42 29.00 -17.99
N ASN G 123 18.98 28.86 -16.79
CA ASN G 123 19.64 27.62 -16.43
C ASN G 123 18.62 26.48 -16.35
N PRO G 124 18.99 25.27 -16.74
CA PRO G 124 18.05 24.15 -16.69
C PRO G 124 17.81 23.71 -15.27
N PRO G 125 16.78 22.91 -15.02
CA PRO G 125 16.59 22.34 -13.69
C PRO G 125 17.71 21.37 -13.33
N PHE G 126 17.86 21.15 -12.02
CA PHE G 126 18.87 20.28 -11.42
C PHE G 126 20.29 20.83 -11.61
N GLY G 127 20.45 22.12 -11.84
CA GLY G 127 21.75 22.73 -11.87
C GLY G 127 22.55 22.37 -13.11
N ALA G 128 23.88 22.53 -12.98
CA ALA G 128 24.76 22.27 -14.11
C ALA G 128 24.67 20.83 -14.58
N GLN G 129 24.62 19.88 -13.65
CA GLN G 129 24.45 18.48 -14.03
C GLN G 129 23.15 18.24 -14.77
N GLY G 130 22.14 19.09 -14.59
CA GLY G 130 20.96 19.01 -15.43
C GLY G 130 21.29 19.33 -16.88
N ALA G 131 22.02 20.43 -17.10
CA ALA G 131 22.36 20.82 -18.46
C ALA G 131 23.14 19.72 -19.16
N LYS G 132 24.14 19.17 -18.48
CA LYS G 132 24.87 18.03 -19.02
C LYS G 132 23.91 16.94 -19.48
N ALA G 133 22.95 16.59 -18.62
CA ALA G 133 21.96 15.59 -19.01
C ALA G 133 21.30 15.96 -20.33
N MET G 134 20.80 17.20 -20.41
CA MET G 134 20.20 17.66 -21.67
C MET G 134 21.17 17.48 -22.82
N SER G 135 22.41 17.94 -22.63
CA SER G 135 23.42 17.80 -23.68
C SER G 135 23.56 16.34 -24.08
N GLU G 136 23.65 15.45 -23.09
CA GLU G 136 23.80 14.03 -23.40
C GLU G 136 22.63 13.55 -24.24
N TRP G 137 21.41 13.93 -23.87
CA TRP G 137 20.26 13.56 -24.68
C TRP G 137 20.41 14.11 -26.09
N PHE G 138 20.80 15.38 -26.21
CA PHE G 138 20.95 15.96 -27.54
C PHE G 138 22.11 15.34 -28.29
N THR G 139 23.03 14.69 -27.57
CA THR G 139 24.11 13.98 -28.23
C THR G 139 23.62 12.67 -28.84
N LYS G 140 22.60 12.06 -28.22
CA LYS G 140 22.15 10.75 -28.68
C LYS G 140 21.01 10.88 -29.69
N ASN G 141 20.03 11.73 -29.40
CA ASN G 141 18.87 11.84 -30.26
C ASN G 141 19.07 12.80 -31.43
N LEU G 142 20.19 13.52 -31.46
CA LEU G 142 20.57 14.36 -32.59
C LEU G 142 21.97 13.92 -33.02
N PRO G 143 22.09 12.77 -33.67
CA PRO G 143 23.42 12.23 -33.98
C PRO G 143 24.21 13.17 -34.86
N GLU G 144 25.51 13.28 -34.56
CA GLU G 144 26.39 14.13 -35.36
C GLU G 144 26.63 13.51 -36.73
N HIS G 145 26.73 12.18 -36.80
CA HIS G 145 26.92 11.51 -38.08
C HIS G 145 25.68 11.56 -38.95
N SER G 146 24.51 11.75 -38.37
CA SER G 146 23.28 11.80 -39.15
C SER G 146 23.28 13.03 -40.04
N ASP G 147 22.71 12.88 -41.24
CA ASP G 147 22.73 13.96 -42.21
C ASP G 147 21.94 15.17 -41.74
N ASN G 148 20.80 14.93 -41.08
CA ASN G 148 19.96 16.04 -40.64
C ASN G 148 20.66 16.92 -39.62
N TYR G 149 21.40 16.30 -38.70
CA TYR G 149 22.04 17.03 -37.60
C TYR G 149 23.55 17.06 -37.72
N LYS G 150 24.08 16.87 -38.94
CA LYS G 150 25.52 16.92 -39.15
C LYS G 150 26.07 18.33 -39.09
N ASP G 151 25.23 19.34 -39.27
CA ASP G 151 25.70 20.72 -39.23
C ASP G 151 26.11 21.10 -37.81
N LYS G 152 27.14 21.95 -37.72
CA LYS G 152 27.70 22.31 -36.42
C LYS G 152 26.79 23.23 -35.62
N ILE G 153 25.76 23.82 -36.25
CA ILE G 153 24.82 24.66 -35.51
C ILE G 153 24.11 23.87 -34.43
N TYR G 154 23.88 22.58 -34.65
CA TYR G 154 23.26 21.73 -33.65
C TYR G 154 24.15 21.51 -32.44
N GLY G 155 25.41 21.92 -32.51
CA GLY G 155 26.24 22.00 -31.31
C GLY G 155 25.68 22.95 -30.28
N ASP G 156 24.74 23.82 -30.66
CA ASP G 156 24.04 24.63 -29.68
C ASP G 156 23.27 23.76 -28.70
N PHE G 157 22.87 22.55 -29.11
CA PHE G 157 22.13 21.65 -28.25
C PHE G 157 23.00 20.52 -27.71
N ARG G 158 23.95 20.01 -28.50
CA ARG G 158 24.86 18.98 -28.01
C ARG G 158 25.81 19.51 -26.96
N HIS G 159 25.97 20.83 -26.87
CA HIS G 159 26.77 21.50 -25.84
C HIS G 159 25.92 22.57 -25.16
N PHE G 160 24.72 22.17 -24.77
CA PHE G 160 23.74 23.11 -24.23
C PHE G 160 24.24 23.78 -22.96
N ASP G 161 23.94 25.07 -22.82
CA ASP G 161 24.30 25.84 -21.64
C ASP G 161 23.23 26.89 -21.39
N GLY G 162 23.20 27.41 -20.16
CA GLY G 162 22.11 28.26 -19.73
C GLY G 162 22.21 29.71 -20.16
N ASN G 163 23.38 30.16 -20.60
CA ASN G 163 23.53 31.57 -20.96
C ASN G 163 22.79 31.90 -22.24
N SER G 164 22.92 31.04 -23.26
CA SER G 164 22.18 31.23 -24.49
C SER G 164 20.68 31.16 -24.24
N GLN G 165 20.25 30.26 -23.34
CA GLN G 165 18.84 30.20 -23.01
C GLN G 165 18.37 31.45 -22.27
N THR G 166 19.21 32.02 -21.40
CA THR G 166 18.86 33.26 -20.75
C THR G 166 18.66 34.38 -21.76
N LEU G 167 19.57 34.49 -22.72
CA LEU G 167 19.43 35.51 -23.76
C LEU G 167 18.19 35.28 -24.60
N ARG G 168 17.92 34.02 -24.95
CA ARG G 168 16.72 33.71 -25.73
C ARG G 168 15.46 34.05 -24.95
N LEU G 169 15.44 33.74 -23.65
CA LEU G 169 14.29 34.05 -22.82
C LEU G 169 14.03 35.54 -22.74
N VAL G 170 15.09 36.32 -22.51
CA VAL G 170 14.92 37.77 -22.37
C VAL G 170 14.71 38.47 -23.71
N THR G 171 14.99 37.80 -24.83
CA THR G 171 14.84 38.43 -26.14
C THR G 171 13.69 37.88 -26.97
N LYS G 172 13.37 36.59 -26.90
CA LYS G 172 12.33 36.04 -27.78
C LYS G 172 11.23 35.33 -27.01
N LEU G 173 11.60 34.55 -25.99
CA LEU G 173 10.64 33.63 -25.37
C LEU G 173 9.53 34.39 -24.62
N GLN G 174 9.89 35.49 -23.97
CA GLN G 174 8.90 36.27 -23.22
C GLN G 174 8.14 37.18 -24.18
N ILE G 175 7.35 36.54 -25.03
CA ILE G 175 6.63 37.20 -26.11
C ILE G 175 5.23 37.57 -25.65
N LEU G 176 4.84 38.81 -25.93
CA LEU G 176 3.47 39.25 -25.67
C LEU G 176 2.74 39.54 -26.98
N ASN G 177 3.25 40.45 -27.81
CA ASN G 177 2.69 40.65 -29.14
C ASN G 177 3.76 40.98 -30.18
N ASP G 178 5.03 41.01 -29.78
CA ASP G 178 6.12 41.37 -30.68
C ASP G 178 7.25 40.36 -30.53
N THR G 179 8.20 40.42 -31.46
CA THR G 179 9.34 39.51 -31.48
C THR G 179 10.53 40.07 -30.71
N TYR G 180 10.30 40.98 -29.77
CA TYR G 180 11.39 41.61 -29.02
C TYR G 180 11.42 41.19 -27.56
N GLY G 181 10.60 40.22 -27.16
CA GLY G 181 10.65 39.71 -25.80
C GLY G 181 10.37 40.78 -24.77
N LEU G 182 11.20 40.84 -23.74
CA LEU G 182 11.06 41.82 -22.68
C LEU G 182 11.43 43.23 -23.12
N ASN G 183 12.06 43.38 -24.28
CA ASN G 183 12.45 44.67 -24.82
C ASN G 183 13.35 45.44 -23.84
N LEU G 184 14.39 44.74 -23.40
CA LEU G 184 15.37 45.37 -22.51
C LEU G 184 16.23 46.35 -23.31
N THR G 185 16.90 47.24 -22.56
CA THR G 185 17.76 48.22 -23.20
C THR G 185 19.00 47.55 -23.79
N TYR G 186 19.65 48.29 -24.69
CA TYR G 186 20.83 47.75 -25.36
C TYR G 186 21.96 47.49 -24.36
N ALA G 187 22.07 48.33 -23.33
CA ALA G 187 23.13 48.14 -22.34
C ALA G 187 22.97 46.81 -21.61
N THR G 188 21.75 46.51 -21.15
CA THR G 188 21.51 45.26 -20.43
C THR G 188 21.77 44.05 -21.33
N LEU G 189 21.27 44.09 -22.56
CA LEU G 189 21.48 42.97 -23.47
C LEU G 189 22.96 42.78 -23.79
N ALA G 190 23.68 43.89 -24.00
CA ALA G 190 25.10 43.80 -24.30
C ALA G 190 25.91 43.26 -23.12
N SER G 191 25.60 43.70 -21.91
CA SER G 191 26.34 43.28 -20.73
C SER G 191 25.87 41.93 -20.21
N MET G 192 24.78 41.39 -20.75
CA MET G 192 24.27 40.09 -20.34
C MET G 192 24.98 38.93 -21.03
N ILE G 193 25.64 39.20 -22.16
CA ILE G 193 26.29 38.16 -22.96
C ILE G 193 27.61 37.84 -22.27
N LYS G 194 27.64 36.70 -21.58
CA LYS G 194 28.85 36.31 -20.86
C LYS G 194 29.93 35.78 -21.79
N TYR G 195 29.56 35.30 -22.97
CA TYR G 195 30.52 34.80 -23.95
C TYR G 195 30.13 35.31 -25.33
N PRO G 196 30.77 36.36 -25.82
CA PRO G 196 30.39 36.91 -27.13
C PRO G 196 30.85 36.07 -28.30
N ARG G 197 30.32 34.86 -28.41
CA ARG G 197 30.65 33.99 -29.55
C ARG G 197 29.53 32.98 -29.73
N SER G 198 29.41 32.47 -30.94
CA SER G 198 28.41 31.48 -31.28
C SER G 198 29.01 30.07 -31.28
N SER G 199 28.13 29.08 -31.34
CA SER G 199 28.59 27.69 -31.38
C SER G 199 29.41 27.41 -32.64
N GLU G 200 28.95 27.93 -33.78
CA GLU G 200 29.69 27.73 -35.02
C GLU G 200 31.07 28.39 -34.97
N SER G 201 31.14 29.60 -34.42
CA SER G 201 32.41 30.30 -34.34
C SER G 201 33.34 29.61 -33.36
N ASP G 202 34.64 29.60 -33.69
CA ASP G 202 35.66 29.01 -32.85
C ASP G 202 36.52 30.11 -32.26
N SER G 203 36.86 29.97 -30.98
CA SER G 203 37.65 30.97 -30.29
C SER G 203 38.37 30.30 -29.12
N SER G 204 39.54 30.84 -28.79
CA SER G 204 40.30 30.39 -27.63
C SER G 204 40.03 31.22 -26.38
N LEU G 205 39.60 32.47 -26.55
CA LEU G 205 39.30 33.30 -25.39
C LEU G 205 38.12 32.76 -24.59
N TRP G 206 37.07 32.32 -25.28
CA TRP G 206 35.86 31.83 -24.63
C TRP G 206 35.64 30.37 -25.01
N LYS G 207 35.45 29.53 -24.00
CA LYS G 207 35.27 28.10 -24.21
C LYS G 207 33.81 27.69 -24.32
N LYS G 208 32.87 28.63 -24.20
CA LYS G 208 31.45 28.33 -24.27
C LYS G 208 30.77 29.32 -25.19
N HIS G 209 29.79 28.83 -25.95
CA HIS G 209 28.99 29.73 -26.77
C HIS G 209 28.00 30.51 -25.90
N GLY G 210 27.78 31.76 -26.29
CA GLY G 210 26.95 32.64 -25.47
C GLY G 210 25.55 32.88 -26.00
N PHE G 211 25.29 32.46 -27.23
CA PHE G 211 23.96 32.65 -27.80
C PHE G 211 23.69 31.56 -28.84
N PHE G 212 22.41 31.30 -29.08
CA PHE G 212 21.99 30.33 -30.07
C PHE G 212 22.09 30.91 -31.48
N LEU G 213 21.88 30.05 -32.46
CA LEU G 213 21.82 30.52 -33.85
C LEU G 213 20.65 31.45 -34.06
N SER G 214 19.50 31.16 -33.44
CA SER G 214 18.31 31.99 -33.59
C SER G 214 18.54 33.42 -33.11
N GLU G 215 19.47 33.63 -32.18
CA GLU G 215 19.78 34.96 -31.68
C GLU G 215 20.93 35.61 -32.43
N LYS G 216 21.48 34.93 -33.44
CA LYS G 216 22.70 35.43 -34.08
C LYS G 216 22.51 36.83 -34.65
N ASP G 217 21.39 37.06 -35.32
CA ASP G 217 21.10 38.42 -35.79
C ASP G 217 20.91 39.38 -34.63
N VAL G 218 20.12 38.97 -33.62
CA VAL G 218 19.80 39.87 -32.51
C VAL G 218 21.07 40.34 -31.83
N VAL G 219 21.96 39.41 -31.48
CA VAL G 219 23.24 39.78 -30.89
C VAL G 219 23.97 40.76 -31.78
N GLN G 220 24.00 40.49 -33.09
CA GLN G 220 24.62 41.42 -34.03
C GLN G 220 24.04 42.81 -33.86
N ASP G 221 22.71 42.91 -33.85
CA ASP G 221 22.07 44.20 -33.64
C ASP G 221 22.58 44.85 -32.37
N ILE G 222 22.62 44.09 -31.27
CA ILE G 222 23.12 44.63 -30.01
C ILE G 222 24.52 45.19 -30.19
N TRP G 223 25.39 44.41 -30.84
CA TRP G 223 26.76 44.88 -31.06
C TRP G 223 26.74 46.18 -31.85
N ASN G 224 25.92 46.24 -32.90
CA ASN G 224 25.89 47.42 -33.76
C ASN G 224 25.45 48.66 -32.97
N ASN G 225 24.74 48.45 -31.86
CA ASN G 225 24.26 49.57 -31.06
C ASN G 225 25.07 49.79 -29.80
N THR G 226 26.18 49.06 -29.61
CA THR G 226 26.97 49.22 -28.40
C THR G 226 28.47 49.34 -28.66
N GLY G 227 28.91 49.27 -29.91
CA GLY G 227 30.33 49.34 -30.21
C GLY G 227 31.09 48.06 -29.93
N LEU G 228 30.40 47.00 -29.50
CA LEU G 228 31.05 45.73 -29.24
C LEU G 228 31.19 44.93 -30.53
N SER G 229 31.76 43.74 -30.42
CA SER G 229 31.92 42.85 -31.57
C SER G 229 32.09 41.43 -31.03
N GLU G 230 32.29 40.49 -31.94
CA GLU G 230 32.47 39.10 -31.56
C GLU G 230 33.73 38.93 -30.73
N GLY G 231 33.61 38.22 -29.60
CA GLY G 231 34.74 37.98 -28.73
C GLY G 231 35.08 39.12 -27.80
N VAL G 232 34.31 40.19 -27.79
CA VAL G 232 34.56 41.36 -26.95
C VAL G 232 33.43 41.49 -25.96
N ARG G 233 33.74 41.50 -24.67
CA ARG G 233 32.75 41.55 -23.63
C ARG G 233 32.47 43.00 -23.22
N HIS G 234 31.22 43.25 -22.82
CA HIS G 234 30.90 44.52 -22.19
C HIS G 234 31.66 44.63 -20.88
N PRO G 235 32.15 45.82 -20.51
CA PRO G 235 32.94 45.94 -19.28
C PRO G 235 32.21 45.48 -18.03
N PHE G 236 30.88 45.69 -17.96
CA PHE G 236 30.12 45.27 -16.80
C PHE G 236 29.88 43.77 -16.75
N THR G 237 30.07 43.06 -17.86
CA THR G 237 29.98 41.61 -17.84
C THR G 237 31.06 41.01 -16.94
N TYR G 238 32.26 41.60 -16.94
CA TYR G 238 33.31 41.12 -16.05
C TYR G 238 32.91 41.33 -14.58
N ILE G 239 32.31 42.46 -14.27
CA ILE G 239 31.85 42.71 -12.90
C ILE G 239 30.79 41.70 -12.51
N MET G 240 29.84 41.45 -13.39
CA MET G 240 28.78 40.48 -13.08
C MET G 240 29.36 39.09 -12.89
N GLU G 241 30.31 38.69 -13.74
CA GLU G 241 30.92 37.37 -13.61
C GLU G 241 31.71 37.25 -12.31
N ALA G 242 32.44 38.31 -11.94
CA ALA G 242 33.17 38.29 -10.67
C ALA G 242 32.22 38.19 -9.48
N CYS G 243 31.11 38.94 -9.52
CA CYS G 243 30.13 38.86 -8.46
C CYS G 243 29.51 37.47 -8.38
N ASP G 244 29.20 36.88 -9.53
CA ASP G 244 28.67 35.52 -9.59
C ASP G 244 29.64 34.54 -8.94
N ASP G 245 30.91 34.61 -9.35
CA ASP G 245 31.91 33.69 -8.82
C ASP G 245 32.05 33.84 -7.32
N ILE G 246 32.21 35.08 -6.86
CA ILE G 246 32.36 35.33 -5.42
C ILE G 246 31.16 34.78 -4.66
N ALA G 247 29.96 35.12 -5.12
CA ALA G 247 28.74 34.76 -4.44
C ALA G 247 28.60 33.25 -4.34
N TYR G 248 28.69 32.53 -5.45
CA TYR G 248 28.46 31.10 -5.35
C TYR G 248 29.61 30.40 -4.62
N SER G 249 30.84 30.87 -4.82
CA SER G 249 31.99 30.24 -4.16
C SER G 249 31.88 30.35 -2.65
N VAL G 250 31.45 31.50 -2.13
CA VAL G 250 31.33 31.66 -0.68
C VAL G 250 30.07 30.99 -0.16
N LEU G 251 28.94 31.21 -0.82
CA LEU G 251 27.66 30.76 -0.27
C LEU G 251 27.47 29.26 -0.41
N ASP G 252 28.09 28.62 -1.42
CA ASP G 252 28.06 27.17 -1.48
C ASP G 252 28.85 26.56 -0.33
N ALA G 253 29.98 27.16 0.05
CA ALA G 253 30.70 26.71 1.23
C ALA G 253 29.85 26.89 2.48
N GLU G 254 29.14 28.01 2.57
CA GLU G 254 28.24 28.21 3.70
C GLU G 254 27.18 27.13 3.76
N ASP G 255 26.58 26.80 2.60
CA ASP G 255 25.55 25.76 2.56
C ASP G 255 26.13 24.40 2.91
N ILE G 256 27.36 24.12 2.45
CA ILE G 256 28.01 22.85 2.76
C ILE G 256 28.19 22.70 4.26
N ILE G 257 28.72 23.74 4.91
CA ILE G 257 28.97 23.65 6.34
C ILE G 257 27.67 23.62 7.13
N LYS G 258 26.67 24.38 6.69
CA LYS G 258 25.37 24.34 7.35
C LYS G 258 24.73 22.96 7.24
N LYS G 259 24.83 22.33 6.08
CA LYS G 259 24.26 21.00 5.89
C LYS G 259 24.95 19.95 6.74
N GLY G 260 26.18 20.19 7.18
CA GLY G 260 26.93 19.22 7.95
C GLY G 260 27.91 18.40 7.15
N PHE G 261 28.07 18.67 5.85
CA PHE G 261 29.05 17.95 5.04
C PHE G 261 30.47 18.34 5.41
N ALA G 262 30.67 19.46 6.08
CA ALA G 262 31.99 19.90 6.50
C ALA G 262 31.82 20.85 7.67
N SER G 263 32.95 21.20 8.30
CA SER G 263 32.96 22.07 9.46
C SER G 263 33.70 23.36 9.13
N PHE G 264 33.53 24.36 10.00
CA PHE G 264 34.22 25.62 9.82
C PHE G 264 35.73 25.44 9.91
N HIS G 265 36.19 24.63 10.87
CA HIS G 265 37.61 24.33 10.95
C HIS G 265 38.10 23.59 9.72
N ASP G 266 37.24 22.77 9.10
CA ASP G 266 37.62 22.11 7.87
C ASP G 266 37.92 23.12 6.77
N LEU G 267 37.05 24.10 6.59
CA LEU G 267 37.28 25.13 5.58
C LEU G 267 38.51 25.97 5.91
N ILE G 268 38.68 26.31 7.19
CA ILE G 268 39.84 27.10 7.59
C ILE G 268 41.13 26.35 7.29
N ASP G 269 41.16 25.06 7.62
CA ASP G 269 42.36 24.26 7.35
C ASP G 269 42.57 24.06 5.85
N PHE G 270 41.49 23.96 5.08
CA PHE G 270 41.63 23.85 3.64
C PHE G 270 42.24 25.10 3.05
N ILE G 271 41.77 26.28 3.48
CA ILE G 271 42.34 27.52 2.98
C ILE G 271 43.79 27.69 3.43
N GLN G 272 44.08 27.34 4.69
CA GLN G 272 45.44 27.49 5.20
C GLN G 272 46.41 26.55 4.51
N SER G 273 46.00 25.32 4.22
CA SER G 273 46.87 24.31 3.65
C SER G 273 46.95 24.38 2.13
N ASN G 274 46.13 25.21 1.49
CA ASN G 274 46.21 25.36 0.04
C ASN G 274 47.54 26.00 -0.33
N GLN G 275 48.21 25.42 -1.33
CA GLN G 275 49.53 25.89 -1.72
C GLN G 275 49.50 27.30 -2.30
N PHE G 276 48.35 27.76 -2.79
CA PHE G 276 48.23 29.11 -3.32
C PHE G 276 47.79 30.11 -2.26
N CYS G 277 46.94 29.69 -1.33
CA CYS G 277 46.49 30.56 -0.25
C CYS G 277 47.38 30.52 0.97
N LYS G 278 48.47 29.75 0.93
CA LYS G 278 49.38 29.69 2.07
C LYS G 278 50.05 31.03 2.33
N GLU G 279 50.34 31.78 1.27
CA GLU G 279 50.98 33.09 1.40
C GLU G 279 50.13 34.23 0.84
N ASP G 280 48.91 33.96 0.38
CA ASP G 280 48.06 35.00 -0.17
C ASP G 280 47.60 35.94 0.93
N ASP G 281 47.85 37.24 0.75
CA ASP G 281 47.57 38.21 1.81
C ASP G 281 46.08 38.28 2.13
N VAL G 282 45.22 38.25 1.10
CA VAL G 282 43.78 38.32 1.33
C VAL G 282 43.31 37.12 2.12
N ALA G 283 43.76 35.92 1.74
CA ALA G 283 43.38 34.72 2.48
C ALA G 283 43.90 34.77 3.91
N LYS G 284 45.13 35.27 4.11
CA LYS G 284 45.67 35.37 5.46
C LYS G 284 44.84 36.33 6.31
N ARG G 285 44.45 37.47 5.75
CA ARG G 285 43.62 38.42 6.49
C ARG G 285 42.27 37.82 6.85
N VAL G 286 41.64 37.15 5.88
CA VAL G 286 40.33 36.55 6.14
C VAL G 286 40.44 35.48 7.22
N ILE G 287 41.46 34.63 7.13
CA ILE G 287 41.64 33.57 8.13
C ILE G 287 41.91 34.18 9.51
N GLU G 288 42.73 35.22 9.57
CA GLU G 288 43.03 35.84 10.86
C GLU G 288 41.79 36.44 11.49
N ASN G 289 40.99 37.16 10.70
CA ASN G 289 39.76 37.75 11.25
C ASN G 289 38.78 36.68 11.69
N CYS G 290 38.63 35.62 10.88
CA CYS G 290 37.71 34.54 11.24
C CYS G 290 38.17 33.83 12.50
N LYS G 291 39.48 33.59 12.65
CA LYS G 291 40.00 32.97 13.85
C LYS G 291 39.77 33.85 15.07
N LYS G 292 39.98 35.16 14.91
CA LYS G 292 39.76 36.08 16.02
C LYS G 292 38.30 36.07 16.47
N ILE G 293 37.37 36.07 15.52
CA ILE G 293 35.96 36.04 15.91
C ILE G 293 35.56 34.67 16.44
N HIS G 294 36.17 33.59 15.95
CA HIS G 294 35.81 32.26 16.39
C HIS G 294 36.31 32.00 17.81
N ALA G 295 37.45 32.59 18.17
CA ALA G 295 37.92 32.48 19.55
C ALA G 295 36.91 33.10 20.51
N ASP G 296 36.34 34.24 20.15
CA ASP G 296 35.31 34.86 20.98
C ASP G 296 34.03 34.04 20.99
N TYR G 297 33.64 33.49 19.83
CA TYR G 297 32.40 32.73 19.76
C TYR G 297 32.49 31.42 20.54
N ALA G 298 33.67 30.80 20.60
CA ALA G 298 33.81 29.51 21.26
C ALA G 298 33.56 29.59 22.75
N GLN G 299 33.71 30.77 23.36
CA GLN G 299 33.49 30.89 24.80
C GLN G 299 32.03 30.68 25.18
N GLN G 300 31.12 30.97 24.26
CA GLN G 300 29.69 30.77 24.54
C GLN G 300 29.36 29.29 24.59
N LYS G 301 28.27 28.99 25.29
CA LYS G 301 27.77 27.62 25.42
C LYS G 301 26.91 27.30 24.20
N LEU G 302 27.55 26.75 23.17
CA LEU G 302 26.88 26.43 21.91
C LEU G 302 27.19 25.00 21.51
N SER G 303 26.26 24.41 20.77
CA SER G 303 26.53 23.13 20.13
C SER G 303 27.51 23.33 18.98
N PRO G 304 28.22 22.28 18.58
CA PRO G 304 29.19 22.45 17.46
C PRO G 304 28.56 22.97 16.19
N ALA G 305 27.34 22.55 15.86
CA ALA G 305 26.70 23.04 14.64
C ALA G 305 26.43 24.53 14.72
N GLU G 306 25.91 25.00 15.86
CA GLU G 306 25.67 26.42 16.02
C GLU G 306 26.97 27.20 15.95
N LEU G 307 28.03 26.69 16.57
CA LEU G 307 29.32 27.37 16.51
C LEU G 307 29.81 27.47 15.07
N ASN G 308 29.64 26.39 14.29
CA ASN G 308 30.04 26.41 12.89
C ASN G 308 29.27 27.46 12.10
N ASP G 309 27.94 27.50 12.26
CA ASP G 309 27.15 28.49 11.52
C ASP G 309 27.51 29.91 11.93
N MET G 310 27.66 30.15 13.24
CA MET G 310 28.04 31.49 13.70
C MET G 310 29.39 31.92 13.16
N SER G 311 30.38 31.02 13.19
CA SER G 311 31.70 31.37 12.66
C SER G 311 31.65 31.62 11.16
N MET G 312 30.87 30.81 10.43
CA MET G 312 30.87 31.01 8.99
C MET G 312 30.02 32.18 8.54
N GLN G 313 29.12 32.69 9.37
CA GLN G 313 28.50 33.98 9.02
C GLN G 313 29.53 35.09 8.99
N MET G 314 30.42 35.13 9.99
CA MET G 314 31.51 36.10 9.96
C MET G 314 32.49 35.81 8.84
N PHE G 315 32.71 34.52 8.52
CA PHE G 315 33.52 34.20 7.36
C PHE G 315 32.88 34.75 6.09
N ARG G 316 31.56 34.62 5.94
CA ARG G 316 30.85 35.22 4.83
C ARG G 316 31.14 36.71 4.76
N VAL G 317 30.94 37.42 5.88
CA VAL G 317 31.11 38.86 5.88
C VAL G 317 32.52 39.25 5.43
N TYR G 318 33.53 38.63 6.07
CA TYR G 318 34.90 39.02 5.78
C TYR G 318 35.31 38.66 4.36
N ALA G 319 35.01 37.43 3.92
CA ALA G 319 35.41 36.99 2.59
C ALA G 319 34.70 37.80 1.52
N ILE G 320 33.40 38.06 1.68
CA ILE G 320 32.68 38.84 0.70
C ILE G 320 33.24 40.25 0.62
N ALA G 321 33.49 40.88 1.76
CA ALA G 321 34.04 42.24 1.75
C ALA G 321 35.40 42.27 1.06
N GLU G 322 36.29 41.35 1.42
CA GLU G 322 37.63 41.35 0.84
C GLU G 322 37.60 41.08 -0.67
N LEU G 323 36.81 40.09 -1.09
CA LEU G 323 36.74 39.76 -2.51
C LEU G 323 36.11 40.89 -3.31
N VAL G 324 35.06 41.52 -2.78
CA VAL G 324 34.44 42.63 -3.49
C VAL G 324 35.41 43.80 -3.62
N ASP G 325 36.14 44.10 -2.55
CA ASP G 325 37.12 45.19 -2.62
C ASP G 325 38.20 44.88 -3.64
N ALA G 326 38.70 43.64 -3.64
CA ALA G 326 39.73 43.26 -4.60
C ALA G 326 39.22 43.36 -6.03
N VAL G 327 37.97 42.93 -6.26
CA VAL G 327 37.40 43.00 -7.61
C VAL G 327 37.25 44.45 -8.05
N VAL G 328 36.79 45.32 -7.15
CA VAL G 328 36.64 46.73 -7.49
C VAL G 328 38.00 47.35 -7.82
N ILE G 329 39.02 47.03 -7.02
CA ILE G 329 40.36 47.56 -7.28
C ILE G 329 40.88 47.08 -8.63
N ALA G 330 40.68 45.79 -8.92
CA ALA G 330 41.14 45.25 -10.20
C ALA G 330 40.42 45.90 -11.38
N PHE G 331 39.11 46.12 -11.24
CA PHE G 331 38.37 46.78 -12.31
C PHE G 331 38.86 48.21 -12.52
N LYS G 332 39.08 48.95 -11.43
CA LYS G 332 39.54 50.32 -11.56
C LYS G 332 40.94 50.39 -12.17
N ASP G 333 41.81 49.46 -11.80
CA ASP G 333 43.18 49.48 -12.34
C ASP G 333 43.21 49.13 -13.81
N ASN G 334 42.42 48.13 -14.24
CA ASN G 334 42.44 47.65 -15.61
C ASN G 334 41.28 48.21 -16.44
N ILE G 335 40.75 49.38 -16.08
CA ILE G 335 39.59 49.92 -16.78
C ILE G 335 39.95 50.23 -18.23
N ASN G 336 41.17 50.70 -18.49
CA ASN G 336 41.57 50.97 -19.86
C ASN G 336 41.65 49.69 -20.67
N GLU G 337 42.13 48.60 -20.06
CA GLU G 337 42.20 47.33 -20.76
C GLU G 337 40.81 46.81 -21.10
N PHE G 338 39.85 46.97 -20.18
CA PHE G 338 38.49 46.51 -20.45
C PHE G 338 37.81 47.33 -21.53
N LEU G 339 38.14 48.62 -21.63
CA LEU G 339 37.55 49.48 -22.64
C LEU G 339 38.19 49.32 -24.01
N ASN G 340 39.26 48.53 -24.11
CA ASN G 340 39.91 48.31 -25.40
C ASN G 340 39.02 47.44 -26.29
N ASP G 341 39.07 47.71 -27.59
CA ASP G 341 38.28 46.95 -28.56
C ASP G 341 38.77 45.52 -28.71
N THR G 342 39.95 45.19 -28.20
CA THR G 342 40.53 43.85 -28.31
C THR G 342 40.94 43.34 -26.94
N CYS G 343 40.04 43.46 -25.97
CA CYS G 343 40.34 43.02 -24.61
C CYS G 343 40.51 41.50 -24.57
N GLU G 344 41.52 41.06 -23.83
CA GLU G 344 41.83 39.63 -23.70
C GLU G 344 41.71 39.13 -22.27
N ILE G 345 41.13 39.91 -21.36
CA ILE G 345 41.02 39.47 -19.97
C ILE G 345 40.02 38.33 -19.88
N LYS G 346 40.43 37.24 -19.24
CA LYS G 346 39.53 36.10 -19.08
C LYS G 346 38.47 36.37 -18.02
N ASP G 347 38.87 36.94 -16.89
CA ASP G 347 37.93 37.22 -15.81
C ASP G 347 38.52 38.29 -14.90
N LEU G 348 37.62 38.97 -14.17
CA LEU G 348 38.06 40.02 -13.26
C LEU G 348 38.72 39.45 -12.01
N ILE G 349 38.29 38.26 -11.58
CA ILE G 349 38.84 37.67 -10.36
C ILE G 349 40.32 37.36 -10.52
N SER G 350 40.70 36.81 -11.69
CA SER G 350 42.09 36.44 -11.91
C SER G 350 43.02 37.65 -11.87
N CYS G 351 42.53 38.81 -12.28
CA CYS G 351 43.34 40.03 -12.23
C CYS G 351 43.34 40.69 -10.86
N SER G 352 42.56 40.18 -9.91
CA SER G 352 42.47 40.75 -8.59
C SER G 352 43.34 39.96 -7.60
N SER G 353 43.44 40.47 -6.37
CA SER G 353 44.19 39.78 -5.33
C SER G 353 43.39 38.68 -4.66
N GLY G 354 42.10 38.55 -4.95
CA GLY G 354 41.28 37.51 -4.37
C GLY G 354 41.19 36.28 -5.25
N LYS G 355 42.12 36.17 -6.21
CA LYS G 355 42.11 35.04 -7.13
C LYS G 355 42.32 33.72 -6.38
N ASN G 356 43.36 33.66 -5.56
CA ASN G 356 43.69 32.40 -4.87
C ASN G 356 42.59 31.99 -3.90
N LEU G 357 42.04 32.95 -3.15
CA LEU G 357 40.98 32.62 -2.21
C LEU G 357 39.74 32.09 -2.93
N CYS G 358 39.37 32.72 -4.04
CA CYS G 358 38.21 32.25 -4.80
C CYS G 358 38.46 30.86 -5.37
N GLN G 359 39.66 30.62 -5.90
CA GLN G 359 39.98 29.29 -6.44
C GLN G 359 39.93 28.23 -5.35
N ALA G 360 40.47 28.54 -4.17
CA ALA G 360 40.44 27.59 -3.06
C ALA G 360 39.02 27.33 -2.61
N LEU G 361 38.19 28.37 -2.55
CA LEU G 361 36.79 28.18 -2.17
C LEU G 361 36.07 27.30 -3.18
N LYS G 362 36.33 27.50 -4.48
CA LYS G 362 35.70 26.67 -5.50
C LYS G 362 36.16 25.22 -5.38
N LYS G 363 37.45 25.01 -5.12
CA LYS G 363 37.94 23.64 -4.93
C LYS G 363 37.31 22.99 -3.71
N PHE G 364 37.14 23.75 -2.62
CA PHE G 364 36.48 23.21 -1.44
C PHE G 364 35.03 22.85 -1.74
N ASP G 365 34.33 23.71 -2.47
CA ASP G 365 32.95 23.42 -2.83
C ASP G 365 32.85 22.19 -3.72
N SER G 366 33.83 22.00 -4.62
CA SER G 366 33.82 20.81 -5.46
C SER G 366 34.09 19.55 -4.63
N SER G 367 35.08 19.61 -3.73
CA SER G 367 35.48 18.42 -3.00
C SER G 367 34.42 18.00 -1.99
N ARG G 368 33.95 18.94 -1.17
CA ARG G 368 33.00 18.59 -0.11
C ARG G 368 31.54 18.81 -0.50
N GLY G 369 31.29 19.31 -1.70
CA GLY G 369 29.95 19.62 -2.15
C GLY G 369 29.47 18.73 -3.27
N TYR G 370 29.64 19.22 -4.49
CA TYR G 370 29.15 18.58 -5.72
C TYR G 370 29.40 17.08 -5.73
N GLN G 371 30.52 16.64 -5.15
CA GLN G 371 30.90 15.24 -5.15
C GLN G 371 30.44 14.49 -3.90
N HIS G 372 29.48 15.02 -3.17
CA HIS G 372 28.93 14.30 -2.03
C HIS G 372 28.02 13.17 -2.51
N ARG G 373 27.90 12.14 -1.68
CA ARG G 373 27.13 10.95 -2.08
C ARG G 373 25.67 11.29 -2.35
N SER G 374 25.04 12.03 -1.44
CA SER G 374 23.64 12.41 -1.62
C SER G 374 23.47 13.29 -2.85
N VAL G 375 24.40 14.23 -3.06
CA VAL G 375 24.32 15.10 -4.22
C VAL G 375 24.45 14.29 -5.51
N LEU G 376 25.38 13.32 -5.54
CA LEU G 376 25.55 12.49 -6.73
C LEU G 376 24.32 11.65 -7.00
N LYS G 377 23.72 11.06 -5.95
CA LYS G 377 22.52 10.27 -6.16
C LYS G 377 21.36 11.12 -6.65
N LEU G 378 21.18 12.31 -6.08
CA LEU G 378 20.13 13.21 -6.53
C LEU G 378 20.38 13.65 -7.97
N GLU G 379 21.64 13.86 -8.34
CA GLU G 379 21.96 14.26 -9.70
C GLU G 379 21.68 13.14 -10.69
N LEU G 380 21.96 11.89 -10.31
CA LEU G 380 21.62 10.77 -11.19
C LEU G 380 20.11 10.66 -11.35
N GLU G 381 19.36 10.82 -10.25
CA GLU G 381 17.91 10.80 -10.35
C GLU G 381 17.40 11.90 -11.26
N GLY G 382 17.96 13.11 -11.11
CA GLY G 382 17.54 14.21 -11.95
C GLY G 382 17.88 14.00 -13.41
N SER G 383 19.04 13.38 -13.68
CA SER G 383 19.40 13.05 -15.05
C SER G 383 18.41 12.06 -15.66
N ASN G 384 18.04 11.02 -14.88
CA ASN G 384 17.04 10.08 -15.37
C ASN G 384 15.72 10.77 -15.64
N TYR G 385 15.28 11.63 -14.72
CA TYR G 385 14.02 12.34 -14.90
C TYR G 385 14.05 13.23 -16.15
N ILE G 386 15.14 13.98 -16.32
CA ILE G 386 15.26 14.89 -17.45
C ILE G 386 15.26 14.12 -18.76
N LYS G 387 16.05 13.05 -18.83
CA LYS G 387 16.13 12.29 -20.07
C LYS G 387 14.80 11.62 -20.40
N GLY G 388 14.10 11.10 -19.39
CA GLY G 388 12.78 10.53 -19.65
C GLY G 388 11.78 11.57 -20.13
N LEU G 389 11.80 12.75 -19.51
CA LEU G 389 10.88 13.82 -19.94
C LEU G 389 11.19 14.26 -21.36
N MET G 390 12.47 14.41 -21.70
CA MET G 390 12.81 14.79 -23.07
C MET G 390 12.42 13.70 -24.06
N ASP G 391 12.58 12.43 -23.68
CA ASP G 391 12.14 11.35 -24.54
C ASP G 391 10.64 11.40 -24.80
N MET G 392 9.86 11.68 -23.75
CA MET G 392 8.41 11.74 -23.94
C MET G 392 8.00 12.97 -24.74
N LEU G 393 8.67 14.10 -24.54
CA LEU G 393 8.33 15.30 -25.29
C LEU G 393 8.69 15.17 -26.76
N TRP G 394 9.81 14.51 -27.05
CA TRP G 394 10.25 14.35 -28.44
C TRP G 394 9.22 13.61 -29.27
N LEU G 395 8.43 12.74 -28.65
CA LEU G 395 7.38 12.05 -29.38
C LEU G 395 6.33 13.02 -29.92
N GLY G 396 6.12 14.14 -29.24
CA GLY G 396 5.16 15.13 -29.69
C GLY G 396 5.79 16.29 -30.44
N ILE G 397 7.10 16.46 -30.33
CA ILE G 397 7.80 17.56 -30.98
C ILE G 397 8.43 17.14 -32.30
N LYS G 398 9.08 15.97 -32.34
CA LYS G 398 9.82 15.56 -33.52
C LYS G 398 8.90 15.41 -34.72
N GLY G 399 9.33 15.97 -35.85
CA GLY G 399 8.60 15.86 -37.10
C GLY G 399 7.53 16.90 -37.30
N ARG G 400 7.24 17.74 -36.30
CA ARG G 400 6.19 18.73 -36.44
C ARG G 400 6.57 19.81 -37.43
N ALA G 401 7.83 20.20 -37.48
CA ALA G 401 8.28 21.25 -38.39
C ALA G 401 8.77 20.70 -39.72
N THR G 402 9.44 19.55 -39.71
CA THR G 402 9.92 18.95 -40.96
C THR G 402 8.75 18.52 -41.84
N GLY G 403 7.71 17.93 -41.25
CA GLY G 403 6.56 17.49 -42.01
C GLY G 403 6.17 16.06 -41.76
N ASP G 404 7.08 15.27 -41.18
CA ASP G 404 6.78 13.88 -40.89
C ASP G 404 5.72 13.79 -39.80
N THR G 405 4.65 13.05 -40.07
CA THR G 405 3.51 12.97 -39.15
C THR G 405 3.65 11.81 -38.18
N GLN G 406 4.77 11.75 -37.47
CA GLN G 406 4.93 10.79 -36.39
C GLN G 406 4.39 11.32 -35.06
N TYR G 407 4.02 12.59 -35.00
CA TYR G 407 3.49 13.23 -33.80
C TYR G 407 1.98 13.12 -33.70
N ASP G 408 1.31 12.52 -34.69
CA ASP G 408 -0.14 12.54 -34.76
C ASP G 408 -0.80 11.58 -33.77
N THR G 409 -0.02 10.80 -33.04
CA THR G 409 -0.60 9.92 -32.03
C THR G 409 -1.25 10.75 -30.93
N PRO G 410 -2.28 10.22 -30.27
CA PRO G 410 -2.95 10.99 -29.20
C PRO G 410 -2.01 11.43 -28.10
N PHE G 411 -1.06 10.57 -27.71
CA PHE G 411 -0.07 10.98 -26.72
C PHE G 411 0.77 12.12 -27.24
N GLY G 412 1.16 12.06 -28.52
CA GLY G 412 1.95 13.13 -29.10
C GLY G 412 1.21 14.46 -29.09
N ARG G 413 -0.06 14.46 -29.50
CA ARG G 413 -0.84 15.69 -29.51
C ARG G 413 -1.03 16.23 -28.10
N TYR G 414 -1.34 15.36 -27.14
CA TYR G 414 -1.53 15.82 -25.77
C TYR G 414 -0.22 16.39 -25.20
N VAL G 415 0.89 15.70 -25.43
CA VAL G 415 2.16 16.14 -24.87
C VAL G 415 2.63 17.42 -25.54
N TYR G 416 2.26 17.63 -26.81
CA TYR G 416 2.51 18.93 -27.43
C TYR G 416 1.63 20.00 -26.80
N GLY G 417 0.41 19.64 -26.41
CA GLY G 417 -0.45 20.58 -25.70
C GLY G 417 0.04 20.95 -24.32
N ARG G 418 0.90 20.12 -23.71
CA ARG G 418 1.41 20.39 -22.38
C ARG G 418 2.63 21.31 -22.39
N ILE G 419 3.18 21.61 -23.57
CA ILE G 419 4.32 22.52 -23.65
C ILE G 419 3.83 23.96 -23.49
N SER G 420 4.76 24.84 -23.12
CA SER G 420 4.43 26.25 -22.92
C SER G 420 3.83 26.85 -24.17
N GLU G 421 2.78 27.65 -23.99
CA GLU G 421 2.09 28.24 -25.12
C GLU G 421 2.96 29.26 -25.85
N ASN G 422 3.66 30.12 -25.11
CA ASN G 422 4.54 31.09 -25.75
C ASN G 422 5.71 30.41 -26.43
N TYR G 423 6.22 29.33 -25.84
CA TYR G 423 7.30 28.57 -26.46
C TYR G 423 6.83 27.99 -27.79
N ARG G 424 5.60 27.46 -27.83
CA ARG G 424 5.06 26.94 -29.08
C ARG G 424 4.79 28.04 -30.08
N ARG G 425 4.37 29.22 -29.62
CA ARG G 425 4.18 30.35 -30.52
C ARG G 425 5.49 30.74 -31.19
N ILE G 426 6.58 30.77 -30.42
CA ILE G 426 7.89 31.03 -31.00
C ILE G 426 8.29 29.91 -31.95
N PHE G 427 7.99 28.67 -31.59
CA PHE G 427 8.28 27.53 -32.46
C PHE G 427 7.47 27.58 -33.74
N GLU G 428 6.24 28.08 -33.68
CA GLU G 428 5.37 28.13 -34.85
C GLU G 428 5.60 29.36 -35.70
N GLN G 429 6.52 30.24 -35.32
CA GLN G 429 6.82 31.42 -36.12
C GLN G 429 7.51 31.02 -37.42
N GLU G 430 7.45 31.93 -38.39
CA GLU G 430 8.03 31.70 -39.72
C GLU G 430 9.33 32.48 -39.82
N ASN G 431 10.45 31.78 -39.65
CA ASN G 431 11.78 32.35 -39.77
C ASN G 431 12.61 31.48 -40.71
N ASN G 432 13.90 31.79 -40.79
CA ASN G 432 14.83 31.09 -41.67
C ASN G 432 15.52 29.91 -41.00
N LEU G 433 15.16 29.60 -39.75
CA LEU G 433 15.80 28.49 -39.06
C LEU G 433 15.38 27.17 -39.69
N PRO G 434 16.30 26.20 -39.77
CA PRO G 434 15.92 24.87 -40.26
C PRO G 434 14.93 24.20 -39.31
N ALA G 435 14.08 23.34 -39.89
CA ALA G 435 12.99 22.75 -39.12
C ALA G 435 13.48 21.92 -37.95
N CYS G 436 14.50 21.09 -38.18
CA CYS G 436 15.05 20.27 -37.10
C CYS G 436 15.60 21.15 -35.99
N TYR G 437 16.29 22.23 -36.35
CA TYR G 437 16.75 23.18 -35.34
C TYR G 437 15.58 23.78 -34.58
N LYS G 438 14.48 24.10 -35.27
CA LYS G 438 13.33 24.69 -34.61
C LYS G 438 12.73 23.74 -33.57
N GLU G 439 12.56 22.47 -33.93
CA GLU G 439 11.97 21.54 -32.97
C GLU G 439 12.93 21.21 -31.83
N ALA G 440 14.23 21.10 -32.12
CA ALA G 440 15.21 20.90 -31.05
C ALA G 440 15.22 22.10 -30.10
N GLN G 441 15.11 23.32 -30.65
CA GLN G 441 15.05 24.50 -29.82
C GLN G 441 13.79 24.53 -28.97
N LEU G 442 12.66 24.10 -29.54
CA LEU G 442 11.43 24.01 -28.76
C LEU G 442 11.60 23.07 -27.59
N LEU G 443 12.18 21.90 -27.82
CA LEU G 443 12.42 20.96 -26.74
C LEU G 443 13.36 21.53 -25.69
N ALA G 444 14.43 22.20 -26.14
CA ALA G 444 15.38 22.77 -25.21
C ALA G 444 14.73 23.85 -24.34
N ASP G 445 13.93 24.72 -24.96
CA ASP G 445 13.22 25.75 -24.20
C ASP G 445 12.27 25.13 -23.18
N ALA G 446 11.51 24.13 -23.62
CA ALA G 446 10.55 23.50 -22.72
C ALA G 446 11.23 22.88 -21.53
N ILE G 447 12.32 22.14 -21.76
CA ILE G 447 12.99 21.45 -20.65
C ILE G 447 13.71 22.45 -19.75
N SER G 448 14.43 23.41 -20.34
CA SER G 448 15.21 24.35 -19.54
C SER G 448 14.36 25.36 -18.79
N GLY G 449 13.11 25.57 -19.20
CA GLY G 449 12.24 26.47 -18.48
C GLY G 449 11.57 25.88 -17.26
N MET G 450 11.73 24.59 -17.01
CA MET G 450 11.02 23.90 -15.94
C MET G 450 11.79 23.96 -14.64
N THR G 451 11.06 24.01 -13.54
CA THR G 451 11.64 23.83 -12.22
C THR G 451 11.80 22.34 -11.92
N ASP G 452 12.48 22.03 -10.82
CA ASP G 452 12.70 20.63 -10.45
C ASP G 452 11.38 19.93 -10.15
N SER G 453 10.58 20.51 -9.26
CA SER G 453 9.32 19.87 -8.86
C SER G 453 8.37 19.75 -10.04
N TYR G 454 8.28 20.79 -10.87
CA TYR G 454 7.45 20.72 -12.07
C TYR G 454 7.94 19.61 -13.00
N LEU G 455 9.26 19.47 -13.15
CA LEU G 455 9.79 18.41 -13.98
C LEU G 455 9.43 17.04 -13.44
N ILE G 456 9.55 16.83 -12.12
CA ILE G 456 9.20 15.53 -11.54
C ILE G 456 7.72 15.23 -11.75
N ALA G 457 6.87 16.22 -11.47
CA ALA G 457 5.43 16.00 -11.60
C ALA G 457 5.04 15.71 -13.04
N LEU G 458 5.57 16.48 -13.98
CA LEU G 458 5.25 16.24 -15.39
C LEU G 458 5.79 14.90 -15.86
N HIS G 459 6.99 14.53 -15.42
CA HIS G 459 7.54 13.23 -15.79
C HIS G 459 6.67 12.09 -15.30
N ASP G 460 6.24 12.17 -14.03
CA ASP G 460 5.38 11.10 -13.50
C ASP G 460 4.05 11.05 -14.22
N GLU G 461 3.43 12.21 -14.46
CA GLU G 461 2.13 12.23 -15.14
C GLU G 461 2.23 11.70 -16.55
N LEU G 462 3.27 12.11 -17.30
CA LEU G 462 3.43 11.64 -18.66
C LEU G 462 3.80 10.17 -18.73
N ARG G 463 4.57 9.68 -17.76
CA ARG G 463 4.86 8.25 -17.70
C ARG G 463 3.60 7.45 -17.43
N ALA G 464 2.73 7.96 -16.56
CA ALA G 464 1.45 7.31 -16.33
C ALA G 464 0.60 7.30 -17.59
N LEU G 465 0.58 8.42 -18.31
CA LEU G 465 -0.22 8.53 -19.54
C LEU G 465 0.40 7.82 -20.73
N HIS G 466 1.66 7.40 -20.63
CA HIS G 466 2.37 6.78 -21.75
C HIS G 466 2.33 5.26 -21.72
N GLN G 467 1.59 4.66 -20.78
CA GLN G 467 1.64 3.21 -20.61
C GLN G 467 1.12 2.46 -21.83
N TYR G 468 0.09 2.99 -22.50
CA TYR G 468 -0.47 2.29 -23.65
C TYR G 468 0.47 2.34 -24.86
N GLU G 469 0.88 3.56 -25.25
CA GLU G 469 1.71 3.71 -26.43
C GLU G 469 3.11 3.13 -26.25
N CYS G 470 3.52 2.86 -25.01
CA CYS G 470 4.77 2.18 -24.72
C CYS G 470 4.58 0.67 -24.54
N ARG G 471 3.45 0.13 -25.01
CA ARG G 471 3.12 -1.28 -24.87
C ARG G 471 3.13 -1.74 -23.42
N GLY H 1 6.47 70.92 16.93
CA GLY H 1 7.58 70.04 17.21
C GLY H 1 7.78 68.97 16.14
N SER H 2 7.84 69.41 14.89
CA SER H 2 8.02 68.48 13.78
C SER H 2 9.37 67.79 13.86
N MET H 3 9.39 66.50 13.54
CA MET H 3 10.63 65.75 13.55
C MET H 3 11.54 66.20 12.43
N HIS H 4 12.83 65.99 12.61
CA HIS H 4 13.84 66.40 11.64
C HIS H 4 14.39 65.17 10.92
N TRP H 5 14.76 65.37 9.65
CA TRP H 5 15.29 64.27 8.86
C TRP H 5 16.64 63.79 9.37
N ASN H 6 17.36 64.60 10.14
CA ASN H 6 18.61 64.16 10.73
C ASN H 6 18.39 63.00 11.71
N ASP H 7 17.37 63.10 12.54
CA ASP H 7 17.04 62.03 13.49
C ASP H 7 16.36 60.85 12.81
N LEU H 8 15.47 61.12 11.85
CA LEU H 8 14.75 60.05 11.19
C LEU H 8 15.65 59.18 10.33
N LEU H 9 16.73 59.75 9.80
CA LEU H 9 17.70 59.01 9.00
C LEU H 9 18.96 58.68 9.80
N ASN H 10 18.80 58.42 11.09
CA ASN H 10 19.93 58.14 11.96
C ASN H 10 20.58 56.83 11.55
N SER H 11 21.87 56.89 11.21
CA SER H 11 22.62 55.73 10.75
C SER H 11 23.36 55.03 11.88
N ASN H 12 23.21 55.49 13.12
CA ASN H 12 23.84 54.82 14.25
C ASN H 12 23.15 53.49 14.53
N ARG H 13 23.87 52.60 15.21
CA ARG H 13 23.37 51.28 15.55
C ARG H 13 23.24 51.13 17.05
N ARG H 14 22.39 50.20 17.47
CA ARG H 14 22.11 50.03 18.90
C ARG H 14 23.35 49.56 19.65
N LYS H 15 24.12 48.66 19.07
CA LYS H 15 25.31 48.15 19.73
C LYS H 15 26.35 49.26 19.87
N PRO H 16 26.90 49.48 21.07
CA PRO H 16 27.92 50.50 21.32
C PRO H 16 29.18 50.31 20.48
N THR H 27 35.82 45.72 7.14
CA THR H 27 34.60 45.86 6.34
C THR H 27 34.22 47.32 6.18
N SER H 28 32.96 47.56 5.78
CA SER H 28 32.43 48.91 5.58
C SER H 28 33.29 49.69 4.57
N LYS H 29 33.74 49.00 3.53
CA LYS H 29 34.62 49.60 2.52
C LYS H 29 33.76 50.23 1.43
N GLY H 30 33.52 51.53 1.54
CA GLY H 30 32.78 52.25 0.54
C GLY H 30 31.27 52.04 0.58
N ARG H 31 30.74 51.49 1.66
CA ARG H 31 29.31 51.22 1.79
C ARG H 31 28.76 52.00 2.98
N GLN H 32 27.62 52.66 2.77
CA GLN H 32 26.95 53.34 3.86
C GLN H 32 26.34 52.32 4.82
N GLN H 33 26.10 52.76 6.05
CA GLN H 33 25.55 51.87 7.07
C GLN H 33 24.16 51.39 6.67
N ILE H 34 23.32 52.30 6.15
CA ILE H 34 21.98 51.91 5.73
C ILE H 34 22.04 50.94 4.56
N GLU H 35 23.02 51.12 3.67
CA GLU H 35 23.22 50.16 2.58
C GLU H 35 23.61 48.80 3.14
N ARG H 36 24.47 48.77 4.15
CA ARG H 36 24.87 47.51 4.78
C ARG H 36 23.70 46.85 5.50
N ASP H 37 22.71 47.62 5.95
CA ASP H 37 21.52 47.02 6.55
C ASP H 37 20.80 46.14 5.53
N TYR H 38 20.72 46.60 4.28
CA TYR H 38 20.09 45.78 3.24
C TYR H 38 20.83 44.47 3.04
N ASP H 39 22.16 44.50 3.05
CA ASP H 39 22.93 43.27 2.93
C ASP H 39 22.69 42.34 4.12
N ARG H 40 22.65 42.90 5.33
CA ARG H 40 22.40 42.09 6.51
C ARG H 40 21.03 41.42 6.42
N ILE H 41 20.01 42.16 5.98
CA ILE H 41 18.67 41.59 5.86
C ILE H 41 18.64 40.53 4.77
N LEU H 42 19.25 40.80 3.62
CA LEU H 42 19.18 39.88 2.50
C LEU H 42 19.91 38.57 2.80
N PHE H 43 21.06 38.65 3.46
CA PHE H 43 21.81 37.45 3.77
C PHE H 43 21.30 36.70 4.99
N ALA H 44 20.30 37.25 5.69
CA ALA H 44 19.72 36.55 6.82
C ALA H 44 18.96 35.31 6.37
N ALA H 45 19.03 34.26 7.17
CA ALA H 45 18.35 33.02 6.83
C ALA H 45 16.84 33.17 6.68
N PRO H 46 16.11 33.88 7.55
CA PRO H 46 14.65 34.00 7.34
C PRO H 46 14.28 34.65 6.02
N THR H 47 15.12 35.54 5.51
CA THR H 47 14.83 36.19 4.23
C THR H 47 14.67 35.16 3.12
N ARG H 48 15.59 34.19 3.07
CA ARG H 48 15.48 33.13 2.07
C ARG H 48 14.57 31.99 2.51
N ARG H 49 14.23 31.89 3.80
CA ARG H 49 13.18 30.99 4.21
C ARG H 49 11.80 31.49 3.80
N LEU H 50 11.67 32.79 3.53
CA LEU H 50 10.41 33.34 3.04
C LEU H 50 10.00 32.73 1.70
N ALA H 51 10.93 32.12 0.98
CA ALA H 51 10.62 31.49 -0.30
C ALA H 51 9.65 30.33 -0.17
N ASP H 52 9.52 29.75 1.02
CA ASP H 52 8.60 28.63 1.25
C ASP H 52 7.54 29.00 2.27
N LYS H 53 7.12 30.27 2.27
CA LYS H 53 6.02 30.74 3.09
C LYS H 53 4.95 31.33 2.20
N THR H 54 3.70 30.96 2.46
CA THR H 54 2.60 31.33 1.58
C THR H 54 2.32 32.83 1.66
N GLN H 55 1.94 33.39 0.52
CA GLN H 55 1.43 34.75 0.45
C GLN H 55 -0.09 34.77 0.44
N VAL H 56 -0.69 34.05 -0.50
CA VAL H 56 -2.14 33.87 -0.58
C VAL H 56 -2.51 32.38 -0.71
N PHE H 57 -1.93 31.71 -1.71
CA PHE H 57 -2.27 30.32 -1.98
C PHE H 57 -1.27 29.40 -1.30
N PRO H 58 -1.69 28.57 -0.34
CA PRO H 58 -0.73 27.75 0.40
C PRO H 58 -0.29 26.53 -0.41
N LEU H 59 1.01 26.26 -0.38
CA LEU H 59 1.60 25.06 -0.97
C LEU H 59 1.20 24.90 -2.44
N ASP H 60 1.23 26.01 -3.16
CA ASP H 60 0.80 26.01 -4.55
C ASP H 60 1.85 25.35 -5.44
N LYS H 61 1.38 24.49 -6.34
CA LYS H 61 2.26 23.82 -7.28
C LYS H 61 2.74 24.73 -8.41
N ASN H 62 1.98 25.78 -8.73
CA ASN H 62 2.42 26.72 -9.75
C ASN H 62 3.59 27.54 -9.22
N ASP H 63 4.72 27.49 -9.92
CA ASP H 63 5.93 28.15 -9.49
C ASP H 63 5.94 29.64 -9.79
N SER H 64 4.95 30.14 -10.54
CA SER H 64 4.86 31.57 -10.81
C SER H 64 4.00 32.32 -9.82
N VAL H 65 3.22 31.61 -9.01
CA VAL H 65 2.40 32.26 -7.98
C VAL H 65 3.33 32.86 -6.93
N ARG H 66 3.07 34.12 -6.58
CA ARG H 66 3.94 34.83 -5.65
C ARG H 66 3.98 34.14 -4.30
N THR H 67 5.19 33.92 -3.78
CA THR H 67 5.40 33.49 -2.42
C THR H 67 5.76 34.71 -1.58
N ARG H 68 6.12 34.49 -0.32
CA ARG H 68 6.44 35.61 0.55
C ARG H 68 7.76 36.27 0.17
N LEU H 69 8.73 35.49 -0.33
CA LEU H 69 10.01 36.07 -0.74
C LEU H 69 9.86 36.93 -1.99
N THR H 70 9.13 36.43 -2.99
CA THR H 70 8.90 37.22 -4.19
C THR H 70 8.09 38.47 -3.87
N HIS H 71 7.09 38.35 -2.99
CA HIS H 71 6.33 39.51 -2.55
C HIS H 71 7.24 40.53 -1.89
N SER H 72 8.13 40.07 -1.00
CA SER H 72 9.04 40.98 -0.32
C SER H 72 9.97 41.66 -1.30
N HIS H 73 10.49 40.91 -2.28
CA HIS H 73 11.40 41.50 -3.26
C HIS H 73 10.68 42.52 -4.13
N GLU H 74 9.44 42.25 -4.52
CA GLU H 74 8.69 43.22 -5.30
C GLU H 74 8.41 44.47 -4.49
N VAL H 75 8.05 44.31 -3.21
CA VAL H 75 7.83 45.47 -2.35
C VAL H 75 9.12 46.27 -2.20
N ALA H 76 10.25 45.58 -2.04
CA ALA H 76 11.53 46.27 -1.93
C ALA H 76 11.86 47.05 -3.20
N ASN H 77 11.59 46.45 -4.37
CA ASN H 77 11.85 47.15 -5.62
C ASN H 77 10.97 48.39 -5.75
N LEU H 78 9.69 48.27 -5.41
CA LEU H 78 8.80 49.43 -5.49
C LEU H 78 9.24 50.53 -4.52
N SER H 79 9.63 50.13 -3.30
CA SER H 79 10.09 51.11 -2.33
C SER H 79 11.38 51.78 -2.79
N ARG H 80 12.28 51.01 -3.41
CA ARG H 80 13.52 51.59 -3.93
C ARG H 80 13.22 52.57 -5.06
N GLY H 81 12.27 52.24 -5.92
CA GLY H 81 11.89 53.19 -6.96
C GLY H 81 11.32 54.47 -6.40
N ILE H 82 10.46 54.35 -5.39
CA ILE H 82 9.89 55.55 -4.77
C ILE H 82 10.99 56.36 -4.09
N GLY H 83 11.95 55.69 -3.45
CA GLY H 83 13.06 56.40 -2.83
C GLY H 83 13.95 57.09 -3.85
N MET H 84 14.16 56.45 -5.00
CA MET H 84 14.92 57.09 -6.07
C MET H 84 14.21 58.33 -6.56
N ARG H 85 12.89 58.25 -6.73
CA ARG H 85 12.13 59.44 -7.12
C ARG H 85 12.23 60.54 -6.05
N LEU H 86 12.17 60.15 -4.78
CA LEU H 86 12.23 61.13 -3.70
C LEU H 86 13.59 61.80 -3.59
N ALA H 87 14.67 61.05 -3.80
CA ALA H 87 16.01 61.58 -3.60
C ALA H 87 16.55 62.28 -4.84
N PHE H 88 16.46 61.65 -6.01
CA PHE H 88 17.04 62.21 -7.22
C PHE H 88 16.20 63.34 -7.80
N GLU H 89 14.87 63.27 -7.64
CA GLU H 89 13.97 64.21 -8.31
C GLU H 89 13.29 65.16 -7.34
N LEU H 90 12.53 64.65 -6.38
CA LEU H 90 11.79 65.49 -5.45
C LEU H 90 12.55 65.64 -4.13
N GLU H 91 13.74 66.23 -4.21
CA GLU H 91 14.58 66.39 -3.03
C GLU H 91 14.38 67.73 -2.35
N ASP H 92 14.27 68.81 -3.11
CA ASP H 92 14.17 70.14 -2.53
C ASP H 92 12.83 70.39 -1.84
N ASP H 93 11.81 69.61 -2.14
CA ASP H 93 10.50 69.79 -1.52
C ASP H 93 10.16 68.74 -0.47
N VAL H 94 10.87 67.61 -0.45
CA VAL H 94 10.64 66.58 0.54
C VAL H 94 11.68 66.60 1.66
N PHE H 95 12.96 66.76 1.34
CA PHE H 95 14.03 66.74 2.33
C PHE H 95 14.53 68.16 2.53
N LYS H 96 14.32 68.70 3.73
CA LYS H 96 14.75 70.05 4.07
C LYS H 96 15.47 70.02 5.40
N ASP H 97 16.47 70.90 5.55
CA ASP H 97 17.31 70.97 6.73
C ASP H 97 17.96 69.62 7.00
N VAL H 98 18.62 69.07 5.98
CA VAL H 98 19.30 67.79 6.05
C VAL H 98 20.79 68.03 6.02
N SER H 99 21.50 67.49 7.01
CA SER H 99 22.94 67.66 7.08
C SER H 99 23.63 66.92 5.94
N GLU H 100 24.81 67.42 5.56
CA GLU H 100 25.55 66.85 4.45
C GLU H 100 26.22 65.52 4.80
N ASP H 101 26.24 65.12 6.07
CA ASP H 101 26.84 63.86 6.43
C ASP H 101 26.10 62.69 5.80
N ILE H 102 24.78 62.75 5.75
CA ILE H 102 23.96 61.69 5.19
C ILE H 102 23.71 62.00 3.71
N CYS H 103 24.10 61.07 2.84
CA CYS H 103 23.87 61.21 1.40
C CYS H 103 22.51 60.61 1.08
N LEU H 104 21.53 61.47 0.75
CA LEU H 104 20.19 60.99 0.49
C LEU H 104 20.14 60.05 -0.71
N LYS H 105 20.90 60.37 -1.77
CA LYS H 105 20.87 59.58 -2.99
C LYS H 105 21.21 58.12 -2.75
N ARG H 106 22.06 57.84 -1.75
CA ARG H 106 22.44 56.47 -1.42
C ARG H 106 21.68 55.91 -0.23
N ASP H 107 21.21 56.77 0.69
CA ASP H 107 20.60 56.27 1.90
C ASP H 107 19.10 56.02 1.73
N VAL H 108 18.38 56.99 1.15
CA VAL H 108 16.93 56.87 1.05
C VAL H 108 16.50 55.67 0.20
N PRO H 109 17.01 55.48 -1.02
CA PRO H 109 16.62 54.27 -1.77
C PRO H 109 16.99 52.98 -1.06
N ALA H 110 18.20 52.93 -0.48
CA ALA H 110 18.62 51.74 0.25
C ALA H 110 17.76 51.51 1.49
N LEU H 111 17.43 52.58 2.22
CA LEU H 111 16.58 52.43 3.40
C LEU H 111 15.22 51.90 3.03
N LEU H 112 14.59 52.47 1.98
CA LEU H 112 13.27 51.99 1.58
C LEU H 112 13.33 50.56 1.06
N ALA H 113 14.39 50.22 0.32
CA ALA H 113 14.51 48.85 -0.19
C ALA H 113 14.66 47.85 0.96
N ALA H 114 15.50 48.17 1.94
CA ALA H 114 15.66 47.27 3.07
C ALA H 114 14.37 47.15 3.87
N ILE H 115 13.67 48.27 4.07
CA ILE H 115 12.42 48.24 4.82
C ILE H 115 11.39 47.39 4.10
N GLY H 116 11.30 47.53 2.78
CA GLY H 116 10.36 46.71 2.03
C GLY H 116 10.73 45.23 2.04
N LEU H 117 12.02 44.93 1.94
CA LEU H 117 12.46 43.53 1.96
C LEU H 117 12.23 42.89 3.31
N VAL H 118 12.31 43.66 4.39
CA VAL H 118 12.19 43.14 5.75
C VAL H 118 10.76 43.14 6.26
N HIS H 119 9.81 43.69 5.50
CA HIS H 119 8.49 43.98 6.03
C HIS H 119 7.70 42.72 6.41
N ASP H 120 8.03 41.56 5.83
CA ASP H 120 7.27 40.35 6.07
C ASP H 120 8.19 39.18 6.43
N MET H 121 9.33 39.48 7.07
CA MET H 121 10.26 38.43 7.46
C MET H 121 9.69 37.47 8.50
N GLY H 122 8.98 37.99 9.51
CA GLY H 122 8.48 37.17 10.60
C GLY H 122 7.06 36.66 10.44
N ASN H 123 6.50 36.69 9.24
CA ASN H 123 5.14 36.21 9.05
C ASN H 123 5.08 34.69 9.31
N PRO H 124 4.03 34.21 9.96
CA PRO H 124 3.93 32.78 10.25
C PRO H 124 3.69 31.98 8.98
N PRO H 125 3.90 30.67 9.02
CA PRO H 125 3.59 29.84 7.85
C PRO H 125 2.10 29.81 7.58
N PHE H 126 1.75 29.48 6.34
CA PHE H 126 0.39 29.42 5.82
C PHE H 126 -0.29 30.79 5.81
N GLY H 127 0.46 31.87 5.75
CA GLY H 127 -0.12 33.18 5.58
C GLY H 127 -0.84 33.69 6.82
N ALA H 128 -1.63 34.75 6.60
CA ALA H 128 -2.33 35.40 7.70
C ALA H 128 -3.23 34.42 8.45
N GLN H 129 -3.97 33.60 7.70
CA GLN H 129 -4.78 32.56 8.33
C GLN H 129 -3.97 31.70 9.28
N GLY H 130 -2.76 31.30 8.88
CA GLY H 130 -1.91 30.55 9.78
C GLY H 130 -1.66 31.29 11.08
N ALA H 131 -1.35 32.58 10.99
CA ALA H 131 -1.22 33.39 12.20
C ALA H 131 -2.49 33.31 13.03
N LYS H 132 -3.65 33.45 12.39
CA LYS H 132 -4.92 33.31 13.10
C LYS H 132 -4.95 31.99 13.85
N ALA H 133 -4.57 30.89 13.17
CA ALA H 133 -4.55 29.59 13.83
C ALA H 133 -3.71 29.65 15.10
N MET H 134 -2.49 30.20 14.99
CA MET H 134 -1.65 30.35 16.17
C MET H 134 -2.39 31.09 17.26
N SER H 135 -2.99 32.23 16.92
CA SER H 135 -3.75 32.99 17.89
C SER H 135 -4.81 32.14 18.56
N GLU H 136 -5.55 31.36 17.76
CA GLU H 136 -6.59 30.52 18.32
C GLU H 136 -6.01 29.56 19.35
N TRP H 137 -4.88 28.94 19.02
CA TRP H 137 -4.24 28.04 19.97
C TRP H 137 -3.85 28.80 21.24
N PHE H 138 -3.27 29.99 21.08
CA PHE H 138 -2.89 30.76 22.24
C PHE H 138 -4.11 31.23 23.02
N THR H 139 -5.28 31.26 22.38
CA THR H 139 -6.50 31.59 23.10
C THR H 139 -6.93 30.44 23.99
N LYS H 140 -6.65 29.21 23.58
CA LYS H 140 -7.13 28.06 24.35
C LYS H 140 -6.12 27.61 25.39
N ASN H 141 -4.83 27.56 25.02
CA ASN H 141 -3.81 27.06 25.92
C ASN H 141 -3.25 28.13 26.85
N LEU H 142 -3.61 29.40 26.64
CA LEU H 142 -3.27 30.49 27.55
C LEU H 142 -4.55 31.22 27.91
N PRO H 143 -5.43 30.59 28.69
CA PRO H 143 -6.75 31.18 28.96
C PRO H 143 -6.63 32.48 29.74
N GLU H 144 -7.53 33.42 29.43
CA GLU H 144 -7.53 34.71 30.11
C GLU H 144 -7.92 34.55 31.58
N HIS H 145 -8.88 33.67 31.87
CA HIS H 145 -9.34 33.50 33.24
C HIS H 145 -8.29 32.88 34.15
N SER H 146 -7.27 32.24 33.59
CA SER H 146 -6.21 31.66 34.41
C SER H 146 -5.35 32.78 35.00
N ASP H 147 -4.95 32.59 36.27
CA ASP H 147 -4.13 33.59 36.94
C ASP H 147 -2.76 33.70 36.31
N ASN H 148 -2.23 32.60 35.76
CA ASN H 148 -0.92 32.65 35.12
C ASN H 148 -0.93 33.56 33.90
N TYR H 149 -2.00 33.53 33.11
CA TYR H 149 -2.10 34.31 31.89
C TYR H 149 -3.18 35.38 31.96
N LYS H 150 -3.54 35.81 33.17
CA LYS H 150 -4.57 36.84 33.31
C LYS H 150 -4.09 38.19 32.79
N ASP H 151 -2.78 38.42 32.80
CA ASP H 151 -2.24 39.72 32.43
C ASP H 151 -2.47 39.99 30.94
N LYS H 152 -2.57 41.28 30.60
CA LYS H 152 -2.82 41.69 29.23
C LYS H 152 -1.61 41.51 28.32
N ILE H 153 -0.42 41.33 28.88
CA ILE H 153 0.78 41.16 28.06
C ILE H 153 0.67 39.91 27.20
N TYR H 154 0.01 38.87 27.71
CA TYR H 154 -0.20 37.65 26.95
C TYR H 154 -1.11 37.86 25.76
N GLY H 155 -1.77 39.01 25.66
CA GLY H 155 -2.46 39.37 24.43
C GLY H 155 -1.54 39.50 23.25
N ASP H 156 -0.23 39.60 23.50
CA ASP H 156 0.74 39.52 22.40
C ASP H 156 0.64 38.20 21.67
N PHE H 157 0.19 37.15 22.35
CA PHE H 157 0.07 35.82 21.76
C PHE H 157 -1.34 35.46 21.36
N ARG H 158 -2.35 35.91 22.11
CA ARG H 158 -3.73 35.69 21.70
C ARG H 158 -4.08 36.44 20.44
N HIS H 159 -3.32 37.49 20.09
CA HIS H 159 -3.51 38.27 18.89
C HIS H 159 -2.21 38.36 18.11
N PHE H 160 -1.57 37.20 17.92
CA PHE H 160 -0.25 37.14 17.29
C PHE H 160 -0.27 37.78 15.91
N ASP H 161 0.77 38.57 15.62
CA ASP H 161 0.91 39.26 14.36
C ASP H 161 2.34 39.12 13.86
N GLY H 162 2.50 39.22 12.54
CA GLY H 162 3.80 39.02 11.93
C GLY H 162 4.78 40.16 12.14
N ASN H 163 4.29 41.39 12.26
CA ASN H 163 5.18 42.53 12.44
C ASN H 163 5.92 42.46 13.77
N SER H 164 5.21 42.10 14.84
CA SER H 164 5.85 41.96 16.13
C SER H 164 6.94 40.91 16.11
N GLN H 165 6.69 39.79 15.42
CA GLN H 165 7.70 38.75 15.30
C GLN H 165 8.87 39.21 14.43
N THR H 166 8.59 39.98 13.38
CA THR H 166 9.67 40.48 12.52
C THR H 166 10.61 41.39 13.29
N LEU H 167 10.06 42.28 14.12
CA LEU H 167 10.91 43.20 14.87
C LEU H 167 11.82 42.45 15.82
N ARG H 168 11.29 41.45 16.54
CA ARG H 168 12.10 40.68 17.45
C ARG H 168 13.05 39.74 16.71
N LEU H 169 12.72 39.35 15.48
CA LEU H 169 13.64 38.56 14.67
C LEU H 169 14.86 39.38 14.28
N VAL H 170 14.63 40.62 13.85
CA VAL H 170 15.75 41.47 13.43
C VAL H 170 16.47 42.10 14.61
N THR H 171 15.89 42.08 15.81
CA THR H 171 16.53 42.70 16.97
C THR H 171 17.07 41.71 17.99
N LYS H 172 16.45 40.55 18.16
CA LYS H 172 16.96 39.64 19.19
C LYS H 172 17.21 38.23 18.69
N LEU H 173 16.38 37.72 17.79
CA LEU H 173 16.43 36.29 17.47
C LEU H 173 17.68 35.94 16.66
N GLN H 174 18.12 36.84 15.77
CA GLN H 174 19.34 36.62 14.98
C GLN H 174 20.58 36.93 15.82
N ILE H 175 20.78 36.11 16.85
CA ILE H 175 21.81 36.35 17.84
C ILE H 175 23.05 35.54 17.47
N LEU H 176 24.21 36.18 17.53
CA LEU H 176 25.47 35.46 17.39
C LEU H 176 26.21 35.46 18.72
N ASN H 177 26.54 36.65 19.22
CA ASN H 177 27.15 36.77 20.54
C ASN H 177 26.69 38.04 21.25
N ASP H 178 25.77 38.79 20.66
CA ASP H 178 25.27 40.04 21.21
C ASP H 178 23.83 39.85 21.68
N THR H 179 23.22 40.94 22.15
CA THR H 179 21.79 40.99 22.40
C THR H 179 21.10 41.94 21.42
N TYR H 180 21.77 42.29 20.33
CA TYR H 180 21.28 43.29 19.39
C TYR H 180 20.87 42.71 18.05
N GLY H 181 20.86 41.38 17.92
CA GLY H 181 20.42 40.76 16.69
C GLY H 181 21.28 41.14 15.51
N LEU H 182 20.64 41.54 14.41
CA LEU H 182 21.35 41.93 13.20
C LEU H 182 22.05 43.28 13.33
N ASN H 183 21.78 44.03 14.39
CA ASN H 183 22.41 45.33 14.64
C ASN H 183 22.16 46.28 13.47
N LEU H 184 20.89 46.45 13.14
CA LEU H 184 20.50 47.37 12.09
C LEU H 184 20.57 48.82 12.59
N THR H 185 20.63 49.75 11.64
CA THR H 185 20.68 51.16 12.00
C THR H 185 19.37 51.61 12.63
N TYR H 186 19.43 52.74 13.33
CA TYR H 186 18.24 53.26 14.01
C TYR H 186 17.16 53.63 13.01
N ALA H 187 17.55 54.16 11.85
CA ALA H 187 16.57 54.51 10.83
C ALA H 187 15.82 53.27 10.33
N THR H 188 16.55 52.20 10.07
CA THR H 188 15.92 50.96 9.62
C THR H 188 14.98 50.40 10.67
N LEU H 189 15.41 50.38 11.93
CA LEU H 189 14.57 49.86 13.00
C LEU H 189 13.32 50.72 13.19
N ALA H 190 13.47 52.05 13.11
CA ALA H 190 12.33 52.93 13.28
C ALA H 190 11.34 52.79 12.13
N SER H 191 11.84 52.68 10.90
CA SER H 191 10.96 52.63 9.74
C SER H 191 10.22 51.31 9.61
N MET H 192 10.74 50.24 10.21
CA MET H 192 10.10 48.93 10.08
C MET H 192 8.94 48.73 11.04
N ILE H 193 8.77 49.60 12.03
CA ILE H 193 7.69 49.47 13.01
C ILE H 193 6.41 49.95 12.33
N LYS H 194 5.61 49.00 11.83
CA LYS H 194 4.39 49.35 11.12
C LYS H 194 3.38 50.00 12.06
N TYR H 195 3.22 49.44 13.26
CA TYR H 195 2.25 49.95 14.23
C TYR H 195 2.96 50.29 15.52
N PRO H 196 3.29 51.56 15.76
CA PRO H 196 4.06 51.95 16.96
C PRO H 196 3.23 51.92 18.24
N ARG H 197 2.83 50.72 18.65
CA ARG H 197 2.11 50.56 19.90
C ARG H 197 2.24 49.12 20.36
N SER H 198 2.08 48.92 21.67
CA SER H 198 2.13 47.59 22.27
C SER H 198 0.72 47.07 22.50
N SER H 199 0.64 45.79 22.85
CA SER H 199 -0.67 45.19 23.15
C SER H 199 -1.30 45.82 24.39
N GLU H 200 -0.47 46.15 25.39
CA GLU H 200 -1.00 46.80 26.59
C GLU H 200 -1.56 48.18 26.26
N SER H 201 -0.88 48.92 25.38
CA SER H 201 -1.34 50.25 25.01
C SER H 201 -2.68 50.17 24.26
N ASP H 202 -3.51 51.20 24.48
CA ASP H 202 -4.83 51.29 23.86
C ASP H 202 -4.83 52.52 22.94
N SER H 203 -4.52 52.29 21.67
CA SER H 203 -4.49 53.36 20.68
C SER H 203 -5.59 53.15 19.67
N SER H 204 -6.40 54.19 19.46
CA SER H 204 -7.47 54.12 18.46
C SER H 204 -6.93 54.29 17.05
N LEU H 205 -5.73 54.85 16.89
CA LEU H 205 -5.18 55.05 15.55
C LEU H 205 -4.74 53.73 14.93
N TRP H 206 -4.09 52.87 15.71
CA TRP H 206 -3.57 51.60 15.21
C TRP H 206 -4.33 50.46 15.86
N LYS H 207 -4.86 49.56 15.03
CA LYS H 207 -5.69 48.46 15.52
C LYS H 207 -4.89 47.24 15.93
N LYS H 208 -3.60 47.19 15.59
CA LYS H 208 -2.75 46.04 15.88
C LYS H 208 -1.50 46.50 16.60
N HIS H 209 -1.01 45.67 17.53
CA HIS H 209 0.24 45.97 18.20
C HIS H 209 1.42 45.67 17.28
N GLY H 210 2.50 46.42 17.47
CA GLY H 210 3.64 46.30 16.58
C GLY H 210 4.87 45.65 17.19
N PHE H 211 4.86 45.42 18.50
CA PHE H 211 5.99 44.79 19.16
C PHE H 211 5.51 44.08 20.42
N PHE H 212 6.30 43.09 20.84
CA PHE H 212 6.01 42.36 22.05
C PHE H 212 6.44 43.16 23.28
N LEU H 213 6.13 42.62 24.46
CA LEU H 213 6.66 43.19 25.69
C LEU H 213 8.17 43.08 25.75
N SER H 214 8.73 41.99 25.20
CA SER H 214 10.18 41.78 25.26
C SER H 214 10.96 42.90 24.58
N GLU H 215 10.36 43.55 23.59
CA GLU H 215 11.01 44.65 22.88
C GLU H 215 10.61 46.01 23.43
N LYS H 216 9.85 46.04 24.53
CA LYS H 216 9.36 47.31 25.08
C LYS H 216 10.50 48.30 25.29
N ASP H 217 11.59 47.84 25.88
CA ASP H 217 12.76 48.72 26.04
C ASP H 217 13.38 49.04 24.69
N VAL H 218 13.59 48.03 23.85
CA VAL H 218 14.33 48.22 22.60
C VAL H 218 13.65 49.28 21.75
N VAL H 219 12.34 49.12 21.53
CA VAL H 219 11.60 50.11 20.76
C VAL H 219 11.77 51.49 21.36
N GLN H 220 11.67 51.59 22.69
CA GLN H 220 11.90 52.87 23.36
C GLN H 220 13.23 53.45 22.93
N ASP H 221 14.30 52.66 23.01
CA ASP H 221 15.62 53.12 22.58
C ASP H 221 15.55 53.69 21.18
N ILE H 222 14.93 52.95 20.25
CA ILE H 222 14.81 53.41 18.88
C ILE H 222 14.16 54.79 18.84
N TRP H 223 13.05 54.94 19.56
CA TRP H 223 12.38 56.23 19.58
C TRP H 223 13.31 57.31 20.11
N ASN H 224 14.04 57.00 21.19
CA ASN H 224 14.90 58.00 21.80
C ASN H 224 16.01 58.42 20.84
N ASN H 225 16.31 57.57 19.86
CA ASN H 225 17.36 57.91 18.89
C ASN H 225 16.81 58.37 17.56
N THR H 226 15.49 58.47 17.40
CA THR H 226 14.90 58.89 16.14
C THR H 226 13.92 60.04 16.26
N GLY H 227 13.72 60.58 17.46
CA GLY H 227 12.77 61.65 17.64
C GLY H 227 11.32 61.23 17.57
N LEU H 228 11.05 59.93 17.48
CA LEU H 228 9.69 59.43 17.42
C LEU H 228 9.15 59.18 18.83
N SER H 229 7.94 58.64 18.89
CA SER H 229 7.28 58.36 20.15
C SER H 229 6.18 57.34 19.91
N GLU H 230 5.53 56.93 21.00
CA GLU H 230 4.43 55.98 20.87
C GLU H 230 3.27 56.61 20.12
N GLY H 231 2.76 55.88 19.13
CA GLY H 231 1.63 56.36 18.35
C GLY H 231 2.04 56.98 17.03
N VAL H 232 3.10 57.78 17.03
CA VAL H 232 3.58 58.39 15.80
C VAL H 232 4.45 57.38 15.04
N ARG H 233 4.41 57.48 13.72
CA ARG H 233 5.01 56.49 12.84
C ARG H 233 6.04 57.15 11.93
N HIS H 234 7.12 56.43 11.65
CA HIS H 234 8.17 56.94 10.78
C HIS H 234 7.60 57.22 9.39
N PRO H 235 7.95 58.34 8.76
CA PRO H 235 7.35 58.67 7.45
C PRO H 235 7.59 57.62 6.39
N PHE H 236 8.75 56.95 6.39
CA PHE H 236 9.01 55.94 5.37
C PHE H 236 8.21 54.67 5.62
N THR H 237 7.68 54.47 6.83
CA THR H 237 6.81 53.34 7.07
C THR H 237 5.51 53.47 6.27
N TYR H 238 5.03 54.69 6.07
CA TYR H 238 3.87 54.89 5.20
C TYR H 238 4.19 54.49 3.76
N ILE H 239 5.38 54.85 3.28
CA ILE H 239 5.80 54.44 1.95
C ILE H 239 5.84 52.93 1.84
N MET H 240 6.42 52.28 2.85
CA MET H 240 6.50 50.82 2.84
C MET H 240 5.11 50.19 2.86
N GLU H 241 4.20 50.71 3.68
CA GLU H 241 2.86 50.15 3.75
C GLU H 241 2.12 50.33 2.43
N ALA H 242 2.25 51.50 1.80
CA ALA H 242 1.63 51.71 0.50
C ALA H 242 2.21 50.77 -0.55
N CYS H 243 3.53 50.60 -0.56
CA CYS H 243 4.14 49.69 -1.52
C CYS H 243 3.70 48.25 -1.29
N ASP H 244 3.61 47.84 -0.03
CA ASP H 244 3.13 46.49 0.30
C ASP H 244 1.70 46.31 -0.18
N ASP H 245 0.83 47.28 0.09
CA ASP H 245 -0.56 47.18 -0.32
C ASP H 245 -0.68 47.07 -1.83
N ILE H 246 0.04 47.93 -2.56
CA ILE H 246 -0.01 47.91 -4.02
C ILE H 246 0.51 46.57 -4.55
N ALA H 247 1.68 46.15 -4.07
CA ALA H 247 2.36 44.97 -4.58
C ALA H 247 1.68 43.68 -4.18
N TYR H 248 0.78 43.68 -3.22
CA TYR H 248 0.04 42.45 -3.02
C TYR H 248 -1.33 42.57 -3.69
N SER H 249 -1.94 43.76 -3.70
CA SER H 249 -3.25 43.89 -4.33
C SER H 249 -3.21 43.58 -5.82
N VAL H 250 -2.20 44.09 -6.53
CA VAL H 250 -2.11 43.83 -7.96
C VAL H 250 -1.61 42.42 -8.24
N LEU H 251 -0.58 41.98 -7.51
CA LEU H 251 0.05 40.71 -7.83
C LEU H 251 -0.83 39.52 -7.42
N ASP H 252 -1.63 39.66 -6.36
CA ASP H 252 -2.56 38.60 -6.01
C ASP H 252 -3.65 38.46 -7.05
N ALA H 253 -4.11 39.58 -7.61
CA ALA H 253 -5.06 39.51 -8.72
C ALA H 253 -4.44 38.82 -9.92
N GLU H 254 -3.18 39.14 -10.23
CA GLU H 254 -2.50 38.45 -11.31
C GLU H 254 -2.39 36.95 -11.04
N ASP H 255 -2.08 36.57 -9.80
CA ASP H 255 -2.04 35.15 -9.44
C ASP H 255 -3.40 34.49 -9.58
N ILE H 256 -4.47 35.22 -9.21
CA ILE H 256 -5.81 34.70 -9.36
C ILE H 256 -6.11 34.40 -10.82
N ILE H 257 -5.76 35.33 -11.70
CA ILE H 257 -5.99 35.12 -13.13
C ILE H 257 -5.15 33.96 -13.64
N LYS H 258 -3.90 33.87 -13.19
CA LYS H 258 -3.02 32.79 -13.65
C LYS H 258 -3.55 31.43 -13.21
N LYS H 259 -4.02 31.33 -11.97
CA LYS H 259 -4.53 30.07 -11.45
C LYS H 259 -5.82 29.62 -12.15
N GLY H 260 -6.48 30.52 -12.86
CA GLY H 260 -7.73 30.21 -13.50
C GLY H 260 -8.97 30.45 -12.67
N PHE H 261 -8.82 31.06 -11.49
CA PHE H 261 -9.96 31.36 -10.64
C PHE H 261 -10.79 32.53 -11.15
N ALA H 262 -10.26 33.30 -12.10
CA ALA H 262 -10.97 34.43 -12.69
C ALA H 262 -10.29 34.75 -14.02
N SER H 263 -10.90 35.65 -14.76
CA SER H 263 -10.39 36.06 -16.06
C SER H 263 -10.09 37.56 -16.07
N PHE H 264 -9.38 38.00 -17.10
CA PHE H 264 -9.06 39.41 -17.24
C PHE H 264 -10.33 40.24 -17.36
N HIS H 265 -11.28 39.77 -18.17
CA HIS H 265 -12.55 40.49 -18.30
C HIS H 265 -13.32 40.49 -16.98
N ASP H 266 -13.16 39.44 -16.16
CA ASP H 266 -13.78 39.45 -14.85
C ASP H 266 -13.25 40.60 -13.99
N LEU H 267 -11.93 40.79 -13.98
CA LEU H 267 -11.36 41.90 -13.22
C LEU H 267 -11.78 43.25 -13.79
N ILE H 268 -11.81 43.36 -15.12
CA ILE H 268 -12.22 44.62 -15.73
C ILE H 268 -13.66 44.96 -15.37
N ASP H 269 -14.55 43.96 -15.43
CA ASP H 269 -15.94 44.18 -15.07
C ASP H 269 -16.10 44.49 -13.59
N PHE H 270 -15.31 43.83 -12.75
CA PHE H 270 -15.35 44.13 -11.32
C PHE H 270 -14.94 45.57 -11.04
N ILE H 271 -13.89 46.04 -11.71
CA ILE H 271 -13.44 47.41 -11.49
C ILE H 271 -14.45 48.41 -12.04
N GLN H 272 -14.99 48.15 -13.23
CA GLN H 272 -15.95 49.07 -13.83
C GLN H 272 -17.26 49.14 -13.03
N SER H 273 -17.71 48.00 -12.51
CA SER H 273 -18.96 47.94 -11.77
C SER H 273 -18.80 48.35 -10.32
N ASN H 274 -17.57 48.56 -9.84
CA ASN H 274 -17.36 48.99 -8.47
C ASN H 274 -17.96 50.37 -8.25
N GLN H 275 -18.57 50.56 -7.07
CA GLN H 275 -19.23 51.83 -6.78
C GLN H 275 -18.25 52.99 -6.76
N PHE H 276 -17.09 52.79 -6.14
CA PHE H 276 -16.12 53.88 -6.02
C PHE H 276 -15.25 54.02 -7.25
N CYS H 277 -14.96 52.93 -7.95
CA CYS H 277 -14.16 52.97 -9.16
C CYS H 277 -14.98 53.31 -10.39
N LYS H 278 -16.29 53.50 -10.26
CA LYS H 278 -17.13 53.85 -11.40
C LYS H 278 -16.73 55.19 -11.99
N GLU H 279 -16.39 56.16 -11.14
CA GLU H 279 -16.00 57.50 -11.58
C GLU H 279 -14.56 57.85 -11.23
N ASP H 280 -13.77 56.90 -10.75
CA ASP H 280 -12.39 57.18 -10.40
C ASP H 280 -11.56 57.41 -11.65
N ASP H 281 -10.81 58.52 -11.67
CA ASP H 281 -10.03 58.84 -12.85
C ASP H 281 -8.88 57.86 -13.07
N VAL H 282 -8.21 57.46 -11.98
CA VAL H 282 -7.11 56.50 -12.09
C VAL H 282 -7.63 55.17 -12.60
N ALA H 283 -8.75 54.70 -12.03
CA ALA H 283 -9.33 53.44 -12.47
C ALA H 283 -9.77 53.53 -13.93
N LYS H 284 -10.37 54.66 -14.31
CA LYS H 284 -10.78 54.83 -15.72
C LYS H 284 -9.58 54.78 -16.65
N ARG H 285 -8.49 55.45 -16.29
CA ARG H 285 -7.30 55.44 -17.12
C ARG H 285 -6.74 54.02 -17.26
N VAL H 286 -6.65 53.30 -16.14
CA VAL H 286 -6.11 51.94 -16.17
C VAL H 286 -6.99 51.04 -17.04
N ILE H 287 -8.31 51.14 -16.85
CA ILE H 287 -9.23 50.30 -17.62
C ILE H 287 -9.13 50.62 -19.10
N GLU H 288 -9.05 51.91 -19.44
CA GLU H 288 -8.96 52.29 -20.85
C GLU H 288 -7.68 51.78 -21.49
N ASN H 289 -6.54 51.93 -20.80
CA ASN H 289 -5.28 51.44 -21.35
C ASN H 289 -5.30 49.92 -21.50
N CYS H 290 -5.82 49.21 -20.49
CA CYS H 290 -5.88 47.76 -20.57
C CYS H 290 -6.79 47.29 -21.70
N LYS H 291 -7.93 47.96 -21.89
CA LYS H 291 -8.82 47.61 -22.99
C LYS H 291 -8.16 47.87 -24.33
N LYS H 292 -7.44 48.99 -24.45
CA LYS H 292 -6.75 49.29 -25.71
C LYS H 292 -5.70 48.24 -26.03
N ILE H 293 -4.94 47.80 -25.03
CA ILE H 293 -3.93 46.78 -25.27
C ILE H 293 -4.57 45.43 -25.56
N HIS H 294 -5.65 45.10 -24.84
CA HIS H 294 -6.31 43.82 -25.03
C HIS H 294 -6.96 43.70 -26.40
N ALA H 295 -7.46 44.82 -26.94
CA ALA H 295 -8.02 44.79 -28.29
C ALA H 295 -6.97 44.38 -29.31
N ASP H 296 -5.76 44.92 -29.19
CA ASP H 296 -4.67 44.51 -30.08
C ASP H 296 -4.26 43.07 -29.81
N TYR H 297 -4.24 42.66 -28.53
CA TYR H 297 -3.80 41.32 -28.20
C TYR H 297 -4.75 40.25 -28.72
N ALA H 298 -6.06 40.53 -28.73
CA ALA H 298 -7.04 39.54 -29.14
C ALA H 298 -6.95 39.18 -30.61
N GLN H 299 -6.28 39.99 -31.42
CA GLN H 299 -6.16 39.70 -32.85
C GLN H 299 -5.37 38.42 -33.09
N GLN H 300 -4.30 38.22 -32.32
CA GLN H 300 -3.44 37.07 -32.54
C GLN H 300 -4.14 35.77 -32.13
N LYS H 301 -3.75 34.68 -32.79
CA LYS H 301 -4.30 33.36 -32.50
C LYS H 301 -3.77 32.91 -31.14
N LEU H 302 -4.64 32.96 -30.14
CA LEU H 302 -4.25 32.71 -28.75
C LEU H 302 -5.30 31.87 -28.05
N SER H 303 -4.86 31.04 -27.12
CA SER H 303 -5.77 30.36 -26.22
C SER H 303 -6.32 31.36 -25.20
N PRO H 304 -7.50 31.11 -24.64
CA PRO H 304 -8.04 32.03 -23.64
C PRO H 304 -7.13 32.23 -22.44
N ALA H 305 -6.47 31.17 -21.98
CA ALA H 305 -5.58 31.29 -20.83
C ALA H 305 -4.41 32.22 -21.14
N GLU H 306 -3.79 32.06 -22.29
CA GLU H 306 -2.67 32.92 -22.67
C GLU H 306 -3.11 34.36 -22.86
N LEU H 307 -4.29 34.56 -23.45
CA LEU H 307 -4.80 35.92 -23.62
C LEU H 307 -5.03 36.58 -22.27
N ASN H 308 -5.63 35.86 -21.32
CA ASN H 308 -5.84 36.41 -19.99
C ASN H 308 -4.51 36.71 -19.32
N ASP H 309 -3.55 35.79 -19.44
CA ASP H 309 -2.25 35.97 -18.80
C ASP H 309 -1.55 37.22 -19.32
N MET H 310 -1.47 37.36 -20.64
CA MET H 310 -0.73 38.50 -21.19
C MET H 310 -1.52 39.80 -21.16
N SER H 311 -2.84 39.74 -20.98
CA SER H 311 -3.58 40.96 -20.70
C SER H 311 -3.35 41.43 -19.28
N MET H 312 -3.32 40.50 -18.32
CA MET H 312 -3.03 40.87 -16.95
C MET H 312 -1.58 41.30 -16.80
N GLN H 313 -0.70 40.79 -17.66
CA GLN H 313 0.69 41.24 -17.63
C GLN H 313 0.83 42.72 -17.96
N MET H 314 -0.07 43.27 -18.77
CA MET H 314 -0.07 44.71 -19.02
C MET H 314 -0.90 45.47 -18.00
N PHE H 315 -1.97 44.85 -17.51
CA PHE H 315 -2.74 45.47 -16.43
C PHE H 315 -1.87 45.71 -15.21
N ARG H 316 -1.00 44.75 -14.88
CA ARG H 316 -0.10 44.92 -13.74
C ARG H 316 0.81 46.12 -13.95
N VAL H 317 1.38 46.25 -15.15
CA VAL H 317 2.29 47.37 -15.42
C VAL H 317 1.56 48.69 -15.26
N TYR H 318 0.40 48.82 -15.92
CA TYR H 318 -0.32 50.09 -15.87
C TYR H 318 -0.78 50.42 -14.46
N ALA H 319 -1.36 49.45 -13.76
CA ALA H 319 -1.87 49.70 -12.41
C ALA H 319 -0.74 50.02 -11.45
N ILE H 320 0.38 49.29 -11.53
CA ILE H 320 1.50 49.56 -10.63
C ILE H 320 2.07 50.94 -10.90
N ALA H 321 2.23 51.32 -12.17
CA ALA H 321 2.74 52.65 -12.47
C ALA H 321 1.82 53.74 -11.92
N GLU H 322 0.51 53.62 -12.18
CA GLU H 322 -0.42 54.63 -11.72
C GLU H 322 -0.47 54.71 -10.20
N LEU H 323 -0.52 53.57 -9.52
CA LEU H 323 -0.60 53.56 -8.07
C LEU H 323 0.68 54.11 -7.44
N VAL H 324 1.84 53.75 -7.99
CA VAL H 324 3.10 54.25 -7.45
C VAL H 324 3.19 55.77 -7.64
N ASP H 325 2.80 56.26 -8.82
CA ASP H 325 2.83 57.71 -9.04
C ASP H 325 1.89 58.43 -8.09
N ALA H 326 0.68 57.87 -7.89
CA ALA H 326 -0.26 58.49 -6.97
C ALA H 326 0.27 58.50 -5.55
N VAL H 327 0.90 57.40 -5.12
CA VAL H 327 1.45 57.33 -3.78
C VAL H 327 2.57 58.35 -3.60
N VAL H 328 3.44 58.49 -4.60
CA VAL H 328 4.51 59.47 -4.52
C VAL H 328 3.96 60.88 -4.43
N ILE H 329 2.94 61.17 -5.24
CA ILE H 329 2.33 62.50 -5.20
C ILE H 329 1.70 62.77 -3.84
N ALA H 330 1.00 61.78 -3.28
CA ALA H 330 0.39 61.95 -1.97
C ALA H 330 1.43 62.16 -0.89
N PHE H 331 2.54 61.43 -0.95
CA PHE H 331 3.61 61.61 0.02
C PHE H 331 4.21 63.01 -0.09
N LYS H 332 4.45 63.48 -1.31
CA LYS H 332 5.03 64.81 -1.49
C LYS H 332 4.08 65.90 -0.99
N ASP H 333 2.79 65.75 -1.27
CA ASP H 333 1.83 66.78 -0.85
C ASP H 333 1.70 66.85 0.66
N ASN H 334 1.70 65.70 1.33
CA ASN H 334 1.46 65.63 2.77
C ASN H 334 2.73 65.44 3.58
N ILE H 335 3.89 65.82 3.03
CA ILE H 335 5.16 65.57 3.71
C ILE H 335 5.23 66.32 5.03
N ASN H 336 4.66 67.54 5.07
CA ASN H 336 4.65 68.30 6.31
C ASN H 336 3.81 67.62 7.38
N GLU H 337 2.66 67.08 7.00
CA GLU H 337 1.82 66.38 7.97
C GLU H 337 2.50 65.09 8.45
N PHE H 338 3.19 64.39 7.55
CA PHE H 338 3.89 63.18 7.95
C PHE H 338 5.03 63.49 8.90
N LEU H 339 5.65 64.66 8.76
CA LEU H 339 6.74 65.07 9.63
C LEU H 339 6.25 65.71 10.93
N ASN H 340 4.94 65.82 11.13
CA ASN H 340 4.41 66.35 12.36
C ASN H 340 4.57 65.34 13.49
N ASP H 341 4.80 65.85 14.71
CA ASP H 341 4.99 64.98 15.85
C ASP H 341 3.73 64.22 16.23
N THR H 342 2.56 64.68 15.78
CA THR H 342 1.28 64.05 16.11
C THR H 342 0.49 63.77 14.84
N CYS H 343 1.15 63.16 13.86
CA CYS H 343 0.48 62.82 12.61
C CYS H 343 -0.62 61.79 12.87
N GLU H 344 -1.72 61.92 12.13
CA GLU H 344 -2.88 61.05 12.31
C GLU H 344 -3.29 60.36 11.02
N ILE H 345 -2.46 60.39 9.98
CA ILE H 345 -2.80 59.75 8.72
C ILE H 345 -2.77 58.24 8.90
N LYS H 346 -3.86 57.58 8.51
CA LYS H 346 -3.95 56.14 8.67
C LYS H 346 -3.01 55.43 7.69
N ASP H 347 -3.03 55.83 6.43
CA ASP H 347 -2.18 55.21 5.42
C ASP H 347 -2.01 56.16 4.26
N LEU H 348 -0.97 55.90 3.46
CA LEU H 348 -0.68 56.75 2.31
C LEU H 348 -1.66 56.48 1.16
N ILE H 349 -2.14 55.25 1.03
CA ILE H 349 -3.05 54.90 -0.06
C ILE H 349 -4.37 55.65 0.10
N SER H 350 -4.91 55.68 1.32
CA SER H 350 -6.23 56.28 1.52
C SER H 350 -6.22 57.78 1.26
N CYS H 351 -5.09 58.44 1.46
CA CYS H 351 -4.97 59.87 1.21
C CYS H 351 -4.53 60.18 -0.22
N SER H 352 -4.41 59.16 -1.07
CA SER H 352 -3.96 59.30 -2.44
C SER H 352 -5.14 59.20 -3.40
N SER H 353 -4.84 59.38 -4.68
CA SER H 353 -5.86 59.25 -5.71
C SER H 353 -6.07 57.80 -6.15
N GLY H 354 -5.22 56.88 -5.72
CA GLY H 354 -5.36 55.47 -6.02
C GLY H 354 -6.06 54.67 -4.95
N LYS H 355 -6.74 55.33 -4.00
CA LYS H 355 -7.41 54.60 -2.93
C LYS H 355 -8.50 53.68 -3.47
N ASN H 356 -9.33 54.19 -4.39
CA ASN H 356 -10.45 53.41 -4.89
C ASN H 356 -9.98 52.18 -5.65
N LEU H 357 -8.97 52.35 -6.52
CA LEU H 357 -8.49 51.21 -7.30
C LEU H 357 -7.86 50.14 -6.41
N CYS H 358 -7.05 50.56 -5.44
CA CYS H 358 -6.44 49.58 -4.54
C CYS H 358 -7.49 48.87 -3.70
N GLN H 359 -8.48 49.60 -3.19
CA GLN H 359 -9.53 48.98 -2.40
C GLN H 359 -10.33 48.00 -3.24
N ALA H 360 -10.65 48.37 -4.48
CA ALA H 360 -11.38 47.45 -5.36
C ALA H 360 -10.57 46.21 -5.67
N LEU H 361 -9.26 46.36 -5.89
CA LEU H 361 -8.41 45.21 -6.13
C LEU H 361 -8.37 44.30 -4.91
N LYS H 362 -8.29 44.89 -3.72
CA LYS H 362 -8.31 44.08 -2.50
C LYS H 362 -9.63 43.33 -2.34
N LYS H 363 -10.75 44.00 -2.65
CA LYS H 363 -12.05 43.33 -2.59
C LYS H 363 -12.12 42.19 -3.60
N PHE H 364 -11.59 42.42 -4.80
CA PHE H 364 -11.58 41.36 -5.82
C PHE H 364 -10.74 40.18 -5.37
N ASP H 365 -9.58 40.44 -4.77
CA ASP H 365 -8.76 39.37 -4.24
C ASP H 365 -9.47 38.61 -3.12
N SER H 366 -10.18 39.32 -2.26
CA SER H 366 -10.93 38.67 -1.20
C SER H 366 -12.03 37.78 -1.76
N SER H 367 -12.75 38.28 -2.77
CA SER H 367 -13.86 37.54 -3.33
C SER H 367 -13.39 36.31 -4.10
N ARG H 368 -12.38 36.48 -4.96
CA ARG H 368 -11.95 35.42 -5.86
C ARG H 368 -10.73 34.65 -5.38
N GLY H 369 -9.74 35.33 -4.81
CA GLY H 369 -8.53 34.66 -4.37
C GLY H 369 -8.72 33.89 -3.08
N TYR H 370 -9.01 34.61 -2.00
CA TYR H 370 -9.37 33.93 -0.76
C TYR H 370 -10.83 33.53 -0.87
N GLN H 371 -11.36 32.85 0.14
CA GLN H 371 -12.74 32.35 0.14
C GLN H 371 -12.99 31.43 -1.04
N HIS H 372 -11.93 30.84 -1.58
CA HIS H 372 -12.02 29.87 -2.66
C HIS H 372 -11.92 28.47 -2.07
N ARG H 373 -12.57 27.52 -2.75
CA ARG H 373 -12.70 26.17 -2.20
C ARG H 373 -11.34 25.56 -1.88
N SER H 374 -10.43 25.56 -2.85
CA SER H 374 -9.11 24.99 -2.63
C SER H 374 -8.34 25.78 -1.58
N VAL H 375 -8.42 27.11 -1.61
CA VAL H 375 -7.72 27.93 -0.64
C VAL H 375 -8.26 27.67 0.76
N LEU H 376 -9.59 27.61 0.91
CA LEU H 376 -10.17 27.36 2.22
C LEU H 376 -9.78 25.98 2.74
N LYS H 377 -9.82 24.96 1.89
CA LYS H 377 -9.45 23.62 2.33
C LYS H 377 -7.98 23.57 2.75
N LEU H 378 -7.10 24.18 1.96
CA LEU H 378 -5.69 24.20 2.30
C LEU H 378 -5.44 24.97 3.58
N GLU H 379 -6.18 26.06 3.80
CA GLU H 379 -6.02 26.83 5.04
C GLU H 379 -6.50 26.04 6.25
N LEU H 380 -7.58 25.27 6.11
CA LEU H 380 -8.02 24.42 7.22
C LEU H 380 -6.98 23.35 7.52
N GLU H 381 -6.41 22.75 6.47
CA GLU H 381 -5.35 21.76 6.68
C GLU H 381 -4.14 22.38 7.37
N GLY H 382 -3.76 23.59 6.95
CA GLY H 382 -2.64 24.26 7.59
C GLY H 382 -2.93 24.63 9.03
N SER H 383 -4.16 25.03 9.32
CA SER H 383 -4.54 25.31 10.70
C SER H 383 -4.44 24.06 11.57
N ASN H 384 -4.93 22.93 11.06
CA ASN H 384 -4.79 21.67 11.80
C ASN H 384 -3.33 21.32 12.02
N TYR H 385 -2.50 21.47 10.98
CA TYR H 385 -1.09 21.17 11.10
C TYR H 385 -0.42 22.05 12.15
N ILE H 386 -0.68 23.35 12.10
CA ILE H 386 -0.06 24.29 13.03
C ILE H 386 -0.51 24.00 14.46
N LYS H 387 -1.81 23.77 14.65
CA LYS H 387 -2.31 23.51 15.99
C LYS H 387 -1.74 22.22 16.55
N GLY H 388 -1.66 21.16 15.73
CA GLY H 388 -1.08 19.91 16.20
C GLY H 388 0.40 20.06 16.55
N LEU H 389 1.15 20.76 15.70
CA LEU H 389 2.57 20.98 15.99
C LEU H 389 2.75 21.78 17.26
N MET H 390 1.91 22.80 17.49
CA MET H 390 2.07 23.62 18.68
C MET H 390 1.67 22.85 19.93
N ASP H 391 0.64 22.00 19.82
CA ASP H 391 0.29 21.12 20.93
C ASP H 391 1.45 20.17 21.26
N MET H 392 2.11 19.63 20.24
CA MET H 392 3.22 18.73 20.47
C MET H 392 4.42 19.45 21.09
N LEU H 393 4.70 20.68 20.63
CA LEU H 393 5.83 21.41 21.17
C LEU H 393 5.58 21.91 22.59
N TRP H 394 4.32 22.20 22.93
CA TRP H 394 4.02 22.67 24.27
C TRP H 394 4.35 21.62 25.31
N LEU H 395 4.35 20.34 24.93
CA LEU H 395 4.75 19.29 25.86
C LEU H 395 6.20 19.43 26.29
N GLY H 396 7.08 19.81 25.37
CA GLY H 396 8.47 20.03 25.67
C GLY H 396 8.84 21.42 26.10
N ILE H 397 7.95 22.40 25.92
CA ILE H 397 8.22 23.78 26.28
C ILE H 397 7.62 24.15 27.63
N LYS H 398 6.38 23.75 27.89
CA LYS H 398 5.68 24.20 29.09
C LYS H 398 6.39 23.72 30.35
N GLY H 399 6.53 24.61 31.32
CA GLY H 399 7.17 24.31 32.57
C GLY H 399 8.68 24.40 32.57
N ARG H 400 9.30 24.70 31.41
CA ARG H 400 10.75 24.76 31.34
C ARG H 400 11.29 25.93 32.16
N ALA H 401 10.59 27.07 32.14
CA ALA H 401 11.02 28.25 32.86
C ALA H 401 10.36 28.41 34.22
N THR H 402 9.08 28.03 34.34
CA THR H 402 8.39 28.15 35.63
C THR H 402 9.02 27.23 36.68
N GLY H 403 9.34 26.00 36.30
CA GLY H 403 9.93 25.06 37.23
C GLY H 403 9.24 23.72 37.25
N ASP H 404 8.02 23.66 36.74
CA ASP H 404 7.26 22.41 36.71
C ASP H 404 7.95 21.42 35.78
N THR H 405 8.35 20.28 36.32
CA THR H 405 9.09 19.27 35.55
C THR H 405 8.16 18.30 34.83
N GLN H 406 7.21 18.85 34.07
CA GLN H 406 6.38 18.04 33.20
C GLN H 406 6.98 17.85 31.82
N TYR H 407 8.08 18.52 31.52
CA TYR H 407 8.77 18.43 30.24
C TYR H 407 9.82 17.33 30.22
N ASP H 408 10.00 16.61 31.32
CA ASP H 408 11.13 15.70 31.47
C ASP H 408 10.89 14.35 30.81
N THR H 409 9.73 14.13 30.20
CA THR H 409 9.49 12.92 29.43
C THR H 409 10.42 12.90 28.21
N PRO H 410 10.82 11.71 27.76
CA PRO H 410 11.77 11.64 26.63
C PRO H 410 11.27 12.37 25.39
N PHE H 411 9.97 12.28 25.10
CA PHE H 411 9.41 13.04 23.99
C PHE H 411 9.56 14.53 24.20
N GLY H 412 9.35 15.01 25.43
CA GLY H 412 9.53 16.43 25.69
C GLY H 412 10.97 16.87 25.50
N ARG H 413 11.93 16.07 25.97
CA ARG H 413 13.34 16.43 25.79
C ARG H 413 13.71 16.45 24.31
N TYR H 414 13.26 15.45 23.55
CA TYR H 414 13.54 15.43 22.11
C TYR H 414 12.90 16.61 21.41
N VAL H 415 11.66 16.94 21.77
CA VAL H 415 10.97 18.08 21.16
C VAL H 415 11.72 19.37 21.44
N TYR H 416 12.15 19.56 22.69
CA TYR H 416 12.93 20.75 23.02
C TYR H 416 14.23 20.79 22.22
N GLY H 417 14.89 19.64 22.08
CA GLY H 417 16.09 19.58 21.26
C GLY H 417 15.85 19.84 19.79
N ARG H 418 14.62 19.64 19.32
CA ARG H 418 14.28 19.89 17.93
C ARG H 418 13.97 21.36 17.64
N ILE H 419 13.83 22.19 18.68
CA ILE H 419 13.59 23.61 18.49
C ILE H 419 14.89 24.29 18.09
N SER H 420 14.78 25.42 17.40
CA SER H 420 15.96 26.16 16.97
C SER H 420 16.83 26.54 18.15
N GLU H 421 18.15 26.43 17.97
CA GLU H 421 19.07 26.73 19.06
C GLU H 421 19.15 28.23 19.33
N ASN H 422 18.94 29.05 18.30
CA ASN H 422 18.90 30.51 18.54
C ASN H 422 17.72 30.87 19.42
N TYR H 423 16.55 30.32 19.14
CA TYR H 423 15.37 30.64 19.92
C TYR H 423 15.49 30.09 21.35
N ARG H 424 16.08 28.91 21.49
CA ARG H 424 16.33 28.38 22.83
C ARG H 424 17.35 29.23 23.58
N ARG H 425 18.39 29.70 22.89
CA ARG H 425 19.38 30.56 23.52
C ARG H 425 18.74 31.86 24.02
N ILE H 426 17.87 32.45 23.21
CA ILE H 426 17.14 33.64 23.67
C ILE H 426 16.21 33.29 24.81
N PHE H 427 15.60 32.10 24.77
CA PHE H 427 14.67 31.69 25.81
C PHE H 427 15.38 31.48 27.14
N GLU H 428 16.61 30.98 27.11
CA GLU H 428 17.35 30.70 28.34
C GLU H 428 18.09 31.92 28.88
N GLN H 429 18.00 33.06 28.20
CA GLN H 429 18.63 34.28 28.71
C GLN H 429 17.94 34.75 29.98
N GLU H 430 18.70 35.45 30.81
CA GLU H 430 18.18 35.99 32.07
C GLU H 430 17.67 37.39 31.83
N ASN H 431 16.37 37.60 32.05
CA ASN H 431 15.75 38.91 31.89
C ASN H 431 14.59 39.01 32.88
N ASN H 432 13.83 40.09 32.76
CA ASN H 432 12.72 40.36 33.68
C ASN H 432 11.38 39.85 33.16
N LEU H 433 11.36 39.16 32.02
CA LEU H 433 10.11 38.67 31.48
C LEU H 433 9.55 37.56 32.36
N PRO H 434 8.22 37.45 32.45
CA PRO H 434 7.61 36.34 33.20
C PRO H 434 7.94 35.00 32.55
N ALA H 435 8.03 33.96 33.38
CA ALA H 435 8.41 32.64 32.89
C ALA H 435 7.39 32.11 31.89
N CYS H 436 6.10 32.27 32.18
CA CYS H 436 5.07 31.85 31.23
C CYS H 436 5.18 32.63 29.94
N TYR H 437 5.45 33.94 30.04
CA TYR H 437 5.65 34.74 28.85
C TYR H 437 6.85 34.24 28.05
N LYS H 438 7.94 33.88 28.72
CA LYS H 438 9.10 33.35 28.02
C LYS H 438 8.79 32.05 27.31
N GLU H 439 8.04 31.15 27.97
CA GLU H 439 7.69 29.88 27.34
C GLU H 439 6.82 30.11 26.11
N ALA H 440 5.78 30.94 26.24
CA ALA H 440 4.92 31.22 25.11
C ALA H 440 5.67 31.91 23.98
N GLN H 441 6.59 32.83 24.32
CA GLN H 441 7.39 33.48 23.30
C GLN H 441 8.30 32.49 22.59
N LEU H 442 8.87 31.54 23.32
CA LEU H 442 9.68 30.51 22.69
C LEU H 442 8.86 29.70 21.71
N LEU H 443 7.65 29.30 22.11
CA LEU H 443 6.80 28.54 21.20
C LEU H 443 6.43 29.36 19.97
N ALA H 444 6.08 30.64 20.17
CA ALA H 444 5.70 31.48 19.04
C ALA H 444 6.87 31.70 18.09
N ASP H 445 8.07 31.93 18.63
CA ASP H 445 9.24 32.11 17.80
C ASP H 445 9.56 30.84 17.02
N ALA H 446 9.44 29.68 17.68
CA ALA H 446 9.71 28.42 16.99
C ALA H 446 8.73 28.19 15.85
N ILE H 447 7.44 28.46 16.08
CA ILE H 447 6.43 28.13 15.08
C ILE H 447 6.41 29.15 13.95
N SER H 448 6.49 30.44 14.28
CA SER H 448 6.35 31.48 13.26
C SER H 448 7.48 31.44 12.25
N GLY H 449 8.65 30.96 12.65
CA GLY H 449 9.78 30.92 11.74
C GLY H 449 9.79 29.77 10.76
N MET H 450 8.92 28.78 10.96
CA MET H 450 8.89 27.61 10.10
C MET H 450 8.30 27.94 8.73
N THR H 451 8.85 27.31 7.70
CA THR H 451 8.20 27.30 6.40
C THR H 451 7.06 26.29 6.40
N ASP H 452 6.27 26.31 5.33
CA ASP H 452 5.14 25.37 5.25
C ASP H 452 5.62 23.94 5.17
N SER H 453 6.55 23.65 4.26
CA SER H 453 7.04 22.29 4.09
C SER H 453 7.73 21.78 5.35
N TYR H 454 8.56 22.64 5.97
CA TYR H 454 9.20 22.26 7.21
C TYR H 454 8.18 21.98 8.30
N LEU H 455 7.13 22.80 8.38
CA LEU H 455 6.10 22.58 9.38
C LEU H 455 5.40 21.24 9.16
N ILE H 456 5.06 20.91 7.91
CA ILE H 456 4.39 19.64 7.63
C ILE H 456 5.30 18.48 7.98
N ALA H 457 6.57 18.55 7.57
CA ALA H 457 7.50 17.46 7.83
C ALA H 457 7.71 17.25 9.33
N LEU H 458 7.91 18.34 10.07
CA LEU H 458 8.10 18.22 11.51
C LEU H 458 6.85 17.70 12.19
N HIS H 459 5.67 18.16 11.77
CA HIS H 459 4.43 17.66 12.36
C HIS H 459 4.29 16.16 12.14
N ASP H 460 4.52 15.70 10.91
CA ASP H 460 4.40 14.27 10.63
C ASP H 460 5.42 13.47 11.43
N GLU H 461 6.67 13.92 11.47
CA GLU H 461 7.71 13.18 12.17
C GLU H 461 7.43 13.11 13.67
N LEU H 462 7.04 14.23 14.28
CA LEU H 462 6.75 14.22 15.71
C LEU H 462 5.48 13.45 16.02
N ARG H 463 4.48 13.47 15.13
CA ARG H 463 3.28 12.67 15.34
C ARG H 463 3.62 11.18 15.30
N ALA H 464 4.51 10.79 14.37
CA ALA H 464 4.98 9.41 14.36
C ALA H 464 5.74 9.08 15.65
N LEU H 465 6.54 10.04 16.15
CA LEU H 465 7.33 9.79 17.35
C LEU H 465 6.50 9.90 18.63
N HIS H 466 5.29 10.46 18.55
CA HIS H 466 4.44 10.66 19.73
C HIS H 466 3.46 9.52 19.96
N GLN H 467 3.55 8.44 19.16
CA GLN H 467 2.53 7.39 19.22
C GLN H 467 2.49 6.70 20.58
N TYR H 468 3.62 6.63 21.28
CA TYR H 468 3.63 5.94 22.56
C TYR H 468 3.05 6.80 23.67
N GLU H 469 3.56 8.03 23.82
CA GLU H 469 3.11 8.88 24.92
C GLU H 469 1.66 9.33 24.72
N CYS H 470 1.21 9.39 23.46
CA CYS H 470 -0.20 9.70 23.21
C CYS H 470 -1.11 8.55 23.60
N ARG H 471 -0.53 7.36 23.82
CA ARG H 471 -1.27 6.15 24.17
C ARG H 471 -2.44 5.89 23.21
#